data_9MH1
#
_entry.id   9MH1
#
_cell.length_a   1.00
_cell.length_b   1.00
_cell.length_c   1.00
_cell.angle_alpha   90.00
_cell.angle_beta   90.00
_cell.angle_gamma   90.00
#
_symmetry.space_group_name_H-M   'P 1'
#
loop_
_entity.id
_entity.type
_entity.pdbx_description
1 polymer 'Chlorophyll a-b binding protein, chloroplastic'
2 polymer LHCA3
3 polymer 'Chlorophyll a-b binding protein, chloroplastic'
4 polymer 'Chlorophyll a-b binding protein, chloroplastic'
5 polymer LHCA9
6 polymer 'Photosystem I P700 chlorophyll a apoprotein A1'
7 polymer 'Photosystem I P700 chlorophyll a apoprotein A2'
8 polymer 'Photosystem I iron-sulfur center'
9 polymer 'Photosystem I reaction center subunit II, chloroplastic'
10 polymer 'Photosystem I reaction center subunit IV'
11 polymer PSAF1
12 polymer PSAG1
13 polymer PSAH1
14 polymer 'Photosystem I reaction center subunit VIII'
15 polymer 'Photosystem I reaction center subunit IX'
16 polymer PSI-K
17 polymer PSAL1
18 polymer LHCA2
19 non-polymer 'CHLOROPHYLL B'
20 non-polymer 'CHLOROPHYLL A'
21 non-polymer "(3R,3'R,6S)-4,5-DIDEHYDRO-5,6-DIHYDRO-BETA,BETA-CAROTENE-3,3'-DIOL"
22 non-polymer "(3S,5R,6S,3'S,5'R,6'S)-5,6,5',6'-DIEPOXY-5,6,5',6'- TETRAHYDRO-BETA,BETA-CAROTENE-3,3'-DIOL"
23 non-polymer BETA-CAROTENE
24 non-polymer 1,2-DIPALMITOYL-PHOSPHATIDYL-GLYCEROLE
25 non-polymer 1,2-DI-O-ACYL-3-O-[6-DEOXY-6-SULFO-ALPHA-D-GLUCOPYRANOSYL]-SN-GLYCEROL
26 non-polymer PHOSPHATIDYLETHANOLAMINE
27 non-polymer 1,2-DISTEAROYL-MONOGALACTOSYL-DIGLYCERIDE
28 non-polymer 'DIGALACTOSYL DIACYL GLYCEROL (DGDG)'
29 non-polymer DODECYL-ALPHA-D-MALTOSIDE
30 non-polymer 'CHLOROPHYLL A ISOMER'
31 non-polymer PHYLLOQUINONE
32 non-polymer 'IRON/SULFUR CLUSTER'
33 non-polymer trimethyl-[(2~{R})-1-oxidanyl-1-oxidanylidene-4-[(2~{S})-2-[(1~{S})-1-oxidanyloctadecoxy]-3-[(1~{R})-1-oxidanyloctadecoxy]propoxy]butan-2-yl]azanium
#
loop_
_entity_poly.entity_id
_entity_poly.type
_entity_poly.pdbx_seq_one_letter_code
_entity_poly.pdbx_strand_id
1 'polypeptide(L)'
;MQVMQRTFGASPVAKQAVNRSVVRPSIRVQAQRAGNFAPGSEPKEYLNDLPGNFNFDPLELGKEKGTLQRYREAELIHCR
WAMLGAAGCLAVEVLGLGNWYDAPLWAVTGDKPTWFGIEVPFDIATILGVEVVAMAVAEGLRNDNQDMEKRLYPGGAFDP
LGFSKDPKSFEDKKLKELKNGRLAMVACLGFAGQHAATGKPILEALGDHLSSPFFNNFATNGVSVPGV
;
1
2 'polypeptide(L)'
;MASLFAKTQALQGLTTKAPKSLRRQVVVRAEGEQQPPAPAAEAKQTSVAKVDRSKDVLYVGSDAAALKYLDGTLPGDYGF
DPLGLLDPTVSNGQGAGGFVNPRWLQYSEVIHARWAMLGAAGCIAPEILGKAGVIPAETAVDWFRTGVIPPAGVYKDFWA
DPFTLFFIEVVAIQFAELKRLQDYKNPGSQSRQYFLGLEGLFKGSDNPAYPGGPFFNFANFGKTEAEMKKLKLNEIKNGR
LAMLAMFGYGAQAVITGDGPFDNLLAHLADPTGANLITNLGGKFGQ
;
3
3 'polypeptide(L)'
;MSMLLNKSVSLQTSAKASQAARSVAPRSVASRRNVAARAGADRPLWSPGSQPPAWLDGSLAGDYGFDPLHLSEEPEMRKW
MVQAELVHARWAMLGVAGILFTSIAAKNGAPFPDWYDAGKEAIKTSPAPLGSLIFTELLLFGWVETKRLYDLRNPGSQGD
GSFLGITDGLKGKENGYPGGLFDPMGMSKNEASFKEAKVKEIKNGRLAMLAFVGFIAQHHATHKSPIDNLVDHVADPFHV
TFATNGVSVPHFTEF
;
7
4 'polypeptide(L)'
;MQVMQKQCMRASGVKAPLSRRSVTVKANMNGNWLPGSQTPAHLKDLKMAGNFGFDPLNLGAEPEALRWYQQAELVHSRTA
MMAVAGILIPGLFTKLGALNVPQWYEAGKVYIEGEGAIPFGTLLMSTLFSYAFVEGKRWQDFRNPGSQAEPGTFFGLEGM
FKGTDNGYPGGIFDPLGYSKTSPEKLDELKLKEIKNGRLAMVAFLGFAGQYSATGKGPIDNLADHLADPWHNTFAENGVS
VPGLSAVEQAAASL
;
8
5 'polypeptide(L)'
;MAALTSKMSTKLTTSGVRPAKPTRASRMVMKASNNRPLWLPDVIPPPHLNGTLPGDSGFDPLGLGLNEERLKWYVEAEKT
NGRWAMMAVTGILGQELLGVPAKWYEAGAAEYDLPVQAQVPILFLVMGFLETKRFQGFRETGTSGFINSFPFDPVGLNSP
KHAVNEVKNGRLAMVAFIGFAMQALVSRTQPIEGLQKHLADPFGKNITYFLTHTPEVIAGTA
;
9
6 'polypeptide(L)'
;MTISSPEREAKKVKIAVDRNPVETNFEKWAKPGHFSRALAKGPNTTTWIWNLHADAHDFDNHTSDLEEISRKVFSAHFGQ
LGIILIWLSGMYFHGARFSNYEGWLSDPTHIKPSAQVVWPIVGQEILNGDVGGGFQGIQITSGFFQLWRASGITSELQLY
STAIGGLVLAAACFFAGWFHYHKAAPKLEWFQNVESMLNHHLAGLLGLGSLAWAGHQIHVSLPVNKLLDAGVDPKEIPLP
HEFLLNQSIIADLYPSFSKGLAPFFTLNWAEYSDFLTFKGGLNPVTGGLWLSDTAHHHLAIAVLFLVAGHQYRTNWGIGH
SIKDILESHKGPFTGNGHAGLYEILTTSWHAQLAINLALFGSLSIIVAHHMYAMPPYPYLATDYGTQLSLFTHHMWIGGF
CVVGAGAHAAIFMVRDYDPTNNYNNLLDRVIRHRDAIISHLNWVSIFLGFHSFGLYIHNDTMSALGRPQDMFSDTAIQLQ
PVFAQWIQNTHFTAPQLTAPNALAATSLTWGGDVVAVGGKVAMMPIALGTSDFLVHHIHAFTIHVTVLILLKGVLFARSS
RLIPDKANLGFRFPCDGPGRGGTCQVSAWDHVFLGLFWMYNSLSIVIFHFSWKMQSDVWGTVTDSGVSHITGGNFAQSAN
TINGWLRDFLWAQSSQVIQSYGSALSAYGLMFLGAHFVWAFSLMFLFSGRGYWQELIESIVWAHNKLRVAPSIQPRALSI
TQGRAVGVAHYLLGGIATTWSFFLARIIAVG
;
A
7 'polypeptide(L)'
;MATKLFPKFSQGLAQDPSTRRIWYGLATAHDFESHDGMTEENLYQKIFASHFGQLAIIFLWTSGNLFHVAWQGNFEQWVT
DPIHVRPIAHAIWDPHFGQPAVEAFTRGGASGPVNIATSGVYQWWYTIGLRSNQELYVSSVFLALVSAVFLFAGWLHLQP
NFQPSLSWFKDAESRLNHHLSGLFGVSSLAWTGHLVHVAIPESRGQHVGWDNFLSVLPHPQGLTPFWSGNWAAYAQNPDT
ASHAFGTADGSGTAILTFLGGFHPQTQSLWLSDMAHHHLAIAVLFIVAGHMYRTNFGIGHRLEAILEAHTPPAGGLGAGH
KGLFHTVNNSLHFQLGLALASVGTITSLVAQHMYSLPPYAYLAVDFTTQASLYTHHQYIAGFIMCGAFAHGAIFFIRDYD
PEQNKGNVLARVLDHKEAIISHLSWVSLFLGFHTLGLYVHNDVVQAFGTPEKQILIEPVFAQWIQAAQGKSLYGFDLLLA
SSSSSAYSAGQSLWLPGWLEAINNNQNSLFLTIGPGDFLVHHAIALGLHTTTLILVKGALDARGSKLMPDKKDFGYSFPC
DGPGRGGTCDISAYDAFYLAVFWMLNTIGWVTFYWHWKHLTLWQGNVSQFDESSTYLMGWLRDYLWLNSSQLINGYNPFG
MNSLSVWAWTFLFGHLVYATGFMFLISWRGYWQELIETLVWAHEKTPLANLVYWKDKPVALSIVQARLVGLAHFSVGYIF
TYAAFLIASTSGRFG
;
B
8 'polypeptide(L)'
;MAHVVKIYDTCIGCTQCVRACPLDVLEMVPWDGCKAAQMASSPRTEDCVGCKRCETACPTDFLSVRVYLGNESTRSLGLA
Y
;
C
9 'polypeptide(L)'
;MQALRSTSAASRASCRPSYEGRRAAFVVRAEAAPAAGAPPAAPKKKAPPPPWKQPELDPDTPSPIFGGSTGGLLRKAQVE
EFYVTTWESPKEQIFEMPTGGAAIMRKGPNLLKFARKEQCLALTTQLRTKFKMTPCFYRVYADGKVEYLHPKDGVYPEKV
NAGRVGVNQNMRSIGENVDPIKVKFTGSQPFTI
;
D
10 'polypeptide(L)'
;MATLSASRVSCRPSFAAKPQRTCRLMVRAQDAAPPAEPKAAPKKKEVGPKRGSLVKVLRPESYWYNQVGKVVSVDQSGIR
YPVVVRFENQNYAGVSTNNYALDEVTDPPAK
;
E
11 'polypeptide(L)'
;MASLAQMNLRSAPLARAPAARPVARRSAIVAKAQEQNMGAVACATALALTMGLTADVQPASADVAGLTPCSESKAYNKLE
RKELKTLEKRLKKYEPGSAPYLALQATKERTQNRFKNYAKAGLLCGNDGLPHLISDPGLALRFNHAGEVFIPTFGFLYVA
GYIGHVGRQYIIKSKEDAKPTDKEIILDVPLALQLAFQGWAWPLAAIQELRNGSLLEKDENITVSPR
;
F
12 'polypeptide(L)'
;MALSSKASIQQFSRQASQSRAVARPASSRQPLKTRAMIEAPVAIGGSTVALLGLGRFVFLPYQRRRTDMEVGPGKLGPKT
TGDTFFDRLQKPASFVETKSKDPSGFGIIDVLGWGALGHVFGYFLLACSSLQDAGIDAFPR
;
G
13 'polypeptide(L)'
;MALIAKTGAQTLASRRPAAKATAPVRRSVKVCAKYGEQSKYFDLQDLENTTGAWDMYGVDEKKRYPGMQEEFFQRATDAV
SRRESLNGFVALSGIAAIALFGLKGASTLELPITKGPRDGKTENGKGGILRSRV
;
H
14 'polypeptide(L)'
;MLAQKNVVAKPCVKAAKPVARPVKPVAMQKKQQAAAKVASAGIVGIASAAIAAAPVEAANIVANVASATEGYPFVPPAWA
PSLFVPLTGLVLPAIGMAWAFTYIQKEKQ
;
I
15 'polypeptide(L)' MKDFTTYLSTAPVVGLGWAIFTSGLLIEINRFFPDPLVFSF J
16 'polypeptide(L)'
;MALSSRVSAAPKALQASRVSAAPKVQQPRSRKAMVCKADAGFIGSPTNLIMVASTGACLFASRFGLAPSVRKVAQPLKLA
DREVIQTTGDPAGFTATDVLAMGAAGHAIGVGIVLGLKGIGQL
;
K
17 'polypeptide(L)'
;MMMLQKNAALQKSAVRSASKPAAFSRVPRGLTIRAANEDKRAQVIQPLNGDPFVGMLETPVTSAPIVANYLSNLPAYRTG
VAPNLRGVEIGLAHGFLLAGPFIKLGPLRNVPGAAEVVGCMSAAGLVLILALCLSLYGNAAFQSTPSMGKKTLSGRPLAQ
DPLMSSEGWAKFAGGFTVGGLSGVAWAYVLTQVLPYYS
;
L
18 'polypeptide(L)'
;MSALLMNKSVASGASLKASTRSVGRITPAPARRSVAAQAAREMWYPGATPPAHLDGSMLGDYGFDPLRLGTNPDRMKWFR
EAELTNGRWAMAAVVGILFTDLVGLPKWWEAGAQTYPIDNQTLAIIEIAVFAFLEAKRYEGYKKTGGTGFAFFFPFDPMG
MRSPEKELKELKNGRLAMLAFLGFASTAAVNGQGPIESLQTHLADPAHNNIFTSSVGKESCVFVAVLSVLPIIIEATKTL
GKGKESVPLFPWNEEWEKVAK
;
2
#
# COMPACT_ATOMS: atom_id res chain seq x y z
N GLN A 32 56.72 5.33 -40.49
CA GLN A 32 55.57 5.86 -41.22
C GLN A 32 54.70 6.72 -40.31
N ARG A 33 54.93 6.60 -39.00
CA ARG A 33 54.17 7.38 -38.03
C ARG A 33 54.63 8.84 -38.06
N ALA A 34 53.66 9.75 -38.08
CA ALA A 34 53.97 11.17 -38.15
C ALA A 34 54.38 11.76 -36.79
N GLY A 35 54.19 11.03 -35.71
CA GLY A 35 54.55 11.52 -34.40
C GLY A 35 53.60 10.96 -33.36
N ASN A 36 53.64 11.56 -32.18
CA ASN A 36 52.80 11.15 -31.06
C ASN A 36 52.24 12.38 -30.37
N PHE A 37 50.94 12.36 -30.07
CA PHE A 37 50.33 13.44 -29.32
C PHE A 37 50.74 13.44 -27.86
N ALA A 38 51.21 12.31 -27.35
CA ALA A 38 51.71 12.17 -25.99
C ALA A 38 52.78 11.10 -25.97
N PRO A 39 54.03 11.45 -25.68
CA PRO A 39 55.12 10.46 -25.74
C PRO A 39 55.00 9.38 -24.68
N GLY A 40 54.68 8.16 -25.10
CA GLY A 40 54.50 7.05 -24.19
C GLY A 40 53.09 6.51 -24.10
N SER A 41 52.16 7.04 -24.89
CA SER A 41 50.81 6.50 -24.92
C SER A 41 50.79 5.13 -25.60
N GLU A 42 49.76 4.37 -25.30
CA GLU A 42 49.62 3.04 -25.87
C GLU A 42 49.32 3.15 -27.37
N PRO A 43 50.10 2.51 -28.23
CA PRO A 43 49.87 2.64 -29.67
C PRO A 43 48.61 1.93 -30.12
N LYS A 44 48.02 2.45 -31.19
CA LYS A 44 46.83 1.85 -31.80
C LYS A 44 47.27 1.09 -33.04
N GLU A 45 46.91 -0.20 -33.10
CA GLU A 45 47.32 -1.03 -34.25
C GLU A 45 46.59 -0.60 -35.52
N TYR A 46 45.31 -0.22 -35.40
CA TYR A 46 44.56 0.22 -36.57
C TYR A 46 44.95 1.61 -37.03
N LEU A 47 45.53 2.43 -36.16
CA LEU A 47 46.04 3.75 -36.54
C LEU A 47 47.56 3.68 -36.76
N ASN A 48 47.95 2.92 -37.78
CA ASN A 48 49.37 2.70 -38.06
C ASN A 48 49.80 3.31 -39.38
N ASP A 49 49.16 2.92 -40.49
CA ASP A 49 49.57 3.35 -41.82
C ASP A 49 48.76 4.54 -42.33
N LEU A 50 47.88 5.10 -41.51
CA LEU A 50 47.06 6.22 -41.95
C LEU A 50 47.91 7.49 -42.05
N PRO A 51 47.63 8.35 -43.02
CA PRO A 51 48.33 9.64 -43.10
C PRO A 51 47.98 10.53 -41.93
N GLY A 52 48.94 11.35 -41.52
CA GLY A 52 48.77 12.21 -40.35
C GLY A 52 48.61 11.42 -39.07
N ASN A 53 49.39 10.36 -38.90
CA ASN A 53 49.25 9.48 -37.75
C ASN A 53 50.02 10.05 -36.57
N PHE A 54 49.30 10.67 -35.64
CA PHE A 54 49.86 11.15 -34.39
C PHE A 54 49.29 10.38 -33.21
N ASN A 55 49.09 9.06 -33.41
CA ASN A 55 48.44 8.15 -32.47
C ASN A 55 47.05 8.65 -32.12
N PHE A 56 46.93 9.39 -31.02
CA PHE A 56 45.69 10.03 -30.53
C PHE A 56 44.65 8.94 -30.26
N ASP A 57 43.37 9.30 -30.38
CA ASP A 57 42.20 8.49 -30.09
C ASP A 57 42.25 7.86 -28.70
N PRO A 58 42.16 8.65 -27.63
CA PRO A 58 42.11 8.03 -26.29
C PRO A 58 40.82 7.29 -26.00
N LEU A 59 39.71 7.65 -26.67
CA LEU A 59 38.43 7.02 -26.43
C LEU A 59 38.18 5.81 -27.33
N GLU A 60 39.18 5.39 -28.10
CA GLU A 60 39.10 4.24 -29.00
C GLU A 60 37.97 4.39 -30.01
N LEU A 61 37.75 5.62 -30.47
CA LEU A 61 36.68 5.91 -31.42
C LEU A 61 37.08 5.47 -32.82
N GLY A 62 36.10 4.97 -33.57
CA GLY A 62 36.36 4.50 -34.91
C GLY A 62 37.25 3.27 -35.00
N LYS A 63 37.01 2.28 -34.16
CA LYS A 63 37.77 1.02 -34.25
C LYS A 63 37.40 0.24 -35.51
N GLU A 64 36.15 0.34 -35.96
CA GLU A 64 35.73 -0.32 -37.19
C GLU A 64 36.39 0.34 -38.40
N LYS A 65 36.83 -0.48 -39.34
CA LYS A 65 37.58 0.02 -40.49
C LYS A 65 36.72 0.90 -41.39
N GLY A 66 35.45 0.51 -41.61
CA GLY A 66 34.57 1.34 -42.41
C GLY A 66 34.26 2.68 -41.75
N THR A 67 33.99 2.66 -40.44
CA THR A 67 33.81 3.91 -39.71
C THR A 67 35.09 4.72 -39.68
N LEU A 68 36.25 4.06 -39.64
CA LEU A 68 37.52 4.77 -39.70
C LEU A 68 37.71 5.47 -41.04
N GLN A 69 37.34 4.81 -42.14
CA GLN A 69 37.43 5.43 -43.45
C GLN A 69 36.45 6.60 -43.59
N ARG A 70 35.23 6.43 -43.05
CA ARG A 70 34.26 7.52 -43.02
C ARG A 70 34.79 8.71 -42.23
N TYR A 71 35.41 8.44 -41.07
CA TYR A 71 36.01 9.50 -40.28
C TYR A 71 37.17 10.16 -41.01
N ARG A 72 37.93 9.37 -41.78
CA ARG A 72 39.05 9.93 -42.54
C ARG A 72 38.56 10.91 -43.59
N GLU A 73 37.57 10.50 -44.38
CA GLU A 73 37.06 11.41 -45.42
C GLU A 73 36.33 12.61 -44.82
N ALA A 74 35.62 12.40 -43.70
CA ALA A 74 34.95 13.51 -43.03
C ALA A 74 35.94 14.50 -42.45
N GLU A 75 37.04 13.99 -41.88
CA GLU A 75 38.10 14.85 -41.37
C GLU A 75 38.76 15.61 -42.50
N LEU A 76 38.94 14.97 -43.66
CA LEU A 76 39.55 15.65 -44.80
C LEU A 76 38.68 16.79 -45.29
N ILE A 77 37.36 16.56 -45.43
CA ILE A 77 36.51 17.63 -45.93
C ILE A 77 36.31 18.71 -44.87
N HIS A 78 36.27 18.34 -43.58
CA HIS A 78 36.23 19.36 -42.53
C HIS A 78 37.53 20.17 -42.51
N CYS A 79 38.65 19.52 -42.81
CA CYS A 79 39.95 20.20 -42.94
C CYS A 79 39.89 21.24 -44.05
N ARG A 80 39.40 20.84 -45.21
CA ARG A 80 39.33 21.75 -46.35
C ARG A 80 38.37 22.91 -46.09
N TRP A 81 37.23 22.62 -45.45
CA TRP A 81 36.27 23.68 -45.13
C TRP A 81 36.82 24.65 -44.09
N ALA A 82 37.56 24.13 -43.10
CA ALA A 82 38.17 25.00 -42.10
C ALA A 82 39.29 25.83 -42.73
N MET A 83 40.03 25.25 -43.68
CA MET A 83 41.02 26.00 -44.44
C MET A 83 40.36 27.16 -45.18
N LEU A 84 39.25 26.88 -45.85
CA LEU A 84 38.52 27.91 -46.59
C LEU A 84 38.02 29.01 -45.66
N GLY A 85 37.44 28.62 -44.52
CA GLY A 85 36.91 29.59 -43.59
C GLY A 85 37.98 30.44 -42.92
N ALA A 86 39.09 29.81 -42.53
CA ALA A 86 40.19 30.55 -41.93
C ALA A 86 40.81 31.53 -42.92
N ALA A 87 40.94 31.12 -44.19
CA ALA A 87 41.43 32.02 -45.22
C ALA A 87 40.49 33.19 -45.42
N GLY A 88 39.17 32.93 -45.44
CA GLY A 88 38.22 34.02 -45.58
C GLY A 88 38.25 34.99 -44.42
N CYS A 89 38.31 34.47 -43.20
CA CYS A 89 38.35 35.32 -42.01
C CYS A 89 39.65 36.11 -41.92
N LEU A 90 40.76 35.54 -42.38
CA LEU A 90 42.03 36.28 -42.36
C LEU A 90 42.06 37.34 -43.46
N ALA A 91 41.60 36.99 -44.66
CA ALA A 91 41.69 37.91 -45.79
C ALA A 91 40.68 39.04 -45.68
N VAL A 92 39.56 38.82 -44.98
CA VAL A 92 38.60 39.90 -44.76
C VAL A 92 39.10 40.93 -43.77
N GLU A 93 40.15 40.61 -43.01
CA GLU A 93 40.66 41.52 -41.99
C GLU A 93 42.04 42.09 -42.31
N VAL A 94 42.91 41.35 -43.00
CA VAL A 94 44.22 41.90 -43.34
C VAL A 94 44.11 42.98 -44.41
N LEU A 95 43.02 43.01 -45.17
CA LEU A 95 42.80 44.04 -46.17
C LEU A 95 41.97 45.21 -45.65
N GLY A 96 41.58 45.17 -44.37
CA GLY A 96 40.78 46.23 -43.78
C GLY A 96 39.37 46.35 -44.36
N LEU A 97 38.71 45.22 -44.61
CA LEU A 97 37.39 45.21 -45.20
C LEU A 97 36.28 44.87 -44.21
N GLY A 98 36.62 44.63 -42.94
CA GLY A 98 35.63 44.42 -41.91
C GLY A 98 35.73 43.05 -41.28
N ASN A 99 34.96 42.88 -40.21
CA ASN A 99 34.89 41.61 -39.51
C ASN A 99 34.14 40.58 -40.34
N TRP A 100 34.46 39.30 -40.09
CA TRP A 100 33.68 38.23 -40.67
C TRP A 100 32.29 38.11 -40.05
N TYR A 101 32.12 38.58 -38.82
CA TYR A 101 30.82 38.49 -38.16
C TYR A 101 29.80 39.45 -38.77
N ASP A 102 30.22 40.69 -39.03
CA ASP A 102 29.33 41.68 -39.62
C ASP A 102 29.39 41.69 -41.15
N ALA A 103 30.11 40.76 -41.75
CA ALA A 103 30.12 40.64 -43.21
C ALA A 103 28.75 40.33 -43.81
N PRO A 104 27.93 39.37 -43.30
CA PRO A 104 26.62 39.16 -43.94
C PRO A 104 25.53 40.08 -43.41
N LEU A 105 25.91 41.07 -42.59
CA LEU A 105 24.94 41.97 -41.97
C LEU A 105 24.20 42.83 -42.99
N TRP A 106 24.71 42.95 -44.22
CA TRP A 106 23.96 43.65 -45.27
C TRP A 106 22.65 42.94 -45.58
N ALA A 107 22.58 41.63 -45.34
CA ALA A 107 21.30 40.94 -45.45
C ALA A 107 20.31 41.43 -44.40
N VAL A 108 20.80 41.69 -43.18
CA VAL A 108 19.93 42.16 -42.12
C VAL A 108 19.50 43.61 -42.36
N THR A 109 20.45 44.47 -42.73
CA THR A 109 20.19 45.89 -42.90
C THR A 109 19.68 46.26 -44.29
N GLY A 110 19.60 45.29 -45.21
CA GLY A 110 19.15 45.58 -46.56
C GLY A 110 20.10 46.45 -47.35
N ASP A 111 21.40 46.26 -47.16
CA ASP A 111 22.41 47.03 -47.87
C ASP A 111 22.79 46.29 -49.16
N LYS A 112 23.89 46.70 -49.79
CA LYS A 112 24.37 46.02 -50.98
C LYS A 112 25.58 45.17 -50.66
N PRO A 113 25.71 43.98 -51.26
CA PRO A 113 26.87 43.14 -50.99
C PRO A 113 28.14 43.72 -51.58
N THR A 114 29.27 43.37 -50.97
CA THR A 114 30.56 43.85 -51.41
C THR A 114 31.58 42.72 -51.37
N TRP A 115 32.57 42.81 -52.26
CA TRP A 115 33.68 41.86 -52.29
C TRP A 115 34.89 42.63 -52.82
N PHE A 116 35.74 43.11 -51.89
CA PHE A 116 36.95 43.90 -52.14
C PHE A 116 36.61 45.28 -52.70
N GLY A 117 35.32 45.59 -52.85
CA GLY A 117 34.88 46.84 -53.42
C GLY A 117 34.22 46.73 -54.77
N ILE A 118 34.00 45.52 -55.30
CA ILE A 118 33.37 45.36 -56.61
C ILE A 118 31.91 45.77 -56.54
N GLU A 119 31.24 45.51 -55.41
CA GLU A 119 29.82 45.77 -55.19
C GLU A 119 28.98 45.01 -56.23
N VAL A 120 29.09 43.69 -56.15
CA VAL A 120 28.48 42.77 -57.11
C VAL A 120 26.95 42.87 -57.00
N PRO A 121 26.21 42.95 -58.11
CA PRO A 121 24.74 43.12 -58.03
C PRO A 121 23.94 41.83 -57.91
N PHE A 122 23.94 41.26 -56.71
CA PHE A 122 23.18 40.05 -56.41
C PHE A 122 22.36 40.26 -55.14
N ASP A 123 21.21 39.61 -55.09
CA ASP A 123 20.32 39.66 -53.94
C ASP A 123 20.37 38.34 -53.19
N ILE A 124 19.89 38.38 -51.94
CA ILE A 124 19.89 37.21 -51.07
C ILE A 124 19.03 36.10 -51.64
N ALA A 125 17.97 36.46 -52.37
CA ALA A 125 17.18 35.46 -53.08
C ALA A 125 18.00 34.80 -54.18
N THR A 126 18.81 35.58 -54.89
CA THR A 126 19.65 35.07 -55.97
C THR A 126 20.99 34.57 -55.48
N ILE A 127 21.20 34.49 -54.17
CA ILE A 127 22.43 33.96 -53.59
C ILE A 127 22.18 32.62 -52.90
N LEU A 128 21.16 32.56 -52.04
CA LEU A 128 20.86 31.31 -51.33
C LEU A 128 20.48 30.20 -52.30
N GLY A 129 19.65 30.51 -53.30
CA GLY A 129 19.22 29.49 -54.24
C GLY A 129 20.38 28.95 -55.07
N VAL A 130 21.22 29.83 -55.59
CA VAL A 130 22.34 29.38 -56.42
C VAL A 130 23.37 28.63 -55.57
N GLU A 131 23.58 29.06 -54.31
CA GLU A 131 24.48 28.34 -53.43
C GLU A 131 23.94 26.95 -53.11
N VAL A 132 22.63 26.85 -52.85
CA VAL A 132 22.01 25.57 -52.52
C VAL A 132 22.12 24.61 -53.69
N VAL A 133 21.78 25.09 -54.90
CA VAL A 133 21.82 24.17 -56.04
C VAL A 133 23.25 23.82 -56.43
N ALA A 134 24.20 24.76 -56.32
CA ALA A 134 25.57 24.49 -56.69
C ALA A 134 26.22 23.52 -55.72
N MET A 135 26.02 23.71 -54.42
CA MET A 135 26.59 22.74 -53.51
C MET A 135 25.79 21.45 -53.45
N ALA A 136 24.52 21.47 -53.89
CA ALA A 136 23.78 20.23 -54.04
C ALA A 136 24.37 19.36 -55.15
N VAL A 137 24.62 19.96 -56.32
CA VAL A 137 25.22 19.18 -57.40
C VAL A 137 26.65 18.78 -57.05
N ALA A 138 27.38 19.67 -56.35
CA ALA A 138 28.76 19.35 -55.96
C ALA A 138 28.81 18.18 -54.98
N GLU A 139 27.97 18.20 -53.94
CA GLU A 139 27.99 17.13 -52.96
C GLU A 139 27.34 15.86 -53.49
N GLY A 140 26.40 15.97 -54.43
CA GLY A 140 25.88 14.77 -55.07
C GLY A 140 26.91 14.09 -55.96
N LEU A 141 27.71 14.88 -56.68
CA LEU A 141 28.79 14.31 -57.47
C LEU A 141 29.89 13.75 -56.58
N ARG A 142 30.16 14.39 -55.45
CA ARG A 142 31.17 13.88 -54.53
C ARG A 142 30.70 12.59 -53.85
N ASN A 143 29.42 12.50 -53.50
CA ASN A 143 28.90 11.33 -52.80
C ASN A 143 28.75 10.12 -53.72
N ASP A 144 28.70 10.34 -55.04
CA ASP A 144 28.58 9.25 -55.99
C ASP A 144 29.93 8.75 -56.50
N ASN A 145 30.97 8.90 -55.68
CA ASN A 145 32.31 8.50 -56.12
C ASN A 145 32.44 6.99 -56.23
N GLN A 146 31.90 6.25 -55.24
CA GLN A 146 31.96 4.78 -55.17
C GLN A 146 33.41 4.27 -55.19
N ASP A 147 34.32 5.04 -54.60
CA ASP A 147 35.73 4.64 -54.49
C ASP A 147 36.29 5.27 -53.24
N MET A 148 36.82 4.45 -52.34
CA MET A 148 37.23 4.93 -51.02
C MET A 148 38.42 5.88 -51.13
N GLU A 149 39.42 5.53 -51.94
CA GLU A 149 40.57 6.40 -52.13
C GLU A 149 40.19 7.69 -52.83
N LYS A 150 39.30 7.60 -53.83
CA LYS A 150 38.83 8.79 -54.52
C LYS A 150 37.95 9.65 -53.61
N ARG A 151 37.19 9.03 -52.71
CA ARG A 151 36.48 9.81 -51.69
C ARG A 151 37.46 10.52 -50.77
N LEU A 152 38.56 9.85 -50.43
CA LEU A 152 39.64 10.52 -49.69
C LEU A 152 40.32 11.56 -50.56
N TYR A 153 40.88 11.13 -51.69
CA TYR A 153 41.64 12.00 -52.58
C TYR A 153 41.27 11.68 -54.02
N PRO A 154 40.40 12.48 -54.65
CA PRO A 154 39.96 12.16 -56.02
C PRO A 154 41.03 12.38 -57.08
N GLY A 155 41.71 13.51 -57.03
CA GLY A 155 42.69 13.80 -58.06
C GLY A 155 42.01 14.09 -59.40
N GLY A 156 42.80 13.92 -60.46
CA GLY A 156 42.30 14.12 -61.82
C GLY A 156 41.99 15.56 -62.14
N ALA A 157 40.70 15.88 -62.32
CA ALA A 157 40.29 17.24 -62.63
C ALA A 157 40.49 18.18 -61.44
N PHE A 158 40.52 17.64 -60.22
CA PHE A 158 40.77 18.46 -59.03
C PHE A 158 42.25 18.69 -58.78
N ASP A 159 43.13 18.15 -59.62
CA ASP A 159 44.58 18.31 -59.49
C ASP A 159 45.13 18.83 -60.81
N PRO A 160 44.98 20.13 -61.08
CA PRO A 160 45.44 20.68 -62.37
C PRO A 160 46.96 20.64 -62.53
N LEU A 161 47.68 21.23 -61.58
CA LEU A 161 49.15 21.20 -61.65
C LEU A 161 49.69 19.82 -61.31
N GLY A 162 49.13 19.18 -60.29
CA GLY A 162 49.45 17.80 -60.00
C GLY A 162 50.83 17.52 -59.45
N PHE A 163 51.11 17.98 -58.23
CA PHE A 163 52.31 17.56 -57.52
C PHE A 163 52.11 16.27 -56.75
N SER A 164 50.96 15.61 -56.92
CA SER A 164 50.67 14.34 -56.28
C SER A 164 51.16 13.14 -57.09
N LYS A 165 51.96 13.37 -58.13
CA LYS A 165 52.46 12.27 -58.95
C LYS A 165 53.46 11.41 -58.18
N ASP A 166 54.42 12.05 -57.51
CA ASP A 166 55.40 11.30 -56.73
C ASP A 166 54.79 10.88 -55.40
N PRO A 167 54.83 9.59 -55.05
CA PRO A 167 54.19 9.15 -53.79
C PRO A 167 54.80 9.73 -52.54
N LYS A 168 56.10 10.01 -52.52
CA LYS A 168 56.72 10.59 -51.32
C LYS A 168 56.24 12.01 -51.08
N SER A 169 56.26 12.84 -52.13
CA SER A 169 55.72 14.19 -52.02
C SER A 169 54.22 14.17 -51.77
N PHE A 170 53.52 13.16 -52.31
CA PHE A 170 52.09 13.02 -52.04
C PHE A 170 51.84 12.75 -50.56
N GLU A 171 52.62 11.86 -49.95
CA GLU A 171 52.46 11.58 -48.52
C GLU A 171 52.83 12.78 -47.67
N ASP A 172 53.91 13.49 -48.04
CA ASP A 172 54.31 14.68 -47.29
C ASP A 172 53.25 15.77 -47.38
N LYS A 173 52.68 15.97 -48.56
CA LYS A 173 51.63 16.98 -48.72
C LYS A 173 50.33 16.54 -48.05
N LYS A 174 50.07 15.24 -47.97
CA LYS A 174 48.93 14.75 -47.20
C LYS A 174 49.09 15.08 -45.72
N LEU A 175 50.29 14.85 -45.18
CA LEU A 175 50.54 15.18 -43.77
C LEU A 175 50.44 16.69 -43.54
N LYS A 176 51.00 17.48 -44.46
CA LYS A 176 50.93 18.94 -44.33
C LYS A 176 49.49 19.44 -44.41
N GLU A 177 48.70 18.87 -45.32
CA GLU A 177 47.30 19.24 -45.45
C GLU A 177 46.53 18.91 -44.19
N LEU A 178 46.76 17.73 -43.62
CA LEU A 178 46.07 17.35 -42.38
C LEU A 178 46.45 18.25 -41.22
N LYS A 179 47.75 18.58 -41.11
CA LYS A 179 48.20 19.44 -40.01
C LYS A 179 47.62 20.84 -40.13
N ASN A 180 47.70 21.44 -41.33
CA ASN A 180 47.16 22.78 -41.51
C ASN A 180 45.63 22.78 -41.42
N GLY A 181 44.98 21.68 -41.79
CA GLY A 181 43.54 21.60 -41.61
C GLY A 181 43.12 21.51 -40.15
N ARG A 182 43.85 20.76 -39.34
CA ARG A 182 43.57 20.72 -37.91
C ARG A 182 43.81 22.07 -37.26
N LEU A 183 44.89 22.75 -37.68
CA LEU A 183 45.14 24.11 -37.19
C LEU A 183 44.04 25.06 -37.64
N ALA A 184 43.50 24.86 -38.84
CA ALA A 184 42.41 25.70 -39.32
C ALA A 184 41.12 25.43 -38.56
N MET A 185 40.88 24.17 -38.17
CA MET A 185 39.70 23.86 -37.37
C MET A 185 39.78 24.52 -36.00
N VAL A 186 40.93 24.41 -35.35
CA VAL A 186 41.05 25.04 -34.04
C VAL A 186 41.06 26.57 -34.17
N ALA A 187 41.50 27.10 -35.31
CA ALA A 187 41.42 28.53 -35.54
C ALA A 187 39.97 29.00 -35.71
N CYS A 188 39.17 28.22 -36.43
CA CYS A 188 37.75 28.57 -36.60
C CYS A 188 37.01 28.50 -35.27
N LEU A 189 37.31 27.47 -34.46
CA LEU A 189 36.72 27.41 -33.13
C LEU A 189 37.19 28.58 -32.27
N GLY A 190 38.45 28.98 -32.41
CA GLY A 190 38.94 30.14 -31.67
C GLY A 190 38.27 31.43 -32.08
N PHE A 191 38.04 31.61 -33.38
CA PHE A 191 37.34 32.80 -33.85
C PHE A 191 35.91 32.84 -33.33
N ALA A 192 35.22 31.69 -33.37
CA ALA A 192 33.85 31.64 -32.86
C ALA A 192 33.79 31.93 -31.36
N GLY A 193 34.67 31.29 -30.59
CA GLY A 193 34.68 31.51 -29.15
C GLY A 193 35.10 32.92 -28.76
N GLN A 194 36.08 33.48 -29.48
CA GLN A 194 36.53 34.84 -29.20
C GLN A 194 35.46 35.86 -29.51
N HIS A 195 34.73 35.69 -30.62
CA HIS A 195 33.66 36.62 -30.91
C HIS A 195 32.44 36.41 -30.04
N ALA A 196 32.24 35.19 -29.52
CA ALA A 196 31.16 34.98 -28.56
C ALA A 196 31.49 35.64 -27.22
N ALA A 197 32.73 35.50 -26.75
CA ALA A 197 33.10 36.06 -25.45
C ALA A 197 33.26 37.57 -25.52
N THR A 198 33.90 38.08 -26.58
CA THR A 198 34.20 39.49 -26.70
C THR A 198 33.78 40.00 -28.07
N GLY A 199 33.42 41.29 -28.13
CA GLY A 199 33.04 41.89 -29.38
C GLY A 199 34.18 42.33 -30.27
N LYS A 200 35.41 42.14 -29.84
CA LYS A 200 36.56 42.59 -30.61
C LYS A 200 36.79 41.68 -31.82
N PRO A 201 37.25 42.24 -32.94
CA PRO A 201 37.57 41.41 -34.11
C PRO A 201 38.86 40.62 -33.95
N ILE A 202 39.25 39.92 -35.02
CA ILE A 202 40.40 39.02 -34.96
C ILE A 202 41.70 39.80 -34.78
N LEU A 203 41.90 40.83 -35.61
CA LEU A 203 43.15 41.58 -35.56
C LEU A 203 43.27 42.43 -34.31
N GLU A 204 42.15 42.99 -33.84
CA GLU A 204 42.19 43.73 -32.58
C GLU A 204 42.47 42.81 -31.40
N ALA A 205 41.94 41.59 -31.43
CA ALA A 205 42.25 40.60 -30.40
C ALA A 205 43.73 40.23 -30.42
N LEU A 206 44.29 40.05 -31.62
CA LEU A 206 45.72 39.76 -31.74
C LEU A 206 46.56 40.91 -31.22
N GLY A 207 46.19 42.14 -31.59
CA GLY A 207 46.91 43.31 -31.08
C GLY A 207 46.77 43.48 -29.58
N ASP A 208 45.63 43.06 -29.01
CA ASP A 208 45.47 43.10 -27.57
C ASP A 208 46.34 42.04 -26.89
N HIS A 209 46.48 40.87 -27.49
CA HIS A 209 47.32 39.84 -26.88
C HIS A 209 48.80 40.18 -26.97
N LEU A 210 49.22 40.81 -28.06
CA LEU A 210 50.62 41.25 -28.10
C LEU A 210 50.88 42.50 -27.26
N SER A 211 49.94 43.45 -27.24
CA SER A 211 50.16 44.69 -26.51
C SER A 211 50.08 44.48 -25.00
N SER A 212 49.05 43.76 -24.54
CA SER A 212 48.84 43.50 -23.12
C SER A 212 48.63 41.99 -22.95
N PRO A 213 49.71 41.22 -22.92
CA PRO A 213 49.58 39.76 -22.84
C PRO A 213 49.02 39.27 -21.51
N PHE A 214 49.62 39.72 -20.42
CA PHE A 214 49.22 39.26 -19.09
C PHE A 214 47.98 39.97 -18.58
N PHE A 215 47.53 41.03 -19.25
CA PHE A 215 46.35 41.77 -18.82
C PHE A 215 45.14 41.56 -19.70
N ASN A 216 45.30 40.89 -20.85
CA ASN A 216 44.19 40.65 -21.77
C ASN A 216 44.33 39.26 -22.35
N ASN A 217 43.48 38.34 -21.90
CA ASN A 217 43.45 36.98 -22.41
C ASN A 217 42.06 36.42 -22.17
N PHE A 218 41.91 35.10 -22.35
CA PHE A 218 40.61 34.47 -22.15
C PHE A 218 40.19 34.45 -20.69
N ALA A 219 41.14 34.51 -19.75
CA ALA A 219 40.80 34.53 -18.34
C ALA A 219 40.31 35.88 -17.86
N THR A 220 40.57 36.94 -18.62
CA THR A 220 40.13 38.29 -18.26
C THR A 220 38.76 38.64 -18.82
N ASN A 221 38.16 37.75 -19.60
CA ASN A 221 36.83 38.03 -20.16
C ASN A 221 35.76 37.97 -19.08
N GLY A 222 35.85 36.98 -18.18
CA GLY A 222 34.80 36.73 -17.23
C GLY A 222 33.69 35.84 -17.74
N VAL A 223 33.76 35.39 -19.00
CA VAL A 223 32.75 34.54 -19.59
C VAL A 223 33.27 33.12 -19.82
N SER A 224 34.48 32.99 -20.35
CA SER A 224 35.03 31.66 -20.62
C SER A 224 35.31 30.90 -19.33
N VAL A 225 35.86 31.58 -18.33
CA VAL A 225 36.13 31.01 -17.01
C VAL A 225 35.17 31.68 -16.03
N PRO A 226 34.23 30.95 -15.43
CA PRO A 226 33.27 31.57 -14.50
C PRO A 226 33.94 31.92 -13.18
N GLY A 227 33.86 33.19 -12.80
CA GLY A 227 34.42 33.67 -11.56
C GLY A 227 35.89 34.04 -11.61
N VAL A 228 36.55 33.82 -12.76
CA VAL A 228 37.98 34.07 -13.02
C VAL A 228 38.90 33.69 -11.86
N LEU B 58 2.66 -39.17 74.22
CA LEU B 58 1.43 -39.11 73.44
C LEU B 58 1.63 -38.34 72.14
N TYR B 59 0.60 -38.34 71.29
CA TYR B 59 0.62 -37.61 70.03
C TYR B 59 -0.37 -36.47 70.11
N VAL B 60 0.11 -35.25 69.85
CA VAL B 60 -0.70 -34.04 69.99
C VAL B 60 -1.42 -33.82 68.66
N GLY B 61 -2.66 -34.30 68.58
CA GLY B 61 -3.48 -34.10 67.40
C GLY B 61 -2.96 -34.78 66.15
N SER B 62 -2.56 -36.05 66.28
CA SER B 62 -2.02 -36.79 65.16
C SER B 62 -3.06 -37.00 64.08
N ASP B 63 -2.63 -36.90 62.82
CA ASP B 63 -3.49 -37.09 61.67
C ASP B 63 -3.03 -38.32 60.90
N ALA B 64 -3.99 -39.19 60.56
CA ALA B 64 -3.66 -40.37 59.80
C ALA B 64 -3.36 -40.01 58.35
N ALA B 65 -2.78 -40.97 57.62
CA ALA B 65 -2.25 -40.80 56.26
C ALA B 65 -1.16 -39.74 56.19
N ALA B 66 -0.54 -39.41 57.32
CA ALA B 66 0.62 -38.54 57.38
C ALA B 66 1.83 -39.18 58.01
N LEU B 67 1.65 -40.26 58.77
CA LEU B 67 2.74 -41.05 59.32
C LEU B 67 3.27 -42.08 58.34
N LYS B 68 2.69 -42.17 57.14
CA LYS B 68 3.18 -43.09 56.14
C LYS B 68 4.57 -42.70 55.65
N TYR B 69 4.85 -41.40 55.56
CA TYR B 69 6.12 -40.91 55.04
C TYR B 69 7.09 -40.49 56.14
N LEU B 70 6.75 -40.71 57.41
CA LEU B 70 7.65 -40.37 58.50
C LEU B 70 7.63 -41.45 59.56
N ASP B 71 8.82 -41.83 60.03
CA ASP B 71 8.99 -42.73 61.15
C ASP B 71 9.39 -41.92 62.38
N GLY B 72 9.62 -42.62 63.49
CA GLY B 72 10.05 -41.91 64.68
C GLY B 72 11.54 -41.76 64.77
N THR B 73 12.04 -40.63 64.27
CA THR B 73 13.43 -40.19 64.36
C THR B 73 13.54 -38.77 64.87
N LEU B 74 12.61 -37.90 64.50
CA LEU B 74 12.61 -36.52 64.93
C LEU B 74 12.26 -36.42 66.41
N PRO B 75 12.71 -35.34 67.10
CA PRO B 75 12.43 -35.21 68.54
C PRO B 75 10.96 -35.22 68.92
N GLY B 76 10.19 -34.26 68.40
CA GLY B 76 8.77 -34.23 68.71
C GLY B 76 7.99 -35.33 68.02
N ASP B 77 7.81 -35.19 66.71
CA ASP B 77 7.15 -36.15 65.83
C ASP B 77 5.81 -36.63 66.40
N TYR B 78 4.88 -35.68 66.53
CA TYR B 78 3.55 -35.98 67.03
C TYR B 78 2.58 -36.40 65.94
N GLY B 79 3.04 -36.51 64.69
CA GLY B 79 2.19 -36.93 63.61
C GLY B 79 1.26 -35.86 63.07
N PHE B 80 1.45 -34.61 63.45
CA PHE B 80 0.58 -33.52 63.01
C PHE B 80 1.13 -32.98 61.69
N ASP B 81 0.49 -33.35 60.59
CA ASP B 81 0.86 -32.86 59.26
C ASP B 81 -0.36 -32.94 58.35
N PRO B 82 -1.31 -32.00 58.52
CA PRO B 82 -2.55 -32.07 57.73
C PRO B 82 -2.32 -31.76 56.25
N LEU B 83 -1.65 -30.65 55.97
CA LEU B 83 -1.42 -30.24 54.59
C LEU B 83 -0.39 -31.15 53.91
N GLY B 84 0.69 -31.48 54.61
CA GLY B 84 1.69 -32.38 54.08
C GLY B 84 2.91 -31.66 53.55
N LEU B 85 3.98 -31.63 54.34
CA LEU B 85 5.21 -30.98 53.94
C LEU B 85 6.45 -31.82 54.23
N LEU B 86 6.35 -32.88 55.03
CA LEU B 86 7.47 -33.76 55.33
C LEU B 86 7.57 -34.93 54.37
N ASP B 87 6.73 -34.98 53.35
CA ASP B 87 6.77 -36.07 52.38
C ASP B 87 8.06 -35.98 51.55
N PRO B 88 8.84 -37.06 51.46
CA PRO B 88 10.00 -37.04 50.56
C PRO B 88 9.64 -36.89 49.09
N THR B 89 8.41 -37.21 48.70
CA THR B 89 7.97 -36.96 47.33
C THR B 89 7.90 -35.47 47.02
N VAL B 90 7.68 -34.64 48.04
CA VAL B 90 7.72 -33.20 47.84
C VAL B 90 9.17 -32.77 47.67
N SER B 91 9.47 -32.10 46.55
CA SER B 91 10.80 -31.60 46.22
C SER B 91 11.83 -32.73 46.21
N ASN B 92 11.63 -33.68 45.30
CA ASN B 92 12.54 -34.82 45.15
C ASN B 92 13.41 -34.63 43.92
N GLY B 93 14.70 -34.90 44.06
CA GLY B 93 15.64 -34.73 42.97
C GLY B 93 17.07 -34.55 43.44
N GLN B 94 17.79 -33.64 42.81
CA GLN B 94 19.19 -33.38 43.14
C GLN B 94 19.43 -31.89 43.28
N GLY B 95 20.51 -31.55 43.99
CA GLY B 95 20.86 -30.15 44.18
C GLY B 95 20.10 -29.51 45.32
N ALA B 96 20.10 -28.17 45.29
CA ALA B 96 19.44 -27.41 46.35
C ALA B 96 17.93 -27.59 46.29
N GLY B 97 17.33 -27.40 45.12
CA GLY B 97 15.90 -27.58 44.96
C GLY B 97 15.07 -26.53 45.69
N GLY B 98 13.83 -26.92 45.99
CA GLY B 98 12.92 -26.04 46.67
C GLY B 98 13.21 -25.91 48.15
N PHE B 99 12.53 -24.96 48.80
CA PHE B 99 12.78 -24.81 50.23
C PHE B 99 11.89 -25.68 51.09
N VAL B 100 10.92 -26.39 50.51
CA VAL B 100 10.09 -27.33 51.26
C VAL B 100 10.73 -28.70 51.12
N ASN B 101 11.67 -29.00 52.02
CA ASN B 101 12.32 -30.29 52.12
C ASN B 101 12.50 -30.61 53.59
N PRO B 102 12.51 -31.90 53.96
CA PRO B 102 12.56 -32.24 55.40
C PRO B 102 13.79 -31.73 56.13
N ARG B 103 14.95 -31.70 55.48
CA ARG B 103 16.16 -31.21 56.15
C ARG B 103 16.04 -29.73 56.49
N TRP B 104 15.68 -28.90 55.51
CA TRP B 104 15.49 -27.49 55.77
C TRP B 104 14.31 -27.24 56.70
N LEU B 105 13.27 -28.06 56.62
CA LEU B 105 12.13 -27.89 57.51
C LEU B 105 12.53 -28.13 58.96
N GLN B 106 13.29 -29.20 59.23
CA GLN B 106 13.77 -29.44 60.59
C GLN B 106 14.73 -28.36 61.05
N TYR B 107 15.63 -27.92 60.16
CA TYR B 107 16.60 -26.88 60.52
C TYR B 107 15.90 -25.56 60.86
N SER B 108 14.97 -25.14 60.00
CA SER B 108 14.24 -23.91 60.26
C SER B 108 13.31 -24.03 61.46
N GLU B 109 12.75 -25.22 61.72
CA GLU B 109 11.93 -25.40 62.91
C GLU B 109 12.74 -25.23 64.18
N VAL B 110 13.92 -25.86 64.25
CA VAL B 110 14.71 -25.75 65.48
C VAL B 110 15.30 -24.35 65.61
N ILE B 111 15.65 -23.69 64.50
CA ILE B 111 16.18 -22.33 64.59
C ILE B 111 15.09 -21.35 65.00
N HIS B 112 13.87 -21.49 64.44
CA HIS B 112 12.73 -20.71 64.89
C HIS B 112 12.43 -20.98 66.36
N ALA B 113 12.61 -22.23 66.81
CA ALA B 113 12.36 -22.57 68.20
C ALA B 113 13.34 -21.89 69.13
N ARG B 114 14.63 -21.91 68.78
CA ARG B 114 15.64 -21.24 69.61
C ARG B 114 15.44 -19.73 69.62
N TRP B 115 15.15 -19.14 68.45
CA TRP B 115 14.94 -17.70 68.40
C TRP B 115 13.68 -17.28 69.16
N ALA B 116 12.61 -18.08 69.08
CA ALA B 116 11.38 -17.78 69.80
C ALA B 116 11.57 -17.96 71.30
N MET B 117 12.39 -18.94 71.70
CA MET B 117 12.71 -19.13 73.11
C MET B 117 13.51 -17.95 73.66
N LEU B 118 14.50 -17.48 72.91
CA LEU B 118 15.24 -16.28 73.29
C LEU B 118 14.32 -15.06 73.35
N GLY B 119 13.40 -14.93 72.39
CA GLY B 119 12.48 -13.81 72.38
C GLY B 119 11.50 -13.84 73.53
N ALA B 120 10.97 -15.02 73.86
CA ALA B 120 10.05 -15.14 74.98
C ALA B 120 10.75 -14.82 76.30
N ALA B 121 11.99 -15.30 76.47
CA ALA B 121 12.74 -14.95 77.67
C ALA B 121 13.04 -13.45 77.73
N GLY B 122 13.40 -12.84 76.60
CA GLY B 122 13.71 -11.42 76.57
C GLY B 122 12.50 -10.53 76.62
N CYS B 123 11.31 -11.08 76.39
CA CYS B 123 10.07 -10.34 76.60
C CYS B 123 9.50 -10.52 78.00
N ILE B 124 9.82 -11.62 78.66
CA ILE B 124 9.37 -11.84 80.03
C ILE B 124 10.27 -11.13 81.03
N ALA B 125 11.59 -11.28 80.87
CA ALA B 125 12.53 -10.88 81.93
C ALA B 125 12.49 -9.40 82.31
N PRO B 126 12.50 -8.42 81.39
CA PRO B 126 12.51 -7.02 81.86
C PRO B 126 11.28 -6.60 82.65
N GLU B 127 10.09 -7.00 82.22
CA GLU B 127 8.87 -6.65 82.94
C GLU B 127 8.79 -7.32 84.31
N ILE B 128 9.14 -8.60 84.38
CA ILE B 128 9.13 -9.31 85.66
C ILE B 128 10.15 -8.72 86.63
N LEU B 129 11.36 -8.45 86.13
CA LEU B 129 12.40 -7.89 87.01
C LEU B 129 12.11 -6.44 87.37
N GLY B 130 11.35 -5.71 86.55
CA GLY B 130 10.94 -4.37 86.93
C GLY B 130 9.79 -4.33 87.89
N LYS B 131 8.92 -5.36 87.85
CA LYS B 131 7.90 -5.50 88.88
C LYS B 131 8.53 -5.78 90.24
N ALA B 132 9.67 -6.47 90.26
CA ALA B 132 10.46 -6.64 91.46
C ALA B 132 11.50 -5.51 91.52
N GLY B 133 12.44 -5.62 92.44
CA GLY B 133 13.47 -4.61 92.60
C GLY B 133 14.79 -4.98 91.98
N VAL B 134 14.77 -5.92 91.03
CA VAL B 134 16.01 -6.43 90.46
C VAL B 134 16.62 -5.41 89.48
N ILE B 135 15.89 -5.10 88.42
CA ILE B 135 16.37 -4.13 87.43
C ILE B 135 15.66 -2.82 87.70
N PRO B 136 16.28 -1.66 87.45
CA PRO B 136 15.60 -0.39 87.63
C PRO B 136 14.42 -0.22 86.67
N ALA B 137 13.46 0.61 87.11
CA ALA B 137 12.16 0.67 86.45
C ALA B 137 12.24 1.33 85.08
N GLU B 138 13.10 2.34 84.91
CA GLU B 138 13.20 3.02 83.63
C GLU B 138 13.80 2.14 82.54
N THR B 139 14.54 1.09 82.92
CA THR B 139 15.01 0.10 81.97
C THR B 139 14.06 -1.09 81.84
N ALA B 140 12.92 -1.05 82.52
CA ALA B 140 11.93 -2.11 82.49
C ALA B 140 10.76 -1.79 81.57
N VAL B 141 11.02 -1.11 80.45
CA VAL B 141 9.98 -0.74 79.50
C VAL B 141 9.49 -1.98 78.78
N ASP B 142 8.37 -1.86 78.07
CA ASP B 142 7.82 -2.96 77.31
C ASP B 142 8.76 -3.35 76.17
N TRP B 143 8.66 -4.61 75.74
CA TRP B 143 9.58 -5.14 74.74
C TRP B 143 9.41 -4.45 73.39
N PHE B 144 8.20 -3.98 73.08
CA PHE B 144 7.99 -3.22 71.85
C PHE B 144 8.35 -1.75 71.99
N ARG B 145 8.55 -1.25 73.21
CA ARG B 145 8.92 0.14 73.44
C ARG B 145 10.42 0.34 73.58
N THR B 146 11.21 -0.73 73.43
CA THR B 146 12.66 -0.61 73.58
C THR B 146 13.30 0.14 72.41
N GLY B 147 12.66 0.15 71.25
CA GLY B 147 13.24 0.79 70.08
C GLY B 147 13.06 -0.05 68.84
N VAL B 148 12.45 -1.23 69.01
CA VAL B 148 12.17 -2.10 67.87
C VAL B 148 11.11 -1.48 66.96
N ILE B 149 10.17 -0.72 67.53
CA ILE B 149 9.14 -0.02 66.77
C ILE B 149 9.06 1.40 67.32
N PRO B 150 9.63 2.39 66.63
CA PRO B 150 9.57 3.79 67.11
C PRO B 150 8.16 4.34 67.25
N PRO B 151 7.17 3.91 66.43
CA PRO B 151 5.78 4.22 66.82
C PRO B 151 5.39 3.69 68.19
N ALA B 152 5.85 2.50 68.56
CA ALA B 152 5.55 1.98 69.88
C ALA B 152 6.38 2.65 70.97
N GLY B 153 7.61 3.04 70.64
CA GLY B 153 8.47 3.70 71.61
C GLY B 153 9.94 3.37 71.44
N VAL B 154 10.81 4.35 71.69
CA VAL B 154 12.25 4.18 71.61
C VAL B 154 12.84 4.57 72.97
N TYR B 155 13.63 3.68 73.54
CA TYR B 155 14.37 3.98 74.77
C TYR B 155 15.53 4.90 74.43
N LYS B 156 15.37 6.18 74.72
CA LYS B 156 16.39 7.17 74.35
C LYS B 156 17.61 7.09 75.24
N ASP B 157 17.52 6.46 76.41
CA ASP B 157 18.63 6.39 77.35
C ASP B 157 19.49 5.15 77.12
N PHE B 158 19.92 4.96 75.88
CA PHE B 158 20.81 3.87 75.51
C PHE B 158 22.22 4.43 75.27
N TRP B 159 23.21 3.54 75.35
CA TRP B 159 24.59 3.96 75.15
C TRP B 159 24.91 4.25 73.69
N ALA B 160 24.04 3.87 72.76
CA ALA B 160 24.27 4.14 71.35
C ALA B 160 22.93 4.35 70.66
N ASP B 161 22.99 4.94 69.48
CA ASP B 161 21.81 5.09 68.65
C ASP B 161 21.29 3.72 68.22
N PRO B 162 19.96 3.54 68.13
CA PRO B 162 19.44 2.23 67.69
C PRO B 162 19.91 1.80 66.31
N PHE B 163 20.17 2.73 65.40
CA PHE B 163 20.67 2.34 64.09
C PHE B 163 22.14 1.93 64.15
N THR B 164 22.92 2.52 65.07
CA THR B 164 24.29 2.05 65.27
C THR B 164 24.31 0.62 65.81
N LEU B 165 23.44 0.32 66.78
CA LEU B 165 23.28 -1.04 67.25
C LEU B 165 22.76 -1.95 66.15
N PHE B 166 21.92 -1.42 65.26
CA PHE B 166 21.44 -2.21 64.13
C PHE B 166 22.57 -2.58 63.19
N PHE B 167 23.47 -1.64 62.90
CA PHE B 167 24.61 -1.94 62.04
C PHE B 167 25.57 -2.92 62.69
N ILE B 168 25.82 -2.76 64.00
CA ILE B 168 26.67 -3.72 64.71
C ILE B 168 26.05 -5.11 64.69
N GLU B 169 24.74 -5.18 64.92
CA GLU B 169 23.97 -6.41 64.78
C GLU B 169 24.08 -6.99 63.38
N VAL B 170 23.98 -6.15 62.35
CA VAL B 170 24.02 -6.62 60.98
C VAL B 170 25.36 -7.27 60.68
N VAL B 171 26.46 -6.62 61.08
CA VAL B 171 27.78 -7.20 60.86
C VAL B 171 27.94 -8.51 61.62
N ALA B 172 27.62 -8.50 62.93
CA ALA B 172 27.87 -9.67 63.77
C ALA B 172 27.00 -10.86 63.36
N ILE B 173 25.70 -10.64 63.23
CA ILE B 173 24.82 -11.75 62.90
C ILE B 173 24.86 -12.12 61.43
N GLN B 174 25.31 -11.23 60.55
CA GLN B 174 25.58 -11.65 59.18
C GLN B 174 26.78 -12.59 59.14
N PHE B 175 27.84 -12.27 59.90
CA PHE B 175 28.96 -13.20 60.05
C PHE B 175 28.48 -14.55 60.57
N ALA B 176 27.71 -14.54 61.67
CA ALA B 176 27.27 -15.78 62.30
C ALA B 176 26.37 -16.60 61.38
N GLU B 177 25.36 -15.97 60.79
CA GLU B 177 24.39 -16.70 59.98
C GLU B 177 24.97 -17.13 58.63
N LEU B 178 25.91 -16.36 58.08
CA LEU B 178 26.53 -16.77 56.83
C LEU B 178 27.51 -17.92 57.05
N LYS B 179 28.22 -17.92 58.19
CA LYS B 179 29.03 -19.08 58.55
C LYS B 179 28.15 -20.30 58.78
N ARG B 180 26.99 -20.10 59.42
CA ARG B 180 26.04 -21.19 59.63
C ARG B 180 25.51 -21.73 58.30
N LEU B 181 25.21 -20.84 57.36
CA LEU B 181 24.71 -21.28 56.05
C LEU B 181 25.78 -22.01 55.26
N GLN B 182 27.02 -21.52 55.30
CA GLN B 182 28.11 -22.19 54.59
C GLN B 182 28.41 -23.55 55.21
N ASP B 183 28.23 -23.69 56.52
CA ASP B 183 28.38 -25.03 57.12
C ASP B 183 27.19 -25.91 56.82
N TYR B 184 26.00 -25.32 56.65
CA TYR B 184 24.83 -26.11 56.27
C TYR B 184 24.99 -26.67 54.86
N LYS B 185 25.51 -25.87 53.93
CA LYS B 185 25.73 -26.37 52.58
C LYS B 185 26.93 -27.31 52.52
N ASN B 186 28.02 -26.96 53.20
CA ASN B 186 29.22 -27.80 53.26
C ASN B 186 29.51 -28.13 54.71
N PRO B 187 29.19 -29.34 55.19
CA PRO B 187 29.38 -29.65 56.61
C PRO B 187 30.84 -29.69 57.00
N GLY B 188 31.16 -29.03 58.12
CA GLY B 188 32.52 -28.99 58.62
C GLY B 188 33.45 -28.06 57.88
N SER B 189 32.94 -27.26 56.95
CA SER B 189 33.80 -26.42 56.13
C SER B 189 34.34 -25.22 56.91
N GLN B 190 33.60 -24.74 57.91
CA GLN B 190 34.05 -23.60 58.70
C GLN B 190 35.19 -23.94 59.64
N SER B 191 35.45 -25.23 59.88
CA SER B 191 36.58 -25.64 60.70
C SER B 191 37.88 -25.73 59.91
N ARG B 192 37.84 -25.53 58.59
CA ARG B 192 39.02 -25.62 57.75
C ARG B 192 39.65 -24.24 57.48
N GLN B 193 38.85 -23.27 57.07
CA GLN B 193 39.37 -21.93 56.83
C GLN B 193 39.66 -21.24 58.15
N TYR B 194 40.85 -20.63 58.25
CA TYR B 194 41.30 -20.00 59.48
C TYR B 194 40.43 -18.80 59.81
N PHE B 195 39.85 -18.80 61.02
CA PHE B 195 39.00 -17.70 61.47
C PHE B 195 39.69 -16.82 62.50
N LEU B 196 40.07 -17.37 63.65
CA LEU B 196 40.95 -16.69 64.58
C LEU B 196 41.88 -17.66 65.32
N GLY B 197 41.85 -18.94 64.96
CA GLY B 197 42.47 -19.98 65.76
C GLY B 197 41.48 -20.83 66.53
N LEU B 198 40.20 -20.44 66.56
CA LEU B 198 39.15 -21.20 67.22
C LEU B 198 38.32 -22.01 66.22
N GLU B 199 38.93 -22.40 65.10
CA GLU B 199 38.23 -23.15 64.06
C GLU B 199 37.74 -24.52 64.54
N GLY B 200 38.46 -25.14 65.49
CA GLY B 200 38.03 -26.40 66.05
C GLY B 200 36.73 -26.31 66.83
N LEU B 201 36.32 -25.10 67.21
CA LEU B 201 35.01 -24.90 67.83
C LEU B 201 33.88 -25.03 66.82
N PHE B 202 34.19 -25.00 65.52
CA PHE B 202 33.18 -25.07 64.47
C PHE B 202 33.28 -26.40 63.70
N LYS B 203 33.53 -27.49 64.43
CA LYS B 203 33.64 -28.80 63.79
C LYS B 203 32.30 -29.26 63.23
N GLY B 204 31.21 -29.01 63.95
CA GLY B 204 29.90 -29.44 63.50
C GLY B 204 29.67 -30.92 63.72
N SER B 205 28.59 -31.41 63.13
CA SER B 205 28.21 -32.81 63.23
C SER B 205 27.47 -33.21 61.96
N ASP B 206 26.98 -34.44 61.93
CA ASP B 206 26.19 -34.91 60.79
C ASP B 206 24.88 -34.14 60.67
N ASN B 207 24.20 -33.90 61.78
CA ASN B 207 22.99 -33.09 61.77
C ASN B 207 23.36 -31.62 61.85
N PRO B 208 22.94 -30.79 60.89
CA PRO B 208 23.22 -29.35 61.00
C PRO B 208 22.52 -28.68 62.16
N ALA B 209 21.42 -29.25 62.67
CA ALA B 209 20.71 -28.65 63.78
C ALA B 209 21.48 -28.73 65.08
N TYR B 210 22.32 -29.76 65.24
CA TYR B 210 23.05 -30.02 66.49
C TYR B 210 24.53 -30.16 66.18
N PRO B 211 25.24 -29.03 66.04
CA PRO B 211 26.67 -29.13 65.72
C PRO B 211 27.52 -29.62 66.87
N GLY B 212 27.25 -29.14 68.10
CA GLY B 212 28.07 -29.54 69.22
C GLY B 212 29.46 -28.91 69.17
N GLY B 213 30.42 -29.59 69.79
CA GLY B 213 31.79 -29.15 69.79
C GLY B 213 32.22 -28.56 71.11
N PRO B 214 33.40 -27.95 71.14
CA PRO B 214 33.93 -27.39 72.40
C PRO B 214 33.23 -26.12 72.86
N PHE B 215 32.38 -25.52 72.04
CA PHE B 215 31.67 -24.30 72.43
C PHE B 215 30.16 -24.51 72.52
N PHE B 216 29.54 -25.05 71.47
CA PHE B 216 28.09 -25.26 71.47
C PHE B 216 27.67 -26.32 72.46
N ASN B 217 28.58 -27.22 72.86
CA ASN B 217 28.30 -28.26 73.84
C ASN B 217 29.45 -28.35 74.84
N PHE B 218 29.86 -27.20 75.38
CA PHE B 218 30.96 -27.18 76.33
C PHE B 218 30.57 -27.82 77.66
N ALA B 219 29.27 -27.84 77.99
CA ALA B 219 28.81 -28.57 79.16
C ALA B 219 28.83 -30.07 78.94
N ASN B 220 28.92 -30.52 77.68
CA ASN B 220 29.04 -31.92 77.30
C ASN B 220 27.86 -32.76 77.80
N PHE B 221 26.67 -32.16 77.81
CA PHE B 221 25.47 -32.89 78.17
C PHE B 221 24.96 -33.70 76.99
N GLY B 222 24.41 -34.87 77.29
CA GLY B 222 23.95 -35.77 76.26
C GLY B 222 25.02 -36.73 75.78
N LYS B 223 25.61 -37.46 76.72
CA LYS B 223 26.68 -38.41 76.37
C LYS B 223 26.13 -39.62 75.62
N THR B 224 24.99 -40.15 76.06
CA THR B 224 24.39 -41.32 75.43
C THR B 224 23.13 -40.91 74.67
N GLU B 225 22.50 -41.90 74.04
CA GLU B 225 21.41 -41.63 73.11
C GLU B 225 20.13 -41.28 73.83
N ALA B 226 19.86 -41.91 74.98
CA ALA B 226 18.58 -41.75 75.65
C ALA B 226 18.37 -40.31 76.14
N GLU B 227 19.33 -39.78 76.90
CA GLU B 227 19.19 -38.42 77.38
C GLU B 227 19.40 -37.39 76.28
N MET B 228 20.11 -37.72 75.20
CA MET B 228 20.18 -36.82 74.06
C MET B 228 18.83 -36.70 73.37
N LYS B 229 18.13 -37.81 73.18
CA LYS B 229 16.79 -37.78 72.61
C LYS B 229 15.82 -37.06 73.54
N LYS B 230 15.96 -37.28 74.85
CA LYS B 230 15.13 -36.56 75.82
C LYS B 230 15.37 -35.06 75.75
N LEU B 231 16.64 -34.64 75.65
CA LEU B 231 16.98 -33.23 75.57
C LEU B 231 16.46 -32.61 74.27
N LYS B 232 16.56 -33.36 73.16
CA LYS B 232 16.04 -32.86 71.89
C LYS B 232 14.53 -32.69 71.93
N LEU B 233 13.82 -33.68 72.51
CA LEU B 233 12.37 -33.58 72.62
C LEU B 233 11.96 -32.44 73.53
N ASN B 234 12.64 -32.26 74.66
CA ASN B 234 12.34 -31.15 75.55
C ASN B 234 12.63 -29.80 74.90
N GLU B 235 13.73 -29.72 74.14
CA GLU B 235 14.05 -28.49 73.43
C GLU B 235 12.99 -28.14 72.40
N ILE B 236 12.53 -29.13 71.63
CA ILE B 236 11.52 -28.83 70.62
C ILE B 236 10.17 -28.53 71.27
N LYS B 237 9.86 -29.13 72.42
CA LYS B 237 8.60 -28.84 73.10
C LYS B 237 8.59 -27.42 73.66
N ASN B 238 9.67 -27.04 74.37
CA ASN B 238 9.78 -25.68 74.87
C ASN B 238 9.86 -24.66 73.73
N GLY B 239 10.47 -25.04 72.61
CA GLY B 239 10.52 -24.16 71.46
C GLY B 239 9.17 -23.93 70.82
N ARG B 240 8.36 -24.99 70.68
CA ARG B 240 7.01 -24.82 70.15
C ARG B 240 6.13 -24.01 71.10
N LEU B 241 6.27 -24.24 72.40
CA LEU B 241 5.61 -23.39 73.39
C LEU B 241 6.06 -21.94 73.25
N ALA B 242 7.32 -21.72 72.87
CA ALA B 242 7.81 -20.36 72.65
C ALA B 242 7.28 -19.75 71.35
N MET B 243 7.07 -20.55 70.30
CA MET B 243 6.36 -20.04 69.12
C MET B 243 4.99 -19.53 69.52
N LEU B 244 4.24 -20.33 70.28
CA LEU B 244 2.93 -19.90 70.76
C LEU B 244 3.04 -18.69 71.65
N ALA B 245 4.08 -18.62 72.49
CA ALA B 245 4.27 -17.49 73.39
C ALA B 245 4.54 -16.21 72.63
N MET B 246 5.42 -16.26 71.63
CA MET B 246 5.71 -15.06 70.83
C MET B 246 4.51 -14.64 69.99
N PHE B 247 3.74 -15.61 69.50
CA PHE B 247 2.48 -15.32 68.82
C PHE B 247 1.53 -14.56 69.74
N GLY B 248 1.37 -15.05 70.97
CA GLY B 248 0.51 -14.36 71.93
C GLY B 248 1.05 -13.00 72.32
N TYR B 249 2.37 -12.87 72.42
CA TYR B 249 2.97 -11.58 72.75
C TYR B 249 2.70 -10.56 71.67
N GLY B 250 2.84 -10.96 70.40
CA GLY B 250 2.52 -10.04 69.31
C GLY B 250 1.06 -9.65 69.27
N ALA B 251 0.16 -10.64 69.45
CA ALA B 251 -1.26 -10.34 69.44
C ALA B 251 -1.66 -9.42 70.61
N GLN B 252 -1.14 -9.70 71.80
CA GLN B 252 -1.45 -8.89 72.97
C GLN B 252 -0.87 -7.49 72.84
N ALA B 253 0.34 -7.37 72.27
CA ALA B 253 0.92 -6.06 72.04
C ALA B 253 0.08 -5.25 71.06
N VAL B 254 -0.42 -5.89 70.00
CA VAL B 254 -1.22 -5.17 69.02
C VAL B 254 -2.56 -4.72 69.63
N ILE B 255 -3.26 -5.63 70.30
CA ILE B 255 -4.65 -5.35 70.67
C ILE B 255 -4.81 -4.83 72.11
N THR B 256 -3.73 -4.74 72.88
CA THR B 256 -3.78 -4.12 74.21
C THR B 256 -2.86 -2.92 74.35
N GLY B 257 -1.71 -2.91 73.67
CA GLY B 257 -0.72 -1.87 73.89
C GLY B 257 -0.08 -1.90 75.25
N ASP B 258 0.16 -3.11 75.78
CA ASP B 258 0.74 -3.27 77.11
C ASP B 258 1.60 -4.52 77.12
N GLY B 259 2.41 -4.65 78.17
CA GLY B 259 3.30 -5.78 78.32
C GLY B 259 2.54 -7.07 78.57
N PRO B 260 3.17 -8.20 78.21
CA PRO B 260 2.52 -9.50 78.44
C PRO B 260 2.28 -9.82 79.90
N PHE B 261 3.17 -9.39 80.80
CA PHE B 261 2.94 -9.64 82.22
C PHE B 261 1.79 -8.80 82.76
N ASP B 262 1.58 -7.61 82.20
CA ASP B 262 0.40 -6.82 82.55
C ASP B 262 -0.88 -7.54 82.13
N ASN B 263 -0.87 -8.16 80.95
CA ASN B 263 -2.02 -8.96 80.51
C ASN B 263 -2.23 -10.17 81.40
N LEU B 264 -1.14 -10.81 81.83
CA LEU B 264 -1.25 -11.95 82.74
C LEU B 264 -1.84 -11.52 84.09
N LEU B 265 -1.41 -10.38 84.61
CA LEU B 265 -1.96 -9.87 85.86
C LEU B 265 -3.42 -9.47 85.71
N ALA B 266 -3.79 -8.91 84.55
CA ALA B 266 -5.19 -8.57 84.30
C ALA B 266 -6.06 -9.82 84.23
N HIS B 267 -5.57 -10.88 83.58
CA HIS B 267 -6.32 -12.13 83.53
C HIS B 267 -6.40 -12.79 84.90
N LEU B 268 -5.35 -12.68 85.71
CA LEU B 268 -5.38 -13.29 87.03
C LEU B 268 -6.32 -12.54 87.97
N ALA B 269 -6.29 -11.21 87.94
CA ALA B 269 -7.14 -10.43 88.83
C ALA B 269 -8.60 -10.51 88.39
N ASP B 270 -8.86 -10.33 87.09
CA ASP B 270 -10.21 -10.35 86.54
C ASP B 270 -10.26 -11.34 85.39
N PRO B 271 -10.61 -12.60 85.67
CA PRO B 271 -10.67 -13.61 84.59
C PRO B 271 -11.78 -13.33 83.59
N THR B 272 -13.00 -13.11 84.07
CA THR B 272 -14.11 -12.84 83.16
C THR B 272 -14.07 -11.42 82.62
N GLY B 273 -13.67 -10.46 83.46
CA GLY B 273 -13.69 -9.06 83.05
C GLY B 273 -12.52 -8.63 82.19
N ALA B 274 -11.44 -9.42 82.16
CA ALA B 274 -10.24 -9.09 81.38
C ALA B 274 -9.76 -10.37 80.69
N ASN B 275 -10.23 -10.59 79.47
CA ASN B 275 -9.83 -11.73 78.67
C ASN B 275 -9.90 -11.32 77.20
N LEU B 276 -9.87 -12.31 76.30
CA LEU B 276 -9.89 -12.02 74.87
C LEU B 276 -11.20 -11.39 74.44
N ILE B 277 -12.32 -11.84 75.00
CA ILE B 277 -13.63 -11.32 74.60
C ILE B 277 -13.77 -9.86 75.02
N THR B 278 -13.42 -9.54 76.27
CA THR B 278 -13.57 -8.17 76.76
C THR B 278 -12.55 -7.23 76.14
N ASN B 279 -11.37 -7.74 75.78
CA ASN B 279 -10.35 -6.89 75.15
C ASN B 279 -10.74 -6.49 73.73
N LEU B 280 -11.59 -7.28 73.07
CA LEU B 280 -12.07 -6.95 71.73
C LEU B 280 -13.28 -6.02 71.76
N GLY B 281 -13.74 -5.64 72.95
CA GLY B 281 -14.90 -4.79 73.11
C GLY B 281 -16.19 -5.54 73.36
N GLY B 282 -16.22 -6.85 73.07
CA GLY B 282 -17.41 -7.63 73.31
C GLY B 282 -17.59 -7.99 74.77
N LYS B 283 -18.74 -8.56 75.07
CA LYS B 283 -19.07 -8.96 76.43
C LYS B 283 -19.34 -10.45 76.52
N ALA C 39 49.95 -21.09 47.84
CA ALA C 39 49.45 -20.21 46.80
C ALA C 39 48.36 -20.89 45.98
N GLY C 40 47.45 -21.56 46.66
CA GLY C 40 46.37 -22.25 45.99
C GLY C 40 45.85 -23.39 46.85
N ALA C 41 44.92 -24.14 46.25
CA ALA C 41 44.27 -25.30 46.85
C ALA C 41 43.64 -24.97 48.20
N ASP C 42 44.36 -25.26 49.29
CA ASP C 42 43.87 -24.98 50.64
C ASP C 42 44.27 -23.57 51.09
N ARG C 43 43.75 -22.59 50.35
CA ARG C 43 44.00 -21.19 50.64
C ARG C 43 42.74 -20.55 51.21
N PRO C 44 42.89 -19.51 52.06
CA PRO C 44 41.70 -18.83 52.58
C PRO C 44 40.98 -18.07 51.47
N LEU C 45 39.69 -18.36 51.32
CA LEU C 45 38.88 -17.78 50.26
C LEU C 45 38.13 -16.56 50.77
N TRP C 46 37.33 -15.95 49.89
CA TRP C 46 36.53 -14.80 50.26
C TRP C 46 35.41 -15.18 51.23
N SER C 47 34.96 -16.44 51.20
CA SER C 47 33.97 -16.95 52.12
C SER C 47 34.37 -18.38 52.44
N PRO C 48 34.38 -18.77 53.72
CA PRO C 48 34.72 -20.15 54.07
C PRO C 48 33.70 -21.13 53.50
N GLY C 49 34.20 -22.28 53.06
CA GLY C 49 33.36 -23.29 52.46
C GLY C 49 32.99 -23.06 51.01
N SER C 50 33.46 -21.97 50.40
CA SER C 50 33.16 -21.68 49.02
C SER C 50 33.97 -22.57 48.09
N GLN C 51 33.46 -22.76 46.89
CA GLN C 51 34.19 -23.48 45.85
C GLN C 51 34.92 -22.47 44.96
N PRO C 52 36.25 -22.48 44.91
CA PRO C 52 36.96 -21.52 44.08
C PRO C 52 36.71 -21.80 42.60
N PRO C 53 36.72 -20.76 41.77
CA PRO C 53 36.54 -20.98 40.33
C PRO C 53 37.73 -21.69 39.71
N ALA C 54 37.47 -22.34 38.57
CA ALA C 54 38.51 -23.08 37.87
C ALA C 54 39.59 -22.13 37.35
N TRP C 55 39.21 -20.95 36.88
CA TRP C 55 40.17 -19.99 36.36
C TRP C 55 40.90 -19.22 37.46
N LEU C 56 40.51 -19.40 38.71
CA LEU C 56 41.16 -18.78 39.86
C LEU C 56 41.81 -19.89 40.67
N ASP C 57 43.06 -20.21 40.34
CA ASP C 57 43.80 -21.29 40.99
C ASP C 57 44.68 -20.79 42.13
N GLY C 58 44.62 -19.51 42.46
CA GLY C 58 45.43 -18.96 43.53
C GLY C 58 46.81 -18.50 43.11
N SER C 59 47.15 -18.58 41.83
CA SER C 59 48.47 -18.15 41.39
C SER C 59 48.62 -16.63 41.45
N LEU C 60 47.54 -15.90 41.12
CA LEU C 60 47.59 -14.45 41.14
C LEU C 60 47.61 -13.92 42.57
N ALA C 61 48.12 -12.70 42.71
CA ALA C 61 48.14 -12.04 44.01
C ALA C 61 46.73 -11.59 44.39
N GLY C 62 46.36 -11.85 45.64
CA GLY C 62 45.02 -11.50 46.08
C GLY C 62 43.93 -12.39 45.52
N ASP C 63 44.27 -13.62 45.13
CA ASP C 63 43.31 -14.56 44.56
C ASP C 63 42.56 -15.25 45.68
N TYR C 64 41.42 -14.69 46.05
CA TYR C 64 40.56 -15.26 47.09
C TYR C 64 39.39 -16.03 46.51
N GLY C 65 39.36 -16.26 45.20
CA GLY C 65 38.27 -16.97 44.56
C GLY C 65 36.94 -16.25 44.62
N PHE C 66 36.94 -14.96 44.38
CA PHE C 66 35.73 -14.13 44.47
C PHE C 66 35.36 -13.68 43.07
N ASP C 67 34.37 -14.36 42.47
CA ASP C 67 33.86 -13.99 41.16
C ASP C 67 32.46 -14.54 40.93
N PRO C 68 31.41 -13.94 41.52
CA PRO C 68 30.04 -14.38 41.18
C PRO C 68 29.67 -14.15 39.73
N LEU C 69 30.15 -13.08 39.12
CA LEU C 69 29.78 -12.73 37.75
C LEU C 69 30.65 -13.41 36.71
N HIS C 70 31.58 -14.27 37.13
CA HIS C 70 32.41 -15.10 36.25
C HIS C 70 33.22 -14.26 35.28
N LEU C 71 33.67 -13.10 35.73
CA LEU C 71 34.58 -12.30 34.94
C LEU C 71 35.98 -12.91 34.96
N SER C 72 36.82 -12.46 34.04
CA SER C 72 38.20 -12.91 33.89
C SER C 72 38.29 -14.42 33.64
N GLU C 73 37.29 -14.98 32.97
CA GLU C 73 37.33 -16.41 32.64
C GLU C 73 38.37 -16.69 31.56
N GLU C 74 38.37 -15.90 30.49
CA GLU C 74 39.35 -16.08 29.44
C GLU C 74 40.71 -15.57 29.90
N PRO C 75 41.81 -16.22 29.50
CA PRO C 75 43.15 -15.76 29.93
C PRO C 75 43.48 -14.35 29.47
N GLU C 76 43.06 -13.96 28.26
CA GLU C 76 43.28 -12.59 27.82
C GLU C 76 42.46 -11.60 28.64
N MET C 77 41.20 -11.94 28.92
CA MET C 77 40.39 -11.09 29.79
C MET C 77 40.88 -11.16 31.23
N ARG C 78 41.47 -12.29 31.64
CA ARG C 78 42.06 -12.38 32.97
C ARG C 78 43.24 -11.42 33.12
N LYS C 79 44.13 -11.39 32.12
CA LYS C 79 45.27 -10.49 32.21
C LYS C 79 44.85 -9.04 32.04
N TRP C 80 43.81 -8.77 31.24
CA TRP C 80 43.26 -7.43 31.16
C TRP C 80 42.70 -6.98 32.51
N MET C 81 41.99 -7.87 33.19
CA MET C 81 41.42 -7.55 34.50
C MET C 81 42.52 -7.36 35.54
N VAL C 82 43.59 -8.16 35.46
CA VAL C 82 44.71 -8.02 36.39
C VAL C 82 45.38 -6.67 36.20
N GLN C 83 45.63 -6.28 34.93
CA GLN C 83 46.24 -5.00 34.65
C GLN C 83 45.35 -3.84 35.09
N ALA C 84 44.04 -3.95 34.84
CA ALA C 84 43.11 -2.90 35.24
C ALA C 84 43.04 -2.76 36.74
N GLU C 85 43.00 -3.89 37.46
CA GLU C 85 43.00 -3.85 38.92
C GLU C 85 44.28 -3.24 39.46
N LEU C 86 45.42 -3.57 38.83
CA LEU C 86 46.69 -3.04 39.30
C LEU C 86 46.78 -1.53 39.11
N VAL C 87 46.38 -1.02 37.93
CA VAL C 87 46.48 0.42 37.72
C VAL C 87 45.45 1.18 38.55
N HIS C 88 44.22 0.63 38.68
CA HIS C 88 43.22 1.23 39.56
C HIS C 88 43.70 1.24 41.00
N ALA C 89 44.36 0.16 41.43
CA ALA C 89 44.88 0.09 42.80
C ALA C 89 45.98 1.13 43.01
N ARG C 90 46.92 1.21 42.08
CA ARG C 90 48.04 2.15 42.24
C ARG C 90 47.55 3.58 42.29
N TRP C 91 46.60 3.94 41.40
CA TRP C 91 46.06 5.28 41.44
C TRP C 91 45.19 5.50 42.68
N ALA C 92 44.53 4.46 43.18
CA ALA C 92 43.72 4.58 44.39
C ALA C 92 44.58 4.89 45.60
N MET C 93 45.67 4.13 45.80
CA MET C 93 46.56 4.42 46.92
C MET C 93 47.27 5.76 46.76
N LEU C 94 47.65 6.13 45.52
CA LEU C 94 48.26 7.44 45.32
C LEU C 94 47.29 8.58 45.69
N GLY C 95 46.05 8.51 45.20
CA GLY C 95 45.09 9.54 45.50
C GLY C 95 44.68 9.58 46.96
N VAL C 96 44.53 8.41 47.58
CA VAL C 96 44.13 8.34 48.99
C VAL C 96 45.25 8.86 49.87
N ALA C 97 46.51 8.53 49.53
CA ALA C 97 47.65 9.05 50.28
C ALA C 97 47.74 10.57 50.15
N GLY C 98 47.52 11.10 48.95
CA GLY C 98 47.53 12.54 48.78
C GLY C 98 46.41 13.23 49.55
N ILE C 99 45.20 12.65 49.51
CA ILE C 99 44.06 13.20 50.23
C ILE C 99 44.32 13.20 51.72
N LEU C 100 44.84 12.08 52.24
CA LEU C 100 45.11 11.96 53.67
C LEU C 100 46.21 12.92 54.11
N PHE C 101 47.26 13.08 53.29
CA PHE C 101 48.33 14.00 53.64
C PHE C 101 47.83 15.44 53.67
N THR C 102 47.04 15.83 52.66
CA THR C 102 46.51 17.19 52.62
C THR C 102 45.55 17.45 53.77
N SER C 103 44.70 16.48 54.10
CA SER C 103 43.74 16.67 55.18
C SER C 103 44.43 16.70 56.54
N ILE C 104 45.45 15.86 56.73
CA ILE C 104 46.21 15.87 57.99
C ILE C 104 46.94 17.19 58.16
N ALA C 105 47.56 17.69 57.07
CA ALA C 105 48.22 18.99 57.15
C ALA C 105 47.24 20.12 57.40
N ALA C 106 46.05 20.03 56.81
CA ALA C 106 45.02 21.05 57.04
C ALA C 106 44.53 21.04 58.48
N LYS C 107 44.37 19.86 59.07
CA LYS C 107 44.02 19.77 60.49
C LYS C 107 45.14 20.30 61.37
N ASN C 108 46.39 20.00 61.03
CA ASN C 108 47.52 20.45 61.84
C ASN C 108 47.69 21.97 61.77
N GLY C 109 47.35 22.59 60.65
CA GLY C 109 47.42 24.04 60.55
C GLY C 109 47.88 24.57 59.21
N ALA C 110 48.31 23.67 58.32
CA ALA C 110 48.73 24.10 57.00
C ALA C 110 47.53 24.58 56.18
N PRO C 111 47.68 25.64 55.40
CA PRO C 111 46.53 26.18 54.63
C PRO C 111 46.20 25.33 53.41
N PHE C 112 45.66 24.14 53.66
CA PHE C 112 45.26 23.24 52.59
C PHE C 112 43.74 23.10 52.56
N PRO C 113 43.13 23.15 51.39
CA PRO C 113 41.68 23.00 51.29
C PRO C 113 41.28 21.54 51.44
N ASP C 114 39.97 21.31 51.47
CA ASP C 114 39.43 19.97 51.52
C ASP C 114 39.72 19.23 50.22
N TRP C 115 39.68 17.89 50.29
CA TRP C 115 39.94 17.10 49.09
C TRP C 115 38.84 17.29 48.05
N TYR C 116 37.60 17.43 48.49
CA TYR C 116 36.56 17.90 47.59
C TYR C 116 36.75 19.39 47.32
N ASP C 117 36.31 19.81 46.12
CA ASP C 117 36.45 21.16 45.55
C ASP C 117 37.85 21.76 45.74
N ALA C 118 38.88 20.91 45.74
CA ALA C 118 40.25 21.40 45.76
C ALA C 118 40.68 21.94 44.40
N GLY C 119 40.06 21.44 43.33
CA GLY C 119 40.43 21.85 41.99
C GLY C 119 40.15 23.31 41.71
N LYS C 120 39.10 23.87 42.32
CA LYS C 120 38.76 25.27 42.08
C LYS C 120 39.86 26.21 42.58
N GLU C 121 40.26 26.05 43.85
CA GLU C 121 41.34 26.87 44.36
C GLU C 121 42.68 26.49 43.74
N ALA C 122 42.81 25.23 43.30
CA ALA C 122 44.02 24.80 42.61
C ALA C 122 44.22 25.58 41.32
N ILE C 123 43.19 25.63 40.46
CA ILE C 123 43.32 26.40 39.22
C ILE C 123 43.28 27.90 39.49
N LYS C 124 42.71 28.31 40.63
CA LYS C 124 42.80 29.72 41.02
C LYS C 124 44.24 30.13 41.29
N THR C 125 45.01 29.27 41.95
CA THR C 125 46.41 29.56 42.23
C THR C 125 47.38 29.00 41.22
N SER C 126 46.90 28.21 40.25
CA SER C 126 47.82 27.60 39.28
C SER C 126 48.25 28.62 38.23
N PRO C 127 49.54 28.68 37.91
CA PRO C 127 49.96 29.44 36.71
C PRO C 127 49.43 28.83 35.42
N ALA C 128 49.17 27.52 35.40
CA ALA C 128 48.64 26.85 34.23
C ALA C 128 47.12 26.87 34.28
N PRO C 129 46.44 27.44 33.30
CA PRO C 129 44.97 27.46 33.31
C PRO C 129 44.41 26.09 32.94
N LEU C 130 43.10 25.94 33.20
CA LEU C 130 42.42 24.73 32.81
C LEU C 130 42.28 24.67 31.30
N GLY C 131 42.02 23.46 30.80
CA GLY C 131 41.99 23.24 29.36
C GLY C 131 43.36 22.87 28.85
N SER C 132 44.33 23.77 29.02
CA SER C 132 45.72 23.45 28.73
C SER C 132 46.25 22.40 29.69
N LEU C 133 45.79 22.42 30.94
CA LEU C 133 46.30 21.49 31.94
C LEU C 133 45.84 20.06 31.67
N ILE C 134 44.54 19.89 31.37
CA ILE C 134 44.02 18.55 31.13
C ILE C 134 44.59 17.96 29.85
N PHE C 135 44.73 18.79 28.81
CA PHE C 135 45.29 18.28 27.56
C PHE C 135 46.79 18.04 27.67
N THR C 136 47.49 18.83 28.50
CA THR C 136 48.88 18.53 28.80
C THR C 136 49.02 17.19 29.53
N GLU C 137 48.14 16.95 30.50
CA GLU C 137 48.15 15.68 31.21
C GLU C 137 47.84 14.52 30.25
N LEU C 138 46.90 14.71 29.34
CA LEU C 138 46.61 13.69 28.33
C LEU C 138 47.81 13.46 27.41
N LEU C 139 48.53 14.54 27.08
CA LEU C 139 49.66 14.42 26.15
C LEU C 139 50.81 13.63 26.77
N LEU C 140 51.19 13.95 28.02
CA LEU C 140 52.21 13.13 28.66
C LEU C 140 51.65 11.87 29.32
N PHE C 141 50.36 11.60 29.21
CA PHE C 141 49.80 10.33 29.66
C PHE C 141 49.63 9.32 28.54
N GLY C 142 49.40 9.80 27.30
CA GLY C 142 49.17 8.90 26.19
C GLY C 142 50.37 8.03 25.87
N TRP C 143 51.58 8.55 26.04
CA TRP C 143 52.79 7.78 25.80
C TRP C 143 52.87 6.59 26.76
N VAL C 144 52.69 6.85 28.05
CA VAL C 144 52.79 5.79 29.05
C VAL C 144 51.64 4.80 28.89
N GLU C 145 50.44 5.29 28.57
CA GLU C 145 49.31 4.38 28.40
C GLU C 145 49.45 3.52 27.15
N THR C 146 49.98 4.09 26.06
CA THR C 146 50.24 3.32 24.86
C THR C 146 51.30 2.26 25.11
N LYS C 147 52.38 2.62 25.83
CA LYS C 147 53.42 1.66 26.13
C LYS C 147 52.89 0.55 27.03
N ARG C 148 52.07 0.90 28.02
CA ARG C 148 51.47 -0.10 28.90
C ARG C 148 50.54 -1.04 28.14
N LEU C 149 49.71 -0.48 27.25
CA LEU C 149 48.76 -1.29 26.50
C LEU C 149 49.48 -2.24 25.55
N TYR C 150 50.52 -1.76 24.86
CA TYR C 150 51.21 -2.63 23.91
C TYR C 150 52.23 -3.54 24.59
N ASP C 151 52.59 -3.27 25.85
CA ASP C 151 53.32 -4.26 26.63
C ASP C 151 52.38 -5.35 27.14
N LEU C 152 51.15 -4.97 27.50
CA LEU C 152 50.15 -5.96 27.91
C LEU C 152 49.76 -6.87 26.76
N ARG C 153 49.56 -6.29 25.57
CA ARG C 153 49.21 -7.11 24.41
C ARG C 153 50.43 -7.89 23.91
N ASN C 154 51.59 -7.24 23.83
CA ASN C 154 52.83 -7.88 23.40
C ASN C 154 53.84 -7.79 24.52
N PRO C 155 54.05 -8.86 25.29
CA PRO C 155 54.99 -8.79 26.42
C PRO C 155 56.44 -8.68 25.94
N GLY C 156 57.17 -7.75 26.55
CA GLY C 156 58.57 -7.55 26.24
C GLY C 156 58.85 -6.76 24.98
N SER C 157 57.81 -6.27 24.29
CA SER C 157 58.02 -5.56 23.04
C SER C 157 58.50 -4.13 23.26
N GLN C 158 58.30 -3.57 24.44
CA GLN C 158 58.75 -2.20 24.71
C GLN C 158 60.26 -2.14 24.89
N GLY C 159 60.86 -3.15 25.50
CA GLY C 159 62.29 -3.18 25.72
C GLY C 159 63.06 -3.68 24.52
N ASP C 160 62.97 -2.97 23.40
CA ASP C 160 63.67 -3.34 22.18
C ASP C 160 64.56 -2.23 21.65
N GLY C 161 64.85 -1.21 22.45
CA GLY C 161 65.66 -0.10 22.02
C GLY C 161 64.93 0.95 21.22
N SER C 162 63.62 0.81 21.04
CA SER C 162 62.85 1.80 20.27
C SER C 162 62.76 3.12 21.02
N PHE C 163 62.62 3.07 22.34
CA PHE C 163 62.50 4.28 23.16
C PHE C 163 63.87 4.60 23.74
N LEU C 164 64.59 5.48 23.04
CA LEU C 164 65.89 6.03 23.47
C LEU C 164 66.93 4.94 23.71
N GLY C 165 66.85 3.85 22.96
CA GLY C 165 67.82 2.76 23.08
C GLY C 165 67.79 2.03 24.40
N ILE C 166 66.60 1.72 24.92
CA ILE C 166 66.44 1.00 26.17
C ILE C 166 66.00 -0.42 25.84
N THR C 167 66.84 -1.40 26.17
CA THR C 167 66.57 -2.80 25.87
C THR C 167 66.34 -3.64 27.12
N ASP C 168 67.28 -3.60 28.07
CA ASP C 168 67.12 -4.35 29.30
C ASP C 168 65.96 -3.80 30.14
N GLY C 169 65.83 -2.47 30.20
CA GLY C 169 64.71 -1.88 30.87
C GLY C 169 63.46 -1.89 30.01
N LEU C 170 62.35 -1.49 30.63
CA LEU C 170 61.02 -1.43 30.00
C LEU C 170 60.59 -2.79 29.46
N LYS C 171 61.03 -3.87 30.11
CA LYS C 171 60.62 -5.23 29.78
C LYS C 171 59.81 -5.78 30.94
N GLY C 172 58.58 -6.20 30.66
CA GLY C 172 57.69 -6.64 31.72
C GLY C 172 58.12 -7.97 32.29
N LYS C 173 58.50 -7.99 33.57
CA LYS C 173 58.78 -9.24 34.25
C LYS C 173 57.53 -10.10 34.36
N GLU C 174 56.41 -9.48 34.71
CA GLU C 174 55.12 -10.18 34.79
C GLU C 174 54.09 -9.45 33.94
N ASN C 175 52.82 -9.82 34.08
CA ASN C 175 51.75 -9.20 33.28
C ASN C 175 51.61 -7.72 33.61
N GLY C 176 51.25 -7.40 34.84
CA GLY C 176 51.09 -6.01 35.23
C GLY C 176 52.23 -5.49 36.09
N TYR C 177 53.36 -6.18 36.08
CA TYR C 177 54.52 -5.84 36.89
C TYR C 177 55.72 -5.64 35.98
N PRO C 178 55.95 -4.41 35.50
CA PRO C 178 57.04 -4.18 34.54
C PRO C 178 58.44 -4.34 35.13
N GLY C 179 58.72 -3.67 36.25
CA GLY C 179 60.07 -3.70 36.76
C GLY C 179 61.01 -2.85 35.91
N GLY C 180 62.30 -3.20 35.99
CA GLY C 180 63.32 -2.50 35.23
C GLY C 180 63.57 -1.11 35.75
N LEU C 181 63.22 -0.10 34.96
CA LEU C 181 63.40 1.29 35.39
C LEU C 181 62.40 1.69 36.47
N PHE C 182 61.25 1.00 36.54
CA PHE C 182 60.27 1.28 37.59
C PHE C 182 60.62 0.60 38.90
N ASP C 183 61.64 -0.25 38.93
CA ASP C 183 62.12 -0.91 40.14
C ASP C 183 63.61 -0.64 40.25
N PRO C 184 63.99 0.54 40.76
CA PRO C 184 65.42 0.88 40.84
C PRO C 184 66.17 0.00 41.83
N MET C 185 65.64 -0.12 43.05
CA MET C 185 66.21 -1.04 44.02
C MET C 185 65.62 -2.43 43.81
N GLY C 186 66.51 -3.44 43.76
CA GLY C 186 66.10 -4.77 43.36
C GLY C 186 65.74 -5.73 44.47
N MET C 187 64.66 -5.45 45.21
CA MET C 187 64.15 -6.41 46.17
C MET C 187 63.14 -7.37 45.56
N SER C 188 62.79 -7.18 44.29
CA SER C 188 61.88 -8.07 43.59
C SER C 188 62.59 -9.20 42.86
N LYS C 189 63.92 -9.30 43.00
CA LYS C 189 64.65 -10.40 42.39
C LYS C 189 64.30 -11.74 43.03
N ASN C 190 64.13 -11.74 44.35
CA ASN C 190 63.73 -12.97 45.04
C ASN C 190 62.27 -13.23 44.72
N GLU C 191 61.94 -14.50 44.48
CA GLU C 191 60.57 -14.86 44.11
C GLU C 191 59.65 -14.71 45.30
N ALA C 192 60.09 -15.14 46.49
CA ALA C 192 59.25 -15.03 47.68
C ALA C 192 58.98 -13.58 48.05
N SER C 193 60.02 -12.74 47.99
CA SER C 193 59.85 -11.31 48.28
C SER C 193 58.93 -10.66 47.26
N PHE C 194 59.08 -11.02 45.98
CA PHE C 194 58.21 -10.49 44.94
C PHE C 194 56.76 -10.90 45.17
N LYS C 195 56.53 -12.16 45.56
CA LYS C 195 55.18 -12.65 45.77
C LYS C 195 54.52 -11.97 46.97
N GLU C 196 55.25 -11.85 48.08
CA GLU C 196 54.66 -11.19 49.24
C GLU C 196 54.46 -9.70 49.01
N ALA C 197 55.35 -9.07 48.22
CA ALA C 197 55.15 -7.67 47.88
C ALA C 197 53.95 -7.49 46.98
N LYS C 198 53.72 -8.43 46.04
CA LYS C 198 52.52 -8.38 45.22
C LYS C 198 51.26 -8.52 46.05
N VAL C 199 51.26 -9.44 47.01
CA VAL C 199 50.10 -9.65 47.87
C VAL C 199 49.83 -8.41 48.71
N LYS C 200 50.90 -7.82 49.30
CA LYS C 200 50.75 -6.61 50.09
C LYS C 200 50.25 -5.45 49.24
N GLU C 201 50.76 -5.32 48.01
CA GLU C 201 50.34 -4.24 47.12
C GLU C 201 48.88 -4.37 46.75
N ILE C 202 48.43 -5.58 46.39
CA ILE C 202 47.04 -5.73 45.97
C ILE C 202 46.09 -5.57 47.17
N LYS C 203 46.51 -5.99 48.37
CA LYS C 203 45.65 -5.83 49.54
C LYS C 203 45.52 -4.37 49.93
N ASN C 204 46.65 -3.64 49.96
CA ASN C 204 46.59 -2.21 50.24
C ASN C 204 45.85 -1.45 49.15
N GLY C 205 45.93 -1.93 47.89
CA GLY C 205 45.19 -1.29 46.82
C GLY C 205 43.68 -1.47 46.95
N ARG C 206 43.24 -2.68 47.30
CA ARG C 206 41.81 -2.90 47.53
C ARG C 206 41.32 -2.09 48.73
N LEU C 207 42.14 -2.02 49.79
CA LEU C 207 41.84 -1.14 50.90
C LEU C 207 41.77 0.32 50.47
N ALA C 208 42.56 0.70 49.46
CA ALA C 208 42.51 2.07 48.96
C ALA C 208 41.26 2.33 48.13
N MET C 209 40.78 1.34 47.37
CA MET C 209 39.48 1.48 46.73
C MET C 209 38.39 1.72 47.77
N LEU C 210 38.41 0.91 48.83
CA LEU C 210 37.42 1.07 49.89
C LEU C 210 37.55 2.43 50.57
N ALA C 211 38.80 2.90 50.75
CA ALA C 211 39.03 4.20 51.35
C ALA C 211 38.50 5.32 50.48
N PHE C 212 38.69 5.23 49.16
CA PHE C 212 38.19 6.27 48.26
C PHE C 212 36.67 6.29 48.21
N VAL C 213 36.05 5.11 48.19
CA VAL C 213 34.59 5.02 48.22
C VAL C 213 34.06 5.60 49.53
N GLY C 214 34.72 5.28 50.65
CA GLY C 214 34.34 5.87 51.92
C GLY C 214 34.52 7.37 51.96
N PHE C 215 35.61 7.86 51.35
CA PHE C 215 35.85 9.30 51.26
C PHE C 215 34.69 10.00 50.56
N ILE C 216 34.31 9.47 49.39
CA ILE C 216 33.21 10.06 48.63
C ILE C 216 31.91 9.99 49.43
N ALA C 217 31.62 8.84 50.05
CA ALA C 217 30.35 8.65 50.73
C ALA C 217 30.22 9.54 51.95
N GLN C 218 31.21 9.54 52.84
CA GLN C 218 31.05 10.36 54.04
C GLN C 218 31.41 11.81 53.83
N HIS C 219 32.01 12.19 52.69
CA HIS C 219 32.05 13.60 52.35
C HIS C 219 30.73 14.08 51.77
N HIS C 220 30.01 13.22 51.04
CA HIS C 220 28.67 13.60 50.61
C HIS C 220 27.69 13.59 51.78
N ALA C 221 27.97 12.80 52.82
CA ALA C 221 27.10 12.72 53.97
C ALA C 221 27.40 13.79 55.02
N THR C 222 28.66 14.13 55.25
CA THR C 222 29.03 15.04 56.33
C THR C 222 29.54 16.39 55.86
N HIS C 223 29.98 16.51 54.60
CA HIS C 223 30.58 17.72 54.05
C HIS C 223 31.77 18.19 54.89
N LYS C 224 32.60 17.24 55.31
CA LYS C 224 33.76 17.52 56.14
C LYS C 224 34.93 16.67 55.65
N SER C 225 36.12 16.99 56.17
CA SER C 225 37.32 16.27 55.79
C SER C 225 37.28 14.85 56.35
N PRO C 226 37.94 13.90 55.70
CA PRO C 226 38.03 12.54 56.27
C PRO C 226 38.72 12.49 57.62
N ILE C 227 39.74 13.33 57.83
CA ILE C 227 40.37 13.39 59.15
C ILE C 227 39.45 14.05 60.16
N ASP C 228 38.60 14.98 59.70
CA ASP C 228 37.57 15.53 60.58
C ASP C 228 36.57 14.46 61.00
N ASN C 229 36.18 13.59 60.06
CA ASN C 229 35.33 12.46 60.41
C ASN C 229 36.03 11.50 61.35
N LEU C 230 37.33 11.29 61.17
CA LEU C 230 38.09 10.40 62.04
C LEU C 230 38.16 10.94 63.46
N VAL C 231 38.44 12.24 63.62
CA VAL C 231 38.53 12.81 64.96
C VAL C 231 37.15 12.92 65.59
N ASP C 232 36.10 13.07 64.77
CA ASP C 232 34.74 13.04 65.32
C ASP C 232 34.37 11.64 65.79
N HIS C 233 34.84 10.61 65.08
CA HIS C 233 34.54 9.24 65.50
C HIS C 233 35.35 8.85 66.74
N VAL C 234 36.60 9.31 66.85
CA VAL C 234 37.38 8.99 68.03
C VAL C 234 37.11 9.95 69.18
N ALA C 235 36.34 11.02 68.97
CA ALA C 235 35.95 11.89 70.06
C ALA C 235 34.72 11.35 70.79
N ASP C 236 33.65 11.08 70.05
CA ASP C 236 32.42 10.51 70.61
C ASP C 236 32.03 9.31 69.76
N PRO C 237 32.64 8.15 70.00
CA PRO C 237 32.34 6.96 69.18
C PRO C 237 30.92 6.45 69.36
N PHE C 238 30.34 6.61 70.55
CA PHE C 238 29.03 6.05 70.82
C PHE C 238 27.89 6.85 70.19
N HIS C 239 28.15 8.09 69.82
CA HIS C 239 27.12 8.95 69.24
C HIS C 239 27.43 9.36 67.81
N VAL C 240 28.64 9.85 67.55
CA VAL C 240 29.01 10.31 66.20
C VAL C 240 29.29 9.09 65.34
N THR C 241 28.42 8.83 64.37
CA THR C 241 28.55 7.69 63.48
C THR C 241 27.79 8.01 62.20
N PHE C 242 27.56 7.00 61.37
CA PHE C 242 26.86 7.17 60.11
C PHE C 242 25.36 7.37 60.28
N ALA C 243 24.83 7.14 61.48
CA ALA C 243 23.39 7.25 61.73
C ALA C 243 22.98 8.60 62.29
N THR C 244 23.93 9.52 62.49
CA THR C 244 23.63 10.81 63.10
C THR C 244 23.98 11.99 62.20
N ASN C 245 24.26 11.75 60.92
CA ASN C 245 24.61 12.83 60.01
C ASN C 245 23.41 13.42 59.27
N GLY C 246 22.23 12.82 59.42
CA GLY C 246 21.06 13.24 58.68
C GLY C 246 20.97 12.69 57.28
N VAL C 247 21.98 11.93 56.85
CA VAL C 247 22.00 11.30 55.53
C VAL C 247 22.12 9.80 55.84
N SER C 248 22.25 8.96 54.80
CA SER C 248 22.40 7.51 54.90
C SER C 248 21.16 6.86 55.52
N VAL C 249 20.88 7.14 56.79
CA VAL C 249 19.65 6.72 57.44
C VAL C 249 18.67 7.87 57.37
N PRO C 250 17.58 7.77 56.61
CA PRO C 250 16.67 8.90 56.46
C PRO C 250 15.74 9.03 57.66
N HIS C 251 15.38 10.28 57.95
CA HIS C 251 14.47 10.62 59.04
C HIS C 251 13.22 11.23 58.43
N PHE C 252 12.08 10.59 58.66
CA PHE C 252 10.80 11.05 58.11
C PHE C 252 9.86 11.53 59.20
N THR C 253 9.56 10.69 60.19
CA THR C 253 8.64 11.06 61.25
C THR C 253 9.33 11.73 62.43
N GLU C 254 10.65 11.52 62.59
CA GLU C 254 11.45 12.05 63.69
C GLU C 254 10.88 11.64 65.05
N PHE C 255 10.39 10.40 65.13
CA PHE C 255 9.74 9.91 66.33
C PHE C 255 9.75 8.38 66.36
N ASN D 28 65.08 -4.48 5.14
CA ASN D 28 64.30 -4.48 6.36
C ASN D 28 63.44 -3.23 6.49
N MET D 29 63.37 -2.68 7.70
CA MET D 29 62.56 -1.51 7.98
C MET D 29 63.39 -0.51 8.79
N ASN D 30 63.13 0.78 8.54
CA ASN D 30 63.87 1.83 9.24
C ASN D 30 63.49 1.88 10.72
N GLY D 31 62.22 1.70 11.03
CA GLY D 31 61.77 1.74 12.41
C GLY D 31 60.30 1.44 12.48
N ASN D 32 59.80 1.38 13.71
CA ASN D 32 58.39 1.06 13.96
C ASN D 32 57.68 2.31 14.47
N TRP D 33 56.61 2.70 13.78
CA TRP D 33 55.81 3.83 14.22
C TRP D 33 55.08 3.53 15.52
N LEU D 34 54.80 2.26 15.78
CA LEU D 34 54.07 1.82 16.98
C LEU D 34 54.72 0.53 17.46
N PRO D 35 55.62 0.62 18.44
CA PRO D 35 56.24 -0.60 18.97
C PRO D 35 55.21 -1.52 19.64
N GLY D 36 55.40 -2.82 19.47
CA GLY D 36 54.47 -3.80 19.97
C GLY D 36 53.28 -4.07 19.07
N SER D 37 53.20 -3.41 17.92
CA SER D 37 52.11 -3.59 16.98
C SER D 37 52.54 -4.48 15.82
N GLN D 38 51.58 -5.20 15.25
CA GLN D 38 51.87 -6.11 14.15
C GLN D 38 52.12 -5.32 12.87
N THR D 39 53.31 -5.48 12.30
CA THR D 39 53.64 -4.83 11.04
C THR D 39 52.86 -5.48 9.92
N PRO D 40 52.26 -4.71 9.00
CA PRO D 40 51.58 -5.32 7.85
C PRO D 40 52.55 -6.10 6.97
N ALA D 41 52.04 -7.15 6.34
CA ALA D 41 52.87 -8.06 5.56
C ALA D 41 53.48 -7.38 4.35
N HIS D 42 52.74 -6.47 3.71
CA HIS D 42 53.25 -5.78 2.53
C HIS D 42 54.31 -4.73 2.88
N LEU D 43 54.47 -4.37 4.15
CA LEU D 43 55.47 -3.39 4.55
C LEU D 43 56.55 -3.99 5.44
N LYS D 44 56.51 -5.28 5.74
CA LYS D 44 57.47 -5.88 6.65
C LYS D 44 58.80 -6.13 5.95
N ASP D 45 58.78 -6.87 4.85
CA ASP D 45 59.99 -7.21 4.10
C ASP D 45 60.27 -6.20 2.99
N LEU D 46 59.50 -5.13 2.90
CA LEU D 46 59.63 -4.16 1.82
C LEU D 46 60.87 -3.29 2.06
N LYS D 47 61.78 -3.26 1.08
CA LYS D 47 62.93 -2.37 1.11
C LYS D 47 62.49 -1.04 0.52
N MET D 48 61.96 -0.18 1.37
CA MET D 48 61.37 1.09 0.97
C MET D 48 62.03 2.23 1.74
N ALA D 49 62.31 3.32 1.04
CA ALA D 49 62.89 4.50 1.70
C ALA D 49 61.84 5.17 2.58
N GLY D 50 62.21 5.42 3.84
CA GLY D 50 61.31 6.08 4.77
C GLY D 50 60.07 5.29 5.14
N ASN D 51 60.21 3.99 5.38
CA ASN D 51 59.09 3.13 5.73
C ASN D 51 59.02 2.98 7.24
N PHE D 52 57.82 3.09 7.81
CA PHE D 52 57.69 2.79 9.23
C PHE D 52 56.48 1.92 9.53
N GLY D 53 55.94 1.22 8.53
CA GLY D 53 54.83 0.33 8.76
C GLY D 53 53.53 1.03 9.10
N PHE D 54 53.42 2.32 8.80
CA PHE D 54 52.23 3.10 9.15
C PHE D 54 51.17 2.92 8.05
N ASP D 55 50.62 1.73 7.99
CA ASP D 55 49.46 1.43 7.15
C ASP D 55 48.45 0.62 7.95
N PRO D 56 47.76 1.23 8.91
CA PRO D 56 46.70 0.51 9.62
C PRO D 56 45.46 0.28 8.77
N LEU D 57 45.29 1.04 7.69
CA LEU D 57 44.16 0.88 6.77
C LEU D 57 44.48 -0.04 5.60
N ASN D 58 45.73 -0.52 5.51
CA ASN D 58 46.17 -1.45 4.46
C ASN D 58 45.93 -0.90 3.07
N LEU D 59 46.24 0.39 2.88
CA LEU D 59 46.04 1.01 1.57
C LEU D 59 47.06 0.52 0.56
N GLY D 60 48.31 0.29 1.00
CA GLY D 60 49.36 -0.12 0.09
C GLY D 60 49.52 -1.63 -0.02
N ALA D 61 48.39 -2.34 -0.09
CA ALA D 61 48.45 -3.79 -0.24
C ALA D 61 48.97 -4.19 -1.61
N GLU D 62 48.42 -3.59 -2.68
CA GLU D 62 48.89 -3.87 -4.03
C GLU D 62 50.24 -3.18 -4.27
N PRO D 63 51.15 -3.82 -5.01
CA PRO D 63 52.44 -3.15 -5.29
C PRO D 63 52.31 -1.96 -6.20
N GLU D 64 51.45 -2.02 -7.21
CA GLU D 64 51.23 -0.87 -8.09
C GLU D 64 50.53 0.26 -7.34
N ALA D 65 49.57 -0.09 -6.48
CA ALA D 65 48.94 0.91 -5.62
C ALA D 65 49.95 1.52 -4.67
N LEU D 66 50.88 0.70 -4.17
CA LEU D 66 51.95 1.22 -3.33
C LEU D 66 52.85 2.18 -4.11
N ARG D 67 53.12 1.89 -5.38
CA ARG D 67 53.92 2.79 -6.19
C ARG D 67 53.21 4.11 -6.42
N TRP D 68 51.90 4.06 -6.73
CA TRP D 68 51.14 5.30 -6.91
C TRP D 68 51.08 6.11 -5.63
N TYR D 69 50.90 5.44 -4.50
CA TYR D 69 50.87 6.15 -3.21
C TYR D 69 52.24 6.73 -2.87
N GLN D 70 53.31 6.04 -3.25
CA GLN D 70 54.66 6.57 -3.03
C GLN D 70 54.89 7.83 -3.86
N GLN D 71 54.48 7.81 -5.13
CA GLN D 71 54.62 9.00 -5.96
C GLN D 71 53.76 10.14 -5.45
N ALA D 72 52.53 9.83 -5.00
CA ALA D 72 51.66 10.85 -4.43
C ALA D 72 52.25 11.45 -3.16
N GLU D 73 52.85 10.60 -2.32
CA GLU D 73 53.51 11.09 -1.11
C GLU D 73 54.69 11.97 -1.45
N LEU D 74 55.46 11.61 -2.48
CA LEU D 74 56.61 12.43 -2.88
C LEU D 74 56.18 13.80 -3.39
N VAL D 75 55.13 13.84 -4.24
CA VAL D 75 54.68 15.12 -4.77
C VAL D 75 54.05 15.98 -3.67
N HIS D 76 53.21 15.38 -2.81
CA HIS D 76 52.64 16.13 -1.70
C HIS D 76 53.71 16.60 -0.73
N SER D 77 54.78 15.81 -0.56
CA SER D 77 55.88 16.22 0.31
C SER D 77 56.63 17.41 -0.27
N ARG D 78 56.95 17.36 -1.57
CA ARG D 78 57.64 18.48 -2.19
C ARG D 78 56.79 19.75 -2.16
N THR D 79 55.48 19.60 -2.40
CA THR D 79 54.51 20.66 -2.15
C THR D 79 54.66 21.23 -0.74
N ALA D 80 54.69 20.34 0.25
CA ALA D 80 54.69 20.76 1.65
C ALA D 80 55.95 21.53 2.00
N MET D 81 57.12 21.03 1.62
CA MET D 81 58.35 21.75 1.97
C MET D 81 58.51 23.04 1.18
N MET D 82 58.10 23.07 -0.10
CA MET D 82 58.19 24.32 -0.84
C MET D 82 57.31 25.40 -0.21
N ALA D 83 56.05 25.04 0.10
CA ALA D 83 55.14 25.99 0.71
C ALA D 83 55.60 26.40 2.12
N VAL D 84 56.10 25.43 2.91
CA VAL D 84 56.49 25.73 4.28
C VAL D 84 57.74 26.61 4.31
N ALA D 85 58.70 26.36 3.40
CA ALA D 85 59.87 27.23 3.31
C ALA D 85 59.45 28.64 2.90
N GLY D 86 58.57 28.75 1.91
CA GLY D 86 58.08 30.07 1.49
C GLY D 86 57.26 30.78 2.54
N ILE D 87 56.65 30.04 3.48
CA ILE D 87 55.95 30.67 4.58
C ILE D 87 56.92 31.09 5.68
N LEU D 88 57.90 30.24 5.98
CA LEU D 88 58.73 30.42 7.17
C LEU D 88 59.87 31.40 6.94
N ILE D 89 60.70 31.15 5.92
CA ILE D 89 61.92 31.95 5.75
C ILE D 89 61.63 33.43 5.46
N PRO D 90 60.72 33.80 4.55
CA PRO D 90 60.31 35.21 4.50
C PRO D 90 59.64 35.69 5.78
N GLY D 91 58.87 34.82 6.44
CA GLY D 91 58.26 35.20 7.71
C GLY D 91 59.29 35.42 8.80
N LEU D 92 60.31 34.56 8.87
CA LEU D 92 61.38 34.75 9.83
C LEU D 92 62.19 36.01 9.51
N PHE D 93 62.41 36.29 8.23
CA PHE D 93 63.13 37.50 7.85
C PHE D 93 62.34 38.76 8.23
N THR D 94 61.02 38.72 8.06
CA THR D 94 60.20 39.88 8.44
C THR D 94 60.09 40.01 9.95
N LYS D 95 60.10 38.89 10.68
CA LYS D 95 60.15 38.97 12.14
C LYS D 95 61.46 39.57 12.61
N LEU D 96 62.57 39.19 11.96
CA LEU D 96 63.86 39.83 12.26
C LEU D 96 63.90 41.26 11.76
N GLY D 97 63.12 41.59 10.74
CA GLY D 97 63.06 42.94 10.20
C GLY D 97 63.87 43.16 8.94
N ALA D 98 64.51 42.14 8.41
CA ALA D 98 65.30 42.30 7.19
C ALA D 98 64.40 42.51 5.98
N LEU D 99 63.30 41.78 5.90
CA LEU D 99 62.36 41.88 4.79
C LEU D 99 61.08 42.56 5.24
N ASN D 100 60.23 42.90 4.26
CA ASN D 100 58.97 43.57 4.53
C ASN D 100 57.82 42.91 3.77
N VAL D 101 57.93 41.61 3.50
CA VAL D 101 56.87 40.87 2.83
C VAL D 101 55.74 40.63 3.83
N PRO D 102 54.51 40.46 3.39
CA PRO D 102 53.41 40.15 4.31
C PRO D 102 53.42 38.66 4.67
N GLN D 103 52.49 38.29 5.55
CA GLN D 103 52.33 36.89 5.90
C GLN D 103 51.62 36.15 4.77
N TRP D 104 51.54 34.82 4.91
CA TRP D 104 51.08 33.98 3.80
C TRP D 104 49.58 34.13 3.55
N TYR D 105 48.80 34.49 4.57
CA TYR D 105 47.35 34.52 4.42
C TYR D 105 46.83 35.80 3.78
N GLU D 106 47.68 36.80 3.56
CA GLU D 106 47.27 38.02 2.89
C GLU D 106 48.19 38.43 1.75
N ALA D 107 49.24 37.66 1.50
CA ALA D 107 50.21 38.01 0.45
C ALA D 107 49.56 37.97 -0.93
N GLY D 108 48.72 36.98 -1.20
CA GLY D 108 47.99 36.97 -2.46
C GLY D 108 47.04 38.14 -2.59
N LYS D 109 46.41 38.54 -1.47
CA LYS D 109 45.48 39.66 -1.49
C LYS D 109 46.19 40.97 -1.82
N VAL D 110 47.36 41.20 -1.21
CA VAL D 110 48.06 42.46 -1.50
C VAL D 110 48.69 42.40 -2.89
N TYR D 111 49.18 41.22 -3.31
CA TYR D 111 49.78 41.08 -4.63
C TYR D 111 48.75 41.27 -5.73
N ILE D 112 47.49 40.90 -5.49
CA ILE D 112 46.44 41.17 -6.46
C ILE D 112 46.20 42.68 -6.59
N GLU D 113 46.26 43.39 -5.46
CA GLU D 113 46.03 44.83 -5.44
C GLU D 113 47.27 45.65 -5.77
N GLY D 114 48.29 45.05 -6.39
CA GLY D 114 49.47 45.80 -6.76
C GLY D 114 49.24 46.71 -7.94
N GLU D 115 50.15 47.68 -8.10
CA GLU D 115 50.02 48.65 -9.17
C GLU D 115 50.38 48.08 -10.53
N GLY D 116 51.23 47.05 -10.57
CA GLY D 116 51.56 46.38 -11.81
C GLY D 116 51.18 44.92 -11.74
N ALA D 117 50.02 44.64 -11.15
CA ALA D 117 49.62 43.29 -10.80
C ALA D 117 48.94 42.61 -11.98
N ILE D 118 49.44 41.43 -12.33
CA ILE D 118 48.73 40.56 -13.28
C ILE D 118 47.42 40.10 -12.66
N PRO D 119 46.31 40.04 -13.43
CA PRO D 119 45.04 39.62 -12.85
C PRO D 119 45.07 38.19 -12.32
N PHE D 120 44.22 37.94 -11.33
CA PHE D 120 44.20 36.65 -10.63
C PHE D 120 43.85 35.51 -11.57
N GLY D 121 42.87 35.71 -12.45
CA GLY D 121 42.48 34.65 -13.36
C GLY D 121 43.57 34.31 -14.36
N THR D 122 44.27 35.31 -14.88
CA THR D 122 45.34 35.07 -15.84
C THR D 122 46.47 34.25 -15.22
N LEU D 123 46.92 34.64 -14.03
CA LEU D 123 47.95 33.89 -13.33
C LEU D 123 47.48 32.49 -13.00
N LEU D 124 46.25 32.37 -12.51
CA LEU D 124 45.69 31.07 -12.13
C LEU D 124 45.69 30.11 -13.30
N MET D 125 45.11 30.52 -14.43
CA MET D 125 45.01 29.61 -15.57
C MET D 125 46.37 29.38 -16.24
N SER D 126 47.25 30.39 -16.27
CA SER D 126 48.56 30.20 -16.89
C SER D 126 49.40 29.20 -16.11
N THR D 127 49.53 29.40 -14.79
CA THR D 127 50.36 28.47 -14.05
C THR D 127 49.64 27.15 -13.78
N LEU D 128 48.31 27.12 -13.92
CA LEU D 128 47.59 25.85 -13.94
C LEU D 128 47.87 25.07 -15.23
N PHE D 129 47.96 25.75 -16.37
CA PHE D 129 48.31 25.09 -17.61
C PHE D 129 49.74 24.57 -17.58
N SER D 130 50.64 25.34 -16.98
CA SER D 130 52.01 24.85 -16.80
C SER D 130 52.04 23.61 -15.92
N TYR D 131 51.27 23.61 -14.81
CA TYR D 131 51.11 22.39 -14.04
C TYR D 131 50.55 21.25 -14.88
N ALA D 132 49.59 21.56 -15.75
CA ALA D 132 49.00 20.52 -16.58
C ALA D 132 50.05 19.86 -17.45
N PHE D 133 50.99 20.65 -17.97
CA PHE D 133 52.09 20.11 -18.76
C PHE D 133 52.98 19.18 -17.92
N VAL D 134 53.47 19.67 -16.77
CA VAL D 134 54.40 18.81 -16.00
C VAL D 134 53.68 17.59 -15.44
N GLU D 135 52.43 17.73 -15.03
CA GLU D 135 51.71 16.61 -14.45
C GLU D 135 51.26 15.60 -15.50
N GLY D 136 50.97 16.05 -16.72
CA GLY D 136 50.76 15.10 -17.80
C GLY D 136 52.03 14.32 -18.13
N LYS D 137 53.18 15.01 -18.11
CA LYS D 137 54.45 14.31 -18.28
C LYS D 137 54.67 13.29 -17.17
N ARG D 138 54.38 13.68 -15.92
CA ARG D 138 54.55 12.78 -14.79
C ARG D 138 53.62 11.57 -14.88
N TRP D 139 52.36 11.79 -15.27
CA TRP D 139 51.43 10.69 -15.43
C TRP D 139 51.89 9.74 -16.53
N GLN D 140 52.38 10.30 -17.65
CA GLN D 140 52.85 9.47 -18.75
C GLN D 140 54.09 8.66 -18.37
N ASP D 141 55.02 9.26 -17.61
CA ASP D 141 56.18 8.47 -17.22
C ASP D 141 55.90 7.56 -16.03
N PHE D 142 54.77 7.74 -15.34
CA PHE D 142 54.39 6.77 -14.31
C PHE D 142 53.69 5.56 -14.92
N ARG D 143 52.71 5.79 -15.80
CA ARG D 143 51.98 4.68 -16.41
C ARG D 143 52.84 3.85 -17.35
N ASN D 144 53.97 4.40 -17.79
CA ASN D 144 54.97 3.66 -18.55
C ASN D 144 56.35 4.21 -18.19
N PRO D 145 57.16 3.46 -17.45
CA PRO D 145 58.46 3.98 -17.02
C PRO D 145 59.43 4.11 -18.18
N GLY D 146 60.14 5.24 -18.21
CA GLY D 146 61.08 5.51 -19.27
C GLY D 146 60.46 5.87 -20.60
N SER D 147 59.15 6.15 -20.63
CA SER D 147 58.46 6.42 -21.88
C SER D 147 58.68 7.84 -22.39
N GLN D 148 59.19 8.73 -21.55
CA GLN D 148 59.47 10.10 -22.00
C GLN D 148 60.77 10.20 -22.78
N ALA D 149 61.53 9.11 -22.88
CA ALA D 149 62.76 9.08 -23.66
C ALA D 149 62.53 8.66 -25.10
N GLU D 150 61.33 8.86 -25.63
CA GLU D 150 61.04 8.57 -27.02
C GLU D 150 61.81 9.54 -27.90
N PRO D 151 62.68 9.06 -28.80
CA PRO D 151 63.58 9.97 -29.52
C PRO D 151 62.84 10.90 -30.47
N GLY D 152 63.40 12.11 -30.62
CA GLY D 152 62.81 13.13 -31.47
C GLY D 152 61.47 13.64 -31.01
N THR D 153 61.32 13.88 -29.70
CA THR D 153 60.04 14.35 -29.16
C THR D 153 60.12 15.75 -28.56
N PHE D 154 61.06 16.00 -27.66
CA PHE D 154 61.15 17.29 -26.98
C PHE D 154 62.51 17.93 -27.32
N PHE D 155 62.56 18.56 -28.50
CA PHE D 155 63.68 19.42 -28.93
C PHE D 155 65.05 18.75 -28.81
N GLY D 156 65.09 17.42 -28.87
CA GLY D 156 66.32 16.69 -28.70
C GLY D 156 66.80 16.55 -27.28
N LEU D 157 66.09 17.13 -26.31
CA LEU D 157 66.46 17.03 -24.90
C LEU D 157 65.67 15.96 -24.17
N GLU D 158 64.93 15.13 -24.90
CA GLU D 158 64.07 14.11 -24.31
C GLU D 158 64.83 12.88 -23.85
N GLY D 159 66.10 12.72 -24.24
CA GLY D 159 66.88 11.57 -23.81
C GLY D 159 67.23 11.58 -22.34
N MET D 160 67.22 12.76 -21.72
CA MET D 160 67.46 12.91 -20.29
C MET D 160 66.17 12.91 -19.48
N PHE D 161 65.02 12.75 -20.12
CA PHE D 161 63.73 12.70 -19.45
C PHE D 161 63.38 11.31 -18.93
N LYS D 162 64.26 10.32 -19.13
CA LYS D 162 63.99 8.98 -18.64
C LYS D 162 64.14 8.94 -17.12
N GLY D 163 63.11 8.43 -16.45
CA GLY D 163 63.15 8.35 -15.00
C GLY D 163 64.01 7.19 -14.50
N THR D 164 64.64 7.41 -13.35
CA THR D 164 65.46 6.37 -12.74
C THR D 164 64.58 5.39 -11.94
N ASP D 165 63.89 5.89 -10.93
CA ASP D 165 63.01 5.07 -10.11
C ASP D 165 61.63 5.70 -10.03
N ASN D 166 60.77 5.16 -9.17
CA ASN D 166 59.43 5.70 -8.98
C ASN D 166 59.52 7.01 -8.21
N GLY D 167 59.17 8.11 -8.86
CA GLY D 167 59.22 9.42 -8.24
C GLY D 167 60.57 10.10 -8.24
N TYR D 168 61.58 9.49 -8.85
CA TYR D 168 62.93 10.08 -8.93
C TYR D 168 63.35 10.09 -10.40
N PRO D 169 62.96 11.14 -11.15
CA PRO D 169 63.28 11.19 -12.58
C PRO D 169 64.77 11.36 -12.88
N GLY D 170 65.44 12.28 -12.20
CA GLY D 170 66.83 12.55 -12.48
C GLY D 170 67.01 13.42 -13.71
N GLY D 171 68.26 13.46 -14.19
CA GLY D 171 68.57 14.29 -15.34
C GLY D 171 68.73 15.74 -14.93
N ILE D 172 68.07 16.65 -15.65
CA ILE D 172 68.06 18.06 -15.26
C ILE D 172 67.29 18.32 -13.97
N PHE D 173 66.51 17.34 -13.51
CA PHE D 173 65.95 17.42 -12.17
C PHE D 173 67.01 17.28 -11.09
N ASP D 174 68.14 16.63 -11.43
CA ASP D 174 69.30 16.57 -10.55
C ASP D 174 70.55 16.94 -11.35
N PRO D 175 70.71 18.23 -11.67
CA PRO D 175 71.87 18.63 -12.49
C PRO D 175 73.18 18.63 -11.73
N LEU D 176 73.16 18.73 -10.40
CA LEU D 176 74.39 18.75 -9.63
C LEU D 176 74.95 17.36 -9.38
N GLY D 177 74.20 16.31 -9.72
CA GLY D 177 74.68 14.96 -9.58
C GLY D 177 74.88 14.51 -8.14
N TYR D 178 74.06 14.99 -7.22
CA TYR D 178 74.18 14.55 -5.83
C TYR D 178 73.64 13.15 -5.62
N SER D 179 72.75 12.68 -6.49
CA SER D 179 72.23 11.32 -6.39
C SER D 179 73.17 10.29 -6.99
N LYS D 180 74.22 10.72 -7.72
CA LYS D 180 75.19 9.80 -8.30
C LYS D 180 76.24 9.46 -7.25
N THR D 181 75.85 8.62 -6.30
CA THR D 181 76.71 8.22 -5.19
C THR D 181 76.45 6.75 -4.90
N SER D 182 76.92 6.31 -3.73
CA SER D 182 76.69 4.94 -3.29
C SER D 182 75.20 4.71 -3.03
N PRO D 183 74.71 3.48 -3.20
CA PRO D 183 73.29 3.22 -2.93
C PRO D 183 72.87 3.48 -1.50
N GLU D 184 73.75 3.23 -0.53
CA GLU D 184 73.42 3.52 0.87
C GLU D 184 73.25 5.02 1.09
N LYS D 185 74.11 5.83 0.47
CA LYS D 185 73.97 7.28 0.55
C LYS D 185 72.68 7.75 -0.13
N LEU D 186 72.31 7.10 -1.24
CA LEU D 186 71.06 7.43 -1.92
C LEU D 186 69.85 7.12 -1.06
N ASP D 187 69.86 5.95 -0.40
CA ASP D 187 68.75 5.62 0.51
C ASP D 187 68.70 6.55 1.71
N GLU D 188 69.87 6.95 2.22
CA GLU D 188 69.89 7.92 3.32
C GLU D 188 69.34 9.27 2.89
N LEU D 189 69.69 9.72 1.68
CA LEU D 189 69.16 10.97 1.16
C LEU D 189 67.65 10.89 0.93
N LYS D 190 67.17 9.75 0.42
CA LYS D 190 65.73 9.57 0.24
C LYS D 190 64.99 9.57 1.58
N LEU D 191 65.57 8.91 2.59
CA LEU D 191 64.98 8.91 3.92
C LEU D 191 64.93 10.31 4.52
N LYS D 192 66.01 11.08 4.35
CA LYS D 192 66.02 12.47 4.82
C LYS D 192 64.98 13.30 4.09
N GLU D 193 64.87 13.12 2.77
CA GLU D 193 63.90 13.87 1.98
C GLU D 193 62.47 13.57 2.43
N ILE D 194 62.14 12.28 2.61
CA ILE D 194 60.78 11.93 2.98
C ILE D 194 60.48 12.31 4.43
N LYS D 195 61.49 12.29 5.32
CA LYS D 195 61.27 12.68 6.70
C LYS D 195 60.99 14.18 6.81
N ASN D 196 61.84 15.00 6.19
CA ASN D 196 61.58 16.44 6.16
C ASN D 196 60.30 16.74 5.39
N GLY D 197 59.95 15.91 4.41
CA GLY D 197 58.69 16.10 3.70
C GLY D 197 57.47 15.89 4.58
N ARG D 198 57.46 14.79 5.34
CA ARG D 198 56.34 14.52 6.24
C ARG D 198 56.25 15.57 7.34
N LEU D 199 57.41 15.99 7.87
CA LEU D 199 57.44 17.10 8.82
C LEU D 199 56.86 18.36 8.21
N ALA D 200 57.12 18.59 6.91
CA ALA D 200 56.56 19.75 6.25
C ALA D 200 55.06 19.62 6.03
N MET D 201 54.55 18.40 5.79
CA MET D 201 53.10 18.22 5.68
C MET D 201 52.41 18.58 6.99
N VAL D 202 52.92 18.05 8.11
CA VAL D 202 52.25 18.37 9.37
C VAL D 202 52.47 19.83 9.73
N ALA D 203 53.60 20.42 9.31
CA ALA D 203 53.84 21.84 9.54
C ALA D 203 52.85 22.72 8.79
N PHE D 204 52.57 22.39 7.52
CA PHE D 204 51.62 23.21 6.75
C PHE D 204 50.19 23.01 7.25
N LEU D 205 49.85 21.77 7.64
CA LEU D 205 48.55 21.53 8.25
C LEU D 205 48.40 22.33 9.54
N GLY D 206 49.47 22.38 10.34
CA GLY D 206 49.44 23.22 11.53
C GLY D 206 49.33 24.69 11.22
N PHE D 207 50.01 25.15 10.17
CA PHE D 207 49.91 26.54 9.74
C PHE D 207 48.47 26.91 9.45
N ALA D 208 47.81 26.10 8.62
CA ALA D 208 46.41 26.37 8.26
C ALA D 208 45.51 26.29 9.49
N GLY D 209 45.69 25.26 10.32
CA GLY D 209 44.82 25.06 11.46
C GLY D 209 44.93 26.17 12.50
N GLN D 210 46.15 26.54 12.85
CA GLN D 210 46.29 27.57 13.89
C GLN D 210 46.19 28.98 13.33
N TYR D 211 46.24 29.18 12.01
CA TYR D 211 45.78 30.46 11.48
C TYR D 211 44.26 30.55 11.53
N SER D 212 43.56 29.45 11.22
CA SER D 212 42.12 29.45 11.34
C SER D 212 41.66 29.60 12.78
N ALA D 213 42.45 29.08 13.73
CA ALA D 213 42.10 29.20 15.14
C ALA D 213 42.51 30.56 15.72
N THR D 214 43.82 30.85 15.74
CA THR D 214 44.31 32.05 16.40
C THR D 214 44.06 33.30 15.56
N GLY D 215 44.29 33.23 14.26
CA GLY D 215 44.19 34.39 13.40
C GLY D 215 45.47 35.16 13.20
N LYS D 216 46.61 34.61 13.60
CA LYS D 216 47.91 35.27 13.47
C LYS D 216 48.87 34.39 12.68
N GLY D 217 50.05 34.92 12.42
CA GLY D 217 51.06 34.20 11.67
C GLY D 217 51.70 33.10 12.47
N PRO D 218 52.39 32.17 11.79
CA PRO D 218 53.05 31.07 12.51
C PRO D 218 54.20 31.53 13.38
N ILE D 219 54.95 32.54 12.94
CA ILE D 219 56.03 33.07 13.77
C ILE D 219 55.46 33.78 14.99
N ASP D 220 54.33 34.47 14.82
CA ASP D 220 53.66 35.09 15.97
C ASP D 220 53.15 34.03 16.95
N ASN D 221 52.64 32.92 16.43
CA ASN D 221 52.20 31.83 17.31
C ASN D 221 53.39 31.21 18.05
N LEU D 222 54.52 31.05 17.37
CA LEU D 222 55.71 30.53 18.03
C LEU D 222 56.21 31.49 19.12
N ALA D 223 56.17 32.79 18.84
CA ALA D 223 56.56 33.78 19.84
C ALA D 223 55.61 33.77 21.03
N ASP D 224 54.31 33.60 20.78
CA ASP D 224 53.34 33.53 21.87
C ASP D 224 53.54 32.27 22.72
N HIS D 225 53.84 31.14 22.07
CA HIS D 225 54.11 29.92 22.83
C HIS D 225 55.43 30.02 23.60
N LEU D 226 56.41 30.74 23.07
CA LEU D 226 57.68 30.89 23.78
C LEU D 226 57.56 31.84 24.96
N ALA D 227 56.81 32.94 24.80
CA ALA D 227 56.68 33.92 25.87
C ALA D 227 55.78 33.39 26.99
N ASP D 228 54.65 32.80 26.63
CA ASP D 228 53.70 32.26 27.61
C ASP D 228 53.22 30.90 27.11
N PRO D 229 53.88 29.82 27.54
CA PRO D 229 53.50 28.50 27.02
C PRO D 229 52.16 28.00 27.55
N TRP D 230 51.86 28.24 28.83
CA TRP D 230 50.61 27.75 29.38
C TRP D 230 49.41 28.56 28.89
N HIS D 231 49.55 29.88 28.83
CA HIS D 231 48.43 30.72 28.44
C HIS D 231 48.15 30.68 26.94
N ASN D 232 49.16 30.41 26.13
CA ASN D 232 49.02 30.38 24.67
C ASN D 232 49.23 28.95 24.19
N THR D 233 48.13 28.30 23.82
CA THR D 233 48.15 26.93 23.30
C THR D 233 46.90 26.72 22.47
N PHE D 234 46.71 25.48 22.00
CA PHE D 234 45.49 25.16 21.26
C PHE D 234 44.30 25.00 22.19
N ALA D 235 44.52 24.57 23.43
CA ALA D 235 43.42 24.30 24.34
C ALA D 235 42.88 25.55 25.02
N GLU D 236 43.62 26.66 24.98
CA GLU D 236 43.15 27.88 25.62
C GLU D 236 42.05 28.59 24.85
N ASN D 237 41.89 28.27 23.56
CA ASN D 237 40.87 28.88 22.73
C ASN D 237 39.78 27.87 22.43
N GLY D 238 38.53 28.35 22.40
CA GLY D 238 37.40 27.48 22.14
C GLY D 238 37.22 27.08 20.70
N VAL D 239 38.00 27.66 19.79
CA VAL D 239 37.91 27.30 18.38
C VAL D 239 38.45 25.89 18.16
N SER D 240 39.61 25.59 18.75
CA SER D 240 40.24 24.29 18.55
C SER D 240 39.46 23.18 19.23
N VAL D 241 39.12 23.37 20.50
CA VAL D 241 38.33 22.42 21.27
C VAL D 241 37.10 23.14 21.79
N PRO D 242 35.94 22.91 21.19
CA PRO D 242 34.71 23.58 21.67
C PRO D 242 34.31 23.09 23.05
N GLY D 243 33.80 24.02 23.86
CA GLY D 243 33.33 23.70 25.18
C GLY D 243 34.38 23.78 26.28
N LEU D 244 35.65 23.92 25.91
CA LEU D 244 36.70 24.03 26.92
C LEU D 244 36.64 25.36 27.65
N SER D 245 36.27 26.43 26.96
CA SER D 245 36.14 27.73 27.60
C SER D 245 35.02 27.74 28.62
N ALA D 246 33.93 27.01 28.35
CA ALA D 246 32.83 26.90 29.31
C ALA D 246 33.29 26.16 30.56
N VAL D 247 34.09 25.10 30.40
CA VAL D 247 34.62 24.37 31.55
C VAL D 247 35.57 25.26 32.35
N GLU D 248 36.39 26.05 31.65
CA GLU D 248 37.29 26.97 32.34
C GLU D 248 36.52 28.04 33.12
N GLN D 249 35.45 28.56 32.54
CA GLN D 249 34.63 29.56 33.23
C GLN D 249 33.90 28.94 34.42
N ALA D 250 33.44 27.70 34.28
CA ALA D 250 32.79 27.03 35.41
C ALA D 250 33.76 26.76 36.54
N ALA D 251 35.01 26.38 36.20
CA ALA D 251 36.01 26.15 37.23
C ALA D 251 36.43 27.45 37.91
N ALA D 252 36.55 28.54 37.12
CA ALA D 252 36.94 29.82 37.67
C ALA D 252 35.82 30.50 38.44
N SER D 253 34.58 30.05 38.28
CA SER D 253 33.45 30.66 38.97
C SER D 253 33.44 30.30 40.45
N ASN E 35 -2.76 -0.02 -79.69
CA ASN E 35 -4.07 -0.65 -79.73
C ASN E 35 -5.07 0.08 -78.85
N ARG E 36 -4.58 0.62 -77.74
CA ARG E 36 -5.41 1.35 -76.79
C ARG E 36 -4.88 2.76 -76.58
N PRO E 37 -5.76 3.73 -76.30
CA PRO E 37 -5.27 5.10 -76.07
C PRO E 37 -4.34 5.25 -74.88
N LEU E 38 -4.58 4.49 -73.82
CA LEU E 38 -3.79 4.49 -72.57
C LEU E 38 -3.78 5.91 -71.99
N TRP E 39 -2.71 6.28 -71.27
CA TRP E 39 -2.60 7.65 -70.77
C TRP E 39 -2.37 8.61 -71.93
N LEU E 40 -1.44 8.27 -72.80
CA LEU E 40 -0.93 9.08 -73.90
C LEU E 40 -0.44 8.10 -74.96
N PRO E 41 0.07 8.54 -76.12
CA PRO E 41 0.65 7.58 -77.08
C PRO E 41 1.79 6.71 -76.54
N ASP E 42 2.37 7.03 -75.38
CA ASP E 42 3.32 6.13 -74.75
C ASP E 42 2.58 4.86 -74.29
N VAL E 43 3.29 3.74 -74.32
CA VAL E 43 2.70 2.44 -74.06
C VAL E 43 2.76 2.14 -72.56
N ILE E 44 1.59 2.00 -71.94
CA ILE E 44 1.47 1.56 -70.56
C ILE E 44 0.47 0.41 -70.50
N PRO E 45 0.86 -0.81 -70.86
CA PRO E 45 -0.10 -1.91 -70.92
C PRO E 45 -0.25 -2.60 -69.57
N PRO E 46 -1.47 -2.67 -69.03
CA PRO E 46 -1.70 -3.42 -67.80
C PRO E 46 -2.13 -4.84 -68.11
N PRO E 47 -1.78 -5.80 -67.24
CA PRO E 47 -2.18 -7.20 -67.48
C PRO E 47 -3.59 -7.50 -67.00
N HIS E 48 -4.07 -6.74 -66.01
CA HIS E 48 -5.40 -7.01 -65.45
C HIS E 48 -6.50 -6.58 -66.41
N LEU E 49 -6.29 -5.49 -67.14
CA LEU E 49 -7.26 -4.98 -68.10
C LEU E 49 -6.74 -5.28 -69.50
N ASN E 50 -7.23 -6.37 -70.08
CA ASN E 50 -6.79 -6.78 -71.41
C ASN E 50 -7.31 -5.84 -72.49
N GLY E 51 -8.56 -5.39 -72.36
CA GLY E 51 -9.13 -4.49 -73.34
C GLY E 51 -10.50 -4.93 -73.84
N THR E 52 -11.03 -6.01 -73.25
CA THR E 52 -12.33 -6.50 -73.65
C THR E 52 -13.47 -5.62 -73.13
N LEU E 53 -13.22 -4.81 -72.11
CA LEU E 53 -14.23 -3.93 -71.58
C LEU E 53 -14.51 -2.80 -72.57
N PRO E 54 -15.74 -2.26 -72.59
CA PRO E 54 -16.03 -1.12 -73.47
C PRO E 54 -15.28 0.13 -73.02
N GLY E 55 -14.52 0.71 -73.92
CA GLY E 55 -13.70 1.86 -73.60
C GLY E 55 -12.58 1.55 -72.63
N ASP E 56 -11.92 0.40 -72.78
CA ASP E 56 -10.88 -0.03 -71.86
C ASP E 56 -9.53 0.47 -72.37
N SER E 57 -9.07 1.58 -71.80
CA SER E 57 -7.73 2.08 -72.05
C SER E 57 -6.75 1.67 -70.96
N GLY E 58 -7.19 0.81 -70.03
CA GLY E 58 -6.31 0.33 -68.98
C GLY E 58 -5.95 1.36 -67.93
N PHE E 59 -6.82 2.35 -67.71
CA PHE E 59 -6.51 3.43 -66.77
C PHE E 59 -6.72 2.94 -65.34
N ASP E 60 -5.71 2.24 -64.84
CA ASP E 60 -5.65 1.82 -63.44
C ASP E 60 -4.27 2.14 -62.88
N PRO E 61 -3.98 3.42 -62.58
CA PRO E 61 -2.67 3.73 -62.00
C PRO E 61 -2.52 3.25 -60.58
N LEU E 62 -3.55 3.35 -59.76
CA LEU E 62 -3.50 2.90 -58.38
C LEU E 62 -3.90 1.44 -58.21
N GLY E 63 -4.23 0.76 -59.30
CA GLY E 63 -4.64 -0.62 -59.23
C GLY E 63 -5.95 -0.83 -58.48
N LEU E 64 -6.96 -0.02 -58.79
CA LEU E 64 -8.24 -0.12 -58.11
C LEU E 64 -8.95 -1.41 -58.45
N GLY E 65 -9.03 -1.77 -59.73
CA GLY E 65 -9.75 -2.96 -60.11
C GLY E 65 -8.91 -4.21 -60.27
N LEU E 66 -8.84 -5.02 -59.21
CA LEU E 66 -8.17 -6.31 -59.24
C LEU E 66 -8.96 -7.43 -58.58
N ASN E 67 -10.15 -7.16 -58.03
CA ASN E 67 -10.86 -8.17 -57.25
C ASN E 67 -11.48 -9.24 -58.14
N GLU E 68 -11.77 -8.92 -59.39
CA GLU E 68 -12.43 -9.75 -60.41
C GLU E 68 -13.87 -10.12 -60.04
N GLU E 69 -14.40 -9.62 -58.94
CA GLU E 69 -15.82 -9.74 -58.61
C GLU E 69 -16.50 -8.40 -58.41
N ARG E 70 -15.85 -7.47 -57.70
CA ARG E 70 -16.36 -6.12 -57.57
C ARG E 70 -15.90 -5.21 -58.70
N LEU E 71 -15.04 -5.69 -59.60
CA LEU E 71 -14.67 -4.88 -60.76
C LEU E 71 -15.83 -4.79 -61.75
N LYS E 72 -16.63 -5.84 -61.86
CA LYS E 72 -17.86 -5.75 -62.64
C LYS E 72 -18.83 -4.78 -62.00
N TRP E 73 -18.88 -4.76 -60.66
CA TRP E 73 -19.67 -3.77 -59.94
C TRP E 73 -19.17 -2.36 -60.22
N TYR E 74 -17.85 -2.18 -60.33
CA TYR E 74 -17.28 -0.88 -60.67
C TYR E 74 -17.59 -0.49 -62.11
N VAL E 75 -17.64 -1.47 -63.02
CA VAL E 75 -18.04 -1.21 -64.39
C VAL E 75 -19.49 -0.71 -64.44
N GLU E 76 -20.37 -1.39 -63.71
CA GLU E 76 -21.77 -0.97 -63.64
C GLU E 76 -21.90 0.40 -62.98
N ALA E 77 -21.07 0.66 -61.95
CA ALA E 77 -21.07 1.95 -61.29
C ALA E 77 -20.62 3.06 -62.24
N GLU E 78 -19.59 2.80 -63.05
CA GLU E 78 -19.13 3.78 -64.01
C GLU E 78 -20.19 4.06 -65.06
N LYS E 79 -20.88 3.01 -65.54
CA LYS E 79 -21.93 3.21 -66.53
C LYS E 79 -23.10 4.01 -65.96
N THR E 80 -23.52 3.69 -64.73
CA THR E 80 -24.66 4.39 -64.13
C THR E 80 -24.31 5.83 -63.77
N ASN E 81 -23.09 6.05 -63.27
CA ASN E 81 -22.65 7.41 -63.00
C ASN E 81 -22.52 8.21 -64.29
N GLY E 82 -22.11 7.56 -65.38
CA GLY E 82 -22.06 8.24 -66.66
C GLY E 82 -23.43 8.61 -67.18
N ARG E 83 -24.41 7.72 -67.00
CA ARG E 83 -25.78 8.05 -67.40
C ARG E 83 -26.36 9.18 -66.57
N TRP E 84 -26.11 9.17 -65.26
CA TRP E 84 -26.58 10.25 -64.40
C TRP E 84 -25.90 11.57 -64.75
N ALA E 85 -24.61 11.52 -65.07
CA ALA E 85 -23.88 12.72 -65.50
C ALA E 85 -24.41 13.21 -66.84
N MET E 86 -24.77 12.30 -67.75
CA MET E 86 -25.42 12.68 -69.00
C MET E 86 -26.69 13.48 -68.74
N MET E 87 -27.57 12.93 -67.90
CA MET E 87 -28.82 13.63 -67.59
C MET E 87 -28.56 14.96 -66.89
N ALA E 88 -27.56 15.01 -66.02
CA ALA E 88 -27.25 16.24 -65.31
C ALA E 88 -26.78 17.33 -66.25
N VAL E 89 -25.81 17.02 -67.11
CA VAL E 89 -25.26 18.04 -67.99
C VAL E 89 -26.28 18.46 -69.04
N THR E 90 -27.10 17.52 -69.53
CA THR E 90 -28.10 17.92 -70.52
C THR E 90 -29.23 18.72 -69.87
N GLY E 91 -29.54 18.44 -68.60
CA GLY E 91 -30.50 19.27 -67.89
C GLY E 91 -30.01 20.68 -67.66
N ILE E 92 -28.72 20.80 -67.28
CA ILE E 92 -28.15 22.13 -67.06
C ILE E 92 -28.11 22.92 -68.36
N LEU E 93 -27.67 22.27 -69.45
CA LEU E 93 -27.60 22.95 -70.75
C LEU E 93 -28.98 23.34 -71.25
N GLY E 94 -29.98 22.46 -71.10
CA GLY E 94 -31.32 22.79 -71.54
C GLY E 94 -31.95 23.89 -70.71
N GLN E 95 -31.75 23.86 -69.38
CA GLN E 95 -32.31 24.89 -68.53
C GLN E 95 -31.66 26.24 -68.76
N GLU E 96 -30.37 26.28 -69.08
CA GLU E 96 -29.75 27.55 -69.42
C GLU E 96 -30.11 28.02 -70.82
N LEU E 97 -30.36 27.09 -71.74
CA LEU E 97 -30.71 27.48 -73.11
C LEU E 97 -32.13 28.00 -73.19
N LEU E 98 -33.06 27.37 -72.46
CA LEU E 98 -34.45 27.82 -72.47
C LEU E 98 -34.67 29.04 -71.58
N GLY E 99 -33.68 29.44 -70.79
CA GLY E 99 -33.77 30.68 -70.03
C GLY E 99 -34.63 30.60 -68.79
N VAL E 100 -34.30 29.68 -67.88
CA VAL E 100 -34.96 29.63 -66.58
C VAL E 100 -34.49 30.83 -65.77
N PRO E 101 -35.31 31.37 -64.85
CA PRO E 101 -34.85 32.55 -64.10
C PRO E 101 -33.76 32.25 -63.11
N ALA E 102 -33.88 31.16 -62.34
CA ALA E 102 -32.88 30.81 -61.35
C ALA E 102 -31.64 30.20 -61.99
N LYS E 103 -30.50 30.43 -61.36
CA LYS E 103 -29.26 29.80 -61.79
C LYS E 103 -29.32 28.30 -61.50
N TRP E 104 -28.43 27.55 -62.16
CA TRP E 104 -28.55 26.09 -62.21
C TRP E 104 -28.38 25.45 -60.83
N TYR E 105 -27.50 26.00 -59.99
CA TYR E 105 -27.33 25.48 -58.65
C TYR E 105 -28.08 26.30 -57.60
N GLU E 106 -28.83 27.31 -58.03
CA GLU E 106 -29.62 28.14 -57.14
C GLU E 106 -31.11 27.79 -57.17
N ALA E 107 -31.49 26.77 -57.94
CA ALA E 107 -32.89 26.40 -58.08
C ALA E 107 -33.41 25.55 -56.93
N GLY E 108 -32.53 25.12 -56.01
CA GLY E 108 -33.00 24.36 -54.87
C GLY E 108 -33.84 25.18 -53.91
N ALA E 109 -33.48 26.46 -53.73
CA ALA E 109 -34.20 27.36 -52.85
C ALA E 109 -35.27 28.17 -53.57
N ALA E 110 -35.52 27.88 -54.85
CA ALA E 110 -36.49 28.61 -55.62
C ALA E 110 -37.91 28.23 -55.21
N GLU E 111 -38.88 29.03 -55.65
CA GLU E 111 -40.27 28.82 -55.32
C GLU E 111 -40.96 28.00 -56.41
N TYR E 112 -41.71 26.99 -56.01
CA TYR E 112 -42.41 26.10 -56.92
C TYR E 112 -43.84 25.91 -56.45
N ASP E 113 -44.68 25.38 -57.34
CA ASP E 113 -46.05 25.03 -56.96
C ASP E 113 -46.06 23.93 -55.92
N LEU E 114 -45.19 22.93 -56.07
CA LEU E 114 -45.01 21.90 -55.07
C LEU E 114 -43.84 22.27 -54.17
N PRO E 115 -44.03 22.35 -52.87
CA PRO E 115 -42.92 22.74 -51.98
C PRO E 115 -41.88 21.63 -51.87
N VAL E 116 -40.75 21.99 -51.28
CA VAL E 116 -39.66 21.04 -51.10
C VAL E 116 -40.06 19.91 -50.16
N GLN E 117 -40.83 20.22 -49.12
CA GLN E 117 -41.31 19.20 -48.19
C GLN E 117 -42.27 18.22 -48.84
N ALA E 118 -42.97 18.63 -49.91
CA ALA E 118 -43.85 17.73 -50.63
C ALA E 118 -43.15 17.01 -51.78
N GLN E 119 -41.85 17.21 -51.96
CA GLN E 119 -41.09 16.62 -53.04
C GLN E 119 -40.17 15.49 -52.60
N VAL E 120 -39.54 15.63 -51.44
CA VAL E 120 -38.64 14.58 -50.94
C VAL E 120 -39.33 13.22 -50.74
N PRO E 121 -40.58 13.12 -50.22
CA PRO E 121 -41.20 11.78 -50.10
C PRO E 121 -41.27 10.98 -51.39
N ILE E 122 -41.87 11.51 -52.45
CA ILE E 122 -41.99 10.77 -53.69
C ILE E 122 -40.62 10.58 -54.34
N LEU E 123 -39.72 11.57 -54.18
CA LEU E 123 -38.36 11.46 -54.71
C LEU E 123 -37.63 10.28 -54.09
N PHE E 124 -37.81 10.06 -52.79
CA PHE E 124 -37.22 8.88 -52.19
C PHE E 124 -37.96 7.62 -52.62
N LEU E 125 -39.29 7.66 -52.63
CA LEU E 125 -40.08 6.43 -52.76
C LEU E 125 -39.98 5.82 -54.15
N VAL E 126 -40.41 6.56 -55.18
CA VAL E 126 -40.49 5.94 -56.51
C VAL E 126 -39.10 5.69 -57.08
N MET E 127 -38.14 6.57 -56.79
CA MET E 127 -36.78 6.39 -57.27
C MET E 127 -36.07 5.29 -56.48
N GLY E 128 -36.45 5.06 -55.21
CA GLY E 128 -35.94 3.89 -54.51
C GLY E 128 -36.50 2.59 -55.07
N PHE E 129 -37.77 2.59 -55.46
CA PHE E 129 -38.35 1.43 -56.14
C PHE E 129 -37.60 1.14 -57.44
N LEU E 130 -37.33 2.18 -58.23
CA LEU E 130 -36.60 2.02 -59.47
C LEU E 130 -35.17 1.51 -59.23
N GLU E 131 -34.49 2.08 -58.22
CA GLU E 131 -33.12 1.66 -57.92
C GLU E 131 -33.06 0.23 -57.41
N THR E 132 -34.05 -0.17 -56.59
CA THR E 132 -34.10 -1.55 -56.10
C THR E 132 -34.33 -2.52 -57.24
N LYS E 133 -35.24 -2.19 -58.16
CA LYS E 133 -35.45 -3.07 -59.32
C LYS E 133 -34.21 -3.13 -60.21
N ARG E 134 -33.53 -1.99 -60.39
CA ARG E 134 -32.31 -1.98 -61.19
C ARG E 134 -31.20 -2.81 -60.55
N PHE E 135 -31.05 -2.73 -59.23
CA PHE E 135 -30.04 -3.53 -58.54
C PHE E 135 -30.37 -5.02 -58.60
N GLN E 136 -31.67 -5.37 -58.47
CA GLN E 136 -32.06 -6.76 -58.60
C GLN E 136 -31.81 -7.29 -60.01
N GLY E 137 -32.08 -6.47 -61.02
CA GLY E 137 -31.77 -6.87 -62.39
C GLY E 137 -30.28 -7.01 -62.64
N PHE E 138 -29.48 -6.15 -62.02
CA PHE E 138 -28.03 -6.25 -62.16
C PHE E 138 -27.50 -7.51 -61.48
N ARG E 139 -28.06 -7.86 -60.33
CA ARG E 139 -27.65 -9.10 -59.66
C ARG E 139 -28.11 -10.32 -60.44
N GLU E 140 -29.28 -10.25 -61.06
CA GLU E 140 -29.79 -11.41 -61.80
C GLU E 140 -29.04 -11.64 -63.10
N THR E 141 -28.77 -10.57 -63.86
CA THR E 141 -28.17 -10.70 -65.18
C THR E 141 -26.76 -10.13 -65.25
N GLY E 142 -26.59 -8.86 -64.89
CA GLY E 142 -25.28 -8.22 -64.98
C GLY E 142 -25.28 -6.90 -65.71
N THR E 143 -26.45 -6.46 -66.15
CA THR E 143 -26.61 -5.19 -66.84
C THR E 143 -27.60 -4.31 -66.07
N SER E 144 -27.81 -3.10 -66.57
CA SER E 144 -28.73 -2.16 -65.95
C SER E 144 -30.17 -2.49 -66.36
N GLY E 145 -31.09 -1.59 -66.06
CA GLY E 145 -32.49 -1.80 -66.40
C GLY E 145 -33.44 -0.89 -65.66
N PHE E 146 -34.51 -0.45 -66.32
CA PHE E 146 -35.44 0.48 -65.69
C PHE E 146 -36.44 -0.25 -64.80
N ILE E 147 -37.27 -1.10 -65.40
CA ILE E 147 -38.34 -1.81 -64.68
C ILE E 147 -38.35 -3.25 -65.16
N ASN E 148 -38.11 -4.19 -64.24
CA ASN E 148 -38.23 -5.64 -64.46
C ASN E 148 -37.29 -6.17 -65.54
N SER E 149 -37.52 -5.77 -66.78
CA SER E 149 -36.79 -6.33 -67.91
C SER E 149 -35.33 -5.90 -67.89
N PHE E 150 -34.41 -6.87 -68.04
CA PHE E 150 -32.99 -6.55 -68.07
C PHE E 150 -32.57 -5.71 -69.28
N PRO E 151 -32.97 -6.01 -70.57
CA PRO E 151 -32.29 -5.30 -71.67
C PRO E 151 -32.72 -3.85 -71.83
N PHE E 152 -34.02 -3.58 -71.65
CA PHE E 152 -34.62 -2.25 -71.87
C PHE E 152 -34.24 -1.69 -73.24
N ASP E 153 -34.53 -2.48 -74.27
CA ASP E 153 -34.19 -2.14 -75.65
C ASP E 153 -35.43 -2.23 -76.52
N PRO E 154 -36.30 -1.22 -76.47
CA PRO E 154 -37.44 -1.19 -77.42
C PRO E 154 -37.00 -1.08 -78.87
N VAL E 155 -35.86 -0.43 -79.13
CA VAL E 155 -35.37 -0.25 -80.50
C VAL E 155 -34.10 -1.04 -80.78
N GLY E 156 -33.46 -1.61 -79.76
CA GLY E 156 -32.25 -2.38 -79.98
C GLY E 156 -31.00 -1.52 -80.02
N LEU E 157 -30.31 -1.55 -81.16
CA LEU E 157 -29.07 -0.79 -81.40
C LEU E 157 -28.00 -1.11 -80.35
N ASN E 158 -27.89 -2.38 -79.99
CA ASN E 158 -26.95 -2.82 -78.95
C ASN E 158 -25.61 -3.19 -79.58
N SER E 159 -24.99 -2.20 -80.23
CA SER E 159 -23.68 -2.40 -80.82
C SER E 159 -22.58 -2.25 -79.75
N PRO E 160 -21.49 -3.00 -79.87
CA PRO E 160 -20.33 -2.74 -79.01
C PRO E 160 -19.74 -1.35 -79.18
N LYS E 161 -19.77 -0.82 -80.41
CA LYS E 161 -19.35 0.56 -80.63
C LYS E 161 -20.26 1.53 -79.90
N HIS E 162 -21.56 1.21 -79.84
CA HIS E 162 -22.48 2.02 -79.05
C HIS E 162 -22.12 2.00 -77.57
N ALA E 163 -21.70 0.83 -77.06
CA ALA E 163 -21.29 0.74 -75.66
C ALA E 163 -20.02 1.56 -75.39
N VAL E 164 -19.04 1.48 -76.30
CA VAL E 164 -17.82 2.26 -76.15
C VAL E 164 -18.12 3.75 -76.19
N ASN E 165 -19.00 4.16 -77.12
CA ASN E 165 -19.39 5.56 -77.21
C ASN E 165 -20.14 6.01 -75.97
N GLU E 166 -20.97 5.12 -75.40
CA GLU E 166 -21.67 5.44 -74.16
C GLU E 166 -20.70 5.66 -73.01
N VAL E 167 -19.71 4.78 -72.89
CA VAL E 167 -18.74 4.91 -71.79
C VAL E 167 -17.91 6.18 -71.94
N LYS E 168 -17.45 6.48 -73.16
CA LYS E 168 -16.62 7.67 -73.36
C LYS E 168 -17.44 8.96 -73.20
N ASN E 169 -18.66 8.98 -73.74
CA ASN E 169 -19.54 10.13 -73.55
C ASN E 169 -19.92 10.29 -72.08
N GLY E 170 -19.98 9.20 -71.31
CA GLY E 170 -20.25 9.31 -69.89
C GLY E 170 -19.08 9.86 -69.11
N ARG E 171 -17.86 9.45 -69.46
CA ARG E 171 -16.68 10.06 -68.85
C ARG E 171 -16.60 11.54 -69.17
N LEU E 172 -16.93 11.91 -70.42
CA LEU E 172 -16.96 13.32 -70.80
C LEU E 172 -18.04 14.07 -70.04
N ALA E 173 -19.20 13.46 -69.81
CA ALA E 173 -20.25 14.09 -69.03
C ALA E 173 -19.86 14.24 -67.56
N MET E 174 -19.10 13.28 -67.02
CA MET E 174 -18.57 13.40 -65.67
C MET E 174 -17.63 14.59 -65.56
N VAL E 175 -16.71 14.70 -66.51
CA VAL E 175 -15.78 15.82 -66.56
C VAL E 175 -16.53 17.14 -66.73
N ALA E 176 -17.59 17.13 -67.54
CA ALA E 176 -18.39 18.32 -67.77
C ALA E 176 -19.14 18.75 -66.50
N PHE E 177 -19.67 17.80 -65.75
CA PHE E 177 -20.36 18.16 -64.51
C PHE E 177 -19.39 18.68 -63.46
N ILE E 178 -18.20 18.10 -63.40
CA ILE E 178 -17.17 18.65 -62.51
C ILE E 178 -16.81 20.07 -62.93
N GLY E 179 -16.69 20.29 -64.24
CA GLY E 179 -16.43 21.65 -64.73
C GLY E 179 -17.54 22.62 -64.40
N PHE E 180 -18.81 22.18 -64.50
CA PHE E 180 -19.94 23.03 -64.17
C PHE E 180 -19.95 23.39 -62.69
N ALA E 181 -19.68 22.41 -61.83
CA ALA E 181 -19.58 22.69 -60.39
C ALA E 181 -18.43 23.64 -60.10
N MET E 182 -17.35 23.55 -60.87
CA MET E 182 -16.24 24.47 -60.67
C MET E 182 -16.56 25.87 -61.20
N GLN E 183 -17.37 25.98 -62.25
CA GLN E 183 -17.86 27.30 -62.67
C GLN E 183 -18.72 27.91 -61.58
N ALA E 184 -19.56 27.10 -60.95
CA ALA E 184 -20.39 27.59 -59.85
C ALA E 184 -19.55 27.99 -58.65
N LEU E 185 -18.46 27.26 -58.38
CA LEU E 185 -17.64 27.55 -57.22
C LEU E 185 -16.75 28.77 -57.44
N VAL E 186 -15.87 28.71 -58.43
CA VAL E 186 -14.86 29.74 -58.59
C VAL E 186 -15.45 31.00 -59.24
N SER E 187 -16.07 30.85 -60.41
CA SER E 187 -16.59 32.00 -61.14
C SER E 187 -17.97 32.42 -60.68
N ARG E 188 -18.73 31.51 -60.05
CA ARG E 188 -20.11 31.77 -59.60
C ARG E 188 -21.00 32.25 -60.74
N THR E 189 -20.84 31.64 -61.92
CA THR E 189 -21.59 32.01 -63.10
C THR E 189 -22.10 30.76 -63.80
N GLN E 190 -23.00 30.98 -64.75
CA GLN E 190 -23.60 29.88 -65.49
C GLN E 190 -22.57 29.26 -66.45
N PRO E 191 -22.75 27.97 -66.80
CA PRO E 191 -21.81 27.29 -67.71
C PRO E 191 -21.64 27.95 -69.08
N ILE E 192 -22.73 28.11 -69.82
CA ILE E 192 -22.65 28.74 -71.14
C ILE E 192 -22.29 30.22 -71.00
N GLU E 193 -22.67 30.85 -69.89
CA GLU E 193 -22.22 32.21 -69.60
C GLU E 193 -20.71 32.25 -69.45
N GLY E 194 -20.13 31.28 -68.75
CA GLY E 194 -18.68 31.20 -68.64
C GLY E 194 -18.02 30.90 -69.98
N LEU E 195 -18.68 30.09 -70.81
CA LEU E 195 -18.17 29.82 -72.15
C LEU E 195 -18.14 31.09 -72.99
N GLN E 196 -19.20 31.90 -72.91
CA GLN E 196 -19.23 33.17 -73.62
C GLN E 196 -18.19 34.14 -73.07
N LYS E 197 -17.96 34.13 -71.76
CA LYS E 197 -16.92 34.97 -71.17
C LYS E 197 -15.53 34.56 -71.65
N HIS E 198 -15.27 33.26 -71.73
CA HIS E 198 -13.98 32.79 -72.23
C HIS E 198 -13.82 33.06 -73.72
N LEU E 199 -14.90 32.98 -74.49
CA LEU E 199 -14.81 33.24 -75.92
C LEU E 199 -14.61 34.73 -76.20
N ALA E 200 -15.29 35.60 -75.45
CA ALA E 200 -15.18 37.04 -75.68
C ALA E 200 -13.80 37.56 -75.25
N ASP E 201 -13.35 37.17 -74.06
CA ASP E 201 -12.07 37.61 -73.52
C ASP E 201 -11.27 36.39 -73.08
N PRO E 202 -10.56 35.73 -74.00
CA PRO E 202 -9.73 34.58 -73.60
C PRO E 202 -8.63 34.93 -72.62
N PHE E 203 -8.06 36.13 -72.74
CA PHE E 203 -7.02 36.60 -71.83
C PHE E 203 -7.64 37.67 -70.93
N GLY E 204 -8.21 37.22 -69.81
CA GLY E 204 -8.90 38.12 -68.90
C GLY E 204 -10.13 37.50 -68.28
N LYS E 205 -10.49 36.30 -68.74
CA LYS E 205 -11.61 35.54 -68.19
C LYS E 205 -11.23 34.08 -68.05
N ASN E 206 -10.02 33.81 -67.56
CA ASN E 206 -9.47 32.48 -67.42
C ASN E 206 -9.41 32.09 -65.94
N ILE E 207 -8.77 30.95 -65.67
CA ILE E 207 -8.60 30.51 -64.28
C ILE E 207 -7.71 31.46 -63.48
N THR E 208 -6.73 32.11 -64.11
CA THR E 208 -5.86 33.02 -63.39
C THR E 208 -6.63 34.24 -62.90
N TYR E 209 -7.45 34.83 -63.76
CA TYR E 209 -8.24 35.99 -63.36
C TYR E 209 -9.30 35.61 -62.32
N PHE E 210 -10.00 34.50 -62.54
CA PHE E 210 -11.07 34.12 -61.63
C PHE E 210 -10.57 33.61 -60.29
N LEU E 211 -9.30 33.19 -60.21
CA LEU E 211 -8.72 32.80 -58.94
C LEU E 211 -7.92 33.91 -58.26
N THR E 212 -7.51 34.93 -59.01
CA THR E 212 -6.84 36.09 -58.43
C THR E 212 -7.81 37.24 -58.16
N HIS E 213 -9.10 37.06 -58.42
CA HIS E 213 -10.10 38.10 -58.17
C HIS E 213 -11.32 37.50 -57.49
N THR E 214 -11.09 36.67 -56.49
CA THR E 214 -12.19 36.08 -55.72
C THR E 214 -13.07 37.10 -55.00
N PRO E 215 -12.55 38.14 -54.30
CA PRO E 215 -13.48 39.12 -53.70
C PRO E 215 -14.33 39.86 -54.70
N GLU E 216 -13.82 40.09 -55.91
CA GLU E 216 -14.65 40.70 -56.95
C GLU E 216 -15.77 39.76 -57.38
N VAL E 217 -15.47 38.46 -57.48
CA VAL E 217 -16.48 37.47 -57.85
C VAL E 217 -17.56 37.38 -56.77
N ILE E 218 -17.14 37.39 -55.50
CA ILE E 218 -18.11 37.34 -54.39
C ILE E 218 -18.98 38.59 -54.41
N ALA E 219 -18.39 39.75 -54.67
CA ALA E 219 -19.14 41.02 -54.69
C ALA E 219 -19.76 41.29 -56.05
N GLY E 220 -20.54 40.32 -56.55
CA GLY E 220 -21.29 40.50 -57.80
C GLY E 220 -20.46 40.65 -59.05
N THR E 221 -19.42 39.83 -59.21
CA THR E 221 -18.54 39.82 -60.39
C THR E 221 -17.93 41.18 -60.69
N LYS F 12 -4.34 -36.50 48.89
CA LYS F 12 -4.19 -36.67 47.45
C LYS F 12 -3.49 -35.47 46.83
N VAL F 13 -3.99 -34.28 47.12
CA VAL F 13 -3.41 -33.04 46.59
C VAL F 13 -2.16 -32.73 47.41
N LYS F 14 -1.02 -32.60 46.73
CA LYS F 14 0.24 -32.34 47.39
C LYS F 14 1.18 -31.65 46.42
N ILE F 15 2.25 -31.09 46.96
CA ILE F 15 3.26 -30.42 46.15
C ILE F 15 4.16 -31.47 45.51
N ALA F 16 4.28 -31.42 44.19
CA ALA F 16 5.14 -32.33 43.44
C ALA F 16 6.13 -31.49 42.66
N VAL F 17 7.39 -31.52 43.06
CA VAL F 17 8.43 -30.65 42.53
C VAL F 17 9.66 -31.47 42.21
N ASP F 18 10.19 -31.31 41.00
CA ASP F 18 11.48 -31.86 40.62
C ASP F 18 12.58 -30.85 40.92
N ARG F 19 13.68 -31.34 41.48
CA ARG F 19 14.79 -30.49 41.90
C ARG F 19 15.82 -30.39 40.78
N ASN F 20 16.07 -29.16 40.33
CA ASN F 20 17.08 -28.79 39.32
C ASN F 20 16.96 -29.61 38.04
N PRO F 21 15.91 -29.41 37.22
CA PRO F 21 15.86 -30.12 35.93
C PRO F 21 16.60 -29.41 34.82
N VAL F 22 16.72 -28.08 34.92
CA VAL F 22 17.36 -27.26 33.90
C VAL F 22 18.50 -26.49 34.56
N GLU F 23 19.69 -26.60 33.97
CA GLU F 23 20.86 -25.90 34.50
C GLU F 23 20.85 -24.45 34.05
N THR F 24 21.17 -23.55 34.98
CA THR F 24 21.19 -22.12 34.71
C THR F 24 22.52 -21.78 34.04
N ASN F 25 22.54 -21.91 32.71
CA ASN F 25 23.74 -21.64 31.92
C ASN F 25 23.39 -20.70 30.77
N PHE F 26 24.42 -20.08 30.21
CA PHE F 26 24.27 -19.17 29.09
C PHE F 26 24.59 -19.83 27.74
N GLU F 27 24.75 -21.16 27.72
CA GLU F 27 25.16 -21.84 26.49
C GLU F 27 24.05 -21.82 25.45
N LYS F 28 22.79 -21.72 25.87
CA LYS F 28 21.67 -21.65 24.95
C LYS F 28 21.32 -20.23 24.55
N TRP F 29 21.92 -19.23 25.19
CA TRP F 29 21.74 -17.85 24.76
C TRP F 29 22.56 -17.54 23.52
N ALA F 30 23.68 -18.23 23.34
CA ALA F 30 24.51 -18.04 22.15
C ALA F 30 23.80 -18.52 20.89
N LYS F 31 23.16 -19.69 20.96
CA LYS F 31 22.43 -20.22 19.83
C LYS F 31 20.99 -19.72 19.88
N PRO F 32 20.55 -18.89 18.93
CA PRO F 32 19.20 -18.32 19.01
C PRO F 32 18.11 -19.36 18.84
N GLY F 33 18.20 -20.17 17.78
CA GLY F 33 17.21 -21.21 17.56
C GLY F 33 17.57 -22.50 18.26
N HIS F 34 16.97 -22.74 19.42
CA HIS F 34 17.26 -23.93 20.21
C HIS F 34 16.03 -24.67 20.72
N PHE F 35 14.87 -24.00 20.81
CA PHE F 35 13.69 -24.65 21.36
C PHE F 35 13.08 -25.67 20.41
N SER F 36 13.33 -25.55 19.11
CA SER F 36 12.75 -26.43 18.11
C SER F 36 13.85 -27.06 17.27
N ARG F 37 13.59 -28.27 16.78
CA ARG F 37 14.57 -28.97 15.96
C ARG F 37 14.72 -28.34 14.59
N ALA F 38 13.67 -27.67 14.10
CA ALA F 38 13.75 -27.03 12.79
C ALA F 38 14.73 -25.85 12.82
N LEU F 39 14.73 -25.08 13.89
CA LEU F 39 15.65 -23.96 14.03
C LEU F 39 16.96 -24.34 14.72
N ALA F 40 17.11 -25.59 15.15
CA ALA F 40 18.33 -26.01 15.82
C ALA F 40 19.50 -26.18 14.84
N LYS F 41 19.21 -26.34 13.55
CA LYS F 41 20.26 -26.52 12.56
C LYS F 41 20.92 -25.22 12.11
N GLY F 42 20.43 -24.08 12.59
CA GLY F 42 20.98 -22.80 12.22
C GLY F 42 20.22 -22.16 11.08
N PRO F 43 20.53 -20.89 10.79
CA PRO F 43 19.83 -20.18 9.73
C PRO F 43 20.45 -20.38 8.35
N ASN F 44 19.59 -20.42 7.35
CA ASN F 44 20.00 -20.40 5.95
C ASN F 44 19.24 -19.39 5.10
N THR F 45 18.04 -18.99 5.52
CA THR F 45 17.28 -17.93 4.86
C THR F 45 16.81 -16.95 5.92
N THR F 46 16.32 -15.80 5.49
CA THR F 46 15.91 -14.77 6.42
C THR F 46 14.62 -15.11 7.16
N THR F 47 13.72 -15.88 6.54
CA THR F 47 12.49 -16.31 7.20
C THR F 47 12.75 -17.09 8.47
N TRP F 48 13.88 -17.81 8.55
CA TRP F 48 14.32 -18.45 9.78
C TRP F 48 14.30 -17.47 10.95
N ILE F 49 14.85 -16.26 10.73
CA ILE F 49 14.83 -15.23 11.75
C ILE F 49 13.41 -14.94 12.20
N TRP F 50 12.49 -14.77 11.23
CA TRP F 50 11.09 -14.57 11.56
C TRP F 50 10.53 -15.76 12.29
N ASN F 51 10.91 -16.98 11.85
CA ASN F 51 10.50 -18.18 12.56
C ASN F 51 11.03 -18.18 13.98
N LEU F 52 12.27 -17.70 14.16
CA LEU F 52 12.85 -17.59 15.50
C LEU F 52 12.04 -16.64 16.37
N HIS F 53 11.45 -15.61 15.75
CA HIS F 53 10.61 -14.70 16.51
C HIS F 53 9.13 -15.06 16.42
N ALA F 54 8.78 -16.18 15.78
CA ALA F 54 7.39 -16.60 15.68
C ALA F 54 7.07 -17.76 16.62
N ASP F 55 7.85 -18.84 16.58
CA ASP F 55 7.66 -19.98 17.44
C ASP F 55 8.46 -19.87 18.74
N ALA F 56 8.78 -18.65 19.16
CA ALA F 56 9.59 -18.47 20.36
C ALA F 56 8.83 -18.91 21.62
N HIS F 57 7.55 -18.58 21.71
CA HIS F 57 6.73 -18.94 22.86
C HIS F 57 5.64 -19.94 22.51
N ASP F 58 5.79 -20.65 21.39
CA ASP F 58 4.88 -21.74 21.04
C ASP F 58 5.41 -23.01 21.69
N PHE F 59 5.18 -23.12 23.00
CA PHE F 59 5.74 -24.22 23.78
C PHE F 59 5.07 -25.56 23.46
N ASP F 60 3.86 -25.53 22.91
CA ASP F 60 3.22 -26.78 22.50
C ASP F 60 3.91 -27.43 21.31
N ASN F 61 4.65 -26.66 20.52
CA ASN F 61 5.38 -27.19 19.37
C ASN F 61 6.81 -27.58 19.69
N HIS F 62 7.40 -27.01 20.75
CA HIS F 62 8.78 -27.32 21.09
C HIS F 62 8.90 -28.73 21.64
N THR F 63 8.02 -29.11 22.57
CA THR F 63 8.06 -30.41 23.20
C THR F 63 6.64 -30.97 23.30
N SER F 64 6.56 -32.30 23.33
CA SER F 64 5.28 -32.99 23.48
C SER F 64 4.96 -33.32 24.93
N ASP F 65 5.86 -33.00 25.87
CA ASP F 65 5.64 -33.29 27.27
C ASP F 65 4.86 -32.14 27.91
N LEU F 66 3.76 -32.48 28.57
CA LEU F 66 2.91 -31.45 29.17
C LEU F 66 3.54 -30.83 30.41
N GLU F 67 4.39 -31.57 31.10
CA GLU F 67 5.01 -31.07 32.33
C GLU F 67 5.96 -29.91 32.02
N GLU F 68 6.81 -30.07 31.01
CA GLU F 68 7.74 -29.01 30.64
C GLU F 68 7.00 -27.79 30.09
N ILE F 69 5.91 -28.02 29.34
CA ILE F 69 5.08 -26.93 28.85
C ILE F 69 4.46 -26.16 30.02
N SER F 70 3.97 -26.89 31.03
CA SER F 70 3.38 -26.24 32.19
C SER F 70 4.42 -25.44 32.98
N ARG F 71 5.63 -25.99 33.13
CA ARG F 71 6.70 -25.25 33.79
C ARG F 71 7.06 -23.98 33.03
N LYS F 72 7.14 -24.07 31.70
CA LYS F 72 7.41 -22.89 30.88
C LYS F 72 6.31 -21.85 31.00
N VAL F 73 5.05 -22.31 31.06
CA VAL F 73 3.92 -21.40 31.22
C VAL F 73 3.98 -20.70 32.57
N PHE F 74 4.31 -21.45 33.64
CA PHE F 74 4.45 -20.87 34.98
C PHE F 74 5.53 -19.80 35.00
N SER F 75 6.70 -20.10 34.41
CA SER F 75 7.79 -19.14 34.42
C SER F 75 7.50 -17.93 33.53
N ALA F 76 6.80 -18.14 32.41
CA ALA F 76 6.41 -17.02 31.57
C ALA F 76 5.41 -16.11 32.27
N HIS F 77 4.48 -16.69 33.03
CA HIS F 77 3.55 -15.89 33.81
C HIS F 77 4.29 -15.10 34.89
N PHE F 78 5.29 -15.71 35.52
CA PHE F 78 6.10 -14.99 36.49
C PHE F 78 6.86 -13.83 35.83
N GLY F 79 7.38 -14.06 34.62
CA GLY F 79 8.04 -12.99 33.90
C GLY F 79 7.11 -11.85 33.53
N GLN F 80 5.89 -12.18 33.09
CA GLN F 80 4.93 -11.13 32.76
C GLN F 80 4.50 -10.37 34.00
N LEU F 81 4.36 -11.05 35.14
CA LEU F 81 4.05 -10.34 36.38
C LEU F 81 5.20 -9.43 36.80
N GLY F 82 6.44 -9.88 36.62
CA GLY F 82 7.57 -9.02 36.89
C GLY F 82 7.62 -7.80 35.97
N ILE F 83 7.26 -8.00 34.71
CA ILE F 83 7.19 -6.88 33.75
C ILE F 83 6.12 -5.89 34.16
N ILE F 84 4.95 -6.40 34.56
CA ILE F 84 3.84 -5.54 34.99
C ILE F 84 4.21 -4.77 36.25
N LEU F 85 4.89 -5.43 37.19
CA LEU F 85 5.31 -4.76 38.41
C LEU F 85 6.39 -3.72 38.14
N ILE F 86 7.29 -3.99 37.18
CA ILE F 86 8.27 -2.99 36.77
C ILE F 86 7.58 -1.77 36.19
N TRP F 87 6.56 -2.01 35.35
CA TRP F 87 5.80 -0.91 34.75
C TRP F 87 5.07 -0.10 35.81
N LEU F 88 4.45 -0.78 36.79
CA LEU F 88 3.75 -0.09 37.87
C LEU F 88 4.70 0.72 38.74
N SER F 89 5.87 0.14 39.05
CA SER F 89 6.89 0.87 39.81
C SER F 89 7.39 2.08 39.04
N GLY F 90 7.51 1.96 37.72
CA GLY F 90 7.88 3.11 36.90
C GLY F 90 6.81 4.19 36.91
N MET F 91 5.54 3.78 36.90
CA MET F 91 4.44 4.75 36.99
C MET F 91 4.49 5.50 38.32
N TYR F 92 4.70 4.76 39.41
CA TYR F 92 4.77 5.40 40.72
C TYR F 92 6.01 6.29 40.85
N PHE F 93 7.12 5.88 40.23
CA PHE F 93 8.33 6.71 40.25
C PHE F 93 8.13 7.99 39.45
N HIS F 94 7.46 7.90 38.30
CA HIS F 94 7.17 9.10 37.51
C HIS F 94 6.22 10.02 38.24
N GLY F 95 5.25 9.45 38.98
CA GLY F 95 4.42 10.28 39.83
C GLY F 95 5.16 10.87 41.01
N ALA F 96 6.24 10.22 41.44
CA ALA F 96 7.01 10.69 42.59
C ALA F 96 7.91 11.87 42.22
N ARG F 97 8.53 11.84 41.05
CA ARG F 97 9.56 12.81 40.70
C ARG F 97 9.13 13.77 39.60
N PHE F 98 8.75 13.26 38.43
CA PHE F 98 8.39 14.11 37.29
C PHE F 98 6.89 14.27 37.20
N SER F 99 6.32 14.92 38.22
CA SER F 99 4.86 15.05 38.31
C SER F 99 4.53 16.25 39.18
N ASN F 100 3.26 16.65 39.10
CA ASN F 100 2.70 17.73 39.91
C ASN F 100 1.53 17.20 40.74
N TYR F 101 1.68 15.99 41.28
CA TYR F 101 0.61 15.38 42.06
C TYR F 101 0.31 16.15 43.33
N GLU F 102 1.36 16.63 44.00
CA GLU F 102 1.15 17.44 45.21
C GLU F 102 0.46 18.76 44.88
N GLY F 103 0.83 19.38 43.76
CA GLY F 103 0.13 20.58 43.32
C GLY F 103 -1.29 20.28 42.89
N TRP F 104 -1.51 19.11 42.28
CA TRP F 104 -2.85 18.73 41.84
C TRP F 104 -3.77 18.43 43.01
N LEU F 105 -3.21 17.95 44.13
CA LEU F 105 -4.04 17.63 45.29
C LEU F 105 -4.68 18.87 45.89
N SER F 106 -4.03 20.04 45.76
CA SER F 106 -4.61 21.26 46.32
C SER F 106 -5.84 21.71 45.53
N ASP F 107 -5.75 21.73 44.21
CA ASP F 107 -6.87 22.15 43.35
C ASP F 107 -7.00 21.18 42.18
N PRO F 108 -7.68 20.05 42.38
CA PRO F 108 -7.80 19.06 41.30
C PRO F 108 -8.66 19.52 40.13
N THR F 109 -9.42 20.61 40.27
CA THR F 109 -10.30 21.08 39.22
C THR F 109 -9.68 22.15 38.34
N HIS F 110 -8.42 22.51 38.55
CA HIS F 110 -7.82 23.58 37.75
C HIS F 110 -6.45 23.22 37.17
N ILE F 111 -5.68 22.39 37.85
CA ILE F 111 -4.43 21.84 37.32
C ILE F 111 -4.69 20.50 36.65
N LYS F 112 -4.24 20.39 35.41
CA LYS F 112 -4.36 19.14 34.67
C LYS F 112 -3.37 18.11 35.22
N PRO F 113 -3.73 16.84 35.26
CA PRO F 113 -2.78 15.81 35.71
C PRO F 113 -1.67 15.63 34.69
N SER F 114 -0.43 15.70 35.16
CA SER F 114 0.74 15.53 34.32
C SER F 114 1.78 14.71 35.05
N ALA F 115 2.35 13.71 34.38
CA ALA F 115 3.35 12.85 34.99
C ALA F 115 4.49 12.48 34.06
N GLN F 116 4.57 13.09 32.87
CA GLN F 116 5.66 12.83 31.94
C GLN F 116 6.30 14.15 31.53
N VAL F 117 7.62 14.24 31.72
CA VAL F 117 8.39 15.43 31.38
C VAL F 117 9.43 15.04 30.34
N VAL F 118 9.54 15.83 29.28
CA VAL F 118 10.45 15.54 28.19
C VAL F 118 11.74 16.33 28.38
N TRP F 119 12.77 15.91 27.67
CA TRP F 119 14.06 16.60 27.68
C TRP F 119 14.12 17.60 26.54
N PRO F 120 14.55 18.84 26.79
CA PRO F 120 14.68 19.82 25.69
C PRO F 120 15.86 19.49 24.80
N ILE F 121 15.59 18.95 23.61
CA ILE F 121 16.67 18.52 22.72
C ILE F 121 16.56 19.18 21.35
N VAL F 122 15.43 19.00 20.66
CA VAL F 122 15.30 19.46 19.28
C VAL F 122 14.04 20.30 19.13
N GLY F 123 13.63 20.96 20.21
CA GLY F 123 12.40 21.71 20.21
C GLY F 123 11.19 20.97 20.72
N GLN F 124 11.37 19.75 21.24
CA GLN F 124 10.27 18.99 21.81
C GLN F 124 9.89 19.44 23.21
N GLU F 125 10.62 20.40 23.77
CA GLU F 125 10.26 20.98 25.07
C GLU F 125 8.94 21.74 25.03
N ILE F 126 8.42 22.06 23.84
CA ILE F 126 7.09 22.62 23.73
C ILE F 126 6.02 21.60 24.11
N LEU F 127 6.36 20.31 24.14
CA LEU F 127 5.42 19.30 24.61
C LEU F 127 5.18 19.40 26.12
N ASN F 128 6.09 20.03 26.86
CA ASN F 128 5.90 20.28 28.29
C ASN F 128 4.97 21.48 28.44
N GLY F 129 3.66 21.19 28.34
CA GLY F 129 2.66 22.24 28.38
C GLY F 129 2.41 22.77 29.77
N ASP F 130 1.73 23.91 29.81
CA ASP F 130 1.39 24.57 31.07
C ASP F 130 0.17 23.89 31.67
N VAL F 131 0.42 22.80 32.39
CA VAL F 131 -0.67 22.05 33.01
C VAL F 131 -1.19 22.72 34.28
N GLY F 132 -0.47 23.68 34.82
CA GLY F 132 -0.86 24.35 36.04
C GLY F 132 -0.01 23.93 37.24
N GLY F 133 -0.14 24.69 38.32
CA GLY F 133 0.59 24.38 39.53
C GLY F 133 2.07 24.63 39.45
N GLY F 134 2.51 25.49 38.53
CA GLY F 134 3.93 25.74 38.35
C GLY F 134 4.69 24.55 37.82
N PHE F 135 4.10 23.79 36.90
CA PHE F 135 4.71 22.58 36.36
C PHE F 135 4.55 22.56 34.85
N GLN F 136 5.49 21.87 34.20
CA GLN F 136 5.46 21.70 32.75
C GLN F 136 5.63 20.22 32.43
N GLY F 137 4.74 19.70 31.60
CA GLY F 137 4.81 18.29 31.25
C GLY F 137 3.67 17.91 30.33
N ILE F 138 3.57 16.62 30.07
CA ILE F 138 2.53 16.07 29.21
C ILE F 138 1.31 15.76 30.07
N GLN F 139 0.15 16.25 29.64
CA GLN F 139 -1.10 15.98 30.35
C GLN F 139 -1.45 14.50 30.22
N ILE F 140 -1.34 13.77 31.31
CA ILE F 140 -1.60 12.33 31.29
C ILE F 140 -3.10 12.09 31.41
N THR F 141 -3.57 11.02 30.77
CA THR F 141 -4.97 10.64 30.78
C THR F 141 -5.20 9.27 31.40
N SER F 142 -4.21 8.71 32.10
CA SER F 142 -4.35 7.39 32.70
C SER F 142 -5.16 7.42 33.99
N GLY F 143 -5.37 8.59 34.58
CA GLY F 143 -6.11 8.67 35.82
C GLY F 143 -5.37 8.16 37.03
N PHE F 144 -4.04 8.11 36.98
CA PHE F 144 -3.27 7.67 38.14
C PHE F 144 -3.40 8.65 39.30
N PHE F 145 -3.60 9.94 39.00
CA PHE F 145 -3.78 10.93 40.06
C PHE F 145 -5.03 10.63 40.87
N GLN F 146 -6.14 10.30 40.20
CA GLN F 146 -7.37 9.98 40.90
C GLN F 146 -7.26 8.67 41.67
N LEU F 147 -6.51 7.70 41.12
CA LEU F 147 -6.30 6.45 41.83
C LEU F 147 -5.47 6.67 43.10
N TRP F 148 -4.44 7.51 43.02
CA TRP F 148 -3.64 7.80 44.20
C TRP F 148 -4.41 8.62 45.22
N ARG F 149 -5.29 9.51 44.76
CA ARG F 149 -6.17 10.23 45.68
C ARG F 149 -7.17 9.30 46.35
N ALA F 150 -7.64 8.27 45.63
CA ALA F 150 -8.53 7.30 46.23
C ALA F 150 -7.79 6.38 47.20
N SER F 151 -6.48 6.22 47.02
CA SER F 151 -5.68 5.36 47.87
C SER F 151 -5.10 6.08 49.09
N GLY F 152 -5.41 7.36 49.26
CA GLY F 152 -4.90 8.10 50.39
C GLY F 152 -3.49 8.61 50.24
N ILE F 153 -2.91 8.51 49.04
CA ILE F 153 -1.54 8.99 48.84
C ILE F 153 -1.52 10.51 48.80
N THR F 154 -0.67 11.11 49.61
CA THR F 154 -0.60 12.57 49.74
C THR F 154 0.71 13.13 49.23
N SER F 155 1.83 12.64 49.74
CA SER F 155 3.14 13.17 49.37
C SER F 155 3.81 12.28 48.32
N GLU F 156 4.90 12.78 47.76
CA GLU F 156 5.70 12.01 46.82
C GLU F 156 6.54 10.95 47.50
N LEU F 157 6.72 11.03 48.82
CA LEU F 157 7.46 10.00 49.54
C LEU F 157 6.73 8.67 49.49
N GLN F 158 5.41 8.69 49.61
CA GLN F 158 4.63 7.46 49.49
C GLN F 158 4.73 6.86 48.09
N LEU F 159 4.73 7.71 47.07
CA LEU F 159 4.91 7.22 45.70
C LEU F 159 6.31 6.63 45.50
N TYR F 160 7.33 7.26 46.09
CA TYR F 160 8.68 6.71 46.03
C TYR F 160 8.76 5.35 46.71
N SER F 161 8.14 5.22 47.89
CA SER F 161 8.15 3.95 48.60
C SER F 161 7.39 2.88 47.84
N THR F 162 6.27 3.26 47.21
CA THR F 162 5.51 2.31 46.40
C THR F 162 6.32 1.86 45.18
N ALA F 163 7.06 2.78 44.56
CA ALA F 163 7.91 2.42 43.43
C ALA F 163 9.02 1.47 43.86
N ILE F 164 9.64 1.73 45.01
CA ILE F 164 10.69 0.85 45.50
C ILE F 164 10.14 -0.53 45.83
N GLY F 165 8.97 -0.58 46.48
CA GLY F 165 8.34 -1.86 46.77
C GLY F 165 7.93 -2.61 45.52
N GLY F 166 7.46 -1.89 44.50
CA GLY F 166 7.13 -2.53 43.24
C GLY F 166 8.35 -3.09 42.53
N LEU F 167 9.47 -2.36 42.57
CA LEU F 167 10.71 -2.88 42.00
C LEU F 167 11.18 -4.12 42.75
N VAL F 168 11.07 -4.10 44.08
CA VAL F 168 11.45 -5.26 44.89
C VAL F 168 10.56 -6.46 44.56
N LEU F 169 9.26 -6.22 44.43
CA LEU F 169 8.35 -7.31 44.09
C LEU F 169 8.57 -7.83 42.67
N ALA F 170 8.95 -6.96 41.74
CA ALA F 170 9.27 -7.40 40.39
C ALA F 170 10.53 -8.25 40.36
N ALA F 171 11.54 -7.84 41.14
CA ALA F 171 12.75 -8.67 41.27
C ALA F 171 12.42 -10.01 41.90
N ALA F 172 11.52 -10.01 42.90
CA ALA F 172 11.09 -11.26 43.52
C ALA F 172 10.34 -12.14 42.53
N CYS F 173 9.52 -11.55 41.66
CA CYS F 173 8.80 -12.32 40.66
C CYS F 173 9.73 -12.91 39.62
N PHE F 174 10.73 -12.15 39.18
CA PHE F 174 11.72 -12.68 38.24
C PHE F 174 12.53 -13.80 38.88
N PHE F 175 12.93 -13.62 40.14
CA PHE F 175 13.62 -14.67 40.87
C PHE F 175 12.73 -15.90 41.02
N ALA F 176 11.43 -15.69 41.24
CA ALA F 176 10.50 -16.80 41.35
C ALA F 176 10.37 -17.56 40.05
N GLY F 177 10.34 -16.85 38.92
CA GLY F 177 10.31 -17.53 37.64
C GLY F 177 11.56 -18.35 37.38
N TRP F 178 12.73 -17.76 37.65
CA TRP F 178 13.99 -18.49 37.51
C TRP F 178 14.04 -19.70 38.43
N PHE F 179 13.58 -19.53 39.67
CA PHE F 179 13.64 -20.60 40.65
C PHE F 179 12.68 -21.74 40.31
N HIS F 180 11.43 -21.39 40.01
CA HIS F 180 10.40 -22.38 39.72
C HIS F 180 10.54 -22.99 38.34
N TYR F 181 11.45 -22.47 37.49
CA TYR F 181 11.84 -23.21 36.29
C TYR F 181 13.11 -24.03 36.50
N HIS F 182 14.21 -23.37 36.84
CA HIS F 182 15.52 -24.02 36.82
C HIS F 182 15.79 -24.82 38.10
N LYS F 183 15.34 -24.32 39.25
CA LYS F 183 15.72 -24.93 40.52
C LYS F 183 14.67 -25.93 41.01
N ALA F 184 13.43 -25.49 41.17
CA ALA F 184 12.36 -26.31 41.73
C ALA F 184 11.16 -26.25 40.78
N ALA F 185 11.14 -27.14 39.79
CA ALA F 185 10.10 -27.10 38.77
C ALA F 185 8.93 -27.97 39.19
N PRO F 186 7.72 -27.42 39.30
CA PRO F 186 6.57 -28.25 39.69
C PRO F 186 6.23 -29.29 38.64
N LYS F 187 5.75 -30.44 39.12
CA LYS F 187 5.42 -31.56 38.25
C LYS F 187 4.06 -31.36 37.60
N LEU F 188 3.68 -32.29 36.73
CA LEU F 188 2.40 -32.21 36.04
C LEU F 188 1.23 -32.41 37.00
N GLU F 189 1.41 -33.24 38.02
CA GLU F 189 0.34 -33.44 39.00
C GLU F 189 0.09 -32.19 39.83
N TRP F 190 1.13 -31.38 40.03
CA TRP F 190 0.96 -30.12 40.75
C TRP F 190 0.10 -29.14 39.97
N PHE F 191 0.30 -29.07 38.65
CA PHE F 191 -0.48 -28.15 37.83
C PHE F 191 -1.90 -28.63 37.62
N GLN F 192 -2.11 -29.94 37.61
CA GLN F 192 -3.41 -30.52 37.28
C GLN F 192 -4.39 -30.48 38.44
N ASN F 193 -3.97 -30.02 39.63
CA ASN F 193 -4.87 -29.88 40.77
C ASN F 193 -5.72 -28.63 40.55
N VAL F 194 -6.73 -28.78 39.69
CA VAL F 194 -7.59 -27.66 39.33
C VAL F 194 -8.49 -27.26 40.50
N GLU F 195 -8.91 -28.23 41.31
CA GLU F 195 -9.73 -27.93 42.47
C GLU F 195 -8.95 -27.09 43.48
N SER F 196 -7.70 -27.47 43.75
CA SER F 196 -6.86 -26.70 44.67
C SER F 196 -6.55 -25.32 44.11
N MET F 197 -6.28 -25.23 42.80
CA MET F 197 -6.03 -23.94 42.16
C MET F 197 -7.24 -23.03 42.29
N LEU F 198 -8.43 -23.56 42.00
CA LEU F 198 -9.64 -22.76 42.08
C LEU F 198 -9.94 -22.32 43.51
N ASN F 199 -9.78 -23.23 44.47
CA ASN F 199 -10.03 -22.90 45.87
C ASN F 199 -9.07 -21.82 46.35
N HIS F 200 -7.78 -21.98 46.06
CA HIS F 200 -6.78 -21.01 46.51
C HIS F 200 -6.96 -19.67 45.81
N HIS F 201 -7.36 -19.68 44.53
CA HIS F 201 -7.54 -18.44 43.81
C HIS F 201 -8.79 -17.70 44.28
N LEU F 202 -9.86 -18.43 44.56
CA LEU F 202 -11.08 -17.79 45.03
C LEU F 202 -10.97 -17.32 46.47
N ALA F 203 -10.17 -18.00 47.29
CA ALA F 203 -10.09 -17.62 48.69
C ALA F 203 -8.97 -16.62 48.97
N GLY F 204 -7.80 -16.81 48.38
CA GLY F 204 -6.65 -15.98 48.69
C GLY F 204 -6.28 -14.95 47.63
N LEU F 205 -6.37 -15.33 46.35
CA LEU F 205 -6.01 -14.39 45.30
C LEU F 205 -7.07 -13.30 45.15
N LEU F 206 -8.34 -13.64 45.33
CA LEU F 206 -9.43 -12.69 45.18
C LEU F 206 -10.07 -12.30 46.50
N GLY F 207 -10.40 -13.28 47.34
CA GLY F 207 -11.06 -12.96 48.60
C GLY F 207 -10.13 -12.25 49.58
N LEU F 208 -8.93 -12.77 49.77
CA LEU F 208 -7.99 -12.13 50.68
C LEU F 208 -7.50 -10.79 50.15
N GLY F 209 -7.33 -10.68 48.83
CA GLY F 209 -6.98 -9.39 48.25
C GLY F 209 -8.07 -8.35 48.42
N SER F 210 -9.33 -8.77 48.24
CA SER F 210 -10.44 -7.85 48.46
C SER F 210 -10.54 -7.45 49.93
N LEU F 211 -10.29 -8.39 50.84
CA LEU F 211 -10.32 -8.06 52.26
C LEU F 211 -9.19 -7.12 52.64
N ALA F 212 -8.00 -7.33 52.08
CA ALA F 212 -6.87 -6.44 52.36
C ALA F 212 -7.13 -5.05 51.81
N TRP F 213 -7.69 -4.95 50.61
CA TRP F 213 -8.00 -3.63 50.05
C TRP F 213 -9.13 -2.96 50.83
N ALA F 214 -10.11 -3.73 51.31
CA ALA F 214 -11.17 -3.16 52.14
C ALA F 214 -10.62 -2.66 53.46
N GLY F 215 -9.67 -3.39 54.05
CA GLY F 215 -9.03 -2.92 55.26
C GLY F 215 -8.21 -1.67 55.05
N HIS F 216 -7.52 -1.59 53.91
CA HIS F 216 -6.79 -0.37 53.58
C HIS F 216 -7.73 0.80 53.37
N GLN F 217 -8.86 0.57 52.71
CA GLN F 217 -9.84 1.64 52.50
C GLN F 217 -10.42 2.11 53.82
N ILE F 218 -10.77 1.17 54.70
CA ILE F 218 -11.37 1.50 55.98
C ILE F 218 -10.39 2.25 56.88
N HIS F 219 -9.16 1.76 56.95
CA HIS F 219 -8.20 2.30 57.91
C HIS F 219 -7.34 3.42 57.36
N VAL F 220 -7.24 3.58 56.04
CA VAL F 220 -6.35 4.59 55.47
C VAL F 220 -7.09 5.50 54.49
N SER F 221 -7.77 4.90 53.50
CA SER F 221 -8.28 5.70 52.39
C SER F 221 -9.48 6.55 52.79
N LEU F 222 -10.40 5.98 53.58
CA LEU F 222 -11.58 6.73 54.01
C LEU F 222 -11.27 7.98 54.84
N PRO F 223 -10.40 7.95 55.87
CA PRO F 223 -10.15 9.21 56.59
C PRO F 223 -9.43 10.26 55.77
N VAL F 224 -8.45 9.85 54.97
CA VAL F 224 -7.72 10.80 54.12
C VAL F 224 -8.66 11.42 53.09
N ASN F 225 -9.51 10.60 52.48
CA ASN F 225 -10.46 11.14 51.50
C ASN F 225 -11.50 12.02 52.16
N LYS F 226 -11.94 11.69 53.39
CA LYS F 226 -12.89 12.54 54.09
C LYS F 226 -12.28 13.89 54.44
N LEU F 227 -11.02 13.90 54.87
CA LEU F 227 -10.35 15.16 55.16
C LEU F 227 -10.07 15.96 53.89
N LEU F 228 -9.77 15.28 52.78
CA LEU F 228 -9.58 15.96 51.50
C LEU F 228 -10.88 16.61 51.03
N ASP F 229 -12.01 15.90 51.17
CA ASP F 229 -13.30 16.47 50.81
C ASP F 229 -13.73 17.56 51.78
N ALA F 230 -13.24 17.53 53.01
CA ALA F 230 -13.53 18.60 53.96
C ALA F 230 -12.87 19.92 53.58
N GLY F 231 -11.83 19.88 52.77
CA GLY F 231 -11.19 21.08 52.29
C GLY F 231 -9.92 21.49 53.02
N VAL F 232 -9.40 20.65 53.91
CA VAL F 232 -8.18 20.98 54.65
C VAL F 232 -6.98 20.72 53.74
N ASP F 233 -5.83 21.25 54.14
CA ASP F 233 -4.62 21.09 53.34
C ASP F 233 -4.15 19.64 53.38
N PRO F 234 -3.64 19.11 52.26
CA PRO F 234 -3.09 17.74 52.27
C PRO F 234 -1.93 17.55 53.23
N LYS F 235 -1.09 18.58 53.41
CA LYS F 235 0.00 18.48 54.38
C LYS F 235 -0.52 18.49 55.80
N GLU F 236 -1.63 19.18 56.05
CA GLU F 236 -2.22 19.20 57.39
C GLU F 236 -2.92 17.89 57.73
N ILE F 237 -3.22 17.06 56.73
CA ILE F 237 -3.84 15.75 56.97
C ILE F 237 -2.85 14.86 57.70
N PRO F 238 -3.26 14.19 58.78
CA PRO F 238 -2.35 13.25 59.46
C PRO F 238 -2.00 12.08 58.57
N LEU F 239 -0.82 11.50 58.83
CA LEU F 239 -0.34 10.37 58.07
C LEU F 239 -1.22 9.15 58.33
N PRO F 240 -1.28 8.20 57.38
CA PRO F 240 -2.16 7.02 57.56
C PRO F 240 -1.83 6.19 58.79
N HIS F 241 -0.57 6.13 59.21
CA HIS F 241 -0.23 5.38 60.41
C HIS F 241 -0.78 6.05 61.67
N GLU F 242 -0.97 7.38 61.63
CA GLU F 242 -1.62 8.06 62.75
C GLU F 242 -3.08 7.62 62.88
N PHE F 243 -3.76 7.42 61.75
CA PHE F 243 -5.09 6.83 61.78
C PHE F 243 -5.04 5.38 62.21
N LEU F 244 -3.97 4.66 61.85
CA LEU F 244 -3.87 3.23 62.15
C LEU F 244 -3.70 2.98 63.64
N LEU F 245 -2.77 3.69 64.28
CA LEU F 245 -2.40 3.38 65.65
C LEU F 245 -3.25 4.11 66.67
N ASN F 246 -3.25 5.44 66.64
CA ASN F 246 -4.01 6.22 67.61
C ASN F 246 -5.47 6.27 67.17
N GLN F 247 -6.35 5.78 68.04
CA GLN F 247 -7.76 5.63 67.70
C GLN F 247 -8.57 6.92 67.88
N SER F 248 -7.94 8.00 68.36
CA SER F 248 -8.69 9.22 68.62
C SER F 248 -9.10 9.92 67.33
N ILE F 249 -8.20 9.97 66.34
CA ILE F 249 -8.50 10.69 65.11
C ILE F 249 -9.56 9.94 64.30
N ILE F 250 -9.42 8.61 64.21
CA ILE F 250 -10.44 7.82 63.54
C ILE F 250 -11.72 7.77 64.37
N ALA F 251 -11.63 7.99 65.69
CA ALA F 251 -12.83 7.99 66.53
C ALA F 251 -13.65 9.26 66.33
N ASP F 252 -13.00 10.42 66.26
CA ASP F 252 -13.77 11.63 66.04
C ASP F 252 -14.08 11.84 64.56
N LEU F 253 -13.36 11.15 63.67
CA LEU F 253 -13.76 11.13 62.27
C LEU F 253 -14.90 10.15 62.01
N TYR F 254 -14.93 9.03 62.75
CA TYR F 254 -16.00 8.05 62.66
C TYR F 254 -16.29 7.52 64.06
N PRO F 255 -17.44 7.85 64.65
CA PRO F 255 -17.71 7.47 66.05
C PRO F 255 -17.74 5.98 66.31
N SER F 256 -18.09 5.16 65.32
CA SER F 256 -18.15 3.71 65.51
C SER F 256 -16.78 3.10 65.77
N PHE F 257 -15.70 3.79 65.42
CA PHE F 257 -14.37 3.31 65.77
C PHE F 257 -14.08 3.44 67.26
N SER F 258 -14.87 4.24 67.98
CA SER F 258 -14.71 4.34 69.42
C SER F 258 -15.06 3.04 70.14
N LYS F 259 -15.91 2.20 69.54
CA LYS F 259 -16.22 0.90 70.13
C LYS F 259 -15.02 -0.04 70.06
N GLY F 260 -14.22 0.05 69.00
CA GLY F 260 -13.02 -0.75 68.89
C GLY F 260 -13.28 -2.23 68.63
N LEU F 261 -13.78 -2.54 67.43
CA LEU F 261 -14.05 -3.89 66.93
C LEU F 261 -15.13 -4.63 67.71
N ALA F 262 -15.81 -3.95 68.65
CA ALA F 262 -16.94 -4.59 69.34
C ALA F 262 -18.12 -4.90 68.42
N PRO F 263 -18.63 -3.99 67.58
CA PRO F 263 -19.82 -4.34 66.77
C PRO F 263 -19.58 -5.45 65.75
N PHE F 264 -18.33 -5.70 65.35
CA PHE F 264 -18.08 -6.78 64.39
C PHE F 264 -18.31 -8.14 65.03
N PHE F 265 -17.81 -8.35 66.24
CA PHE F 265 -17.92 -9.65 66.89
C PHE F 265 -19.24 -9.82 67.62
N THR F 266 -19.90 -8.74 68.02
CA THR F 266 -21.20 -8.80 68.69
C THR F 266 -22.36 -8.79 67.71
N LEU F 267 -22.09 -8.88 66.41
CA LEU F 267 -23.08 -8.93 65.33
C LEU F 267 -23.93 -7.68 65.24
N ASN F 268 -23.47 -6.58 65.81
CA ASN F 268 -24.17 -5.29 65.73
C ASN F 268 -23.58 -4.45 64.59
N TRP F 269 -23.63 -5.02 63.38
CA TRP F 269 -22.98 -4.41 62.23
C TRP F 269 -23.61 -3.08 61.81
N ALA F 270 -24.86 -2.84 62.20
CA ALA F 270 -25.51 -1.57 61.87
C ALA F 270 -24.81 -0.37 62.49
N GLU F 271 -24.15 -0.56 63.64
CA GLU F 271 -23.34 0.50 64.23
C GLU F 271 -22.19 0.92 63.32
N TYR F 272 -21.74 0.05 62.42
CA TYR F 272 -20.73 0.39 61.43
C TYR F 272 -21.30 1.13 60.23
N SER F 273 -22.53 1.63 60.32
CA SER F 273 -23.18 2.27 59.18
C SER F 273 -22.59 3.62 58.83
N ASP F 274 -21.75 4.21 59.70
CA ASP F 274 -21.20 5.53 59.39
C ASP F 274 -20.10 5.44 58.35
N PHE F 275 -19.24 4.44 58.42
CA PHE F 275 -18.12 4.29 57.50
C PHE F 275 -18.25 3.08 56.59
N LEU F 276 -19.35 2.33 56.69
CA LEU F 276 -19.74 1.31 55.71
C LEU F 276 -21.15 1.67 55.27
N THR F 277 -21.25 2.48 54.22
CA THR F 277 -22.53 3.06 53.81
C THR F 277 -23.06 2.38 52.55
N PHE F 278 -24.28 2.77 52.18
CA PHE F 278 -24.94 2.31 50.97
C PHE F 278 -25.57 3.48 50.22
N LYS F 279 -24.94 4.65 50.29
CA LYS F 279 -25.45 5.84 49.61
C LYS F 279 -25.05 5.76 48.15
N GLY F 280 -26.00 5.36 47.30
CA GLY F 280 -25.74 5.26 45.88
C GLY F 280 -25.56 6.62 45.24
N GLY F 281 -25.03 6.59 44.01
CA GLY F 281 -24.78 7.82 43.30
C GLY F 281 -23.32 8.26 43.41
N LEU F 282 -23.09 9.57 43.41
CA LEU F 282 -21.75 10.11 43.48
C LEU F 282 -21.65 11.12 44.62
N ASN F 283 -20.46 11.24 45.17
CA ASN F 283 -20.20 12.23 46.20
C ASN F 283 -20.23 13.63 45.58
N PRO F 284 -21.11 14.53 46.04
CA PRO F 284 -21.18 15.86 45.41
C PRO F 284 -19.94 16.70 45.57
N VAL F 285 -19.09 16.42 46.57
CA VAL F 285 -17.87 17.19 46.75
C VAL F 285 -16.88 16.89 45.64
N THR F 286 -16.76 15.63 45.22
CA THR F 286 -15.73 15.21 44.29
C THR F 286 -16.24 14.56 43.02
N GLY F 287 -17.53 14.25 42.92
CA GLY F 287 -18.06 13.66 41.71
C GLY F 287 -17.66 12.23 41.47
N GLY F 288 -17.26 11.51 42.51
CA GLY F 288 -16.89 10.12 42.41
C GLY F 288 -17.71 9.26 43.36
N LEU F 289 -17.48 7.96 43.27
CA LEU F 289 -18.16 7.00 44.14
C LEU F 289 -17.77 7.22 45.59
N TRP F 290 -18.72 6.98 46.49
CA TRP F 290 -18.46 7.13 47.92
C TRP F 290 -17.47 6.06 48.37
N LEU F 291 -16.45 6.50 49.13
CA LEU F 291 -15.40 5.58 49.54
C LEU F 291 -15.91 4.54 50.55
N SER F 292 -16.86 4.93 51.40
CA SER F 292 -17.46 3.97 52.32
C SER F 292 -18.25 2.90 51.58
N ASP F 293 -18.92 3.31 50.48
CA ASP F 293 -19.62 2.34 49.64
C ASP F 293 -18.65 1.35 49.03
N THR F 294 -17.50 1.83 48.55
CA THR F 294 -16.48 0.94 48.01
C THR F 294 -15.89 0.04 49.08
N ALA F 295 -15.77 0.55 50.32
CA ALA F 295 -15.24 -0.27 51.41
C ALA F 295 -16.19 -1.42 51.75
N HIS F 296 -17.49 -1.12 51.91
CA HIS F 296 -18.45 -2.18 52.16
C HIS F 296 -18.57 -3.11 50.95
N HIS F 297 -18.38 -2.57 49.74
CA HIS F 297 -18.41 -3.39 48.53
C HIS F 297 -17.27 -4.41 48.54
N HIS F 298 -16.05 -3.95 48.78
CA HIS F 298 -14.91 -4.86 48.78
C HIS F 298 -14.97 -5.82 49.96
N LEU F 299 -15.55 -5.40 51.09
CA LEU F 299 -15.75 -6.32 52.21
C LEU F 299 -16.74 -7.43 51.83
N ALA F 300 -17.86 -7.07 51.19
CA ALA F 300 -18.83 -8.06 50.76
C ALA F 300 -18.24 -8.98 49.69
N ILE F 301 -17.43 -8.42 48.79
CA ILE F 301 -16.76 -9.23 47.76
C ILE F 301 -15.80 -10.21 48.41
N ALA F 302 -15.06 -9.76 49.42
CA ALA F 302 -14.14 -10.63 50.13
C ALA F 302 -14.87 -11.77 50.84
N VAL F 303 -16.00 -11.46 51.48
CA VAL F 303 -16.76 -12.49 52.17
C VAL F 303 -17.33 -13.49 51.16
N LEU F 304 -17.87 -13.00 50.04
CA LEU F 304 -18.45 -13.87 49.03
C LEU F 304 -17.40 -14.77 48.40
N PHE F 305 -16.21 -14.23 48.13
CA PHE F 305 -15.15 -15.04 47.54
C PHE F 305 -14.53 -16.00 48.56
N LEU F 306 -14.49 -15.62 49.84
CA LEU F 306 -14.06 -16.56 50.87
C LEU F 306 -15.04 -17.72 50.99
N VAL F 307 -16.34 -17.44 50.85
CA VAL F 307 -17.33 -18.51 50.82
C VAL F 307 -17.13 -19.39 49.59
N ALA F 308 -16.93 -18.77 48.43
CA ALA F 308 -16.79 -19.51 47.18
C ALA F 308 -15.50 -20.31 47.12
N GLY F 309 -14.47 -19.94 47.87
CA GLY F 309 -13.21 -20.65 47.85
C GLY F 309 -13.17 -21.93 48.65
N HIS F 310 -14.27 -22.30 49.29
CA HIS F 310 -14.37 -23.54 50.05
C HIS F 310 -15.42 -24.46 49.43
N GLN F 311 -15.43 -24.53 48.11
CA GLN F 311 -16.42 -25.31 47.36
C GLN F 311 -15.87 -26.62 46.84
N TYR F 312 -14.62 -26.66 46.41
CA TYR F 312 -14.05 -27.82 45.75
C TYR F 312 -13.25 -28.67 46.72
N ARG F 313 -13.45 -29.98 46.65
CA ARG F 313 -12.75 -30.91 47.53
C ARG F 313 -11.31 -31.07 47.08
N THR F 314 -10.38 -30.85 48.02
CA THR F 314 -8.96 -31.01 47.72
C THR F 314 -8.32 -32.14 48.53
N ASN F 315 -8.35 -32.07 49.86
CA ASN F 315 -7.68 -33.07 50.68
C ASN F 315 -8.42 -33.46 51.94
N TRP F 316 -9.62 -32.94 52.18
CA TRP F 316 -10.28 -33.14 53.47
C TRP F 316 -11.73 -33.54 53.29
N GLY F 317 -12.00 -34.42 52.33
CA GLY F 317 -13.30 -35.06 52.21
C GLY F 317 -14.42 -34.16 51.71
N ILE F 318 -14.70 -33.08 52.44
CA ILE F 318 -15.79 -32.20 52.08
C ILE F 318 -15.43 -31.38 50.84
N GLY F 319 -16.46 -30.90 50.16
CA GLY F 319 -16.27 -30.12 48.96
C GLY F 319 -16.77 -30.85 47.72
N HIS F 320 -17.01 -30.08 46.67
CA HIS F 320 -17.50 -30.61 45.42
C HIS F 320 -16.35 -31.11 44.55
N SER F 321 -16.69 -31.94 43.57
CA SER F 321 -15.74 -32.43 42.58
C SER F 321 -16.14 -31.87 41.21
N ILE F 322 -15.15 -31.28 40.52
CA ILE F 322 -15.42 -30.66 39.22
C ILE F 322 -15.84 -31.71 38.21
N LYS F 323 -15.16 -32.86 38.19
CA LYS F 323 -15.50 -33.93 37.27
C LYS F 323 -16.89 -34.49 37.56
N ASP F 324 -17.23 -34.66 38.83
CA ASP F 324 -18.55 -35.16 39.20
C ASP F 324 -19.64 -34.16 38.83
N ILE F 325 -19.38 -32.86 39.05
CA ILE F 325 -20.35 -31.83 38.70
C ILE F 325 -20.58 -31.81 37.19
N LEU F 326 -19.49 -31.88 36.42
CA LEU F 326 -19.60 -31.86 34.97
C LEU F 326 -20.32 -33.10 34.45
N GLU F 327 -19.98 -34.28 34.97
CA GLU F 327 -20.59 -35.51 34.48
C GLU F 327 -22.05 -35.64 34.91
N SER F 328 -22.42 -35.02 36.04
CA SER F 328 -23.80 -35.12 36.52
C SER F 328 -24.77 -34.27 35.70
N HIS F 329 -24.31 -33.13 35.18
CA HIS F 329 -25.17 -32.22 34.42
C HIS F 329 -25.27 -32.73 33.00
N LYS F 330 -26.21 -33.66 32.77
CA LYS F 330 -26.44 -34.25 31.45
C LYS F 330 -27.92 -34.19 31.13
N GLY F 331 -28.30 -33.36 30.16
CA GLY F 331 -29.67 -33.26 29.73
C GLY F 331 -30.04 -34.33 28.72
N PRO F 332 -31.32 -34.34 28.33
CA PRO F 332 -31.78 -35.34 27.35
C PRO F 332 -31.51 -34.95 25.91
N PHE F 333 -31.35 -33.67 25.61
CA PHE F 333 -31.12 -33.21 24.24
C PHE F 333 -29.65 -33.04 23.91
N THR F 334 -28.74 -33.37 24.82
CA THR F 334 -27.32 -33.12 24.62
C THR F 334 -26.46 -34.38 24.73
N GLY F 335 -27.06 -35.54 24.94
CA GLY F 335 -26.29 -36.77 25.06
C GLY F 335 -25.42 -36.82 26.30
N ASN F 336 -24.13 -37.05 26.11
CA ASN F 336 -23.17 -37.07 27.21
C ASN F 336 -22.93 -35.64 27.67
N GLY F 337 -23.55 -35.27 28.80
CA GLY F 337 -23.48 -33.91 29.28
C GLY F 337 -22.19 -33.56 30.01
N HIS F 338 -21.37 -32.72 29.36
CA HIS F 338 -20.13 -32.18 29.91
C HIS F 338 -19.19 -33.29 30.39
N ALA F 339 -19.10 -34.36 29.60
CA ALA F 339 -18.39 -35.55 30.03
C ALA F 339 -16.87 -35.38 29.93
N GLY F 340 -16.37 -35.15 28.73
CA GLY F 340 -14.94 -35.08 28.50
C GLY F 340 -14.31 -33.72 28.68
N LEU F 341 -15.05 -32.73 29.15
CA LEU F 341 -14.50 -31.38 29.27
C LEU F 341 -13.51 -31.27 30.43
N TYR F 342 -13.70 -32.08 31.48
CA TYR F 342 -12.76 -32.06 32.60
C TYR F 342 -11.39 -32.56 32.16
N GLU F 343 -11.35 -33.62 31.35
CA GLU F 343 -10.08 -34.10 30.83
C GLU F 343 -9.51 -33.15 29.80
N ILE F 344 -10.37 -32.43 29.09
CA ILE F 344 -9.90 -31.46 28.10
C ILE F 344 -9.21 -30.28 28.79
N LEU F 345 -9.85 -29.73 29.82
CA LEU F 345 -9.33 -28.51 30.45
C LEU F 345 -8.21 -28.78 31.44
N THR F 346 -7.95 -30.05 31.78
CA THR F 346 -6.82 -30.40 32.62
C THR F 346 -5.62 -30.91 31.83
N THR F 347 -5.73 -30.97 30.50
CA THR F 347 -4.64 -31.47 29.67
C THR F 347 -4.28 -30.47 28.57
N SER F 348 -5.25 -29.67 28.14
CA SER F 348 -5.05 -28.70 27.08
C SER F 348 -4.86 -27.31 27.69
N TRP F 349 -3.69 -26.72 27.49
CA TRP F 349 -3.46 -25.35 27.92
C TRP F 349 -4.24 -24.36 27.07
N HIS F 350 -4.46 -24.68 25.80
CA HIS F 350 -5.07 -23.73 24.87
C HIS F 350 -6.56 -23.55 25.12
N ALA F 351 -7.26 -24.60 25.55
CA ALA F 351 -8.67 -24.45 25.91
C ALA F 351 -8.83 -23.54 27.13
N GLN F 352 -7.97 -23.72 28.14
CA GLN F 352 -7.97 -22.83 29.29
C GLN F 352 -7.61 -21.42 28.88
N LEU F 353 -6.68 -21.27 27.93
CA LEU F 353 -6.32 -19.95 27.43
C LEU F 353 -7.49 -19.27 26.72
N ALA F 354 -8.24 -20.04 25.94
CA ALA F 354 -9.42 -19.51 25.26
C ALA F 354 -10.47 -19.05 26.25
N ILE F 355 -10.75 -19.88 27.27
CA ILE F 355 -11.75 -19.52 28.28
C ILE F 355 -11.30 -18.29 29.06
N ASN F 356 -10.02 -18.26 29.47
CA ASN F 356 -9.48 -17.14 30.23
C ASN F 356 -9.52 -15.86 29.42
N LEU F 357 -9.16 -15.94 28.13
CA LEU F 357 -9.13 -14.74 27.30
C LEU F 357 -10.53 -14.23 27.02
N ALA F 358 -11.50 -15.13 26.81
CA ALA F 358 -12.87 -14.70 26.59
C ALA F 358 -13.43 -14.01 27.83
N LEU F 359 -13.23 -14.61 28.99
CA LEU F 359 -13.78 -14.02 30.21
C LEU F 359 -13.04 -12.75 30.60
N PHE F 360 -11.73 -12.68 30.35
CA PHE F 360 -10.97 -11.48 30.66
C PHE F 360 -11.33 -10.33 29.73
N GLY F 361 -11.54 -10.63 28.44
CA GLY F 361 -11.98 -9.59 27.53
C GLY F 361 -13.37 -9.07 27.84
N SER F 362 -14.29 -9.99 28.15
CA SER F 362 -15.62 -9.56 28.58
C SER F 362 -15.53 -8.74 29.86
N LEU F 363 -14.68 -9.16 30.79
CA LEU F 363 -14.48 -8.41 32.04
C LEU F 363 -13.94 -7.02 31.78
N SER F 364 -13.02 -6.88 30.81
CA SER F 364 -12.52 -5.56 30.45
C SER F 364 -13.63 -4.69 29.85
N ILE F 365 -14.53 -5.31 29.08
CA ILE F 365 -15.65 -4.55 28.53
C ILE F 365 -16.58 -4.08 29.65
N ILE F 366 -16.89 -4.96 30.61
CA ILE F 366 -17.68 -4.57 31.77
C ILE F 366 -16.97 -3.47 32.56
N VAL F 367 -15.64 -3.56 32.66
CA VAL F 367 -14.87 -2.55 33.38
C VAL F 367 -15.01 -1.19 32.71
N ALA F 368 -14.88 -1.16 31.37
CA ALA F 368 -15.03 0.10 30.64
C ALA F 368 -16.41 0.68 30.83
N HIS F 369 -17.45 -0.15 30.69
CA HIS F 369 -18.82 0.34 30.83
C HIS F 369 -19.10 0.82 32.25
N HIS F 370 -18.64 0.09 33.25
CA HIS F 370 -19.03 0.37 34.62
C HIS F 370 -18.14 1.41 35.29
N MET F 371 -17.02 1.81 34.67
CA MET F 371 -16.35 3.03 35.12
C MET F 371 -16.52 4.23 34.19
N TYR F 372 -17.15 4.09 33.02
CA TYR F 372 -17.71 5.31 32.47
C TYR F 372 -19.00 5.66 33.18
N ALA F 373 -19.76 4.64 33.59
CA ALA F 373 -21.05 4.88 34.22
C ALA F 373 -20.87 5.45 35.63
N MET F 374 -20.24 4.69 36.51
CA MET F 374 -19.90 5.18 37.85
C MET F 374 -18.41 5.44 37.91
N PRO F 375 -17.96 6.68 38.04
CA PRO F 375 -16.53 6.95 38.22
C PRO F 375 -16.11 6.62 39.64
N PRO F 376 -15.37 5.53 39.85
CA PRO F 376 -15.06 5.11 41.22
C PRO F 376 -13.79 5.76 41.75
N TYR F 377 -13.62 7.06 41.51
CA TYR F 377 -12.41 7.75 41.87
C TYR F 377 -12.75 9.22 42.11
N PRO F 378 -12.12 9.87 43.08
CA PRO F 378 -12.39 11.29 43.29
C PRO F 378 -11.85 12.14 42.16
N TYR F 379 -12.67 13.10 41.70
CA TYR F 379 -12.34 14.01 40.60
C TYR F 379 -11.97 13.26 39.33
N LEU F 380 -12.66 12.15 39.07
CA LEU F 380 -12.43 11.36 37.87
C LEU F 380 -13.36 11.78 36.73
N ALA F 381 -14.62 12.07 37.06
CA ALA F 381 -15.58 12.45 36.02
C ALA F 381 -15.33 13.85 35.50
N THR F 382 -14.73 14.73 36.32
CA THR F 382 -14.41 16.08 35.86
C THR F 382 -13.36 16.04 34.76
N ASP F 383 -12.38 15.15 34.87
CA ASP F 383 -11.39 14.94 33.82
C ASP F 383 -12.04 14.09 32.73
N TYR F 384 -12.57 14.76 31.70
CA TYR F 384 -13.21 14.05 30.60
C TYR F 384 -12.19 13.22 29.82
N GLY F 385 -10.98 13.74 29.67
CA GLY F 385 -9.96 13.03 28.92
C GLY F 385 -9.56 11.72 29.57
N THR F 386 -9.42 11.73 30.89
CA THR F 386 -9.09 10.51 31.62
C THR F 386 -10.17 9.46 31.45
N GLN F 387 -11.44 9.86 31.58
CA GLN F 387 -12.55 8.90 31.45
C GLN F 387 -12.62 8.34 30.03
N LEU F 388 -12.48 9.20 29.02
CA LEU F 388 -12.51 8.75 27.64
C LEU F 388 -11.35 7.80 27.33
N SER F 389 -10.15 8.15 27.77
CA SER F 389 -8.98 7.29 27.53
C SER F 389 -9.11 5.95 28.23
N LEU F 390 -9.59 5.94 29.48
CA LEU F 390 -9.76 4.69 30.21
C LEU F 390 -10.81 3.81 29.55
N PHE F 391 -11.95 4.39 29.15
CA PHE F 391 -12.99 3.63 28.48
C PHE F 391 -12.47 3.02 27.19
N THR F 392 -11.82 3.82 26.35
CA THR F 392 -11.32 3.33 25.07
C THR F 392 -10.25 2.26 25.26
N HIS F 393 -9.35 2.46 26.22
CA HIS F 393 -8.26 1.51 26.44
C HIS F 393 -8.80 0.16 26.92
N HIS F 394 -9.69 0.18 27.92
CA HIS F 394 -10.26 -1.07 28.40
C HIS F 394 -11.11 -1.73 27.33
N MET F 395 -11.78 -0.93 26.50
CA MET F 395 -12.55 -1.45 25.38
C MET F 395 -11.67 -2.24 24.42
N TRP F 396 -10.55 -1.64 24.00
CA TRP F 396 -9.68 -2.27 23.02
C TRP F 396 -8.97 -3.49 23.60
N ILE F 397 -8.59 -3.43 24.88
CA ILE F 397 -7.98 -4.60 25.52
C ILE F 397 -8.97 -5.76 25.58
N GLY F 398 -10.24 -5.45 25.90
CA GLY F 398 -11.26 -6.49 25.89
C GLY F 398 -11.49 -7.09 24.51
N GLY F 399 -11.50 -6.25 23.48
CA GLY F 399 -11.68 -6.75 22.13
C GLY F 399 -10.54 -7.63 21.67
N PHE F 400 -9.31 -7.21 21.96
CA PHE F 400 -8.14 -8.04 21.63
C PHE F 400 -8.17 -9.37 22.36
N CYS F 401 -8.56 -9.34 23.64
CA CYS F 401 -8.60 -10.58 24.43
C CYS F 401 -9.68 -11.53 23.92
N VAL F 402 -10.85 -11.01 23.54
CA VAL F 402 -11.87 -11.92 23.03
C VAL F 402 -11.58 -12.39 21.61
N VAL F 403 -10.76 -11.66 20.84
CA VAL F 403 -10.27 -12.22 19.58
C VAL F 403 -9.28 -13.35 19.84
N GLY F 404 -8.36 -13.14 20.78
CA GLY F 404 -7.41 -14.18 21.13
C GLY F 404 -8.07 -15.41 21.74
N ALA F 405 -9.24 -15.21 22.35
CA ALA F 405 -10.02 -16.34 22.84
C ALA F 405 -10.40 -17.28 21.71
N GLY F 406 -10.97 -16.73 20.63
CA GLY F 406 -11.29 -17.56 19.47
C GLY F 406 -10.06 -18.13 18.81
N ALA F 407 -8.97 -17.35 18.81
CA ALA F 407 -7.71 -17.83 18.22
C ALA F 407 -7.20 -19.08 18.94
N HIS F 408 -7.13 -19.02 20.27
CA HIS F 408 -6.59 -20.14 21.02
C HIS F 408 -7.60 -21.27 21.16
N ALA F 409 -8.91 -20.99 21.03
CA ALA F 409 -9.88 -22.07 20.90
C ALA F 409 -9.67 -22.83 19.60
N ALA F 410 -9.41 -22.12 18.51
CA ALA F 410 -9.10 -22.79 17.24
C ALA F 410 -7.80 -23.57 17.33
N ILE F 411 -6.81 -23.03 18.05
CA ILE F 411 -5.56 -23.75 18.26
C ILE F 411 -5.81 -25.05 19.03
N PHE F 412 -6.63 -24.99 20.07
CA PHE F 412 -6.98 -26.21 20.81
C PHE F 412 -7.72 -27.20 19.92
N MET F 413 -8.62 -26.72 19.07
CA MET F 413 -9.36 -27.61 18.18
C MET F 413 -8.43 -28.29 17.18
N VAL F 414 -7.44 -27.56 16.66
CA VAL F 414 -6.50 -28.15 15.73
C VAL F 414 -5.59 -29.15 16.43
N ARG F 415 -5.01 -28.76 17.57
CA ARG F 415 -3.93 -29.53 18.17
C ARG F 415 -4.42 -30.52 19.23
N ASP F 416 -5.09 -30.02 20.27
CA ASP F 416 -5.35 -30.81 21.46
C ASP F 416 -6.68 -31.57 21.41
N TYR F 417 -7.45 -31.45 20.34
CA TYR F 417 -8.71 -32.17 20.25
C TYR F 417 -8.45 -33.64 19.96
N ASP F 418 -9.12 -34.52 20.72
CA ASP F 418 -9.03 -35.96 20.54
C ASP F 418 -10.42 -36.51 20.29
N PRO F 419 -10.69 -37.14 19.14
CA PRO F 419 -12.02 -37.70 18.90
C PRO F 419 -12.36 -38.90 19.78
N THR F 420 -11.36 -39.56 20.37
CA THR F 420 -11.63 -40.70 21.24
C THR F 420 -12.35 -40.26 22.52
N ASN F 421 -11.94 -39.13 23.09
CA ASN F 421 -12.57 -38.62 24.30
C ASN F 421 -13.80 -37.77 24.03
N ASN F 422 -14.12 -37.51 22.76
CA ASN F 422 -15.27 -36.69 22.38
C ASN F 422 -16.05 -37.44 21.32
N TYR F 423 -17.00 -38.28 21.75
CA TYR F 423 -17.85 -39.03 20.83
C TYR F 423 -19.26 -38.49 20.76
N ASN F 424 -19.92 -38.29 21.90
CA ASN F 424 -21.28 -37.77 21.93
C ASN F 424 -21.42 -36.67 22.96
N ASN F 425 -20.34 -35.96 23.26
CA ASN F 425 -20.37 -34.88 24.24
C ASN F 425 -20.82 -33.59 23.56
N LEU F 426 -20.75 -32.49 24.30
CA LEU F 426 -21.25 -31.20 23.81
C LEU F 426 -20.40 -30.67 22.66
N LEU F 427 -19.07 -30.81 22.77
CA LEU F 427 -18.17 -30.36 21.72
C LEU F 427 -18.41 -31.13 20.42
N ASP F 428 -18.61 -32.44 20.53
CA ASP F 428 -18.86 -33.26 19.35
C ASP F 428 -20.17 -32.88 18.67
N ARG F 429 -21.21 -32.58 19.45
CA ARG F 429 -22.48 -32.17 18.86
C ARG F 429 -22.40 -30.78 18.24
N VAL F 430 -21.61 -29.89 18.84
CA VAL F 430 -21.38 -28.57 18.23
C VAL F 430 -20.66 -28.73 16.89
N ILE F 431 -19.66 -29.60 16.83
CA ILE F 431 -19.00 -29.91 15.56
C ILE F 431 -20.00 -30.55 14.59
N ARG F 432 -20.91 -31.38 15.13
CA ARG F 432 -21.87 -32.10 14.32
C ARG F 432 -22.98 -31.21 13.76
N HIS F 433 -23.20 -30.02 14.31
CA HIS F 433 -24.14 -29.10 13.66
C HIS F 433 -23.52 -27.71 13.43
N ARG F 434 -22.19 -27.66 13.29
CA ARG F 434 -21.49 -26.42 12.97
C ARG F 434 -22.00 -25.75 11.71
N ASP F 435 -22.44 -26.52 10.71
CA ASP F 435 -22.94 -25.90 9.48
C ASP F 435 -24.24 -25.15 9.74
N ALA F 436 -25.14 -25.73 10.53
CA ALA F 436 -26.36 -25.02 10.91
C ALA F 436 -26.05 -23.79 11.75
N ILE F 437 -25.08 -23.92 12.67
CA ILE F 437 -24.68 -22.79 13.51
C ILE F 437 -24.17 -21.63 12.64
N ILE F 438 -23.26 -21.93 11.72
CA ILE F 438 -22.64 -20.90 10.89
C ILE F 438 -23.66 -20.31 9.93
N SER F 439 -24.56 -21.14 9.39
CA SER F 439 -25.59 -20.64 8.48
C SER F 439 -26.56 -19.69 9.18
N HIS F 440 -27.03 -20.07 10.37
CA HIS F 440 -27.95 -19.19 11.10
C HIS F 440 -27.26 -17.91 11.57
N LEU F 441 -25.99 -18.02 11.98
CA LEU F 441 -25.24 -16.83 12.36
C LEU F 441 -25.01 -15.90 11.17
N ASN F 442 -24.74 -16.48 9.99
CA ASN F 442 -24.60 -15.70 8.78
C ASN F 442 -25.91 -15.00 8.43
N TRP F 443 -27.04 -15.70 8.55
CA TRP F 443 -28.34 -15.11 8.26
C TRP F 443 -28.64 -13.95 9.20
N VAL F 444 -28.41 -14.14 10.51
CA VAL F 444 -28.72 -13.07 11.45
C VAL F 444 -27.75 -11.90 11.29
N SER F 445 -26.51 -12.18 10.88
CA SER F 445 -25.57 -11.10 10.58
C SER F 445 -26.03 -10.28 9.39
N ILE F 446 -26.51 -10.95 8.33
CA ILE F 446 -27.00 -10.24 7.16
C ILE F 446 -28.24 -9.43 7.51
N PHE F 447 -29.16 -10.02 8.28
CA PHE F 447 -30.38 -9.31 8.65
C PHE F 447 -30.08 -8.08 9.51
N LEU F 448 -29.16 -8.22 10.47
CA LEU F 448 -28.78 -7.09 11.30
C LEU F 448 -28.08 -6.01 10.49
N GLY F 449 -27.18 -6.40 9.59
CA GLY F 449 -26.50 -5.43 8.74
C GLY F 449 -27.44 -4.68 7.84
N PHE F 450 -28.41 -5.39 7.25
CA PHE F 450 -29.43 -4.73 6.46
C PHE F 450 -30.25 -3.77 7.31
N HIS F 451 -30.98 -4.30 8.29
CA HIS F 451 -31.86 -3.44 9.08
C HIS F 451 -31.11 -2.47 10.03
N SER F 452 -29.78 -2.32 10.00
CA SER F 452 -29.12 -1.19 10.64
C SER F 452 -28.43 -0.28 9.63
N PHE F 453 -27.51 -0.81 8.83
CA PHE F 453 -26.77 0.03 7.90
C PHE F 453 -27.65 0.50 6.75
N GLY F 454 -28.55 -0.35 6.26
CA GLY F 454 -29.52 0.12 5.28
C GLY F 454 -30.44 1.18 5.83
N LEU F 455 -30.75 1.13 7.14
CA LEU F 455 -31.46 2.23 7.78
C LEU F 455 -30.64 3.51 7.74
N TYR F 456 -29.34 3.41 8.00
CA TYR F 456 -28.47 4.58 7.92
C TYR F 456 -28.40 5.14 6.50
N ILE F 457 -28.29 4.26 5.51
CA ILE F 457 -28.24 4.68 4.10
C ILE F 457 -29.58 5.28 3.68
N HIS F 458 -30.67 4.71 4.18
CA HIS F 458 -32.01 5.24 3.94
C HIS F 458 -32.13 6.66 4.48
N ASN F 459 -31.63 6.88 5.71
CA ASN F 459 -31.65 8.22 6.28
C ASN F 459 -30.80 9.18 5.47
N ASP F 460 -29.62 8.74 5.03
CA ASP F 460 -28.76 9.60 4.22
C ASP F 460 -29.41 9.96 2.88
N THR F 461 -30.04 8.99 2.23
CA THR F 461 -30.68 9.24 0.94
C THR F 461 -31.86 10.19 1.11
N MET F 462 -32.77 9.89 2.04
CA MET F 462 -33.94 10.73 2.22
C MET F 462 -33.60 12.10 2.81
N SER F 463 -32.41 12.24 3.42
CA SER F 463 -31.92 13.57 3.76
C SER F 463 -31.42 14.30 2.52
N ALA F 464 -30.70 13.59 1.66
CA ALA F 464 -30.21 14.20 0.42
C ALA F 464 -31.32 14.38 -0.61
N LEU F 465 -32.44 13.68 -0.46
CA LEU F 465 -33.57 13.82 -1.37
C LEU F 465 -34.57 14.87 -0.90
N GLY F 466 -34.27 15.58 0.18
CA GLY F 466 -35.18 16.59 0.70
C GLY F 466 -36.46 16.03 1.31
N ARG F 467 -36.35 14.94 2.07
CA ARG F 467 -37.48 14.34 2.76
C ARG F 467 -37.10 14.15 4.23
N PRO F 468 -37.10 15.22 5.02
CA PRO F 468 -36.82 15.07 6.45
C PRO F 468 -37.91 14.32 7.20
N GLN F 469 -39.12 14.26 6.65
CA GLN F 469 -40.21 13.51 7.27
C GLN F 469 -40.15 12.03 6.97
N ASP F 470 -39.31 11.60 6.04
CA ASP F 470 -39.16 10.20 5.67
C ASP F 470 -37.99 9.51 6.36
N MET F 471 -37.30 10.20 7.25
CA MET F 471 -36.13 9.65 7.91
C MET F 471 -36.54 8.75 9.08
N PHE F 472 -35.57 7.97 9.55
CA PHE F 472 -35.72 7.23 10.79
C PHE F 472 -35.04 7.98 11.94
N SER F 473 -35.58 9.16 12.22
CA SER F 473 -35.02 10.07 13.21
C SER F 473 -35.98 10.20 14.39
N ASP F 474 -35.60 11.05 15.35
CA ASP F 474 -36.42 11.26 16.53
C ASP F 474 -37.66 12.10 16.25
N THR F 475 -37.77 12.71 15.07
CA THR F 475 -38.89 13.56 14.72
C THR F 475 -39.77 13.00 13.61
N ALA F 476 -39.23 12.18 12.73
CA ALA F 476 -39.98 11.65 11.59
C ALA F 476 -40.59 10.28 11.86
N ILE F 477 -39.77 9.28 12.12
CA ILE F 477 -40.23 7.92 12.42
C ILE F 477 -39.51 7.48 13.68
N GLN F 478 -40.23 7.45 14.80
CA GLN F 478 -39.63 7.20 16.11
C GLN F 478 -39.47 5.70 16.32
N LEU F 479 -38.26 5.20 16.12
CA LEU F 479 -37.88 3.86 16.58
C LEU F 479 -37.17 3.94 17.93
N GLN F 480 -37.94 4.42 18.92
CA GLN F 480 -37.40 4.66 20.25
C GLN F 480 -37.03 3.36 20.93
N PRO F 481 -35.95 3.33 21.71
CA PRO F 481 -35.60 2.12 22.46
C PRO F 481 -36.48 1.95 23.69
N VAL F 482 -37.66 1.34 23.50
CA VAL F 482 -38.63 1.24 24.59
C VAL F 482 -38.12 0.33 25.71
N PHE F 483 -37.42 -0.74 25.35
CA PHE F 483 -36.89 -1.65 26.38
C PHE F 483 -35.80 -0.99 27.20
N ALA F 484 -34.88 -0.28 26.55
CA ALA F 484 -33.82 0.42 27.27
C ALA F 484 -34.39 1.54 28.13
N GLN F 485 -35.38 2.28 27.62
CA GLN F 485 -36.01 3.33 28.40
C GLN F 485 -36.75 2.77 29.61
N TRP F 486 -37.43 1.64 29.43
CA TRP F 486 -38.12 1.01 30.54
C TRP F 486 -37.14 0.51 31.60
N ILE F 487 -36.00 -0.05 31.16
CA ILE F 487 -34.99 -0.50 32.11
C ILE F 487 -34.37 0.69 32.84
N GLN F 488 -34.16 1.79 32.12
CA GLN F 488 -33.65 3.01 32.76
C GLN F 488 -34.62 3.54 33.81
N ASN F 489 -35.92 3.54 33.49
CA ASN F 489 -36.92 3.99 34.46
C ASN F 489 -37.02 3.05 35.66
N THR F 490 -36.87 1.75 35.42
CA THR F 490 -36.92 0.78 36.51
C THR F 490 -35.71 0.92 37.44
N HIS F 491 -34.53 1.13 36.86
CA HIS F 491 -33.33 1.28 37.68
C HIS F 491 -33.28 2.65 38.36
N PHE F 492 -33.94 3.65 37.78
CA PHE F 492 -34.08 4.92 38.46
C PHE F 492 -34.98 4.79 39.69
N THR F 493 -35.95 3.87 39.64
CA THR F 493 -36.82 3.59 40.76
C THR F 493 -36.38 2.36 41.55
N ALA F 494 -35.17 1.85 41.29
CA ALA F 494 -34.65 0.74 42.09
C ALA F 494 -34.51 1.05 43.58
N PRO F 495 -33.96 2.21 44.01
CA PRO F 495 -33.97 2.49 45.45
C PRO F 495 -35.35 2.82 46.01
N GLN F 496 -36.34 3.13 45.17
CA GLN F 496 -37.64 3.52 45.69
C GLN F 496 -38.40 2.33 46.27
N LEU F 497 -38.43 1.21 45.56
CA LEU F 497 -39.24 0.08 46.01
C LEU F 497 -38.46 -1.22 46.14
N THR F 498 -37.57 -1.52 45.19
CA THR F 498 -36.92 -2.82 45.15
C THR F 498 -35.59 -2.87 45.90
N ALA F 499 -34.99 -1.71 46.18
CA ALA F 499 -33.78 -1.63 47.00
C ALA F 499 -33.98 -0.52 48.03
N PRO F 500 -34.85 -0.74 49.02
CA PRO F 500 -35.24 0.36 49.92
C PRO F 500 -34.12 0.86 50.81
N ASN F 501 -33.07 0.08 51.02
CA ASN F 501 -31.97 0.51 51.88
C ASN F 501 -30.95 1.37 51.15
N ALA F 502 -31.02 1.46 49.83
CA ALA F 502 -30.14 2.35 49.08
C ALA F 502 -30.66 3.78 49.18
N LEU F 503 -29.76 4.71 49.52
CA LEU F 503 -30.18 6.09 49.70
C LEU F 503 -30.56 6.75 48.38
N ALA F 504 -29.82 6.44 47.32
CA ALA F 504 -30.09 6.99 46.00
C ALA F 504 -29.93 5.89 44.97
N ALA F 505 -30.00 6.26 43.70
CA ALA F 505 -29.83 5.29 42.62
C ALA F 505 -28.37 4.83 42.55
N THR F 506 -28.18 3.64 41.99
CA THR F 506 -26.84 3.08 41.87
C THR F 506 -25.98 3.84 40.88
N SER F 507 -26.60 4.58 39.96
CA SER F 507 -25.88 5.46 39.04
C SER F 507 -26.81 6.57 38.59
N LEU F 508 -26.22 7.65 38.09
CA LEU F 508 -26.99 8.78 37.61
C LEU F 508 -27.32 8.70 36.12
N THR F 509 -26.94 7.60 35.45
CA THR F 509 -27.24 7.47 34.03
C THR F 509 -28.71 7.17 33.79
N TRP F 510 -29.38 6.55 34.76
CA TRP F 510 -30.80 6.25 34.60
C TRP F 510 -31.63 7.53 34.63
N GLY F 511 -31.38 8.39 35.59
CA GLY F 511 -32.15 9.62 35.71
C GLY F 511 -31.78 10.35 36.99
N GLY F 512 -32.53 11.41 37.25
CA GLY F 512 -32.32 12.21 38.45
C GLY F 512 -31.73 13.56 38.18
N ASP F 513 -31.01 14.11 39.16
CA ASP F 513 -30.42 15.43 39.04
C ASP F 513 -29.09 15.34 38.29
N VAL F 514 -28.38 16.46 38.21
CA VAL F 514 -27.09 16.53 37.53
C VAL F 514 -26.03 16.82 38.58
N VAL F 515 -25.03 15.95 38.66
CA VAL F 515 -23.89 16.13 39.56
C VAL F 515 -22.77 16.78 38.77
N ALA F 516 -22.28 17.93 39.26
CA ALA F 516 -21.23 18.69 38.61
C ALA F 516 -20.18 19.08 39.64
N VAL F 517 -18.93 19.11 39.22
CA VAL F 517 -17.79 19.44 40.09
C VAL F 517 -16.94 20.49 39.38
N GLY F 518 -16.71 21.62 40.04
CA GLY F 518 -15.86 22.64 39.48
C GLY F 518 -16.44 23.37 38.29
N GLY F 519 -17.76 23.37 38.15
CA GLY F 519 -18.41 23.97 37.00
C GLY F 519 -18.52 23.07 35.79
N LYS F 520 -17.96 21.87 35.85
CA LYS F 520 -18.03 20.91 34.76
C LYS F 520 -18.92 19.74 35.18
N VAL F 521 -19.67 19.21 34.21
CA VAL F 521 -20.64 18.16 34.50
C VAL F 521 -19.89 16.87 34.81
N ALA F 522 -20.07 16.37 36.03
CA ALA F 522 -19.49 15.09 36.38
C ALA F 522 -20.32 13.94 35.82
N MET F 523 -21.61 13.91 36.16
CA MET F 523 -22.50 12.89 35.63
C MET F 523 -23.92 13.43 35.59
N MET F 524 -24.60 13.20 34.47
CA MET F 524 -25.96 13.66 34.26
C MET F 524 -26.73 12.53 33.59
N PRO F 525 -28.07 12.53 33.69
CA PRO F 525 -28.86 11.49 33.03
C PRO F 525 -28.67 11.47 31.52
N ILE F 526 -28.66 10.27 30.94
CA ILE F 526 -28.41 10.05 29.53
C ILE F 526 -29.73 9.63 28.88
N ALA F 527 -30.17 10.40 27.88
CA ALA F 527 -31.38 10.10 27.15
C ALA F 527 -31.05 9.24 25.93
N LEU F 528 -31.88 8.23 25.70
CA LEU F 528 -31.70 7.31 24.59
C LEU F 528 -32.80 7.53 23.55
N GLY F 529 -32.37 7.74 22.30
CA GLY F 529 -33.31 8.02 21.23
C GLY F 529 -33.17 7.12 20.02
N THR F 530 -33.63 7.59 18.87
CA THR F 530 -33.55 6.80 17.64
C THR F 530 -32.11 6.55 17.21
N SER F 531 -31.26 7.58 17.33
CA SER F 531 -29.85 7.41 16.98
C SER F 531 -29.17 6.41 17.91
N ASP F 532 -29.55 6.44 19.20
CA ASP F 532 -28.99 5.48 20.14
C ASP F 532 -29.39 4.06 19.81
N PHE F 533 -30.65 3.84 19.42
CA PHE F 533 -31.08 2.52 18.97
C PHE F 533 -30.33 2.09 17.72
N LEU F 534 -30.14 3.02 16.79
CA LEU F 534 -29.43 2.70 15.55
C LEU F 534 -27.99 2.28 15.82
N VAL F 535 -27.28 3.04 16.67
CA VAL F 535 -25.89 2.70 16.92
C VAL F 535 -25.77 1.44 17.78
N HIS F 536 -26.72 1.21 18.69
CA HIS F 536 -26.66 -0.01 19.49
C HIS F 536 -26.91 -1.25 18.63
N HIS F 537 -27.85 -1.16 17.68
CA HIS F 537 -28.07 -2.28 16.78
C HIS F 537 -26.92 -2.45 15.79
N ILE F 538 -26.26 -1.34 15.42
CA ILE F 538 -25.04 -1.43 14.60
C ILE F 538 -23.94 -2.17 15.35
N HIS F 539 -23.77 -1.85 16.63
CA HIS F 539 -22.78 -2.55 17.46
C HIS F 539 -23.12 -4.02 17.60
N ALA F 540 -24.41 -4.34 17.79
CA ALA F 540 -24.84 -5.73 17.87
C ALA F 540 -24.55 -6.47 16.57
N PHE F 541 -24.77 -5.81 15.43
CA PHE F 541 -24.48 -6.41 14.13
C PHE F 541 -22.99 -6.68 13.97
N THR F 542 -22.15 -5.72 14.35
CA THR F 542 -20.71 -5.90 14.19
C THR F 542 -20.18 -6.99 15.10
N ILE F 543 -20.67 -7.05 16.34
CA ILE F 543 -20.30 -8.12 17.26
C ILE F 543 -20.77 -9.46 16.72
N HIS F 544 -21.97 -9.50 16.13
CA HIS F 544 -22.48 -10.74 15.55
C HIS F 544 -21.61 -11.22 14.40
N VAL F 545 -21.16 -10.31 13.54
CA VAL F 545 -20.32 -10.72 12.43
C VAL F 545 -18.96 -11.21 12.93
N THR F 546 -18.38 -10.52 13.93
CA THR F 546 -17.11 -10.97 14.48
C THR F 546 -17.23 -12.35 15.13
N VAL F 547 -18.36 -12.58 15.82
CA VAL F 547 -18.63 -13.90 16.39
C VAL F 547 -18.76 -14.94 15.29
N LEU F 548 -19.41 -14.57 14.18
CA LEU F 548 -19.54 -15.48 13.05
C LEU F 548 -18.17 -15.87 12.48
N ILE F 549 -17.28 -14.88 12.32
CA ILE F 549 -15.95 -15.14 11.76
C ILE F 549 -15.16 -16.05 12.69
N LEU F 550 -15.14 -15.72 13.99
CA LEU F 550 -14.33 -16.48 14.92
C LEU F 550 -14.89 -17.88 15.14
N LEU F 551 -16.22 -18.02 15.15
CA LEU F 551 -16.82 -19.34 15.31
C LEU F 551 -16.64 -20.20 14.06
N LYS F 552 -16.68 -19.57 12.88
CA LYS F 552 -16.38 -20.31 11.65
C LYS F 552 -14.92 -20.76 11.63
N GLY F 553 -14.03 -19.94 12.17
CA GLY F 553 -12.64 -20.36 12.29
C GLY F 553 -12.45 -21.51 13.26
N VAL F 554 -13.13 -21.46 14.40
CA VAL F 554 -12.97 -22.48 15.42
C VAL F 554 -13.57 -23.80 14.95
N LEU F 555 -14.81 -23.77 14.45
CA LEU F 555 -15.53 -25.00 14.17
C LEU F 555 -15.04 -25.68 12.91
N PHE F 556 -14.60 -24.92 11.91
CA PHE F 556 -14.07 -25.47 10.67
C PHE F 556 -12.55 -25.53 10.68
N ALA F 557 -11.92 -25.54 11.86
CA ALA F 557 -10.47 -25.61 11.93
C ALA F 557 -9.95 -26.99 11.59
N ARG F 558 -10.73 -28.04 11.87
CA ARG F 558 -10.26 -29.41 11.68
C ARG F 558 -10.57 -29.94 10.29
N SER F 559 -11.79 -29.75 9.81
CA SER F 559 -12.20 -30.31 8.53
C SER F 559 -13.40 -29.53 8.00
N SER F 560 -13.67 -29.73 6.71
CA SER F 560 -14.82 -29.14 6.05
C SER F 560 -15.10 -29.96 4.80
N ARG F 561 -16.24 -29.68 4.17
CA ARG F 561 -16.52 -30.31 2.88
C ARG F 561 -15.57 -29.81 1.80
N LEU F 562 -15.16 -28.54 1.89
CA LEU F 562 -14.15 -28.02 0.95
C LEU F 562 -12.79 -28.67 1.19
N ILE F 563 -12.33 -28.68 2.43
CA ILE F 563 -11.05 -29.29 2.79
C ILE F 563 -11.29 -30.30 3.90
N PRO F 564 -11.19 -31.61 3.63
CA PRO F 564 -11.50 -32.62 4.64
C PRO F 564 -10.34 -32.94 5.58
N ASP F 565 -9.11 -32.55 5.23
CA ASP F 565 -7.94 -32.84 6.04
C ASP F 565 -7.25 -31.55 6.47
N LYS F 566 -8.05 -30.58 6.92
CA LYS F 566 -7.49 -29.30 7.38
C LYS F 566 -6.75 -29.45 8.71
N ALA F 567 -7.07 -30.48 9.49
CA ALA F 567 -6.38 -30.69 10.76
C ALA F 567 -4.93 -31.09 10.54
N ASN F 568 -4.66 -31.87 9.49
CA ASN F 568 -3.30 -32.28 9.18
C ASN F 568 -2.44 -31.13 8.68
N LEU F 569 -3.06 -30.08 8.14
CA LEU F 569 -2.32 -28.91 7.67
C LEU F 569 -1.89 -27.99 8.81
N GLY F 570 -2.36 -28.24 10.03
CA GLY F 570 -1.99 -27.41 11.17
C GLY F 570 -2.93 -26.23 11.35
N PHE F 571 -2.72 -25.52 12.46
CA PHE F 571 -3.53 -24.34 12.74
C PHE F 571 -3.12 -23.17 11.86
N ARG F 572 -1.81 -22.98 11.67
CA ARG F 572 -1.26 -21.82 10.99
C ARG F 572 -0.63 -22.27 9.68
N PHE F 573 -1.44 -22.31 8.63
CA PHE F 573 -0.95 -22.53 7.27
C PHE F 573 -1.56 -21.49 6.36
N PRO F 574 -0.84 -21.08 5.30
CA PRO F 574 -1.36 -20.02 4.43
C PRO F 574 -2.58 -20.44 3.61
N CYS F 575 -2.48 -21.58 2.93
CA CYS F 575 -3.51 -22.00 1.99
C CYS F 575 -3.34 -23.48 1.71
N ASP F 576 -4.18 -23.99 0.81
CA ASP F 576 -4.04 -25.33 0.25
C ASP F 576 -3.84 -25.27 -1.26
N GLY F 577 -3.27 -24.17 -1.74
CA GLY F 577 -3.06 -23.96 -3.16
C GLY F 577 -4.28 -23.38 -3.82
N PRO F 578 -4.18 -23.10 -5.13
CA PRO F 578 -5.33 -22.59 -5.87
C PRO F 578 -6.36 -23.66 -6.26
N GLY F 579 -6.27 -24.84 -5.67
CA GLY F 579 -7.20 -25.89 -5.99
C GLY F 579 -8.58 -25.62 -5.45
N ARG F 580 -9.54 -26.38 -6.00
CA ARG F 580 -10.98 -26.22 -5.69
C ARG F 580 -11.44 -24.79 -5.95
N GLY F 581 -10.89 -24.17 -6.99
CA GLY F 581 -11.13 -22.77 -7.28
C GLY F 581 -10.22 -21.82 -6.55
N GLY F 582 -9.51 -22.28 -5.52
CA GLY F 582 -8.68 -21.42 -4.70
C GLY F 582 -9.01 -21.58 -3.22
N THR F 583 -8.00 -21.81 -2.40
CA THR F 583 -8.19 -22.07 -0.98
C THR F 583 -7.34 -21.14 -0.13
N CYS F 584 -7.17 -19.90 -0.57
CA CYS F 584 -6.41 -18.93 0.20
C CYS F 584 -7.24 -18.45 1.39
N GLN F 585 -6.54 -18.19 2.50
CA GLN F 585 -7.14 -17.72 3.75
C GLN F 585 -8.22 -18.66 4.26
N VAL F 586 -7.96 -19.96 4.16
CA VAL F 586 -8.92 -20.97 4.63
C VAL F 586 -8.61 -21.46 6.04
N SER F 587 -7.43 -21.16 6.56
CA SER F 587 -7.04 -21.65 7.88
C SER F 587 -7.81 -20.90 8.98
N ALA F 588 -7.79 -21.49 10.18
CA ALA F 588 -8.37 -20.84 11.34
C ALA F 588 -7.59 -19.59 11.73
N TRP F 589 -6.26 -19.64 11.56
CA TRP F 589 -5.44 -18.45 11.81
C TRP F 589 -5.83 -17.31 10.88
N ASP F 590 -6.10 -17.62 9.61
CA ASP F 590 -6.57 -16.60 8.68
C ASP F 590 -7.96 -16.09 9.06
N HIS F 591 -8.79 -16.94 9.65
CA HIS F 591 -10.09 -16.50 10.15
C HIS F 591 -9.91 -15.49 11.29
N VAL F 592 -8.96 -15.76 12.20
CA VAL F 592 -8.68 -14.81 13.27
C VAL F 592 -8.10 -13.51 12.70
N PHE F 593 -7.25 -13.64 11.67
CA PHE F 593 -6.67 -12.46 11.02
C PHE F 593 -7.76 -11.61 10.36
N LEU F 594 -8.75 -12.25 9.77
CA LEU F 594 -9.88 -11.52 9.18
C LEU F 594 -10.76 -10.91 10.26
N GLY F 595 -11.01 -11.63 11.34
CA GLY F 595 -11.86 -11.13 12.41
C GLY F 595 -11.23 -10.02 13.23
N LEU F 596 -9.90 -9.89 13.17
CA LEU F 596 -9.24 -8.78 13.86
C LEU F 596 -9.69 -7.43 13.31
N PHE F 597 -9.80 -7.32 11.98
CA PHE F 597 -10.29 -6.09 11.37
C PHE F 597 -11.74 -5.82 11.74
N TRP F 598 -12.55 -6.88 11.84
CA TRP F 598 -13.95 -6.69 12.19
C TRP F 598 -14.11 -6.26 13.64
N MET F 599 -13.27 -6.80 14.53
CA MET F 599 -13.19 -6.31 15.90
C MET F 599 -12.75 -4.86 15.93
N TYR F 600 -11.79 -4.49 15.08
CA TYR F 600 -11.34 -3.10 15.03
C TYR F 600 -12.47 -2.17 14.59
N ASN F 601 -13.21 -2.57 13.55
CA ASN F 601 -14.33 -1.76 13.07
C ASN F 601 -15.43 -1.65 14.13
N SER F 602 -15.73 -2.77 14.78
CA SER F 602 -16.77 -2.79 15.82
C SER F 602 -16.42 -1.86 16.96
N LEU F 603 -15.22 -1.99 17.51
CA LEU F 603 -14.86 -1.15 18.65
C LEU F 603 -14.61 0.29 18.24
N SER F 604 -14.20 0.54 17.00
CA SER F 604 -14.09 1.90 16.52
C SER F 604 -15.45 2.59 16.48
N ILE F 605 -16.46 1.89 15.98
CA ILE F 605 -17.80 2.46 15.98
C ILE F 605 -18.32 2.63 17.42
N VAL F 606 -17.98 1.68 18.29
CA VAL F 606 -18.43 1.76 19.68
C VAL F 606 -17.84 2.98 20.39
N ILE F 607 -16.53 3.19 20.22
CA ILE F 607 -15.90 4.31 20.91
C ILE F 607 -16.27 5.63 20.24
N PHE F 608 -16.57 5.62 18.94
CA PHE F 608 -17.08 6.84 18.31
C PHE F 608 -18.44 7.21 18.87
N HIS F 609 -19.33 6.22 19.05
CA HIS F 609 -20.61 6.45 19.69
C HIS F 609 -20.42 6.94 21.11
N PHE F 610 -19.48 6.35 21.86
CA PHE F 610 -19.22 6.78 23.23
C PHE F 610 -18.76 8.23 23.27
N SER F 611 -17.78 8.58 22.44
CA SER F 611 -17.22 9.93 22.47
C SER F 611 -18.27 10.96 22.09
N TRP F 612 -19.03 10.68 21.02
CA TRP F 612 -20.07 11.62 20.61
C TRP F 612 -21.17 11.73 21.65
N LYS F 613 -21.56 10.61 22.27
CA LYS F 613 -22.67 10.62 23.21
C LYS F 613 -22.30 11.38 24.50
N MET F 614 -21.11 11.13 25.04
CA MET F 614 -20.72 11.89 26.23
C MET F 614 -20.39 13.35 25.89
N GLN F 615 -19.91 13.63 24.68
CA GLN F 615 -19.61 15.01 24.33
C GLN F 615 -20.88 15.82 24.06
N SER F 616 -21.96 15.16 23.63
CA SER F 616 -23.18 15.87 23.28
C SER F 616 -24.22 15.87 24.40
N ASP F 617 -24.32 14.79 25.19
CA ASP F 617 -25.40 14.65 26.14
C ASP F 617 -24.96 14.44 27.57
N VAL F 618 -23.65 14.36 27.84
CA VAL F 618 -23.19 14.16 29.21
C VAL F 618 -22.23 15.28 29.62
N TRP F 619 -21.10 15.36 28.93
CA TRP F 619 -20.04 16.29 29.35
C TRP F 619 -20.38 17.71 28.92
N GLY F 620 -19.76 18.66 29.59
CA GLY F 620 -19.97 20.07 29.33
C GLY F 620 -19.75 20.88 30.59
N THR F 621 -20.29 22.10 30.58
CA THR F 621 -20.18 23.02 31.69
C THR F 621 -21.57 23.31 32.25
N VAL F 622 -21.60 23.77 33.50
CA VAL F 622 -22.83 24.12 34.19
C VAL F 622 -22.83 25.62 34.44
N THR F 623 -23.83 26.30 33.90
CA THR F 623 -24.03 27.74 34.12
C THR F 623 -25.31 27.95 34.93
N ASP F 624 -25.64 29.22 35.15
CA ASP F 624 -26.89 29.54 35.83
C ASP F 624 -28.10 29.22 34.97
N SER F 625 -27.98 29.39 33.65
CA SER F 625 -29.08 29.06 32.75
C SER F 625 -29.32 27.56 32.68
N GLY F 626 -28.25 26.77 32.63
CA GLY F 626 -28.39 25.33 32.54
C GLY F 626 -27.07 24.69 32.19
N VAL F 627 -27.16 23.50 31.59
CA VAL F 627 -25.99 22.71 31.20
C VAL F 627 -25.72 22.97 29.73
N SER F 628 -24.52 23.46 29.42
CA SER F 628 -24.08 23.67 28.05
C SER F 628 -23.06 22.59 27.71
N HIS F 629 -23.43 21.69 26.81
CA HIS F 629 -22.56 20.57 26.46
C HIS F 629 -21.47 21.01 25.49
N ILE F 630 -20.55 20.09 25.22
CA ILE F 630 -19.40 20.41 24.38
C ILE F 630 -19.83 20.62 22.93
N THR F 631 -20.66 19.73 22.40
CA THR F 631 -21.11 19.82 21.01
C THR F 631 -22.55 20.32 20.90
N GLY F 632 -23.18 20.70 22.01
CA GLY F 632 -24.52 21.26 21.95
C GLY F 632 -25.63 20.26 21.73
N GLY F 633 -25.39 18.98 22.01
CA GLY F 633 -26.43 17.97 21.88
C GLY F 633 -26.91 17.71 20.47
N ASN F 634 -25.99 17.59 19.51
CA ASN F 634 -26.35 17.31 18.12
C ASN F 634 -26.58 15.83 17.86
N PHE F 635 -26.29 14.96 18.83
CA PHE F 635 -26.41 13.52 18.64
C PHE F 635 -27.85 13.09 18.36
N ALA F 636 -28.82 13.83 18.90
CA ALA F 636 -30.22 13.51 18.64
C ALA F 636 -30.62 13.84 17.21
N GLN F 637 -29.86 14.68 16.51
CA GLN F 637 -30.23 15.11 15.18
C GLN F 637 -29.21 14.78 14.10
N SER F 638 -27.95 14.50 14.46
CA SER F 638 -26.90 14.30 13.48
C SER F 638 -26.36 12.87 13.42
N ALA F 639 -26.65 12.05 14.43
CA ALA F 639 -26.08 10.71 14.48
C ALA F 639 -26.90 9.69 13.69
N ASN F 640 -27.98 10.10 13.04
CA ASN F 640 -28.81 9.19 12.27
C ASN F 640 -28.32 8.99 10.84
N THR F 641 -27.33 9.77 10.39
CA THR F 641 -26.83 9.68 9.03
C THR F 641 -25.31 9.53 9.05
N ILE F 642 -24.79 8.86 8.02
CA ILE F 642 -23.35 8.72 7.87
C ILE F 642 -22.70 10.08 7.61
N ASN F 643 -23.40 10.95 6.87
CA ASN F 643 -22.88 12.31 6.65
C ASN F 643 -22.81 13.10 7.94
N GLY F 644 -23.72 12.85 8.88
CA GLY F 644 -23.63 13.50 10.18
C GLY F 644 -22.42 13.04 10.97
N TRP F 645 -22.10 11.75 10.89
CA TRP F 645 -20.88 11.25 11.52
C TRP F 645 -19.63 11.81 10.84
N LEU F 646 -19.69 12.00 9.52
CA LEU F 646 -18.57 12.59 8.79
C LEU F 646 -18.36 14.05 9.19
N ARG F 647 -19.44 14.81 9.26
CA ARG F 647 -19.35 16.26 9.41
C ARG F 647 -19.43 16.68 10.88
N ASP F 648 -20.50 16.31 11.56
CA ASP F 648 -20.74 16.78 12.92
C ASP F 648 -19.95 16.02 13.98
N PHE F 649 -19.30 14.92 13.62
CA PHE F 649 -18.47 14.18 14.56
C PHE F 649 -17.02 14.08 14.14
N LEU F 650 -16.74 13.80 12.87
CA LEU F 650 -15.36 13.65 12.42
C LEU F 650 -14.78 14.96 11.89
N TRP F 651 -15.60 15.81 11.27
CA TRP F 651 -15.12 17.09 10.78
C TRP F 651 -15.34 18.22 11.78
N ALA F 652 -16.43 18.18 12.54
CA ALA F 652 -16.63 19.16 13.62
C ALA F 652 -15.55 19.01 14.67
N GLN F 653 -15.22 17.77 15.03
CA GLN F 653 -14.05 17.49 15.84
C GLN F 653 -12.86 17.33 14.88
N SER F 654 -11.72 16.88 15.43
CA SER F 654 -10.46 16.71 14.71
C SER F 654 -9.89 18.01 14.17
N SER F 655 -10.54 19.14 14.46
CA SER F 655 -9.95 20.44 14.16
C SER F 655 -8.86 20.79 15.16
N GLN F 656 -8.97 20.29 16.39
CA GLN F 656 -7.93 20.49 17.38
C GLN F 656 -6.68 19.70 17.04
N VAL F 657 -6.85 18.52 16.43
CA VAL F 657 -5.70 17.69 16.07
C VAL F 657 -4.87 18.35 14.98
N ILE F 658 -5.52 18.89 13.96
CA ILE F 658 -4.81 19.50 12.85
C ILE F 658 -4.31 20.90 13.19
N GLN F 659 -4.89 21.57 14.18
CA GLN F 659 -4.44 22.88 14.62
C GLN F 659 -3.60 22.81 15.89
N SER F 660 -3.20 21.61 16.30
CA SER F 660 -2.38 21.45 17.49
C SER F 660 -0.94 21.90 17.30
N TYR F 661 -0.53 22.19 16.06
CA TYR F 661 0.85 22.57 15.78
C TYR F 661 1.20 23.88 16.47
N GLY F 662 2.41 23.94 17.02
CA GLY F 662 2.84 25.08 17.80
C GLY F 662 2.39 25.07 19.24
N SER F 663 1.75 24.00 19.69
CA SER F 663 1.28 23.87 21.06
C SER F 663 1.80 22.56 21.65
N ALA F 664 1.37 22.26 22.87
CA ALA F 664 1.80 21.03 23.53
C ALA F 664 1.09 19.80 22.99
N LEU F 665 -0.01 19.97 22.29
CA LEU F 665 -0.78 18.87 21.73
C LEU F 665 -0.28 18.43 20.37
N SER F 666 0.71 19.14 19.81
CA SER F 666 1.16 18.93 18.44
C SER F 666 1.66 17.52 18.18
N ALA F 667 2.34 16.91 19.15
CA ALA F 667 2.79 15.53 19.01
C ALA F 667 1.64 14.59 18.70
N TYR F 668 0.48 14.80 19.36
CA TYR F 668 -0.72 14.06 19.03
C TYR F 668 -1.02 14.15 17.54
N GLY F 669 -1.08 15.38 17.02
CA GLY F 669 -1.27 15.56 15.59
C GLY F 669 -0.19 14.88 14.78
N LEU F 670 1.07 15.00 15.24
CA LEU F 670 2.16 14.28 14.60
C LEU F 670 1.89 12.78 14.60
N MET F 671 1.56 12.24 15.79
CA MET F 671 1.18 10.83 15.88
C MET F 671 0.02 10.54 14.97
N PHE F 672 -0.96 11.45 14.93
CA PHE F 672 -2.11 11.32 14.06
C PHE F 672 -1.69 11.09 12.62
N LEU F 673 -0.82 11.98 12.11
CA LEU F 673 -0.33 11.83 10.75
C LEU F 673 0.43 10.52 10.60
N GLY F 674 1.32 10.24 11.56
CA GLY F 674 2.06 8.99 11.52
C GLY F 674 1.16 7.79 11.55
N ALA F 675 0.08 7.88 12.34
CA ALA F 675 -0.86 6.78 12.42
C ALA F 675 -1.50 6.52 11.06
N HIS F 676 -1.89 7.60 10.37
CA HIS F 676 -2.43 7.46 9.02
C HIS F 676 -1.42 6.75 8.12
N PHE F 677 -0.15 7.16 8.23
CA PHE F 677 0.94 6.51 7.51
C PHE F 677 0.97 5.00 7.78
N VAL F 678 0.95 4.62 9.05
CA VAL F 678 1.04 3.20 9.38
C VAL F 678 -0.19 2.49 8.85
N TRP F 679 -1.35 3.15 8.92
CA TRP F 679 -2.58 2.55 8.43
C TRP F 679 -2.52 2.36 6.92
N ALA F 680 -1.81 3.25 6.23
CA ALA F 680 -1.61 3.05 4.80
C ALA F 680 -0.55 1.98 4.54
N PHE F 681 0.49 1.96 5.39
CA PHE F 681 1.66 1.12 5.09
C PHE F 681 1.33 -0.35 5.22
N SER F 682 0.28 -0.68 5.98
CA SER F 682 -0.17 -2.05 6.11
C SER F 682 -0.79 -2.60 4.82
N LEU F 683 -1.34 -1.72 3.98
CA LEU F 683 -2.27 -2.17 2.95
C LEU F 683 -1.60 -3.09 1.92
N MET F 684 -0.38 -2.77 1.50
CA MET F 684 0.30 -3.65 0.56
C MET F 684 0.78 -4.94 1.20
N PHE F 685 0.92 -4.98 2.52
CA PHE F 685 1.07 -6.28 3.17
C PHE F 685 -0.25 -7.03 3.18
N LEU F 686 -1.37 -6.30 3.27
CA LEU F 686 -2.68 -6.91 3.18
C LEU F 686 -3.06 -7.25 1.75
N PHE F 687 -2.67 -6.41 0.80
CA PHE F 687 -2.86 -6.70 -0.61
C PHE F 687 -1.63 -7.46 -1.11
N SER F 688 -1.46 -7.57 -2.42
CA SER F 688 -0.29 -8.16 -3.08
C SER F 688 -0.19 -9.64 -2.68
N GLY F 689 1.01 -10.20 -2.75
CA GLY F 689 1.22 -11.60 -2.42
C GLY F 689 2.62 -11.82 -1.97
N ARG F 690 3.24 -12.90 -2.45
CA ARG F 690 4.63 -13.20 -2.13
C ARG F 690 5.53 -13.33 -3.34
N GLY F 691 4.99 -13.79 -4.48
CA GLY F 691 5.83 -14.01 -5.65
C GLY F 691 6.40 -12.72 -6.22
N TYR F 692 5.62 -11.65 -6.20
CA TYR F 692 6.11 -10.35 -6.68
C TYR F 692 7.29 -9.87 -5.84
N TRP F 693 7.14 -9.90 -4.51
CA TRP F 693 8.22 -9.46 -3.64
C TRP F 693 9.40 -10.41 -3.70
N GLN F 694 9.14 -11.71 -3.92
CA GLN F 694 10.24 -12.65 -4.09
C GLN F 694 11.05 -12.36 -5.35
N GLU F 695 10.37 -12.02 -6.45
CA GLU F 695 11.09 -11.69 -7.68
C GLU F 695 11.83 -10.37 -7.57
N LEU F 696 11.23 -9.38 -6.89
CA LEU F 696 11.93 -8.13 -6.64
C LEU F 696 13.17 -8.36 -5.77
N ILE F 697 13.04 -9.22 -4.77
CA ILE F 697 14.18 -9.59 -3.94
C ILE F 697 15.23 -10.34 -4.75
N GLU F 698 14.81 -11.14 -5.73
CA GLU F 698 15.76 -11.80 -6.61
C GLU F 698 16.54 -10.78 -7.45
N SER F 699 15.86 -9.75 -7.95
CA SER F 699 16.55 -8.69 -8.69
C SER F 699 17.52 -7.94 -7.78
N ILE F 700 17.12 -7.65 -6.55
CA ILE F 700 18.01 -6.99 -5.60
C ILE F 700 19.19 -7.90 -5.25
N VAL F 701 18.95 -9.21 -5.19
CA VAL F 701 20.02 -10.19 -4.95
C VAL F 701 21.02 -10.16 -6.11
N TRP F 702 20.51 -10.06 -7.35
CA TRP F 702 21.40 -9.92 -8.49
C TRP F 702 22.23 -8.63 -8.38
N ALA F 703 21.60 -7.54 -7.95
CA ALA F 703 22.31 -6.27 -7.80
C ALA F 703 23.42 -6.37 -6.75
N HIS F 704 23.12 -7.01 -5.61
CA HIS F 704 24.14 -7.18 -4.58
C HIS F 704 25.19 -8.21 -4.97
N ASN F 705 24.84 -9.17 -5.84
CA ASN F 705 25.81 -10.14 -6.32
C ASN F 705 26.75 -9.54 -7.35
N LYS F 706 26.30 -8.53 -8.10
CA LYS F 706 27.17 -7.84 -9.03
C LYS F 706 28.29 -7.11 -8.29
N LEU F 707 27.99 -6.55 -7.12
CA LEU F 707 28.95 -5.86 -6.29
C LEU F 707 29.55 -6.77 -5.22
N ARG F 708 29.25 -8.07 -5.25
CA ARG F 708 29.75 -9.05 -4.29
C ARG F 708 29.38 -8.69 -2.86
N VAL F 709 28.18 -8.14 -2.68
CA VAL F 709 27.69 -7.80 -1.35
C VAL F 709 26.39 -8.55 -1.09
N ALA F 710 26.24 -9.71 -1.72
CA ALA F 710 25.09 -10.56 -1.44
C ALA F 710 25.27 -11.22 -0.07
N PRO F 711 24.27 -11.17 0.80
CA PRO F 711 24.41 -11.80 2.12
C PRO F 711 24.47 -13.32 2.03
N SER F 712 25.21 -13.91 2.97
CA SER F 712 25.25 -15.36 3.07
C SER F 712 23.89 -15.92 3.46
N ILE F 713 23.20 -15.25 4.39
CA ILE F 713 21.81 -15.58 4.68
C ILE F 713 20.96 -15.11 3.51
N GLN F 714 20.28 -16.04 2.86
CA GLN F 714 19.53 -15.72 1.65
C GLN F 714 18.30 -14.89 2.00
N PRO F 715 18.16 -13.68 1.46
CA PRO F 715 16.95 -12.89 1.73
C PRO F 715 15.76 -13.45 0.97
N ARG F 716 14.65 -13.61 1.67
CA ARG F 716 13.41 -14.10 1.10
C ARG F 716 12.28 -13.16 1.45
N ALA F 717 11.23 -13.21 0.65
CA ALA F 717 10.02 -12.46 0.97
C ALA F 717 9.34 -13.05 2.20
N LEU F 718 8.54 -12.23 2.86
CA LEU F 718 7.79 -12.69 4.02
C LEU F 718 6.77 -13.75 3.60
N SER F 719 6.50 -14.68 4.51
CA SER F 719 5.52 -15.72 4.23
C SER F 719 4.13 -15.13 4.10
N ILE F 720 3.24 -15.88 3.46
CA ILE F 720 1.87 -15.42 3.25
C ILE F 720 1.17 -15.20 4.58
N THR F 721 1.32 -16.17 5.49
CA THR F 721 0.85 -15.96 6.87
C THR F 721 1.60 -14.83 7.54
N GLN F 722 2.92 -14.77 7.33
CA GLN F 722 3.71 -13.67 7.90
C GLN F 722 3.30 -12.33 7.31
N GLY F 723 3.05 -12.28 6.00
CA GLY F 723 2.60 -11.04 5.39
C GLY F 723 1.24 -10.61 5.88
N ARG F 724 0.32 -11.56 6.06
CA ARG F 724 -0.99 -11.25 6.62
C ARG F 724 -0.87 -10.74 8.05
N ALA F 725 0.01 -11.35 8.85
CA ALA F 725 0.20 -10.91 10.23
C ALA F 725 0.80 -9.51 10.29
N VAL F 726 1.78 -9.22 9.44
CA VAL F 726 2.38 -7.89 9.40
C VAL F 726 1.34 -6.86 8.98
N GLY F 727 0.52 -7.21 7.97
CA GLY F 727 -0.51 -6.29 7.52
C GLY F 727 -1.55 -6.00 8.58
N VAL F 728 -2.04 -7.03 9.25
CA VAL F 728 -3.07 -6.81 10.27
C VAL F 728 -2.48 -6.07 11.47
N ALA F 729 -1.22 -6.35 11.82
CA ALA F 729 -0.60 -5.65 12.95
C ALA F 729 -0.40 -4.17 12.65
N HIS F 730 0.14 -3.85 11.48
CA HIS F 730 0.33 -2.44 11.12
C HIS F 730 -1.01 -1.72 10.92
N TYR F 731 -2.02 -2.42 10.38
CA TYR F 731 -3.34 -1.83 10.19
C TYR F 731 -3.98 -1.50 11.54
N LEU F 732 -3.95 -2.46 12.46
CA LEU F 732 -4.51 -2.22 13.79
C LEU F 732 -3.76 -1.14 14.53
N LEU F 733 -2.42 -1.14 14.43
CA LEU F 733 -1.63 -0.11 15.09
C LEU F 733 -1.95 1.28 14.55
N GLY F 734 -2.06 1.39 13.21
CA GLY F 734 -2.41 2.67 12.62
C GLY F 734 -3.78 3.16 13.01
N GLY F 735 -4.78 2.26 12.98
CA GLY F 735 -6.12 2.66 13.37
C GLY F 735 -6.25 3.04 14.83
N ILE F 736 -5.65 2.23 15.72
CA ILE F 736 -5.73 2.51 17.15
C ILE F 736 -4.99 3.81 17.47
N ALA F 737 -3.83 4.04 16.85
CA ALA F 737 -3.09 5.27 17.10
C ALA F 737 -3.82 6.48 16.51
N THR F 738 -4.51 6.32 15.38
CA THR F 738 -5.30 7.42 14.84
C THR F 738 -6.42 7.81 15.79
N THR F 739 -7.17 6.82 16.27
CA THR F 739 -8.25 7.11 17.21
C THR F 739 -7.71 7.66 18.52
N TRP F 740 -6.57 7.15 18.98
CA TRP F 740 -5.95 7.63 20.22
C TRP F 740 -5.55 9.09 20.10
N SER F 741 -4.84 9.45 19.03
CA SER F 741 -4.40 10.82 18.84
C SER F 741 -5.57 11.77 18.67
N PHE F 742 -6.53 11.41 17.82
CA PHE F 742 -7.69 12.26 17.58
C PHE F 742 -8.51 12.45 18.85
N PHE F 743 -8.80 11.36 19.55
CA PHE F 743 -9.57 11.42 20.78
C PHE F 743 -8.87 12.26 21.84
N LEU F 744 -7.58 12.02 22.06
CA LEU F 744 -6.86 12.72 23.13
C LEU F 744 -6.72 14.19 22.81
N ALA F 745 -6.38 14.55 21.56
CA ALA F 745 -6.25 15.95 21.20
C ALA F 745 -7.59 16.69 21.30
N ARG F 746 -8.67 16.08 20.82
CA ARG F 746 -9.98 16.71 20.90
C ARG F 746 -10.43 16.87 22.34
N ILE F 747 -10.21 15.86 23.17
CA ILE F 747 -10.69 15.89 24.56
C ILE F 747 -9.78 16.66 25.49
N ILE F 748 -8.55 16.98 25.07
CA ILE F 748 -7.68 17.82 25.89
C ILE F 748 -7.82 19.28 25.51
N ALA F 749 -7.95 19.58 24.21
CA ALA F 749 -8.02 20.97 23.77
C ALA F 749 -9.29 21.65 24.25
N VAL F 750 -10.44 20.96 24.20
CA VAL F 750 -11.72 21.55 24.57
C VAL F 750 -12.31 20.95 25.83
N GLY F 751 -11.76 19.87 26.36
CA GLY F 751 -12.29 19.24 27.55
C GLY F 751 -11.86 19.93 28.84
N ALA G 2 -23.85 -28.55 -17.84
CA ALA G 2 -22.65 -28.23 -18.61
C ALA G 2 -22.99 -27.91 -20.06
N THR G 3 -21.97 -27.49 -20.81
CA THR G 3 -22.08 -27.14 -22.23
C THR G 3 -23.18 -26.10 -22.49
N LYS G 4 -23.18 -25.06 -21.66
CA LYS G 4 -24.16 -23.99 -21.82
C LYS G 4 -23.79 -23.11 -23.02
N LEU G 5 -24.80 -22.38 -23.51
CA LEU G 5 -24.64 -21.59 -24.72
C LEU G 5 -24.06 -20.21 -24.49
N PHE G 6 -24.00 -19.72 -23.23
CA PHE G 6 -23.51 -18.37 -23.00
C PHE G 6 -22.03 -18.21 -23.34
N PRO G 7 -21.10 -19.07 -22.87
CA PRO G 7 -19.72 -18.89 -23.38
C PRO G 7 -19.52 -19.62 -24.71
N LYS G 8 -20.05 -19.02 -25.77
CA LYS G 8 -19.93 -19.61 -27.09
C LYS G 8 -18.51 -19.52 -27.64
N PHE G 9 -17.68 -18.64 -27.09
CA PHE G 9 -16.30 -18.51 -27.51
C PHE G 9 -15.35 -19.38 -26.68
N SER G 10 -15.87 -20.22 -25.80
CA SER G 10 -15.04 -21.03 -24.93
C SER G 10 -15.79 -22.31 -24.58
N GLN G 11 -15.37 -23.44 -25.17
CA GLN G 11 -15.98 -24.71 -24.84
C GLN G 11 -15.69 -25.11 -23.40
N GLY G 12 -14.48 -24.84 -22.91
CA GLY G 12 -14.14 -25.19 -21.54
C GLY G 12 -14.95 -24.40 -20.52
N LEU G 13 -15.23 -23.13 -20.81
CA LEU G 13 -16.09 -22.34 -19.94
C LEU G 13 -17.56 -22.77 -20.05
N ALA G 14 -17.95 -23.34 -21.19
CA ALA G 14 -19.32 -23.80 -21.34
C ALA G 14 -19.62 -24.98 -20.41
N GLN G 15 -18.67 -25.89 -20.25
CA GLN G 15 -18.82 -27.03 -19.35
C GLN G 15 -18.35 -26.69 -17.93
N ASP G 16 -18.85 -25.59 -17.39
CA ASP G 16 -18.51 -25.15 -16.04
C ASP G 16 -19.80 -25.02 -15.23
N PRO G 17 -20.14 -26.02 -14.41
CA PRO G 17 -21.39 -25.96 -13.65
C PRO G 17 -21.26 -25.10 -12.39
N SER G 18 -20.99 -23.82 -12.59
CA SER G 18 -20.79 -22.90 -11.48
C SER G 18 -21.12 -21.49 -11.94
N THR G 19 -21.29 -20.59 -10.97
CA THR G 19 -21.54 -19.19 -11.26
C THR G 19 -20.33 -18.51 -11.91
N ARG G 20 -19.12 -19.04 -11.68
CA ARG G 20 -17.90 -18.50 -12.29
C ARG G 20 -17.96 -18.51 -13.81
N ARG G 21 -18.71 -19.46 -14.39
CA ARG G 21 -18.91 -19.50 -15.83
C ARG G 21 -19.49 -18.20 -16.36
N ILE G 22 -20.38 -17.57 -15.57
CA ILE G 22 -20.87 -16.24 -15.96
C ILE G 22 -19.73 -15.23 -15.90
N TRP G 23 -18.99 -15.21 -14.78
CA TRP G 23 -17.98 -14.18 -14.57
C TRP G 23 -16.86 -14.28 -15.59
N TYR G 24 -16.31 -15.49 -15.74
CA TYR G 24 -15.30 -15.72 -16.77
C TYR G 24 -15.90 -15.65 -18.16
N GLY G 25 -17.23 -15.77 -18.27
CA GLY G 25 -17.88 -15.53 -19.55
C GLY G 25 -18.00 -14.06 -19.88
N LEU G 26 -17.81 -13.18 -18.91
CA LEU G 26 -17.87 -11.75 -19.14
C LEU G 26 -16.48 -11.11 -19.22
N ALA G 27 -15.55 -11.56 -18.38
CA ALA G 27 -14.21 -10.98 -18.37
C ALA G 27 -13.39 -11.41 -19.56
N THR G 28 -13.58 -12.63 -20.06
CA THR G 28 -12.89 -13.11 -21.25
C THR G 28 -13.71 -12.90 -22.52
N ALA G 29 -14.57 -11.87 -22.53
CA ALA G 29 -15.45 -11.66 -23.68
C ALA G 29 -14.67 -11.23 -24.92
N HIS G 30 -13.69 -10.34 -24.76
CA HIS G 30 -12.99 -9.77 -25.90
C HIS G 30 -11.52 -10.17 -25.97
N ASP G 31 -11.19 -11.32 -25.39
CA ASP G 31 -9.85 -11.90 -25.52
C ASP G 31 -9.92 -12.97 -26.61
N PHE G 32 -9.93 -12.52 -27.86
CA PHE G 32 -10.14 -13.41 -28.99
C PHE G 32 -8.98 -14.37 -29.22
N GLU G 33 -7.78 -14.03 -28.72
CA GLU G 33 -6.63 -14.90 -28.92
C GLU G 33 -6.77 -16.21 -28.15
N SER G 34 -7.50 -16.21 -27.05
CA SER G 34 -7.73 -17.42 -26.25
C SER G 34 -9.01 -18.15 -26.63
N HIS G 35 -9.77 -17.63 -27.58
CA HIS G 35 -11.00 -18.29 -28.00
C HIS G 35 -10.68 -19.53 -28.83
N ASP G 36 -11.44 -20.59 -28.61
CA ASP G 36 -11.16 -21.87 -29.23
C ASP G 36 -11.58 -21.89 -30.69
N GLY G 37 -10.78 -22.57 -31.52
CA GLY G 37 -11.13 -22.76 -32.92
C GLY G 37 -11.18 -21.50 -33.74
N MET G 38 -10.21 -20.60 -33.56
CA MET G 38 -10.18 -19.34 -34.29
C MET G 38 -8.78 -19.06 -34.80
N THR G 39 -8.70 -18.31 -35.89
CA THR G 39 -7.46 -18.03 -36.58
C THR G 39 -7.11 -16.55 -36.49
N GLU G 40 -5.96 -16.20 -37.07
CA GLU G 40 -5.49 -14.81 -37.01
C GLU G 40 -6.35 -13.89 -37.87
N GLU G 41 -6.82 -14.38 -39.02
CA GLU G 41 -7.67 -13.56 -39.89
C GLU G 41 -9.00 -13.24 -39.24
N ASN G 42 -9.62 -14.25 -38.61
CA ASN G 42 -10.88 -14.02 -37.90
C ASN G 42 -10.69 -13.08 -36.73
N LEU G 43 -9.56 -13.20 -36.03
CA LEU G 43 -9.23 -12.29 -34.93
C LEU G 43 -9.09 -10.86 -35.43
N TYR G 44 -8.43 -10.68 -36.58
CA TYR G 44 -8.26 -9.34 -37.14
C TYR G 44 -9.59 -8.75 -37.59
N GLN G 45 -10.46 -9.58 -38.17
CA GLN G 45 -11.79 -9.10 -38.57
C GLN G 45 -12.63 -8.71 -37.36
N LYS G 46 -12.55 -9.50 -36.28
CA LYS G 46 -13.23 -9.15 -35.04
C LYS G 46 -12.69 -7.84 -34.47
N ILE G 47 -11.37 -7.64 -34.57
CA ILE G 47 -10.75 -6.39 -34.14
C ILE G 47 -11.30 -5.21 -34.93
N PHE G 48 -11.43 -5.38 -36.25
CA PHE G 48 -11.96 -4.32 -37.10
C PHE G 48 -13.40 -3.98 -36.74
N ALA G 49 -14.23 -5.01 -36.54
CA ALA G 49 -15.63 -4.78 -36.17
C ALA G 49 -15.75 -4.12 -34.80
N SER G 50 -14.92 -4.54 -33.85
CA SER G 50 -14.94 -3.95 -32.52
C SER G 50 -14.49 -2.49 -32.56
N HIS G 51 -13.51 -2.18 -33.41
CA HIS G 51 -13.07 -0.79 -33.57
C HIS G 51 -14.18 0.07 -34.14
N PHE G 52 -14.90 -0.44 -35.14
CA PHE G 52 -16.04 0.28 -35.68
C PHE G 52 -17.11 0.49 -34.63
N GLY G 53 -17.36 -0.52 -33.79
CA GLY G 53 -18.34 -0.36 -32.72
C GLY G 53 -17.93 0.65 -31.67
N GLN G 54 -16.63 0.66 -31.32
CA GLN G 54 -16.13 1.55 -30.28
C GLN G 54 -16.23 2.99 -30.78
N LEU G 55 -15.93 3.19 -32.08
CA LEU G 55 -16.11 4.49 -32.73
C LEU G 55 -17.58 4.91 -32.76
N ALA G 56 -18.47 3.98 -33.10
CA ALA G 56 -19.90 4.32 -33.14
C ALA G 56 -20.41 4.70 -31.76
N ILE G 57 -19.91 4.03 -30.72
CA ILE G 57 -20.26 4.37 -29.35
C ILE G 57 -19.74 5.76 -29.00
N ILE G 58 -18.51 6.09 -29.43
CA ILE G 58 -17.95 7.41 -29.17
C ILE G 58 -18.82 8.49 -29.82
N PHE G 59 -19.18 8.28 -31.08
CA PHE G 59 -19.97 9.27 -31.80
C PHE G 59 -21.37 9.39 -31.22
N LEU G 60 -21.95 8.26 -30.76
CA LEU G 60 -23.24 8.32 -30.08
C LEU G 60 -23.16 9.09 -28.77
N TRP G 61 -22.08 8.91 -28.02
CA TRP G 61 -21.93 9.63 -26.75
C TRP G 61 -21.78 11.13 -26.96
N THR G 62 -20.99 11.55 -27.94
CA THR G 62 -20.88 13.00 -28.17
C THR G 62 -22.13 13.57 -28.82
N SER G 63 -22.83 12.79 -29.65
CA SER G 63 -24.12 13.24 -30.17
C SER G 63 -25.15 13.39 -29.07
N GLY G 64 -25.13 12.48 -28.09
CA GLY G 64 -26.01 12.61 -26.94
C GLY G 64 -25.67 13.81 -26.08
N ASN G 65 -24.38 14.11 -25.93
CA ASN G 65 -23.98 15.33 -25.24
C ASN G 65 -24.49 16.57 -25.96
N LEU G 66 -24.39 16.58 -27.30
CA LEU G 66 -24.92 17.70 -28.08
C LEU G 66 -26.42 17.84 -27.92
N PHE G 67 -27.14 16.71 -27.97
CA PHE G 67 -28.59 16.75 -27.86
C PHE G 67 -29.04 17.18 -26.47
N HIS G 68 -28.38 16.69 -25.43
CA HIS G 68 -28.74 17.02 -24.06
C HIS G 68 -28.24 18.39 -23.63
N VAL G 69 -27.36 19.01 -24.42
CA VAL G 69 -27.09 20.44 -24.22
C VAL G 69 -28.10 21.30 -24.97
N ALA G 70 -28.41 20.94 -26.22
CA ALA G 70 -29.40 21.69 -26.99
C ALA G 70 -30.78 21.60 -26.37
N TRP G 71 -31.19 20.41 -25.95
CA TRP G 71 -32.45 20.21 -25.26
C TRP G 71 -32.20 20.19 -23.77
N GLN G 72 -33.01 20.97 -23.03
CA GLN G 72 -32.85 21.17 -21.58
C GLN G 72 -31.45 21.70 -21.25
N GLY G 73 -31.16 22.87 -21.79
CA GLY G 73 -29.88 23.52 -21.59
C GLY G 73 -30.03 25.02 -21.76
N ASN G 74 -28.93 25.73 -21.52
CA ASN G 74 -28.90 27.19 -21.60
C ASN G 74 -27.71 27.65 -22.43
N PHE G 75 -27.54 27.03 -23.60
CA PHE G 75 -26.40 27.36 -24.45
C PHE G 75 -26.50 28.77 -25.01
N GLU G 76 -27.69 29.21 -25.39
CA GLU G 76 -27.86 30.57 -25.89
C GLU G 76 -27.68 31.59 -24.77
N GLN G 77 -28.20 31.29 -23.59
CA GLN G 77 -28.01 32.18 -22.44
C GLN G 77 -26.54 32.24 -22.03
N TRP G 78 -25.84 31.11 -22.12
CA TRP G 78 -24.40 31.12 -21.86
C TRP G 78 -23.64 31.87 -22.95
N VAL G 79 -24.12 31.82 -24.19
CA VAL G 79 -23.49 32.57 -25.26
C VAL G 79 -23.63 34.06 -25.02
N THR G 80 -24.81 34.50 -24.57
CA THR G 80 -25.01 35.91 -24.26
C THR G 80 -24.16 36.36 -23.08
N ASP G 81 -24.07 35.53 -22.04
CA ASP G 81 -23.33 35.86 -20.81
C ASP G 81 -22.42 34.69 -20.45
N PRO G 82 -21.18 34.66 -20.95
CA PRO G 82 -20.29 33.54 -20.69
C PRO G 82 -19.55 33.60 -19.36
N ILE G 83 -19.97 34.46 -18.43
CA ILE G 83 -19.32 34.61 -17.13
C ILE G 83 -20.28 34.28 -15.99
N HIS G 84 -21.49 34.83 -16.04
CA HIS G 84 -22.38 34.78 -14.88
C HIS G 84 -23.14 33.46 -14.81
N VAL G 85 -23.92 33.15 -15.84
CA VAL G 85 -24.81 31.99 -15.80
C VAL G 85 -24.00 30.71 -16.04
N ARG G 86 -24.18 29.75 -15.14
CA ARG G 86 -23.48 28.48 -15.25
C ARG G 86 -24.06 27.64 -16.40
N PRO G 87 -23.23 26.82 -17.04
CA PRO G 87 -23.75 25.90 -18.05
C PRO G 87 -24.61 24.81 -17.44
N ILE G 88 -25.48 24.24 -18.27
CA ILE G 88 -26.39 23.18 -17.87
C ILE G 88 -26.04 21.92 -18.65
N ALA G 89 -25.81 20.82 -17.94
CA ALA G 89 -25.45 19.57 -18.59
C ALA G 89 -26.69 18.83 -19.10
N HIS G 90 -27.57 18.42 -18.19
CA HIS G 90 -28.80 17.74 -18.57
C HIS G 90 -29.81 17.92 -17.45
N ALA G 91 -31.09 17.82 -17.83
CA ALA G 91 -32.16 17.95 -16.85
C ALA G 91 -32.22 16.71 -15.95
N ILE G 92 -32.89 16.87 -14.81
CA ILE G 92 -33.04 15.81 -13.84
C ILE G 92 -34.52 15.47 -13.74
N TRP G 93 -34.85 14.20 -13.96
CA TRP G 93 -36.20 13.69 -13.71
C TRP G 93 -36.04 12.49 -12.78
N ASP G 94 -36.03 12.77 -11.48
CA ASP G 94 -35.94 11.74 -10.46
C ASP G 94 -37.24 11.71 -9.68
N PRO G 95 -38.09 10.68 -9.83
CA PRO G 95 -39.30 10.59 -9.02
C PRO G 95 -39.03 10.41 -7.53
N HIS G 96 -37.82 9.96 -7.16
CA HIS G 96 -37.45 9.86 -5.75
C HIS G 96 -37.08 11.21 -5.15
N PHE G 97 -36.99 12.27 -5.95
CA PHE G 97 -36.67 13.60 -5.46
C PHE G 97 -37.80 14.15 -4.60
N GLY G 98 -37.45 15.11 -3.74
CA GLY G 98 -38.42 15.85 -2.97
C GLY G 98 -38.54 17.29 -3.45
N GLN G 99 -39.48 18.00 -2.85
CA GLN G 99 -39.68 19.42 -3.18
C GLN G 99 -38.47 20.30 -2.86
N PRO G 100 -37.83 20.22 -1.68
CA PRO G 100 -36.58 20.99 -1.51
C PRO G 100 -35.48 20.58 -2.47
N ALA G 101 -35.42 19.30 -2.85
CA ALA G 101 -34.42 18.86 -3.82
C ALA G 101 -34.67 19.48 -5.19
N VAL G 102 -35.94 19.56 -5.59
CA VAL G 102 -36.28 20.19 -6.88
C VAL G 102 -36.00 21.68 -6.83
N GLU G 103 -36.36 22.34 -5.73
CA GLU G 103 -36.15 23.78 -5.62
C GLU G 103 -34.67 24.13 -5.55
N ALA G 104 -33.87 23.29 -4.90
CA ALA G 104 -32.44 23.58 -4.76
C ALA G 104 -31.67 23.33 -6.05
N PHE G 105 -32.15 22.43 -6.90
CA PHE G 105 -31.46 22.08 -8.14
C PHE G 105 -31.90 22.93 -9.32
N THR G 106 -32.80 23.88 -9.13
CA THR G 106 -33.24 24.77 -10.20
C THR G 106 -32.26 25.94 -10.28
N ARG G 107 -31.27 25.80 -11.18
CA ARG G 107 -30.21 26.78 -11.32
C ARG G 107 -30.05 27.13 -12.80
N GLY G 108 -29.41 28.28 -13.04
CA GLY G 108 -29.15 28.71 -14.40
C GLY G 108 -30.36 29.18 -15.17
N GLY G 109 -31.42 29.61 -14.48
CA GLY G 109 -32.62 30.06 -15.14
C GLY G 109 -33.37 28.97 -15.86
N ALA G 110 -33.47 27.79 -15.27
CA ALA G 110 -34.16 26.66 -15.87
C ALA G 110 -35.55 26.51 -15.25
N SER G 111 -36.37 25.69 -15.91
CA SER G 111 -37.72 25.42 -15.43
C SER G 111 -37.80 24.19 -14.53
N GLY G 112 -36.68 23.53 -14.27
CA GLY G 112 -36.65 22.34 -13.45
C GLY G 112 -35.27 22.03 -12.93
N PRO G 113 -35.11 20.86 -12.32
CA PRO G 113 -33.79 20.47 -11.80
C PRO G 113 -32.83 20.14 -12.93
N VAL G 114 -31.66 20.78 -12.91
CA VAL G 114 -30.65 20.61 -13.94
C VAL G 114 -29.29 20.40 -13.27
N ASN G 115 -28.36 19.85 -14.05
CA ASN G 115 -27.00 19.60 -13.59
C ASN G 115 -26.06 20.62 -14.24
N ILE G 116 -25.22 21.25 -13.42
CA ILE G 116 -24.29 22.25 -13.92
C ILE G 116 -23.15 21.53 -14.64
N ALA G 117 -22.94 21.88 -15.91
CA ALA G 117 -21.98 21.17 -16.73
C ALA G 117 -20.56 21.54 -16.36
N THR G 118 -19.73 20.52 -16.11
CA THR G 118 -18.31 20.70 -15.87
C THR G 118 -17.45 20.11 -16.98
N SER G 119 -18.07 19.66 -18.08
CA SER G 119 -17.33 19.01 -19.15
C SER G 119 -16.56 20.00 -20.01
N GLY G 120 -17.05 21.23 -20.13
CA GLY G 120 -16.41 22.21 -20.97
C GLY G 120 -16.88 22.24 -22.40
N VAL G 121 -18.00 21.58 -22.71
CA VAL G 121 -18.52 21.61 -24.07
C VAL G 121 -19.06 22.98 -24.42
N TYR G 122 -19.50 23.76 -23.42
CA TYR G 122 -20.05 25.08 -23.70
C TYR G 122 -18.96 26.03 -24.21
N GLN G 123 -17.82 26.07 -23.52
CA GLN G 123 -16.71 26.91 -23.95
C GLN G 123 -16.17 26.45 -25.31
N TRP G 124 -16.05 25.14 -25.50
CA TRP G 124 -15.53 24.59 -26.75
C TRP G 124 -16.44 24.94 -27.92
N TRP G 125 -17.76 24.78 -27.75
CA TRP G 125 -18.69 25.03 -28.84
C TRP G 125 -18.89 26.52 -29.09
N TYR G 126 -18.71 27.35 -28.06
CA TYR G 126 -18.68 28.79 -28.29
C TYR G 126 -17.42 29.20 -29.03
N THR G 127 -16.29 28.53 -28.76
CA THR G 127 -15.04 28.87 -29.44
C THR G 127 -15.08 28.45 -30.90
N ILE G 128 -15.62 27.27 -31.21
CA ILE G 128 -15.60 26.78 -32.58
C ILE G 128 -16.67 27.41 -33.46
N GLY G 129 -17.57 28.20 -32.90
CA GLY G 129 -18.54 28.94 -33.69
C GLY G 129 -19.99 28.55 -33.49
N LEU G 130 -20.32 27.54 -32.69
CA LEU G 130 -21.71 27.18 -32.46
C LEU G 130 -22.37 28.21 -31.54
N ARG G 131 -23.52 28.72 -31.95
CA ARG G 131 -24.20 29.76 -31.19
C ARG G 131 -25.64 29.42 -30.85
N SER G 132 -26.37 28.76 -31.75
CA SER G 132 -27.78 28.49 -31.56
C SER G 132 -28.01 27.03 -31.17
N ASN G 133 -29.20 26.78 -30.62
CA ASN G 133 -29.57 25.42 -30.26
C ASN G 133 -29.88 24.56 -31.48
N GLN G 134 -30.34 25.19 -32.57
CA GLN G 134 -30.63 24.44 -33.78
C GLN G 134 -29.36 23.88 -34.40
N GLU G 135 -28.26 24.62 -34.31
CA GLU G 135 -26.98 24.12 -34.79
C GLU G 135 -26.53 22.89 -33.99
N LEU G 136 -26.74 22.93 -32.68
CA LEU G 136 -26.42 21.75 -31.85
C LEU G 136 -27.34 20.59 -32.17
N TYR G 137 -28.61 20.88 -32.48
CA TYR G 137 -29.55 19.82 -32.85
C TYR G 137 -29.13 19.13 -34.14
N VAL G 138 -28.79 19.91 -35.17
CA VAL G 138 -28.40 19.31 -36.44
C VAL G 138 -27.04 18.64 -36.32
N SER G 139 -26.15 19.15 -35.45
CA SER G 139 -24.90 18.48 -35.19
C SER G 139 -25.12 17.12 -34.51
N SER G 140 -26.07 17.07 -33.56
CA SER G 140 -26.37 15.81 -32.89
C SER G 140 -26.97 14.79 -33.84
N VAL G 141 -27.89 15.22 -34.72
CA VAL G 141 -28.47 14.25 -35.66
C VAL G 141 -27.43 13.84 -36.71
N PHE G 142 -26.52 14.74 -37.08
CA PHE G 142 -25.46 14.38 -38.02
C PHE G 142 -24.50 13.36 -37.40
N LEU G 143 -24.15 13.54 -36.13
CA LEU G 143 -23.27 12.57 -35.49
C LEU G 143 -23.98 11.25 -35.22
N ALA G 144 -25.29 11.28 -34.98
CA ALA G 144 -26.05 10.04 -34.89
C ALA G 144 -26.04 9.31 -36.23
N LEU G 145 -26.17 10.04 -37.34
CA LEU G 145 -26.05 9.42 -38.65
C LEU G 145 -24.64 8.88 -38.89
N VAL G 146 -23.62 9.58 -38.40
CA VAL G 146 -22.25 9.11 -38.53
C VAL G 146 -22.07 7.80 -37.76
N SER G 147 -22.64 7.72 -36.56
CA SER G 147 -22.60 6.47 -35.79
C SER G 147 -23.37 5.37 -36.51
N ALA G 148 -24.46 5.73 -37.19
CA ALA G 148 -25.22 4.74 -37.95
C ALA G 148 -24.41 4.17 -39.11
N VAL G 149 -23.71 5.02 -39.86
CA VAL G 149 -22.88 4.51 -40.94
C VAL G 149 -21.64 3.81 -40.43
N PHE G 150 -21.18 4.12 -39.21
CA PHE G 150 -20.10 3.33 -38.63
C PHE G 150 -20.58 1.95 -38.21
N LEU G 151 -21.83 1.86 -37.73
CA LEU G 151 -22.47 0.56 -37.52
C LEU G 151 -22.58 -0.21 -38.83
N PHE G 152 -22.94 0.49 -39.91
CA PHE G 152 -23.00 -0.13 -41.23
C PHE G 152 -21.63 -0.66 -41.63
N ALA G 153 -20.57 0.12 -41.38
CA ALA G 153 -19.22 -0.32 -41.70
C ALA G 153 -18.82 -1.55 -40.87
N GLY G 154 -19.16 -1.54 -39.59
CA GLY G 154 -18.83 -2.69 -38.75
C GLY G 154 -19.55 -3.95 -39.17
N TRP G 155 -20.80 -3.83 -39.58
CA TRP G 155 -21.53 -4.99 -40.07
C TRP G 155 -21.01 -5.43 -41.44
N LEU G 156 -20.73 -4.48 -42.33
CA LEU G 156 -20.42 -4.79 -43.71
C LEU G 156 -19.00 -5.36 -43.86
N HIS G 157 -18.05 -4.79 -43.13
CA HIS G 157 -16.67 -5.28 -43.22
C HIS G 157 -16.48 -6.62 -42.51
N LEU G 158 -17.45 -7.04 -41.70
CA LEU G 158 -17.45 -8.38 -41.12
C LEU G 158 -18.19 -9.40 -41.97
N GLN G 159 -18.88 -8.96 -43.02
CA GLN G 159 -19.65 -9.87 -43.86
C GLN G 159 -18.72 -10.70 -44.75
N PRO G 160 -19.16 -11.89 -45.16
CA PRO G 160 -18.36 -12.67 -46.11
C PRO G 160 -18.26 -11.98 -47.46
N ASN G 161 -17.15 -12.24 -48.15
CA ASN G 161 -16.69 -11.65 -49.41
C ASN G 161 -16.29 -10.18 -49.25
N PHE G 162 -16.41 -9.61 -48.05
CA PHE G 162 -15.97 -8.26 -47.77
C PHE G 162 -14.98 -8.18 -46.61
N GLN G 163 -14.70 -9.30 -45.96
CA GLN G 163 -13.74 -9.32 -44.87
C GLN G 163 -12.33 -9.09 -45.42
N PRO G 164 -11.57 -8.15 -44.85
CA PRO G 164 -10.20 -7.93 -45.33
C PRO G 164 -9.31 -9.12 -45.03
N SER G 165 -8.32 -9.31 -45.90
CA SER G 165 -7.37 -10.40 -45.74
C SER G 165 -6.43 -10.13 -44.55
N LEU G 166 -5.74 -11.17 -44.11
CA LEU G 166 -4.82 -11.05 -43.00
C LEU G 166 -3.66 -10.11 -43.33
N SER G 167 -3.13 -10.22 -44.54
CA SER G 167 -2.02 -9.36 -44.94
C SER G 167 -2.45 -7.91 -45.15
N TRP G 168 -3.75 -7.67 -45.36
CA TRP G 168 -4.24 -6.30 -45.56
C TRP G 168 -4.03 -5.45 -44.31
N PHE G 169 -4.30 -6.01 -43.13
CA PHE G 169 -4.00 -5.30 -41.89
C PHE G 169 -2.50 -5.19 -41.67
N LYS G 170 -1.73 -6.15 -42.18
CA LYS G 170 -0.29 -6.17 -41.99
C LYS G 170 0.45 -5.24 -42.93
N ASP G 171 -0.26 -4.54 -43.83
CA ASP G 171 0.35 -3.53 -44.69
C ASP G 171 0.67 -2.31 -43.83
N ALA G 172 1.83 -2.37 -43.18
CA ALA G 172 2.20 -1.34 -42.22
C ALA G 172 2.56 -0.03 -42.90
N GLU G 173 3.26 -0.12 -44.04
CA GLU G 173 3.73 1.09 -44.72
C GLU G 173 2.55 1.89 -45.28
N SER G 174 1.60 1.21 -45.93
CA SER G 174 0.45 1.91 -46.50
C SER G 174 -0.47 2.47 -45.42
N ARG G 175 -0.67 1.70 -44.33
CA ARG G 175 -1.48 2.20 -43.22
C ARG G 175 -0.84 3.43 -42.58
N LEU G 176 0.48 3.38 -42.38
CA LEU G 176 1.19 4.53 -41.81
C LEU G 176 1.10 5.75 -42.73
N ASN G 177 1.29 5.54 -44.04
CA ASN G 177 1.23 6.64 -45.00
C ASN G 177 -0.17 7.26 -45.04
N HIS G 178 -1.20 6.42 -45.06
CA HIS G 178 -2.57 6.92 -45.18
C HIS G 178 -3.02 7.60 -43.89
N HIS G 179 -2.73 7.01 -42.73
CA HIS G 179 -3.13 7.60 -41.47
C HIS G 179 -2.27 8.80 -41.09
N LEU G 180 -1.10 8.97 -41.71
CA LEU G 180 -0.35 10.22 -41.58
C LEU G 180 -0.85 11.29 -42.52
N SER G 181 -1.25 10.92 -43.74
CA SER G 181 -1.69 11.89 -44.72
C SER G 181 -3.18 12.22 -44.58
N GLY G 182 -4.02 11.21 -44.40
CA GLY G 182 -5.45 11.41 -44.41
C GLY G 182 -6.08 11.56 -43.04
N LEU G 183 -5.75 10.65 -42.12
CA LEU G 183 -6.33 10.71 -40.78
C LEU G 183 -5.82 11.91 -40.00
N PHE G 184 -4.59 12.35 -40.27
CA PHE G 184 -3.96 13.44 -39.54
C PHE G 184 -3.83 14.71 -40.37
N GLY G 185 -3.31 14.59 -41.59
CA GLY G 185 -3.03 15.76 -42.40
C GLY G 185 -4.24 16.48 -42.95
N VAL G 186 -4.98 15.84 -43.85
CA VAL G 186 -6.11 16.52 -44.49
C VAL G 186 -7.25 16.70 -43.50
N SER G 187 -7.32 15.90 -42.44
CA SER G 187 -8.29 16.14 -41.38
C SER G 187 -7.99 17.45 -40.66
N SER G 188 -6.72 17.71 -40.36
CA SER G 188 -6.35 18.99 -39.77
C SER G 188 -6.52 20.13 -40.77
N LEU G 189 -6.30 19.87 -42.05
CA LEU G 189 -6.56 20.89 -43.07
C LEU G 189 -8.03 21.26 -43.13
N ALA G 190 -8.91 20.26 -43.07
CA ALA G 190 -10.34 20.53 -43.04
C ALA G 190 -10.73 21.26 -41.75
N TRP G 191 -10.10 20.90 -40.63
CA TRP G 191 -10.40 21.57 -39.37
C TRP G 191 -9.99 23.04 -39.40
N THR G 192 -8.80 23.34 -39.92
CA THR G 192 -8.38 24.74 -39.97
C THR G 192 -9.16 25.51 -41.03
N GLY G 193 -9.63 24.83 -42.09
CA GLY G 193 -10.53 25.47 -43.03
C GLY G 193 -11.85 25.84 -42.39
N HIS G 194 -12.41 24.93 -41.57
CA HIS G 194 -13.62 25.25 -40.82
C HIS G 194 -13.38 26.40 -39.85
N LEU G 195 -12.22 26.39 -39.18
CA LEU G 195 -11.86 27.46 -38.26
C LEU G 195 -11.87 28.81 -38.97
N VAL G 196 -11.14 28.90 -40.09
CA VAL G 196 -11.02 30.14 -40.86
C VAL G 196 -12.38 30.57 -41.40
N HIS G 197 -13.19 29.63 -41.89
CA HIS G 197 -14.45 29.98 -42.51
C HIS G 197 -15.51 30.40 -41.51
N VAL G 198 -15.58 29.73 -40.35
CA VAL G 198 -16.70 29.88 -39.43
C VAL G 198 -16.27 30.55 -38.12
N ALA G 199 -15.28 29.98 -37.43
CA ALA G 199 -15.06 30.33 -36.03
C ALA G 199 -14.48 31.73 -35.89
N ILE G 200 -13.51 32.08 -36.74
CA ILE G 200 -12.96 33.44 -36.71
C ILE G 200 -13.99 34.50 -37.08
N PRO G 201 -14.80 34.34 -38.15
CA PRO G 201 -15.91 35.29 -38.34
C PRO G 201 -16.93 35.27 -37.22
N GLU G 202 -17.21 34.10 -36.64
CA GLU G 202 -18.14 34.06 -35.51
C GLU G 202 -17.56 34.72 -34.27
N SER G 203 -16.24 34.62 -34.09
CA SER G 203 -15.56 35.37 -33.04
C SER G 203 -15.42 36.85 -33.40
N ARG G 204 -15.68 37.22 -34.65
CA ARG G 204 -15.65 38.61 -35.08
C ARG G 204 -17.05 39.13 -35.40
N GLY G 205 -18.07 38.50 -34.84
CA GLY G 205 -19.43 38.98 -34.96
C GLY G 205 -20.10 38.76 -36.29
N GLN G 206 -19.57 37.90 -37.14
CA GLN G 206 -20.15 37.60 -38.44
C GLN G 206 -20.65 36.16 -38.44
N HIS G 207 -21.93 35.98 -38.72
CA HIS G 207 -22.52 34.65 -38.73
C HIS G 207 -22.24 33.97 -40.07
N VAL G 208 -21.56 32.83 -40.01
CA VAL G 208 -21.27 32.03 -41.20
C VAL G 208 -21.90 30.66 -40.98
N GLY G 209 -23.04 30.43 -41.63
CA GLY G 209 -23.71 29.15 -41.58
C GLY G 209 -23.67 28.45 -42.93
N TRP G 210 -24.38 27.32 -42.99
CA TRP G 210 -24.49 26.59 -44.24
C TRP G 210 -25.33 27.34 -45.26
N ASP G 211 -26.29 28.15 -44.79
CA ASP G 211 -27.13 28.91 -45.71
C ASP G 211 -26.35 30.02 -46.39
N ASN G 212 -25.53 30.75 -45.64
CA ASN G 212 -24.71 31.83 -46.19
C ASN G 212 -23.31 31.38 -46.56
N PHE G 213 -23.06 30.07 -46.57
CA PHE G 213 -21.78 29.54 -47.02
C PHE G 213 -21.61 29.79 -48.52
N LEU G 214 -20.35 29.77 -48.96
CA LEU G 214 -19.91 30.00 -50.33
C LEU G 214 -20.24 31.39 -50.83
N SER G 215 -20.57 32.32 -49.94
CA SER G 215 -20.86 33.69 -50.31
C SER G 215 -20.22 34.72 -49.38
N VAL G 216 -19.53 34.29 -48.34
CA VAL G 216 -18.85 35.19 -47.41
C VAL G 216 -17.35 34.88 -47.50
N LEU G 217 -16.56 35.88 -47.85
CA LEU G 217 -15.13 35.70 -48.04
C LEU G 217 -14.43 35.61 -46.69
N PRO G 218 -13.65 34.57 -46.44
CA PRO G 218 -12.90 34.49 -45.16
C PRO G 218 -11.88 35.60 -44.98
N HIS G 219 -11.25 36.05 -46.07
CA HIS G 219 -10.28 37.13 -46.01
C HIS G 219 -10.60 38.15 -47.09
N PRO G 220 -10.45 39.45 -46.80
CA PRO G 220 -10.74 40.48 -47.81
C PRO G 220 -9.88 40.38 -49.06
N GLN G 221 -8.66 39.86 -48.95
CA GLN G 221 -7.82 39.69 -50.13
C GLN G 221 -8.37 38.61 -51.05
N GLY G 222 -8.84 37.50 -50.47
CA GLY G 222 -9.52 36.48 -51.25
C GLY G 222 -8.63 35.53 -52.04
N LEU G 223 -7.79 34.76 -51.33
CA LEU G 223 -7.07 33.59 -51.83
C LEU G 223 -5.98 33.90 -52.86
N THR G 224 -5.86 35.15 -53.28
CA THR G 224 -4.75 35.53 -54.16
C THR G 224 -3.42 35.60 -53.44
N PRO G 225 -3.35 36.01 -52.15
CA PRO G 225 -2.08 35.81 -51.42
C PRO G 225 -1.62 34.36 -51.33
N PHE G 226 -2.54 33.40 -51.29
CA PHE G 226 -2.14 32.00 -51.25
C PHE G 226 -1.47 31.58 -52.55
N TRP G 227 -2.01 32.00 -53.70
CA TRP G 227 -1.41 31.65 -54.98
C TRP G 227 -0.11 32.42 -55.21
N SER G 228 -0.12 33.72 -54.93
CA SER G 228 1.04 34.57 -55.17
C SER G 228 2.16 34.36 -54.15
N GLY G 229 1.89 33.62 -53.08
CA GLY G 229 2.89 33.43 -52.04
C GLY G 229 3.00 34.56 -51.04
N ASN G 230 2.11 35.56 -51.13
CA ASN G 230 2.12 36.71 -50.21
C ASN G 230 1.33 36.38 -48.94
N TRP G 231 1.75 35.33 -48.25
CA TRP G 231 1.03 34.81 -47.11
C TRP G 231 1.03 35.76 -45.92
N ALA G 232 1.87 36.79 -45.92
CA ALA G 232 1.85 37.79 -44.85
C ALA G 232 0.63 38.68 -44.90
N ALA G 233 -0.10 38.68 -46.01
CA ALA G 233 -1.35 39.45 -46.08
C ALA G 233 -2.41 38.87 -45.14
N TYR G 234 -2.32 37.56 -44.86
CA TYR G 234 -3.23 36.97 -43.88
C TYR G 234 -2.91 37.43 -42.47
N ALA G 235 -1.63 37.64 -42.16
CA ALA G 235 -1.22 38.18 -40.86
C ALA G 235 -0.96 39.68 -40.96
N GLN G 236 -2.02 40.43 -41.24
CA GLN G 236 -1.93 41.87 -41.43
C GLN G 236 -2.73 42.66 -40.42
N ASN G 237 -3.98 42.29 -40.18
CA ASN G 237 -4.87 43.03 -39.29
C ASN G 237 -5.45 42.08 -38.25
N PRO G 238 -4.68 41.75 -37.22
CA PRO G 238 -5.19 40.87 -36.16
C PRO G 238 -6.16 41.60 -35.25
N ASP G 239 -6.87 40.81 -34.44
CA ASP G 239 -7.81 41.38 -33.48
C ASP G 239 -7.06 42.15 -32.40
N THR G 240 -7.61 43.29 -32.02
CA THR G 240 -6.99 44.14 -31.02
C THR G 240 -7.17 43.56 -29.62
N ALA G 241 -6.51 44.18 -28.64
CA ALA G 241 -6.64 43.74 -27.27
C ALA G 241 -8.05 44.01 -26.73
N SER G 242 -8.64 45.14 -27.10
CA SER G 242 -9.99 45.50 -26.67
C SER G 242 -11.00 45.02 -27.72
N HIS G 243 -11.07 43.70 -27.87
CA HIS G 243 -11.96 43.05 -28.83
C HIS G 243 -12.93 42.16 -28.10
N ALA G 244 -14.21 42.30 -28.41
CA ALA G 244 -15.26 41.46 -27.83
C ALA G 244 -15.42 40.20 -28.67
N PHE G 245 -15.51 39.05 -27.99
CA PHE G 245 -15.58 37.78 -28.70
C PHE G 245 -16.92 37.61 -29.41
N GLY G 246 -18.01 38.06 -28.80
CA GLY G 246 -19.31 37.89 -29.41
C GLY G 246 -19.62 38.90 -30.50
N THR G 247 -19.05 40.10 -30.41
CA THR G 247 -19.37 41.19 -31.31
C THR G 247 -18.20 41.46 -32.25
N ALA G 248 -18.35 42.50 -33.06
CA ALA G 248 -17.34 42.92 -34.02
C ALA G 248 -16.56 44.15 -33.55
N ASP G 249 -16.71 44.54 -32.29
CA ASP G 249 -15.99 45.71 -31.78
C ASP G 249 -14.53 45.35 -31.55
N GLY G 250 -13.63 46.19 -32.04
CA GLY G 250 -12.21 45.91 -31.93
C GLY G 250 -11.73 44.78 -32.81
N SER G 251 -12.46 44.47 -33.88
CA SER G 251 -12.17 43.32 -34.72
C SER G 251 -11.00 43.62 -35.66
N GLY G 252 -10.64 42.61 -36.45
CA GLY G 252 -9.60 42.73 -37.45
C GLY G 252 -9.86 41.74 -38.56
N THR G 253 -8.99 41.76 -39.57
CA THR G 253 -9.09 40.87 -40.72
C THR G 253 -7.81 40.06 -40.80
N ALA G 254 -7.78 38.94 -40.08
CA ALA G 254 -6.61 38.06 -40.07
C ALA G 254 -7.08 36.64 -39.79
N ILE G 255 -6.72 35.71 -40.67
CA ILE G 255 -7.17 34.34 -40.54
C ILE G 255 -6.04 33.47 -40.00
N LEU G 256 -4.80 33.83 -40.32
CA LEU G 256 -3.63 33.12 -39.84
C LEU G 256 -2.63 34.14 -39.29
N THR G 257 -2.18 33.90 -38.06
CA THR G 257 -1.19 34.77 -37.42
C THR G 257 -0.52 34.00 -36.31
N PHE G 258 0.52 34.60 -35.73
CA PHE G 258 1.26 34.04 -34.61
C PHE G 258 1.21 34.97 -33.41
N LEU G 259 0.05 35.57 -33.16
CA LEU G 259 -0.10 36.48 -32.02
C LEU G 259 -0.09 35.68 -30.73
N GLY G 260 1.08 35.57 -30.10
CA GLY G 260 1.25 34.73 -28.94
C GLY G 260 0.51 35.28 -27.72
N GLY G 261 0.45 34.44 -26.69
CA GLY G 261 -0.25 34.80 -25.47
C GLY G 261 -1.70 34.41 -25.50
N PHE G 262 -2.57 35.23 -24.92
CA PHE G 262 -3.98 34.94 -24.82
C PHE G 262 -4.79 36.17 -25.22
N HIS G 263 -6.03 35.93 -25.62
CA HIS G 263 -6.97 37.01 -25.89
C HIS G 263 -7.29 37.72 -24.58
N PRO G 264 -7.08 39.03 -24.48
CA PRO G 264 -7.27 39.72 -23.19
C PRO G 264 -8.70 39.68 -22.66
N GLN G 265 -9.70 39.64 -23.55
CA GLN G 265 -11.08 39.69 -23.10
C GLN G 265 -11.53 38.35 -22.51
N THR G 266 -11.04 37.24 -23.06
CA THR G 266 -11.53 35.92 -22.66
C THR G 266 -10.46 35.00 -22.07
N GLN G 267 -9.21 35.45 -22.01
CA GLN G 267 -8.10 34.69 -21.41
C GLN G 267 -7.93 33.32 -22.09
N SER G 268 -7.98 33.33 -23.42
CA SER G 268 -7.88 32.11 -24.20
C SER G 268 -7.02 32.37 -25.43
N LEU G 269 -6.59 31.27 -26.06
CA LEU G 269 -5.78 31.36 -27.26
C LEU G 269 -6.57 31.96 -28.42
N TRP G 270 -5.87 32.71 -29.27
CA TRP G 270 -6.50 33.36 -30.40
C TRP G 270 -6.97 32.34 -31.43
N LEU G 271 -8.10 32.63 -32.07
CA LEU G 271 -8.65 31.73 -33.07
C LEU G 271 -7.76 31.67 -34.31
N SER G 272 -7.19 32.81 -34.71
CA SER G 272 -6.28 32.83 -35.84
C SER G 272 -5.00 32.06 -35.54
N ASP G 273 -4.53 32.14 -34.29
CA ASP G 273 -3.37 31.34 -33.87
C ASP G 273 -3.66 29.85 -33.98
N MET G 274 -4.84 29.43 -33.54
CA MET G 274 -5.22 28.02 -33.63
C MET G 274 -5.37 27.57 -35.08
N ALA G 275 -5.94 28.43 -35.92
CA ALA G 275 -6.09 28.10 -37.34
C ALA G 275 -4.73 27.96 -38.02
N HIS G 276 -3.81 28.88 -37.73
CA HIS G 276 -2.47 28.78 -38.29
C HIS G 276 -1.74 27.56 -37.76
N HIS G 277 -1.95 27.23 -36.48
CA HIS G 277 -1.34 26.04 -35.90
C HIS G 277 -1.81 24.77 -36.60
N HIS G 278 -3.13 24.64 -36.79
CA HIS G 278 -3.67 23.44 -37.41
C HIS G 278 -3.33 23.38 -38.89
N LEU G 279 -3.22 24.54 -39.55
CA LEU G 279 -2.78 24.53 -40.95
C LEU G 279 -1.33 24.07 -41.08
N ALA G 280 -0.45 24.57 -40.22
CA ALA G 280 0.96 24.14 -40.25
C ALA G 280 1.07 22.66 -39.90
N ILE G 281 0.30 22.20 -38.92
CA ILE G 281 0.28 20.80 -38.56
C ILE G 281 -0.23 19.95 -39.73
N ALA G 282 -1.21 20.48 -40.47
CA ALA G 282 -1.76 19.76 -41.62
C ALA G 282 -0.73 19.60 -42.73
N VAL G 283 -0.05 20.70 -43.10
CA VAL G 283 0.91 20.60 -44.20
C VAL G 283 2.10 19.73 -43.78
N LEU G 284 2.54 19.85 -42.52
CA LEU G 284 3.64 19.02 -42.04
C LEU G 284 3.27 17.54 -42.02
N PHE G 285 2.05 17.21 -41.59
CA PHE G 285 1.61 15.82 -41.57
C PHE G 285 1.43 15.26 -42.99
N ILE G 286 0.90 16.06 -43.91
CA ILE G 286 0.76 15.60 -45.29
C ILE G 286 2.13 15.36 -45.91
N VAL G 287 3.09 16.25 -45.64
CA VAL G 287 4.45 16.06 -46.13
C VAL G 287 5.07 14.79 -45.54
N ALA G 288 4.90 14.58 -44.24
CA ALA G 288 5.44 13.38 -43.60
C ALA G 288 4.71 12.11 -44.02
N GLY G 289 3.52 12.21 -44.59
CA GLY G 289 2.76 11.06 -45.00
C GLY G 289 3.10 10.46 -46.35
N HIS G 290 4.18 10.88 -46.99
CA HIS G 290 4.68 10.22 -48.19
C HIS G 290 6.07 9.64 -47.94
N MET G 291 6.29 9.10 -46.75
CA MET G 291 7.57 8.50 -46.39
C MET G 291 7.66 7.03 -46.74
N TYR G 292 6.64 6.26 -46.41
CA TYR G 292 6.73 4.81 -46.44
C TYR G 292 6.40 4.25 -47.81
N ARG G 293 6.94 3.06 -48.08
CA ARG G 293 6.90 2.46 -49.41
C ARG G 293 5.53 1.83 -49.64
N THR G 294 4.72 2.48 -50.48
CA THR G 294 3.46 1.93 -50.94
C THR G 294 3.70 1.17 -52.24
N ASN G 295 2.63 0.86 -52.98
CA ASN G 295 2.75 0.13 -54.24
C ASN G 295 3.50 0.90 -55.31
N PHE G 296 3.70 2.21 -55.15
CA PHE G 296 4.51 2.97 -56.08
C PHE G 296 6.00 2.67 -55.87
N GLY G 297 6.82 3.18 -56.78
CA GLY G 297 8.23 2.87 -56.79
C GLY G 297 9.10 3.61 -55.78
N ILE G 298 8.53 4.55 -55.02
CA ILE G 298 9.29 5.32 -54.05
C ILE G 298 8.70 5.08 -52.68
N GLY G 299 9.49 5.39 -51.66
CA GLY G 299 9.08 5.29 -50.28
C GLY G 299 10.14 4.64 -49.42
N HIS G 300 9.77 4.34 -48.18
CA HIS G 300 10.65 3.73 -47.21
C HIS G 300 10.06 2.41 -46.73
N ARG G 301 10.89 1.38 -46.61
CA ARG G 301 10.47 0.12 -46.03
C ARG G 301 10.83 0.12 -44.55
N LEU G 302 9.85 -0.17 -43.69
CA LEU G 302 10.06 -0.15 -42.24
C LEU G 302 11.06 -1.22 -41.82
N GLU G 303 10.96 -2.42 -42.40
CA GLU G 303 11.88 -3.49 -42.05
C GLU G 303 13.31 -3.13 -42.45
N ALA G 304 13.50 -2.48 -43.59
CA ALA G 304 14.84 -2.10 -44.02
C ALA G 304 15.43 -1.03 -43.11
N ILE G 305 14.61 -0.07 -42.67
CA ILE G 305 15.08 0.93 -41.72
C ILE G 305 15.46 0.29 -40.39
N LEU G 306 14.67 -0.68 -39.94
CA LEU G 306 14.99 -1.39 -38.70
C LEU G 306 16.27 -2.21 -38.84
N GLU G 307 16.48 -2.83 -40.01
CA GLU G 307 17.71 -3.58 -40.25
C GLU G 307 18.92 -2.66 -40.27
N ALA G 308 18.80 -1.48 -40.89
CA ALA G 308 19.95 -0.62 -41.10
C ALA G 308 20.41 0.06 -39.80
N HIS G 309 19.49 0.32 -38.87
CA HIS G 309 19.82 1.09 -37.67
C HIS G 309 20.38 0.17 -36.58
N THR G 310 21.48 -0.49 -36.91
CA THR G 310 22.25 -1.28 -35.97
C THR G 310 23.57 -0.57 -35.71
N PRO G 311 23.85 -0.15 -34.48
CA PRO G 311 25.08 0.60 -34.22
C PRO G 311 26.30 -0.27 -34.42
N PRO G 312 27.40 0.30 -34.90
CA PRO G 312 28.63 -0.49 -35.07
C PRO G 312 29.31 -0.75 -33.73
N ALA G 313 30.35 -1.58 -33.79
CA ALA G 313 31.16 -2.00 -32.65
C ALA G 313 30.35 -2.72 -31.58
N GLY G 314 29.19 -3.28 -31.95
CA GLY G 314 28.38 -4.06 -31.03
C GLY G 314 27.83 -3.28 -29.86
N GLY G 315 27.49 -2.01 -30.07
CA GLY G 315 26.91 -1.22 -28.98
C GLY G 315 25.54 -1.72 -28.55
N LEU G 316 24.68 -2.01 -29.52
CA LEU G 316 23.36 -2.58 -29.26
C LEU G 316 23.25 -4.02 -29.75
N GLY G 317 24.37 -4.71 -29.90
CA GLY G 317 24.38 -6.07 -30.40
C GLY G 317 23.91 -6.17 -31.84
N ALA G 318 22.84 -6.93 -32.06
CA ALA G 318 22.25 -7.04 -33.39
C ALA G 318 21.45 -5.79 -33.78
N GLY G 319 21.24 -4.86 -32.85
CA GLY G 319 20.53 -3.63 -33.15
C GLY G 319 19.03 -3.77 -33.12
N HIS G 320 18.36 -3.15 -34.09
CA HIS G 320 16.91 -3.22 -34.21
C HIS G 320 16.47 -4.27 -35.22
N LYS G 321 17.32 -5.24 -35.53
CA LYS G 321 17.00 -6.24 -36.53
C LYS G 321 15.94 -7.21 -36.00
N GLY G 322 15.12 -7.71 -36.91
CA GLY G 322 14.06 -8.64 -36.56
C GLY G 322 12.87 -8.04 -35.85
N LEU G 323 12.88 -6.72 -35.62
CA LEU G 323 11.80 -6.08 -34.87
C LEU G 323 10.55 -5.84 -35.71
N PHE G 324 10.67 -5.80 -37.03
CA PHE G 324 9.51 -5.54 -37.88
C PHE G 324 8.48 -6.65 -37.76
N HIS G 325 8.94 -7.91 -37.85
CA HIS G 325 8.03 -9.04 -37.67
C HIS G 325 7.53 -9.12 -36.23
N THR G 326 8.34 -8.70 -35.26
CA THR G 326 7.91 -8.69 -33.87
C THR G 326 6.75 -7.72 -33.66
N VAL G 327 6.84 -6.52 -34.24
CA VAL G 327 5.76 -5.55 -34.11
C VAL G 327 4.54 -5.99 -34.91
N ASN G 328 4.75 -6.47 -36.15
CA ASN G 328 3.63 -6.77 -37.02
C ASN G 328 2.86 -8.01 -36.57
N ASN G 329 3.58 -9.04 -36.10
CA ASN G 329 2.91 -10.27 -35.70
C ASN G 329 2.19 -10.12 -34.38
N SER G 330 2.76 -9.35 -33.45
CA SER G 330 2.19 -9.20 -32.12
C SER G 330 1.25 -8.00 -32.11
N LEU G 331 -0.04 -8.24 -31.90
CA LEU G 331 -0.98 -7.15 -31.71
C LEU G 331 -0.75 -6.45 -30.38
N HIS G 332 -0.25 -7.17 -29.38
CA HIS G 332 -0.07 -6.58 -28.06
C HIS G 332 1.10 -5.60 -28.03
N PHE G 333 2.12 -5.81 -28.86
CA PHE G 333 3.20 -4.83 -28.99
C PHE G 333 2.67 -3.49 -29.50
N GLN G 334 1.89 -3.53 -30.58
CA GLN G 334 1.29 -2.31 -31.12
C GLN G 334 0.29 -1.72 -30.13
N LEU G 335 -0.44 -2.57 -29.41
CA LEU G 335 -1.38 -2.09 -28.42
C LEU G 335 -0.68 -1.35 -27.29
N GLY G 336 0.44 -1.91 -26.80
CA GLY G 336 1.19 -1.23 -25.75
C GLY G 336 1.81 0.07 -26.23
N LEU G 337 2.38 0.07 -27.44
CA LEU G 337 2.95 1.30 -27.99
C LEU G 337 1.87 2.36 -28.18
N ALA G 338 0.72 1.98 -28.71
CA ALA G 338 -0.37 2.92 -28.94
C ALA G 338 -0.91 3.47 -27.61
N LEU G 339 -1.12 2.60 -26.63
CA LEU G 339 -1.65 3.05 -25.34
C LEU G 339 -0.64 3.93 -24.62
N ALA G 340 0.65 3.62 -24.72
CA ALA G 340 1.67 4.46 -24.11
C ALA G 340 1.73 5.84 -24.75
N SER G 341 1.70 5.89 -26.09
CA SER G 341 1.75 7.17 -26.77
C SER G 341 0.49 7.99 -26.51
N VAL G 342 -0.68 7.34 -26.50
CA VAL G 342 -1.93 8.06 -26.24
C VAL G 342 -1.99 8.52 -24.79
N GLY G 343 -1.43 7.75 -23.84
CA GLY G 343 -1.35 8.20 -22.46
C GLY G 343 -0.43 9.39 -22.30
N THR G 344 0.72 9.37 -22.98
CA THR G 344 1.63 10.51 -22.96
C THR G 344 0.97 11.74 -23.57
N ILE G 345 0.21 11.56 -24.66
CA ILE G 345 -0.49 12.66 -25.29
C ILE G 345 -1.59 13.20 -24.38
N THR G 346 -2.30 12.31 -23.68
CA THR G 346 -3.34 12.74 -22.75
C THR G 346 -2.75 13.53 -21.58
N SER G 347 -1.60 13.07 -21.07
CA SER G 347 -0.90 13.82 -20.03
C SER G 347 -0.45 15.17 -20.55
N LEU G 348 0.01 15.23 -21.80
CA LEU G 348 0.38 16.51 -22.41
C LEU G 348 -0.83 17.42 -22.54
N VAL G 349 -1.98 16.86 -22.90
CA VAL G 349 -3.22 17.64 -23.01
C VAL G 349 -3.60 18.22 -21.66
N ALA G 350 -3.52 17.40 -20.61
CA ALA G 350 -3.81 17.88 -19.27
C ALA G 350 -2.83 18.97 -18.85
N GLN G 351 -1.54 18.78 -19.10
CA GLN G 351 -0.54 19.75 -18.66
C GLN G 351 -0.53 21.01 -19.51
N HIS G 352 -1.15 21.00 -20.69
CA HIS G 352 -1.13 22.18 -21.55
C HIS G 352 -2.47 22.91 -21.65
N MET G 353 -3.59 22.25 -21.33
CA MET G 353 -4.88 22.91 -21.42
C MET G 353 -5.07 23.94 -20.30
N TYR G 354 -4.63 23.61 -19.08
CA TYR G 354 -4.82 24.54 -17.97
C TYR G 354 -3.91 25.75 -18.09
N SER G 355 -2.67 25.55 -18.54
CA SER G 355 -1.75 26.66 -18.69
C SER G 355 -2.04 27.47 -19.94
N LEU G 356 -2.48 26.80 -21.02
CA LEU G 356 -2.85 27.46 -22.27
C LEU G 356 -4.30 27.09 -22.56
N PRO G 357 -5.26 27.86 -22.06
CA PRO G 357 -6.67 27.57 -22.34
C PRO G 357 -7.01 27.84 -23.79
N PRO G 358 -7.43 26.81 -24.53
CA PRO G 358 -7.75 27.00 -25.95
C PRO G 358 -9.16 27.46 -26.21
N TYR G 359 -10.04 27.42 -25.22
CA TYR G 359 -11.45 27.73 -25.41
C TYR G 359 -11.80 29.01 -24.68
N ALA G 360 -12.67 29.81 -25.28
CA ALA G 360 -13.04 31.10 -24.72
C ALA G 360 -13.79 30.92 -23.41
N TYR G 361 -13.44 31.77 -22.43
CA TYR G 361 -14.08 31.78 -21.10
C TYR G 361 -13.94 30.44 -20.39
N LEU G 362 -12.81 29.76 -20.60
CA LEU G 362 -12.52 28.51 -19.91
C LEU G 362 -11.69 28.70 -18.66
N ALA G 363 -10.79 29.69 -18.64
CA ALA G 363 -9.97 29.94 -17.47
C ALA G 363 -10.79 30.47 -16.30
N VAL G 364 -11.84 31.24 -16.59
CA VAL G 364 -12.71 31.74 -15.53
C VAL G 364 -13.52 30.60 -14.91
N ASP G 365 -13.88 29.61 -15.70
CA ASP G 365 -14.62 28.45 -15.19
C ASP G 365 -13.64 27.53 -14.49
N PHE G 366 -13.54 27.68 -13.16
CA PHE G 366 -12.52 26.96 -12.40
C PHE G 366 -12.88 25.48 -12.26
N THR G 367 -14.16 25.20 -11.97
CA THR G 367 -14.60 23.82 -11.80
C THR G 367 -14.42 23.02 -13.09
N THR G 368 -14.72 23.65 -14.23
CA THR G 368 -14.57 22.99 -15.53
C THR G 368 -13.12 22.62 -15.79
N GLN G 369 -12.20 23.56 -15.57
CA GLN G 369 -10.78 23.28 -15.79
C GLN G 369 -10.27 22.21 -14.84
N ALA G 370 -10.70 22.26 -13.58
CA ALA G 370 -10.28 21.25 -12.61
C ALA G 370 -10.77 19.86 -12.98
N SER G 371 -12.05 19.76 -13.37
CA SER G 371 -12.60 18.47 -13.76
C SER G 371 -11.94 17.93 -15.02
N LEU G 372 -11.66 18.81 -16.00
CA LEU G 372 -11.01 18.40 -17.23
C LEU G 372 -9.60 17.88 -16.96
N TYR G 373 -8.84 18.60 -16.14
CA TYR G 373 -7.48 18.18 -15.80
C TYR G 373 -7.48 16.84 -15.07
N THR G 374 -8.37 16.70 -14.09
CA THR G 374 -8.44 15.46 -13.32
C THR G 374 -8.83 14.28 -14.20
N HIS G 375 -9.83 14.48 -15.06
CA HIS G 375 -10.28 13.42 -15.97
C HIS G 375 -9.17 13.00 -16.92
N HIS G 376 -8.48 13.98 -17.52
CA HIS G 376 -7.44 13.66 -18.47
C HIS G 376 -6.26 12.95 -17.80
N GLN G 377 -5.88 13.38 -16.60
CA GLN G 377 -4.75 12.74 -15.93
C GLN G 377 -5.10 11.32 -15.49
N TYR G 378 -6.32 11.10 -15.00
CA TYR G 378 -6.71 9.75 -14.59
C TYR G 378 -6.80 8.81 -15.80
N ILE G 379 -7.36 9.30 -16.90
CA ILE G 379 -7.42 8.49 -18.13
C ILE G 379 -6.02 8.16 -18.62
N ALA G 380 -5.12 9.15 -18.58
CA ALA G 380 -3.74 8.94 -19.01
C ALA G 380 -3.05 7.89 -18.15
N GLY G 381 -3.21 7.97 -16.83
CA GLY G 381 -2.58 7.00 -15.95
C GLY G 381 -3.13 5.59 -16.16
N PHE G 382 -4.45 5.48 -16.31
CA PHE G 382 -5.08 4.18 -16.54
C PHE G 382 -4.56 3.55 -17.84
N ILE G 383 -4.43 4.34 -18.90
CA ILE G 383 -4.00 3.74 -20.16
C ILE G 383 -2.49 3.57 -20.28
N MET G 384 -1.69 4.30 -19.48
CA MET G 384 -0.28 3.91 -19.36
C MET G 384 -0.14 2.57 -18.63
N CYS G 385 -0.93 2.36 -17.58
CA CYS G 385 -0.94 1.06 -16.93
C CYS G 385 -1.39 -0.03 -17.89
N GLY G 386 -2.37 0.28 -18.74
CA GLY G 386 -2.78 -0.67 -19.76
C GLY G 386 -1.71 -0.93 -20.80
N ALA G 387 -0.95 0.11 -21.16
CA ALA G 387 0.17 -0.05 -22.09
C ALA G 387 1.21 -1.03 -21.55
N PHE G 388 1.58 -0.86 -20.29
CA PHE G 388 2.57 -1.76 -19.70
C PHE G 388 2.00 -3.16 -19.51
N ALA G 389 0.72 -3.26 -19.17
CA ALA G 389 0.09 -4.57 -19.03
C ALA G 389 0.05 -5.32 -20.36
N HIS G 390 -0.30 -4.63 -21.44
CA HIS G 390 -0.33 -5.28 -22.74
C HIS G 390 1.08 -5.54 -23.28
N GLY G 391 2.07 -4.77 -22.85
CA GLY G 391 3.45 -5.14 -23.13
C GLY G 391 3.85 -6.44 -22.44
N ALA G 392 3.42 -6.62 -21.20
CA ALA G 392 3.63 -7.90 -20.51
C ALA G 392 2.90 -9.03 -21.21
N ILE G 393 1.69 -8.75 -21.71
CA ILE G 393 0.93 -9.73 -22.49
C ILE G 393 1.68 -10.09 -23.76
N PHE G 394 2.32 -9.11 -24.40
CA PHE G 394 3.16 -9.39 -25.56
C PHE G 394 4.33 -10.29 -25.18
N PHE G 395 4.98 -10.00 -24.04
CA PHE G 395 6.13 -10.80 -23.64
C PHE G 395 5.74 -12.23 -23.28
N ILE G 396 4.51 -12.45 -22.82
CA ILE G 396 4.09 -13.79 -22.46
C ILE G 396 3.60 -14.55 -23.68
N ARG G 397 2.75 -13.92 -24.50
CA ARG G 397 2.02 -14.63 -25.54
C ARG G 397 2.83 -14.79 -26.83
N ASP G 398 3.21 -13.66 -27.44
CA ASP G 398 3.86 -13.67 -28.75
C ASP G 398 5.22 -12.99 -28.67
N TYR G 399 6.24 -13.77 -28.30
CA TYR G 399 7.62 -13.29 -28.30
C TYR G 399 8.53 -14.48 -28.57
N ASP G 400 9.15 -14.52 -29.75
CA ASP G 400 10.01 -15.63 -30.12
C ASP G 400 11.46 -15.19 -29.98
N PRO G 401 12.21 -15.70 -29.00
CA PRO G 401 13.63 -15.31 -28.86
C PRO G 401 14.48 -15.73 -30.05
N GLU G 402 14.08 -16.77 -30.78
CA GLU G 402 14.83 -17.18 -31.96
C GLU G 402 14.70 -16.17 -33.09
N GLN G 403 13.56 -15.47 -33.16
CA GLN G 403 13.37 -14.47 -34.21
C GLN G 403 14.23 -13.23 -33.96
N ASN G 404 14.00 -12.57 -32.83
CA ASN G 404 14.76 -11.38 -32.46
C ASN G 404 15.83 -11.79 -31.46
N LYS G 405 16.89 -12.42 -31.97
CA LYS G 405 17.99 -12.91 -31.16
C LYS G 405 19.13 -11.88 -31.19
N GLY G 406 19.54 -11.41 -30.01
CA GLY G 406 20.61 -10.45 -29.90
C GLY G 406 20.21 -9.01 -30.16
N ASN G 407 18.93 -8.74 -30.38
CA ASN G 407 18.48 -7.39 -30.68
C ASN G 407 18.25 -6.63 -29.36
N VAL G 408 17.60 -5.48 -29.45
CA VAL G 408 17.38 -4.64 -28.27
C VAL G 408 16.43 -5.33 -27.28
N LEU G 409 15.44 -6.07 -27.79
CA LEU G 409 14.51 -6.77 -26.91
C LEU G 409 15.20 -7.89 -26.14
N ALA G 410 16.03 -8.67 -26.83
CA ALA G 410 16.80 -9.72 -26.15
C ALA G 410 17.81 -9.11 -25.17
N ARG G 411 18.32 -7.92 -25.47
CA ARG G 411 19.28 -7.28 -24.57
C ARG G 411 18.61 -6.75 -23.32
N VAL G 412 17.41 -6.15 -23.45
CA VAL G 412 16.71 -5.69 -22.26
C VAL G 412 16.13 -6.86 -21.47
N LEU G 413 15.88 -8.00 -22.13
CA LEU G 413 15.57 -9.19 -21.36
C LEU G 413 16.81 -9.78 -20.71
N ASP G 414 18.00 -9.49 -21.26
CA ASP G 414 19.23 -10.04 -20.72
C ASP G 414 19.64 -9.34 -19.42
N HIS G 415 19.52 -8.01 -19.38
CA HIS G 415 19.90 -7.23 -18.20
C HIS G 415 18.66 -6.64 -17.52
N LYS G 416 17.56 -7.40 -17.52
CA LYS G 416 16.33 -6.95 -16.86
C LYS G 416 16.52 -6.81 -15.36
N GLU G 417 17.38 -7.63 -14.77
CA GLU G 417 17.65 -7.53 -13.33
C GLU G 417 18.31 -6.20 -13.00
N ALA G 418 19.24 -5.74 -13.84
CA ALA G 418 19.89 -4.45 -13.62
C ALA G 418 18.90 -3.30 -13.71
N ILE G 419 18.00 -3.35 -14.71
CA ILE G 419 17.01 -2.29 -14.88
C ILE G 419 16.05 -2.26 -13.70
N ILE G 420 15.57 -3.43 -13.28
CA ILE G 420 14.63 -3.50 -12.15
C ILE G 420 15.31 -3.05 -10.86
N SER G 421 16.57 -3.44 -10.67
CA SER G 421 17.30 -3.05 -9.47
C SER G 421 17.56 -1.54 -9.43
N HIS G 422 17.93 -0.95 -10.56
CA HIS G 422 18.18 0.49 -10.57
C HIS G 422 16.89 1.28 -10.40
N LEU G 423 15.78 0.79 -10.97
CA LEU G 423 14.50 1.44 -10.75
C LEU G 423 14.06 1.33 -9.30
N SER G 424 14.30 0.17 -8.68
CA SER G 424 14.01 0.01 -7.25
C SER G 424 14.88 0.93 -6.41
N TRP G 425 16.14 1.11 -6.82
CA TRP G 425 17.03 2.02 -6.09
C TRP G 425 16.55 3.46 -6.16
N VAL G 426 16.18 3.93 -7.36
CA VAL G 426 15.77 5.32 -7.49
C VAL G 426 14.41 5.54 -6.80
N SER G 427 13.52 4.53 -6.85
CA SER G 427 12.25 4.64 -6.14
C SER G 427 12.47 4.68 -4.63
N LEU G 428 13.35 3.82 -4.11
CA LEU G 428 13.64 3.81 -2.68
C LEU G 428 14.27 5.13 -2.24
N PHE G 429 15.21 5.66 -3.03
CA PHE G 429 15.85 6.93 -2.72
C PHE G 429 14.85 8.06 -2.67
N LEU G 430 14.01 8.17 -3.72
CA LEU G 430 13.01 9.24 -3.78
C LEU G 430 12.03 9.14 -2.64
N GLY G 431 11.49 7.94 -2.38
CA GLY G 431 10.50 7.80 -1.33
C GLY G 431 11.08 8.04 0.06
N PHE G 432 12.26 7.46 0.33
CA PHE G 432 12.92 7.66 1.61
C PHE G 432 13.15 9.12 1.92
N HIS G 433 13.78 9.84 0.98
CA HIS G 433 14.12 11.22 1.30
C HIS G 433 12.93 12.17 1.19
N THR G 434 11.96 11.89 0.32
CA THR G 434 10.77 12.74 0.27
C THR G 434 9.96 12.61 1.55
N LEU G 435 9.78 11.38 2.04
CA LEU G 435 9.09 11.20 3.32
C LEU G 435 9.91 11.77 4.47
N GLY G 436 11.24 11.62 4.42
CA GLY G 436 12.08 12.19 5.46
C GLY G 436 11.95 13.70 5.54
N LEU G 437 11.97 14.37 4.38
CA LEU G 437 11.81 15.82 4.36
C LEU G 437 10.41 16.24 4.80
N TYR G 438 9.38 15.52 4.34
CA TYR G 438 8.02 15.88 4.72
C TYR G 438 7.79 15.70 6.23
N VAL G 439 8.27 14.59 6.79
CA VAL G 439 8.13 14.35 8.22
C VAL G 439 8.97 15.34 9.01
N HIS G 440 10.16 15.68 8.52
CA HIS G 440 11.01 16.68 9.15
C HIS G 440 10.31 18.03 9.21
N ASN G 441 9.70 18.44 8.09
CA ASN G 441 9.00 19.72 8.04
C ASN G 441 7.76 19.70 8.93
N ASP G 442 7.04 18.57 8.97
CA ASP G 442 5.85 18.48 9.82
C ASP G 442 6.22 18.56 11.30
N VAL G 443 7.29 17.87 11.70
CA VAL G 443 7.75 17.92 13.09
C VAL G 443 8.24 19.32 13.43
N VAL G 444 8.96 19.96 12.51
CA VAL G 444 9.48 21.30 12.74
C VAL G 444 8.34 22.30 12.90
N GLN G 445 7.30 22.19 12.05
CA GLN G 445 6.14 23.06 12.18
C GLN G 445 5.33 22.75 13.42
N ALA G 446 5.37 21.49 13.88
CA ALA G 446 4.67 21.12 15.11
C ALA G 446 5.31 21.74 16.34
N PHE G 447 6.61 21.99 16.30
CA PHE G 447 7.32 22.50 17.46
C PHE G 447 7.23 24.02 17.59
N GLY G 448 6.49 24.69 16.70
CA GLY G 448 6.26 26.11 16.80
C GLY G 448 7.33 26.98 16.17
N THR G 449 8.40 26.40 15.65
CA THR G 449 9.49 27.14 15.01
C THR G 449 9.61 26.63 13.58
N PRO G 450 8.82 27.16 12.64
CA PRO G 450 8.81 26.61 11.27
C PRO G 450 10.05 26.92 10.45
N GLU G 451 10.96 27.78 10.93
CA GLU G 451 12.13 28.13 10.13
C GLU G 451 13.18 27.03 10.11
N LYS G 452 13.05 25.99 10.94
CA LYS G 452 13.99 24.87 10.90
C LYS G 452 13.72 23.92 9.75
N GLN G 453 12.62 24.08 9.02
CA GLN G 453 12.26 23.12 7.98
C GLN G 453 13.18 23.27 6.78
N ILE G 454 13.35 22.16 6.05
CA ILE G 454 14.22 22.11 4.89
C ILE G 454 13.42 22.56 3.67
N LEU G 455 13.80 23.69 3.10
CA LEU G 455 13.14 24.25 1.93
C LEU G 455 14.18 24.39 0.83
N ILE G 456 14.17 23.48 -0.12
CA ILE G 456 15.07 23.55 -1.28
C ILE G 456 14.34 24.29 -2.39
N GLU G 457 14.90 25.42 -2.81
CA GLU G 457 14.28 26.21 -3.86
C GLU G 457 14.41 25.49 -5.19
N PRO G 458 13.32 25.35 -5.96
CA PRO G 458 13.41 24.69 -7.26
C PRO G 458 14.17 25.50 -8.29
N VAL G 459 15.49 25.61 -8.14
CA VAL G 459 16.28 26.50 -8.98
C VAL G 459 16.32 26.03 -10.42
N PHE G 460 16.17 24.72 -10.66
CA PHE G 460 16.25 24.20 -12.02
C PHE G 460 15.04 24.64 -12.84
N ALA G 461 13.84 24.37 -12.35
CA ALA G 461 12.63 24.76 -13.08
C ALA G 461 12.44 26.26 -13.09
N GLN G 462 12.86 26.95 -12.01
CA GLN G 462 12.81 28.41 -12.01
C GLN G 462 13.76 28.99 -13.05
N TRP G 463 14.95 28.42 -13.21
CA TRP G 463 15.87 28.85 -14.25
C TRP G 463 15.32 28.53 -15.64
N ILE G 464 14.60 27.41 -15.78
CA ILE G 464 13.96 27.09 -17.05
C ILE G 464 12.90 28.12 -17.39
N GLN G 465 12.06 28.47 -16.41
CA GLN G 465 11.00 29.46 -16.63
C GLN G 465 11.58 30.85 -16.88
N ALA G 466 12.70 31.17 -16.25
CA ALA G 466 13.41 32.41 -16.56
C ALA G 466 13.98 32.39 -17.97
N ALA G 467 14.41 31.21 -18.43
CA ALA G 467 14.88 31.07 -19.81
C ALA G 467 13.74 31.15 -20.82
N GLN G 468 12.49 31.08 -20.37
CA GLN G 468 11.33 31.14 -21.26
C GLN G 468 10.51 32.41 -21.10
N GLY G 469 10.95 33.35 -20.27
CA GLY G 469 10.28 34.64 -20.22
C GLY G 469 9.90 35.16 -18.85
N LYS G 470 9.89 34.29 -17.85
CA LYS G 470 9.47 34.68 -16.50
C LYS G 470 10.59 35.48 -15.83
N SER G 471 10.38 36.78 -15.66
CA SER G 471 11.39 37.66 -15.09
C SER G 471 11.25 37.82 -13.58
N LEU G 472 10.31 37.13 -12.95
CA LEU G 472 10.11 37.31 -11.51
C LEU G 472 11.22 36.65 -10.71
N TYR G 473 11.81 35.56 -11.22
CA TYR G 473 12.93 34.91 -10.56
C TYR G 473 14.23 35.66 -10.74
N GLY G 474 14.28 36.66 -11.60
CA GLY G 474 15.50 37.41 -11.84
C GLY G 474 16.25 36.84 -13.03
N PHE G 475 17.52 36.50 -12.82
CA PHE G 475 18.43 35.90 -13.80
C PHE G 475 18.65 36.79 -15.02
N ASP G 476 19.48 36.32 -15.96
CA ASP G 476 19.73 37.02 -17.21
C ASP G 476 19.78 36.03 -18.36
N LEU G 477 18.85 35.08 -18.36
CA LEU G 477 18.84 34.01 -19.35
C LEU G 477 18.11 34.47 -20.61
N LEU G 478 17.82 33.53 -21.49
CA LEU G 478 17.13 33.81 -22.74
C LEU G 478 15.68 34.19 -22.47
N LEU G 479 15.10 34.91 -23.42
CA LEU G 479 13.73 35.44 -23.39
C LEU G 479 13.47 36.37 -22.20
N ALA G 480 14.53 36.83 -21.53
CA ALA G 480 14.41 37.79 -20.43
C ALA G 480 15.35 38.97 -20.58
N SER G 481 16.45 38.84 -21.32
CA SER G 481 17.34 39.93 -21.64
C SER G 481 17.27 40.21 -23.13
N SER G 482 17.22 41.50 -23.50
CA SER G 482 17.10 41.87 -24.90
C SER G 482 18.36 41.54 -25.71
N SER G 483 19.50 41.37 -25.05
CA SER G 483 20.74 41.06 -25.75
C SER G 483 20.86 39.59 -26.15
N SER G 484 19.98 38.73 -25.65
CA SER G 484 20.05 37.32 -25.98
C SER G 484 19.61 37.09 -27.43
N SER G 485 20.24 36.15 -28.15
CA SER G 485 19.81 35.88 -29.53
C SER G 485 18.39 35.31 -29.62
N ALA G 486 17.94 34.57 -28.61
CA ALA G 486 16.58 34.04 -28.62
C ALA G 486 15.55 35.16 -28.51
N TYR G 487 15.84 36.18 -27.68
CA TYR G 487 14.95 37.33 -27.59
C TYR G 487 14.93 38.13 -28.89
N SER G 488 16.10 38.36 -29.48
CA SER G 488 16.17 39.15 -30.71
C SER G 488 15.51 38.44 -31.88
N ALA G 489 15.54 37.12 -31.89
CA ALA G 489 14.89 36.34 -32.94
C ALA G 489 13.39 36.30 -32.66
N GLY G 490 12.61 36.87 -33.58
CA GLY G 490 11.17 36.86 -33.43
C GLY G 490 10.61 37.82 -32.43
N GLN G 491 11.34 38.89 -32.10
CA GLN G 491 10.92 39.85 -31.08
C GLN G 491 9.65 40.61 -31.47
N SER G 492 9.23 40.53 -32.73
CA SER G 492 7.96 41.08 -33.18
C SER G 492 7.03 39.99 -33.70
N LEU G 493 7.21 38.76 -33.24
CA LEU G 493 6.41 37.64 -33.72
C LEU G 493 5.50 37.07 -32.65
N TRP G 494 6.03 36.57 -31.54
CA TRP G 494 5.17 36.10 -30.45
C TRP G 494 5.63 36.49 -29.06
N LEU G 495 6.87 36.94 -28.86
CA LEU G 495 7.30 37.42 -27.55
C LEU G 495 6.49 38.60 -26.99
N PRO G 496 6.05 39.60 -27.76
CA PRO G 496 5.20 40.64 -27.15
C PRO G 496 3.89 40.12 -26.57
N GLY G 497 3.42 38.95 -26.99
CA GLY G 497 2.27 38.33 -26.36
C GLY G 497 2.66 37.26 -25.36
N TRP G 498 3.67 36.46 -25.69
CA TRP G 498 4.09 35.37 -24.81
C TRP G 498 4.65 35.89 -23.49
N LEU G 499 5.47 36.94 -23.53
CA LEU G 499 6.00 37.52 -22.29
C LEU G 499 4.89 38.17 -21.47
N GLU G 500 3.92 38.80 -22.14
CA GLU G 500 2.80 39.38 -21.42
C GLU G 500 1.98 38.31 -20.72
N ALA G 501 1.76 37.18 -21.39
CA ALA G 501 1.00 36.09 -20.78
C ALA G 501 1.80 35.39 -19.67
N ILE G 502 3.12 35.31 -19.81
CA ILE G 502 3.93 34.58 -18.84
C ILE G 502 4.36 35.44 -17.65
N ASN G 503 4.30 36.77 -17.78
CA ASN G 503 4.65 37.66 -16.69
C ASN G 503 3.47 38.02 -15.82
N ASN G 504 2.26 37.62 -16.21
CA ASN G 504 1.07 37.80 -15.39
C ASN G 504 0.91 36.60 -14.46
N ASN G 505 0.59 36.88 -13.20
CA ASN G 505 0.42 35.84 -12.22
C ASN G 505 -1.02 35.36 -12.07
N GLN G 506 -1.97 36.00 -12.78
CA GLN G 506 -3.37 35.60 -12.65
C GLN G 506 -3.65 34.30 -13.37
N ASN G 507 -3.11 34.14 -14.58
CA ASN G 507 -3.35 32.94 -15.35
C ASN G 507 -2.48 31.79 -14.86
N SER G 508 -2.74 30.60 -15.39
CA SER G 508 -2.03 29.39 -14.99
C SER G 508 -0.84 29.09 -15.89
N LEU G 509 -0.35 30.08 -16.63
CA LEU G 509 0.79 29.88 -17.54
C LEU G 509 2.07 30.10 -16.76
N PHE G 510 2.75 29.00 -16.43
CA PHE G 510 4.04 29.00 -15.73
C PHE G 510 3.94 29.73 -14.39
N LEU G 511 3.15 29.13 -13.50
CA LEU G 511 2.89 29.70 -12.19
C LEU G 511 4.16 29.71 -11.35
N THR G 512 4.19 30.62 -10.38
CA THR G 512 5.32 30.73 -9.47
C THR G 512 5.41 29.48 -8.59
N ILE G 513 6.60 28.91 -8.50
CA ILE G 513 6.82 27.65 -7.80
C ILE G 513 7.79 27.88 -6.65
N GLY G 514 7.46 27.32 -5.49
CA GLY G 514 8.30 27.43 -4.32
C GLY G 514 8.85 26.08 -3.90
N PRO G 515 9.39 26.01 -2.68
CA PRO G 515 9.92 24.73 -2.19
C PRO G 515 8.88 23.64 -2.04
N GLY G 516 7.64 23.99 -1.69
CA GLY G 516 6.58 22.99 -1.63
C GLY G 516 6.24 22.43 -3.00
N ASP G 517 6.28 23.28 -4.02
CA ASP G 517 6.09 22.83 -5.39
C ASP G 517 7.19 21.85 -5.80
N PHE G 518 8.44 22.15 -5.41
CA PHE G 518 9.54 21.25 -5.73
C PHE G 518 9.38 19.91 -5.00
N LEU G 519 8.96 19.96 -3.74
CA LEU G 519 8.77 18.74 -2.96
C LEU G 519 7.67 17.87 -3.55
N VAL G 520 6.55 18.48 -3.95
CA VAL G 520 5.47 17.69 -4.51
C VAL G 520 5.83 17.20 -5.91
N HIS G 521 6.62 17.96 -6.69
CA HIS G 521 7.11 17.45 -7.97
C HIS G 521 8.03 16.26 -7.79
N HIS G 522 8.89 16.30 -6.77
CA HIS G 522 9.75 15.15 -6.50
C HIS G 522 8.94 13.95 -6.01
N ALA G 523 7.86 14.19 -5.27
CA ALA G 523 6.95 13.11 -4.90
C ALA G 523 6.26 12.53 -6.13
N ILE G 524 5.91 13.37 -7.10
CA ILE G 524 5.34 12.90 -8.35
C ILE G 524 6.35 12.04 -9.10
N ALA G 525 7.61 12.47 -9.11
CA ALA G 525 8.67 11.68 -9.73
C ALA G 525 8.83 10.33 -9.04
N LEU G 526 8.70 10.32 -7.70
CA LEU G 526 8.70 9.07 -6.95
C LEU G 526 7.56 8.17 -7.39
N GLY G 527 6.36 8.74 -7.53
CA GLY G 527 5.21 7.93 -7.94
C GLY G 527 5.39 7.35 -9.33
N LEU G 528 5.89 8.16 -10.27
CA LEU G 528 6.13 7.70 -11.63
C LEU G 528 7.19 6.60 -11.66
N HIS G 529 8.29 6.80 -10.94
CA HIS G 529 9.36 5.81 -10.93
C HIS G 529 8.93 4.52 -10.28
N THR G 530 8.15 4.59 -9.20
CA THR G 530 7.72 3.36 -8.54
C THR G 530 6.71 2.60 -9.38
N THR G 531 5.74 3.31 -9.98
CA THR G 531 4.78 2.64 -10.86
C THR G 531 5.47 2.02 -12.06
N THR G 532 6.47 2.72 -12.62
CA THR G 532 7.28 2.16 -13.70
C THR G 532 8.04 0.93 -13.23
N LEU G 533 8.58 0.96 -12.01
CA LEU G 533 9.31 -0.18 -11.48
C LEU G 533 8.41 -1.41 -11.36
N ILE G 534 7.20 -1.22 -10.83
CA ILE G 534 6.26 -2.34 -10.71
C ILE G 534 5.89 -2.87 -12.10
N LEU G 535 5.61 -1.97 -13.04
CA LEU G 535 5.15 -2.39 -14.35
C LEU G 535 6.24 -3.11 -15.14
N VAL G 536 7.47 -2.61 -15.08
CA VAL G 536 8.54 -3.29 -15.80
C VAL G 536 9.04 -4.53 -15.06
N LYS G 537 8.85 -4.62 -13.74
CA LYS G 537 9.10 -5.89 -13.07
C LYS G 537 8.09 -6.94 -13.52
N GLY G 538 6.83 -6.53 -13.67
CA GLY G 538 5.84 -7.45 -14.21
C GLY G 538 6.11 -7.84 -15.65
N ALA G 539 6.49 -6.87 -16.48
CA ALA G 539 6.67 -7.13 -17.91
C ALA G 539 7.95 -7.93 -18.19
N LEU G 540 9.05 -7.59 -17.52
CA LEU G 540 10.31 -8.26 -17.82
C LEU G 540 10.33 -9.67 -17.24
N ASP G 541 9.74 -9.87 -16.06
CA ASP G 541 9.61 -11.18 -15.46
C ASP G 541 8.29 -11.85 -15.82
N ALA G 542 7.69 -11.47 -16.94
CA ALA G 542 6.40 -12.04 -17.32
C ALA G 542 6.54 -13.48 -17.79
N ARG G 543 7.54 -13.76 -18.61
CA ARG G 543 7.71 -15.09 -19.19
C ARG G 543 8.61 -16.00 -18.38
N GLY G 544 9.19 -15.51 -17.28
CA GLY G 544 10.03 -16.35 -16.47
C GLY G 544 10.64 -15.57 -15.32
N SER G 545 11.01 -16.29 -14.28
CA SER G 545 11.65 -15.73 -13.10
C SER G 545 12.38 -16.84 -12.38
N LYS G 546 13.11 -16.47 -11.33
CA LYS G 546 13.80 -17.47 -10.53
C LYS G 546 12.81 -18.33 -9.75
N LEU G 547 11.75 -17.72 -9.23
CA LEU G 547 10.72 -18.48 -8.54
C LEU G 547 9.85 -19.26 -9.52
N MET G 548 9.55 -18.68 -10.67
CA MET G 548 8.71 -19.32 -11.69
C MET G 548 9.41 -19.20 -13.05
N PRO G 549 10.27 -20.18 -13.38
CA PRO G 549 10.85 -20.17 -14.74
C PRO G 549 9.84 -20.36 -15.85
N ASP G 550 8.84 -21.21 -15.66
CA ASP G 550 7.85 -21.48 -16.70
C ASP G 550 6.60 -20.60 -16.56
N LYS G 551 6.79 -19.29 -16.43
CA LYS G 551 5.63 -18.41 -16.32
C LYS G 551 4.97 -18.15 -17.67
N LYS G 552 5.67 -18.42 -18.77
CA LYS G 552 5.04 -18.29 -20.08
C LYS G 552 4.01 -19.38 -20.32
N ASP G 553 4.24 -20.58 -19.76
CA ASP G 553 3.31 -21.69 -19.96
C ASP G 553 2.03 -21.52 -19.16
N PHE G 554 2.02 -20.66 -18.16
CA PHE G 554 0.84 -20.45 -17.33
C PHE G 554 -0.03 -19.29 -17.79
N GLY G 555 0.30 -18.66 -18.91
CA GLY G 555 -0.48 -17.55 -19.41
C GLY G 555 -0.16 -16.25 -18.70
N TYR G 556 -0.99 -15.24 -18.99
CA TYR G 556 -0.79 -13.92 -18.43
C TYR G 556 -1.48 -13.75 -17.08
N SER G 557 -2.67 -14.31 -16.92
CA SER G 557 -3.47 -14.12 -15.72
C SER G 557 -3.75 -15.48 -15.08
N PHE G 558 -2.90 -15.87 -14.15
CA PHE G 558 -3.11 -17.05 -13.32
C PHE G 558 -2.93 -16.65 -11.86
N PRO G 559 -3.66 -17.30 -10.93
CA PRO G 559 -3.65 -16.85 -9.53
C PRO G 559 -2.29 -16.97 -8.85
N CYS G 560 -1.75 -18.19 -8.82
CA CYS G 560 -0.54 -18.47 -8.06
C CYS G 560 -0.02 -19.85 -8.49
N ASP G 561 0.96 -20.36 -7.75
CA ASP G 561 1.42 -21.74 -7.89
C ASP G 561 1.19 -22.55 -6.63
N GLY G 562 0.53 -21.98 -5.62
CA GLY G 562 0.29 -22.68 -4.38
C GLY G 562 1.26 -22.26 -3.29
N PRO G 563 1.18 -22.92 -2.14
CA PRO G 563 2.07 -22.59 -1.02
C PRO G 563 3.47 -23.17 -1.14
N GLY G 564 3.74 -23.95 -2.18
CA GLY G 564 5.06 -24.52 -2.35
C GLY G 564 6.09 -23.47 -2.70
N ARG G 565 7.35 -23.83 -2.44
CA ARG G 565 8.51 -22.94 -2.63
C ARG G 565 8.35 -21.64 -1.85
N GLY G 566 7.78 -21.74 -0.64
CA GLY G 566 7.64 -20.63 0.26
C GLY G 566 6.37 -19.82 0.09
N GLY G 567 5.68 -19.94 -1.04
CA GLY G 567 4.50 -19.13 -1.31
C GLY G 567 4.70 -18.40 -2.62
N THR G 568 3.66 -18.41 -3.46
CA THR G 568 3.77 -17.91 -4.83
C THR G 568 2.57 -17.07 -5.24
N CYS G 569 1.88 -16.45 -4.28
CA CYS G 569 0.73 -15.61 -4.63
C CYS G 569 1.19 -14.30 -5.24
N ASP G 570 0.37 -13.80 -6.19
CA ASP G 570 0.61 -12.55 -6.92
C ASP G 570 1.96 -12.58 -7.63
N ILE G 571 2.20 -13.65 -8.38
CA ILE G 571 3.45 -13.80 -9.13
C ILE G 571 3.28 -13.53 -10.62
N SER G 572 2.05 -13.49 -11.12
CA SER G 572 1.82 -13.20 -12.53
C SER G 572 2.03 -11.71 -12.80
N ALA G 573 2.23 -11.40 -14.09
CA ALA G 573 2.33 -10.00 -14.49
C ALA G 573 1.02 -9.26 -14.35
N TYR G 574 -0.11 -9.98 -14.39
CA TYR G 574 -1.40 -9.36 -14.17
C TYR G 574 -1.50 -8.81 -12.75
N ASP G 575 -0.99 -9.55 -11.76
CA ASP G 575 -0.99 -9.05 -10.39
C ASP G 575 -0.06 -7.86 -10.22
N ALA G 576 1.07 -7.85 -10.92
CA ALA G 576 1.94 -6.68 -10.91
C ALA G 576 1.23 -5.47 -11.49
N PHE G 577 0.46 -5.67 -12.57
CA PHE G 577 -0.37 -4.59 -13.10
C PHE G 577 -1.41 -4.14 -12.09
N TYR G 578 -2.01 -5.08 -11.36
CA TYR G 578 -3.07 -4.74 -10.43
C TYR G 578 -2.55 -4.01 -9.20
N LEU G 579 -1.28 -4.24 -8.83
CA LEU G 579 -0.64 -3.41 -7.81
C LEU G 579 -0.26 -2.04 -8.37
N ALA G 580 0.22 -2.02 -9.61
CA ALA G 580 0.57 -0.76 -10.24
C ALA G 580 -0.65 0.12 -10.50
N VAL G 581 -1.85 -0.46 -10.56
CA VAL G 581 -3.05 0.36 -10.63
C VAL G 581 -3.24 1.15 -9.33
N PHE G 582 -3.00 0.50 -8.19
CA PHE G 582 -3.02 1.21 -6.91
C PHE G 582 -1.97 2.32 -6.89
N TRP G 583 -0.76 2.00 -7.35
CA TRP G 583 0.30 3.01 -7.32
C TRP G 583 0.03 4.16 -8.28
N MET G 584 -0.54 3.86 -9.45
CA MET G 584 -0.93 4.88 -10.40
C MET G 584 -2.05 5.74 -9.84
N LEU G 585 -3.00 5.12 -9.14
CA LEU G 585 -4.07 5.89 -8.51
C LEU G 585 -3.51 6.84 -7.46
N ASN G 586 -2.55 6.37 -6.67
CA ASN G 586 -1.89 7.24 -5.69
C ASN G 586 -1.13 8.38 -6.37
N THR G 587 -0.44 8.08 -7.48
CA THR G 587 0.34 9.10 -8.18
C THR G 587 -0.56 10.17 -8.78
N ILE G 588 -1.65 9.76 -9.45
CA ILE G 588 -2.56 10.74 -10.03
C ILE G 588 -3.32 11.48 -8.93
N GLY G 589 -3.59 10.82 -7.80
CA GLY G 589 -4.13 11.53 -6.66
C GLY G 589 -3.20 12.61 -6.16
N TRP G 590 -1.89 12.33 -6.15
CA TRP G 590 -0.91 13.33 -5.76
C TRP G 590 -0.88 14.50 -6.74
N VAL G 591 -0.86 14.22 -8.04
CA VAL G 591 -0.78 15.30 -9.03
C VAL G 591 -2.07 16.12 -9.02
N THR G 592 -3.22 15.48 -8.78
CA THR G 592 -4.47 16.22 -8.76
C THR G 592 -4.63 17.00 -7.46
N PHE G 593 -4.12 16.47 -6.35
CA PHE G 593 -4.09 17.23 -5.10
C PHE G 593 -3.25 18.49 -5.27
N TYR G 594 -2.07 18.35 -5.89
CA TYR G 594 -1.19 19.49 -6.12
C TYR G 594 -1.85 20.52 -7.02
N TRP G 595 -2.41 20.07 -8.16
CA TRP G 595 -3.08 20.98 -9.08
C TRP G 595 -4.25 21.68 -8.41
N HIS G 596 -5.08 20.93 -7.70
CA HIS G 596 -6.29 21.47 -7.09
C HIS G 596 -5.94 22.49 -6.01
N TRP G 597 -4.98 22.18 -5.14
CA TRP G 597 -4.64 23.11 -4.07
C TRP G 597 -3.96 24.36 -4.61
N LYS G 598 -3.01 24.20 -5.54
CA LYS G 598 -2.33 25.36 -6.10
C LYS G 598 -3.29 26.26 -6.85
N HIS G 599 -4.20 25.68 -7.64
CA HIS G 599 -5.14 26.48 -8.39
C HIS G 599 -6.21 27.10 -7.49
N LEU G 600 -6.64 26.39 -6.44
CA LEU G 600 -7.59 26.97 -5.50
C LEU G 600 -6.99 28.17 -4.77
N THR G 601 -5.72 28.06 -4.36
CA THR G 601 -5.06 29.18 -3.72
C THR G 601 -4.80 30.32 -4.71
N LEU G 602 -4.58 30.00 -5.98
CA LEU G 602 -4.42 31.05 -6.99
C LEU G 602 -5.74 31.79 -7.24
N TRP G 603 -6.85 31.04 -7.33
CA TRP G 603 -8.15 31.66 -7.59
C TRP G 603 -8.62 32.47 -6.39
N GLN G 604 -8.34 31.99 -5.17
CA GLN G 604 -8.67 32.76 -3.99
C GLN G 604 -7.73 33.94 -3.78
N GLY G 605 -6.59 33.97 -4.46
CA GLY G 605 -5.61 35.02 -4.28
C GLY G 605 -4.63 34.79 -3.16
N ASN G 606 -4.80 33.73 -2.37
CA ASN G 606 -3.91 33.44 -1.25
C ASN G 606 -2.87 32.39 -1.67
N VAL G 607 -2.01 32.81 -2.62
CA VAL G 607 -0.93 31.94 -3.07
C VAL G 607 0.08 31.71 -1.96
N SER G 608 0.23 32.68 -1.05
CA SER G 608 1.14 32.52 0.08
C SER G 608 0.69 31.41 1.00
N GLN G 609 -0.62 31.15 1.08
CA GLN G 609 -1.13 30.04 1.87
C GLN G 609 -0.61 28.70 1.34
N PHE G 610 -0.63 28.52 0.01
CA PHE G 610 -0.05 27.32 -0.56
C PHE G 610 1.45 27.31 -0.44
N ASP G 611 2.10 28.47 -0.53
CA ASP G 611 3.56 28.53 -0.44
C ASP G 611 4.06 28.12 0.93
N GLU G 612 3.38 28.57 1.98
CA GLU G 612 3.78 28.27 3.36
C GLU G 612 3.06 27.08 3.96
N SER G 613 2.12 26.46 3.23
CA SER G 613 1.34 25.36 3.76
C SER G 613 1.57 24.03 3.05
N SER G 614 2.06 24.04 1.80
CA SER G 614 2.34 22.80 1.10
C SER G 614 3.66 22.17 1.51
N THR G 615 4.43 22.87 2.35
CA THR G 615 5.71 22.34 2.82
C THR G 615 5.52 21.09 3.67
N TYR G 616 4.55 21.12 4.58
CA TYR G 616 4.32 20.04 5.53
C TYR G 616 2.97 19.39 5.28
N LEU G 617 2.90 18.09 5.59
CA LEU G 617 1.72 17.29 5.22
C LEU G 617 0.50 17.66 6.06
N MET G 618 0.70 18.22 7.26
CA MET G 618 -0.45 18.68 8.04
C MET G 618 -1.14 19.85 7.35
N GLY G 619 -0.39 20.67 6.62
CA GLY G 619 -1.03 21.70 5.81
C GLY G 619 -1.85 21.12 4.67
N TRP G 620 -1.37 20.04 4.08
CA TRP G 620 -2.15 19.34 3.06
C TRP G 620 -3.42 18.75 3.64
N LEU G 621 -3.33 18.18 4.85
CA LEU G 621 -4.49 17.54 5.46
C LEU G 621 -5.51 18.58 5.94
N ARG G 622 -5.03 19.72 6.44
CA ARG G 622 -5.89 20.71 7.08
C ARG G 622 -6.36 21.79 6.09
N ASP G 623 -5.41 22.48 5.46
CA ASP G 623 -5.77 23.61 4.62
C ASP G 623 -6.32 23.20 3.26
N TYR G 624 -6.16 21.94 2.85
CA TYR G 624 -6.67 21.46 1.58
C TYR G 624 -7.77 20.41 1.76
N LEU G 625 -7.47 19.32 2.47
CA LEU G 625 -8.44 18.24 2.61
C LEU G 625 -9.54 18.58 3.62
N TRP G 626 -9.22 19.34 4.66
CA TRP G 626 -10.17 19.67 5.70
C TRP G 626 -10.85 21.03 5.49
N LEU G 627 -10.09 22.03 5.02
CA LEU G 627 -10.65 23.37 4.87
C LEU G 627 -11.64 23.44 3.71
N ASN G 628 -11.31 22.80 2.58
CA ASN G 628 -12.14 22.86 1.40
C ASN G 628 -13.28 21.85 1.40
N SER G 629 -13.36 20.99 2.41
CA SER G 629 -14.43 20.01 2.51
C SER G 629 -15.62 20.50 3.33
N SER G 630 -15.58 21.75 3.81
CA SER G 630 -16.68 22.28 4.62
C SER G 630 -17.95 22.42 3.79
N GLN G 631 -17.84 22.97 2.58
CA GLN G 631 -19.02 23.13 1.73
C GLN G 631 -19.48 21.81 1.16
N LEU G 632 -18.56 20.86 0.98
CA LEU G 632 -18.93 19.55 0.42
C LEU G 632 -19.82 18.78 1.38
N ILE G 633 -19.41 18.66 2.65
CA ILE G 633 -20.16 17.84 3.59
C ILE G 633 -21.43 18.52 4.05
N ASN G 634 -21.57 19.82 3.81
CA ASN G 634 -22.78 20.56 4.14
C ASN G 634 -23.80 20.57 3.01
N GLY G 635 -23.65 19.67 2.04
CA GLY G 635 -24.62 19.60 0.95
C GLY G 635 -26.00 19.21 1.43
N TYR G 636 -26.08 18.23 2.33
CA TYR G 636 -27.32 17.89 2.99
C TYR G 636 -27.05 17.65 4.46
N ASN G 637 -27.96 18.11 5.30
CA ASN G 637 -27.83 18.02 6.75
C ASN G 637 -29.23 18.15 7.35
N PRO G 638 -29.39 17.87 8.65
CA PRO G 638 -30.69 18.14 9.28
C PRO G 638 -31.11 19.60 9.24
N PHE G 639 -30.18 20.53 9.06
CA PHE G 639 -30.56 21.94 8.94
C PHE G 639 -31.26 22.22 7.62
N GLY G 640 -30.80 21.62 6.52
CA GLY G 640 -31.41 21.85 5.23
C GLY G 640 -30.68 21.17 4.08
N MET G 641 -30.56 21.86 2.95
CA MET G 641 -29.85 21.34 1.80
C MET G 641 -29.51 22.47 0.84
N ASN G 642 -28.27 22.50 0.36
CA ASN G 642 -27.84 23.40 -0.70
C ASN G 642 -27.65 22.60 -1.99
N SER G 643 -27.14 23.27 -3.03
CA SER G 643 -27.02 22.64 -4.34
C SER G 643 -25.96 21.55 -4.38
N LEU G 644 -25.10 21.43 -3.37
CA LEU G 644 -24.05 20.43 -3.34
C LEU G 644 -24.46 19.16 -2.58
N SER G 645 -25.76 18.88 -2.49
CA SER G 645 -26.22 17.67 -1.81
C SER G 645 -25.83 16.42 -2.60
N VAL G 646 -25.93 16.48 -3.93
CA VAL G 646 -25.56 15.34 -4.76
C VAL G 646 -24.07 15.06 -4.66
N TRP G 647 -23.25 16.10 -4.50
CA TRP G 647 -21.80 15.90 -4.39
C TRP G 647 -21.43 15.28 -3.06
N ALA G 648 -22.12 15.67 -1.97
CA ALA G 648 -21.92 15.01 -0.69
C ALA G 648 -22.36 13.55 -0.76
N TRP G 649 -23.48 13.29 -1.42
CA TRP G 649 -23.98 11.92 -1.52
C TRP G 649 -23.02 11.05 -2.32
N THR G 650 -22.51 11.54 -3.45
CA THR G 650 -21.56 10.74 -4.21
C THR G 650 -20.17 10.71 -3.59
N PHE G 651 -19.86 11.66 -2.70
CA PHE G 651 -18.64 11.56 -1.91
C PHE G 651 -18.71 10.40 -0.93
N LEU G 652 -19.82 10.31 -0.19
CA LEU G 652 -20.04 9.16 0.69
C LEU G 652 -20.14 7.87 -0.11
N PHE G 653 -20.73 7.95 -1.30
CA PHE G 653 -20.79 6.82 -2.22
C PHE G 653 -19.40 6.32 -2.58
N GLY G 654 -18.50 7.24 -2.92
CA GLY G 654 -17.14 6.85 -3.25
C GLY G 654 -16.38 6.26 -2.08
N HIS G 655 -16.57 6.84 -0.89
CA HIS G 655 -15.96 6.25 0.30
C HIS G 655 -16.49 4.84 0.55
N LEU G 656 -17.78 4.61 0.30
CA LEU G 656 -18.37 3.29 0.48
C LEU G 656 -17.84 2.28 -0.55
N VAL G 657 -17.69 2.69 -1.81
CA VAL G 657 -17.18 1.77 -2.82
C VAL G 657 -15.70 1.46 -2.57
N TYR G 658 -14.95 2.44 -2.06
CA TYR G 658 -13.59 2.20 -1.59
C TYR G 658 -13.57 1.16 -0.48
N ALA G 659 -14.51 1.26 0.45
CA ALA G 659 -14.63 0.29 1.53
C ALA G 659 -14.97 -1.10 1.01
N THR G 660 -15.84 -1.18 0.00
CA THR G 660 -16.16 -2.47 -0.59
C THR G 660 -14.98 -3.05 -1.37
N GLY G 661 -14.16 -2.18 -1.96
CA GLY G 661 -12.90 -2.64 -2.52
C GLY G 661 -12.01 -3.27 -1.47
N PHE G 662 -11.96 -2.67 -0.29
CA PHE G 662 -11.25 -3.29 0.82
C PHE G 662 -11.86 -4.64 1.19
N MET G 663 -13.21 -4.72 1.17
CA MET G 663 -13.91 -5.99 1.43
C MET G 663 -13.45 -7.08 0.48
N PHE G 664 -13.34 -6.76 -0.80
CA PHE G 664 -12.90 -7.76 -1.77
C PHE G 664 -11.40 -7.96 -1.79
N LEU G 665 -10.62 -7.05 -1.21
CA LEU G 665 -9.17 -7.15 -1.33
C LEU G 665 -8.51 -7.86 -0.15
N ILE G 666 -8.99 -7.63 1.08
CA ILE G 666 -8.27 -8.18 2.24
C ILE G 666 -8.45 -9.69 2.32
N SER G 667 -9.69 -10.17 2.20
CA SER G 667 -9.98 -11.61 2.23
C SER G 667 -9.90 -12.17 0.82
N TRP G 668 -9.41 -13.41 0.69
CA TRP G 668 -8.95 -13.90 -0.60
C TRP G 668 -9.84 -14.97 -1.21
N ARG G 669 -9.94 -16.17 -0.64
CA ARG G 669 -11.00 -17.06 -1.12
C ARG G 669 -11.69 -17.94 -0.09
N GLY G 670 -10.89 -18.53 0.82
CA GLY G 670 -11.32 -19.75 1.49
C GLY G 670 -12.48 -19.56 2.45
N TYR G 671 -12.48 -18.43 3.16
CA TYR G 671 -13.59 -18.11 4.05
C TYR G 671 -14.90 -18.01 3.28
N TRP G 672 -14.86 -17.39 2.10
CA TRP G 672 -16.08 -17.25 1.30
C TRP G 672 -16.52 -18.58 0.72
N GLN G 673 -15.58 -19.45 0.36
CA GLN G 673 -15.96 -20.76 -0.14
C GLN G 673 -16.64 -21.59 0.95
N GLU G 674 -16.10 -21.55 2.17
CA GLU G 674 -16.73 -22.29 3.27
C GLU G 674 -18.07 -21.68 3.64
N LEU G 675 -18.18 -20.34 3.60
CA LEU G 675 -19.44 -19.68 3.88
C LEU G 675 -20.51 -20.03 2.85
N ILE G 676 -20.12 -20.07 1.57
CA ILE G 676 -21.04 -20.46 0.51
C ILE G 676 -21.43 -21.93 0.65
N GLU G 677 -20.50 -22.77 1.11
CA GLU G 677 -20.83 -24.18 1.40
C GLU G 677 -21.89 -24.28 2.50
N THR G 678 -21.72 -23.51 3.57
CA THR G 678 -22.72 -23.51 4.64
C THR G 678 -24.06 -22.96 4.16
N LEU G 679 -24.03 -21.92 3.33
CA LEU G 679 -25.26 -21.39 2.76
C LEU G 679 -25.95 -22.40 1.84
N VAL G 680 -25.15 -23.19 1.11
CA VAL G 680 -25.69 -24.24 0.26
C VAL G 680 -26.38 -25.29 1.11
N TRP G 681 -25.77 -25.69 2.22
CA TRP G 681 -26.44 -26.62 3.12
C TRP G 681 -27.72 -26.03 3.70
N ALA G 682 -27.68 -24.75 4.07
CA ALA G 682 -28.86 -24.10 4.65
C ALA G 682 -30.01 -24.06 3.64
N HIS G 683 -29.70 -23.74 2.39
CA HIS G 683 -30.73 -23.69 1.36
C HIS G 683 -31.25 -25.08 1.02
N GLU G 684 -30.37 -26.09 1.04
CA GLU G 684 -30.77 -27.44 0.66
C GLU G 684 -31.60 -28.13 1.73
N LYS G 685 -31.39 -27.77 3.00
CA LYS G 685 -32.00 -28.47 4.13
C LYS G 685 -33.07 -27.63 4.82
N THR G 686 -33.85 -26.89 4.05
CA THR G 686 -34.95 -26.14 4.61
C THR G 686 -36.23 -26.43 3.84
N PRO G 687 -37.38 -26.45 4.50
CA PRO G 687 -38.65 -26.54 3.79
C PRO G 687 -39.01 -25.20 3.16
N LEU G 688 -39.94 -25.27 2.20
CA LEU G 688 -40.58 -24.14 1.53
C LEU G 688 -39.63 -23.33 0.65
N ALA G 689 -38.34 -23.67 0.61
CA ALA G 689 -37.38 -22.98 -0.23
C ALA G 689 -36.45 -23.90 -0.99
N ASN G 690 -36.41 -25.20 -0.66
CA ASN G 690 -35.59 -26.15 -1.39
C ASN G 690 -36.24 -26.60 -2.70
N LEU G 691 -37.51 -26.25 -2.92
CA LEU G 691 -38.15 -26.56 -4.19
C LEU G 691 -37.50 -25.81 -5.34
N VAL G 692 -37.22 -24.53 -5.15
CA VAL G 692 -36.49 -23.75 -6.14
C VAL G 692 -35.00 -24.00 -5.97
N TYR G 693 -34.33 -24.38 -7.06
CA TYR G 693 -32.92 -24.75 -7.01
C TYR G 693 -32.16 -23.98 -8.07
N TRP G 694 -30.85 -23.80 -7.82
CA TRP G 694 -29.99 -23.10 -8.76
C TRP G 694 -29.57 -24.03 -9.89
N LYS G 695 -29.51 -23.48 -11.10
CA LYS G 695 -28.99 -24.24 -12.23
C LYS G 695 -27.47 -24.32 -12.21
N ASP G 696 -26.81 -23.28 -11.72
CA ASP G 696 -25.35 -23.22 -11.62
C ASP G 696 -24.95 -23.15 -10.16
N LYS G 697 -23.98 -23.97 -9.77
CA LYS G 697 -23.59 -24.08 -8.37
C LYS G 697 -22.92 -22.79 -7.90
N PRO G 698 -23.37 -22.22 -6.78
CA PRO G 698 -22.70 -21.02 -6.26
C PRO G 698 -21.31 -21.37 -5.73
N VAL G 699 -20.31 -20.60 -6.17
CA VAL G 699 -18.93 -20.78 -5.75
C VAL G 699 -18.36 -19.43 -5.38
N ALA G 700 -17.29 -19.46 -4.59
CA ALA G 700 -16.56 -18.24 -4.27
C ALA G 700 -15.84 -17.74 -5.52
N LEU G 701 -15.69 -16.42 -5.60
CA LEU G 701 -15.03 -15.81 -6.74
C LEU G 701 -13.55 -16.16 -6.75
N SER G 702 -12.99 -16.30 -7.95
CA SER G 702 -11.60 -16.70 -8.09
C SER G 702 -10.67 -15.61 -7.60
N ILE G 703 -9.42 -16.00 -7.32
CA ILE G 703 -8.44 -15.08 -6.75
C ILE G 703 -8.10 -13.98 -7.75
N VAL G 704 -7.96 -14.33 -9.03
CA VAL G 704 -7.81 -13.33 -10.08
C VAL G 704 -9.06 -12.47 -10.17
N GLN G 705 -10.24 -13.09 -10.09
CA GLN G 705 -11.49 -12.34 -10.06
C GLN G 705 -11.59 -11.50 -8.79
N ALA G 706 -11.07 -12.02 -7.67
CA ALA G 706 -11.05 -11.25 -6.43
C ALA G 706 -10.24 -9.98 -6.59
N ARG G 707 -9.04 -10.09 -7.17
CA ARG G 707 -8.20 -8.93 -7.42
C ARG G 707 -8.88 -7.96 -8.37
N LEU G 708 -9.53 -8.48 -9.43
CA LEU G 708 -10.19 -7.62 -10.40
C LEU G 708 -11.35 -6.85 -9.77
N VAL G 709 -12.18 -7.53 -8.98
CA VAL G 709 -13.34 -6.88 -8.38
C VAL G 709 -12.91 -5.88 -7.31
N GLY G 710 -11.92 -6.24 -6.50
CA GLY G 710 -11.40 -5.30 -5.52
C GLY G 710 -10.78 -4.09 -6.17
N LEU G 711 -10.04 -4.29 -7.26
CA LEU G 711 -9.45 -3.17 -7.99
C LEU G 711 -10.52 -2.29 -8.61
N ALA G 712 -11.59 -2.89 -9.15
CA ALA G 712 -12.65 -2.11 -9.77
C ALA G 712 -13.39 -1.27 -8.74
N HIS G 713 -13.75 -1.87 -7.60
CA HIS G 713 -14.40 -1.11 -6.54
C HIS G 713 -13.48 -0.02 -5.99
N PHE G 714 -12.18 -0.33 -5.83
CA PHE G 714 -11.22 0.64 -5.34
C PHE G 714 -11.11 1.84 -6.27
N SER G 715 -10.99 1.57 -7.58
CA SER G 715 -10.84 2.65 -8.54
C SER G 715 -12.12 3.47 -8.68
N VAL G 716 -13.28 2.80 -8.67
CA VAL G 716 -14.55 3.52 -8.75
C VAL G 716 -14.73 4.43 -7.55
N GLY G 717 -14.44 3.91 -6.34
CA GLY G 717 -14.54 4.73 -5.15
C GLY G 717 -13.57 5.90 -5.15
N TYR G 718 -12.32 5.64 -5.57
CA TYR G 718 -11.32 6.70 -5.70
C TYR G 718 -11.79 7.81 -6.62
N ILE G 719 -12.24 7.43 -7.82
CA ILE G 719 -12.64 8.40 -8.83
C ILE G 719 -13.86 9.20 -8.37
N PHE G 720 -14.87 8.50 -7.83
CA PHE G 720 -16.10 9.18 -7.41
C PHE G 720 -15.84 10.11 -6.22
N THR G 721 -15.02 9.66 -5.25
CA THR G 721 -14.71 10.49 -4.10
C THR G 721 -13.96 11.76 -4.51
N TYR G 722 -12.92 11.61 -5.35
CA TYR G 722 -12.15 12.80 -5.70
C TYR G 722 -12.94 13.72 -6.62
N ALA G 723 -13.74 13.17 -7.53
CA ALA G 723 -14.58 14.01 -8.38
C ALA G 723 -15.59 14.79 -7.56
N ALA G 724 -16.20 14.13 -6.57
CA ALA G 724 -17.15 14.80 -5.69
C ALA G 724 -16.48 15.95 -4.93
N PHE G 725 -15.35 15.66 -4.28
CA PHE G 725 -14.67 16.69 -3.50
C PHE G 725 -14.20 17.85 -4.38
N LEU G 726 -13.63 17.52 -5.54
CA LEU G 726 -13.09 18.53 -6.45
C LEU G 726 -14.20 19.45 -6.95
N ILE G 727 -15.28 18.87 -7.48
CA ILE G 727 -16.35 19.68 -8.05
C ILE G 727 -17.07 20.47 -6.97
N ALA G 728 -17.33 19.85 -5.81
CA ALA G 728 -18.03 20.54 -4.74
C ALA G 728 -17.21 21.71 -4.20
N SER G 729 -15.90 21.52 -4.00
CA SER G 729 -15.08 22.61 -3.48
C SER G 729 -14.89 23.71 -4.52
N THR G 730 -14.75 23.36 -5.80
CA THR G 730 -14.56 24.38 -6.81
C THR G 730 -15.84 25.08 -7.22
N SER G 731 -17.01 24.51 -6.91
CA SER G 731 -18.26 25.13 -7.30
C SER G 731 -19.01 25.77 -6.13
N GLY G 732 -18.72 25.37 -4.89
CA GLY G 732 -19.40 25.98 -3.76
C GLY G 732 -18.96 27.39 -3.46
N ARG G 733 -17.76 27.77 -3.88
CA ARG G 733 -17.23 29.11 -3.63
C ARG G 733 -16.89 29.87 -4.90
N PHE G 734 -17.07 29.26 -6.08
CA PHE G 734 -16.73 29.91 -7.33
C PHE G 734 -17.82 29.63 -8.36
N GLY G 735 -17.83 30.44 -9.41
CA GLY G 735 -18.78 30.28 -10.49
C GLY G 735 -18.15 30.41 -11.86
N ALA H 2 -11.02 -30.16 -16.99
CA ALA H 2 -10.15 -30.60 -15.91
C ALA H 2 -8.75 -29.99 -16.05
N HIS H 3 -7.98 -30.05 -14.98
CA HIS H 3 -6.64 -29.52 -14.98
C HIS H 3 -5.68 -30.50 -15.65
N VAL H 4 -4.49 -30.01 -15.99
CA VAL H 4 -3.50 -30.79 -16.71
C VAL H 4 -2.32 -31.03 -15.78
N VAL H 5 -1.98 -32.30 -15.56
CA VAL H 5 -0.84 -32.69 -14.74
C VAL H 5 0.21 -33.32 -15.65
N LYS H 6 1.39 -32.71 -15.68
CA LYS H 6 2.47 -33.15 -16.56
C LYS H 6 3.70 -33.50 -15.73
N ILE H 7 4.30 -34.64 -16.02
CA ILE H 7 5.44 -35.16 -15.27
C ILE H 7 6.59 -35.37 -16.24
N TYR H 8 7.76 -34.83 -15.89
CA TYR H 8 8.92 -34.81 -16.76
C TYR H 8 9.92 -35.87 -16.32
N ASP H 9 11.03 -35.96 -17.07
CA ASP H 9 12.02 -37.00 -16.82
C ASP H 9 12.95 -36.68 -15.65
N THR H 10 12.85 -35.49 -15.07
CA THR H 10 13.67 -35.12 -13.93
C THR H 10 13.21 -35.76 -12.63
N CYS H 11 12.08 -36.47 -12.65
CA CYS H 11 11.59 -37.13 -11.44
C CYS H 11 12.52 -38.26 -11.03
N ILE H 12 12.76 -38.37 -9.73
CA ILE H 12 13.65 -39.39 -9.18
C ILE H 12 12.89 -40.57 -8.59
N GLY H 13 11.57 -40.60 -8.71
CA GLY H 13 10.78 -41.69 -8.17
C GLY H 13 10.77 -41.77 -6.65
N CYS H 14 10.69 -40.62 -5.98
CA CYS H 14 10.68 -40.59 -4.52
C CYS H 14 9.31 -40.78 -3.91
N THR H 15 8.26 -40.87 -4.74
CA THR H 15 6.86 -41.12 -4.34
C THR H 15 6.32 -40.06 -3.39
N GLN H 16 6.96 -38.89 -3.30
CA GLN H 16 6.48 -37.86 -2.40
C GLN H 16 5.26 -37.13 -2.93
N CYS H 17 5.17 -36.99 -4.26
CA CYS H 17 4.02 -36.30 -4.85
C CYS H 17 2.74 -37.10 -4.68
N VAL H 18 2.84 -38.44 -4.76
CA VAL H 18 1.66 -39.29 -4.61
C VAL H 18 1.17 -39.28 -3.17
N ARG H 19 2.10 -39.30 -2.21
CA ARG H 19 1.72 -39.27 -0.80
C ARG H 19 1.08 -37.94 -0.42
N ALA H 20 1.54 -36.84 -1.02
CA ALA H 20 0.97 -35.53 -0.75
C ALA H 20 -0.34 -35.28 -1.51
N CYS H 21 -0.71 -36.17 -2.43
CA CYS H 21 -1.91 -35.96 -3.22
C CYS H 21 -3.15 -36.29 -2.40
N PRO H 22 -4.07 -35.35 -2.21
CA PRO H 22 -5.27 -35.61 -1.42
C PRO H 22 -6.46 -36.17 -2.20
N LEU H 23 -6.28 -36.54 -3.46
CA LEU H 23 -7.38 -37.09 -4.25
C LEU H 23 -6.98 -38.31 -5.09
N ASP H 24 -5.78 -38.86 -4.87
CA ASP H 24 -5.27 -40.03 -5.59
C ASP H 24 -5.26 -39.80 -7.10
N VAL H 25 -4.46 -38.83 -7.52
CA VAL H 25 -4.28 -38.53 -8.94
C VAL H 25 -2.99 -39.16 -9.48
N LEU H 26 -1.91 -39.09 -8.71
CA LEU H 26 -0.64 -39.61 -9.17
C LEU H 26 -0.52 -41.11 -8.89
N GLU H 27 0.51 -41.71 -9.46
CA GLU H 27 0.81 -43.13 -9.33
C GLU H 27 2.28 -43.32 -9.68
N MET H 28 2.82 -44.47 -9.32
CA MET H 28 4.19 -44.82 -9.67
C MET H 28 4.21 -45.99 -10.64
N VAL H 29 4.93 -45.81 -11.74
CA VAL H 29 5.08 -46.83 -12.77
C VAL H 29 6.55 -47.19 -12.86
N PRO H 30 6.86 -48.41 -13.31
CA PRO H 30 8.27 -48.77 -13.51
C PRO H 30 8.93 -47.93 -14.58
N TRP H 31 10.23 -47.70 -14.41
CA TRP H 31 10.99 -46.83 -15.30
C TRP H 31 12.46 -47.24 -15.27
N ASP H 32 13.21 -46.70 -16.22
CA ASP H 32 14.64 -46.94 -16.30
C ASP H 32 15.49 -45.68 -16.30
N GLY H 33 14.86 -44.50 -16.30
CA GLY H 33 15.58 -43.24 -16.34
C GLY H 33 16.00 -42.68 -15.00
N CYS H 34 15.79 -43.41 -13.91
CA CYS H 34 16.17 -42.96 -12.58
C CYS H 34 16.74 -44.13 -11.80
N LYS H 35 17.45 -43.79 -10.71
CA LYS H 35 18.05 -44.82 -9.86
C LYS H 35 16.99 -45.65 -9.16
N ALA H 36 15.90 -45.02 -8.73
CA ALA H 36 14.83 -45.72 -8.02
C ALA H 36 13.96 -46.57 -8.93
N ALA H 37 14.14 -46.46 -10.26
CA ALA H 37 13.38 -47.21 -11.26
C ALA H 37 11.87 -46.97 -11.12
N GLN H 38 11.50 -45.73 -10.77
CA GLN H 38 10.11 -45.34 -10.61
C GLN H 38 9.89 -44.02 -11.33
N MET H 39 8.68 -43.84 -11.85
CA MET H 39 8.31 -42.59 -12.50
C MET H 39 6.88 -42.26 -12.15
N ALA H 40 6.62 -40.98 -11.85
CA ALA H 40 5.27 -40.55 -11.54
C ALA H 40 4.42 -40.50 -12.80
N SER H 41 3.15 -40.88 -12.65
CA SER H 41 2.16 -40.82 -13.71
C SER H 41 0.88 -40.24 -13.15
N SER H 42 0.03 -39.71 -14.03
CA SER H 42 -1.25 -39.13 -13.64
C SER H 42 -2.36 -39.75 -14.48
N PRO H 43 -2.81 -40.95 -14.13
CA PRO H 43 -3.91 -41.58 -14.88
C PRO H 43 -5.29 -41.10 -14.46
N ARG H 44 -5.41 -40.38 -13.36
CA ARG H 44 -6.69 -39.91 -12.87
C ARG H 44 -6.72 -38.40 -12.79
N THR H 45 -6.25 -37.72 -13.83
CA THR H 45 -6.14 -36.26 -13.83
C THR H 45 -7.50 -35.56 -13.85
N GLU H 46 -8.59 -36.27 -14.13
CA GLU H 46 -9.91 -35.66 -14.08
C GLU H 46 -10.40 -35.45 -12.65
N ASP H 47 -9.79 -36.12 -11.68
CA ASP H 47 -10.14 -35.95 -10.27
C ASP H 47 -9.27 -34.91 -9.57
N CYS H 48 -8.27 -34.36 -10.24
CA CYS H 48 -7.40 -33.37 -9.62
C CYS H 48 -8.11 -32.04 -9.48
N VAL H 49 -7.88 -31.37 -8.36
CA VAL H 49 -8.46 -30.04 -8.13
C VAL H 49 -7.47 -28.92 -8.37
N GLY H 50 -6.18 -29.22 -8.46
CA GLY H 50 -5.18 -28.18 -8.65
C GLY H 50 -4.60 -27.63 -7.38
N CYS H 51 -4.60 -28.40 -6.29
CA CYS H 51 -4.15 -27.91 -4.99
C CYS H 51 -2.63 -27.70 -4.92
N LYS H 52 -1.88 -28.22 -5.90
CA LYS H 52 -0.42 -28.06 -5.98
C LYS H 52 0.30 -28.63 -4.76
N ARG H 53 -0.29 -29.63 -4.11
CA ARG H 53 0.38 -30.31 -3.02
C ARG H 53 1.47 -31.23 -3.53
N CYS H 54 1.33 -31.76 -4.74
CA CYS H 54 2.37 -32.59 -5.34
C CYS H 54 3.61 -31.77 -5.65
N GLU H 55 3.42 -30.51 -6.08
CA GLU H 55 4.56 -29.65 -6.36
C GLU H 55 5.30 -29.26 -5.09
N THR H 56 4.59 -29.15 -3.97
CA THR H 56 5.24 -28.82 -2.71
C THR H 56 6.16 -29.94 -2.24
N ALA H 57 5.78 -31.20 -2.50
CA ALA H 57 6.54 -32.35 -2.05
C ALA H 57 7.67 -32.74 -3.01
N CYS H 58 7.80 -32.06 -4.14
CA CYS H 58 8.81 -32.44 -5.12
C CYS H 58 10.19 -32.00 -4.64
N PRO H 59 11.16 -32.91 -4.52
CA PRO H 59 12.48 -32.52 -3.98
C PRO H 59 13.45 -32.00 -5.03
N THR H 60 13.19 -32.29 -6.29
CA THR H 60 14.08 -31.85 -7.36
C THR H 60 13.99 -30.34 -7.55
N ASP H 61 15.07 -29.75 -8.04
CA ASP H 61 15.05 -28.33 -8.39
C ASP H 61 14.08 -28.12 -9.55
N PHE H 62 13.49 -26.93 -9.57
CA PHE H 62 12.29 -26.61 -10.36
C PHE H 62 11.22 -27.63 -9.95
N LEU H 63 10.50 -28.21 -10.89
CA LEU H 63 9.41 -29.12 -10.55
C LEU H 63 9.37 -30.26 -11.55
N SER H 64 9.44 -31.50 -11.04
CA SER H 64 9.26 -32.67 -11.88
C SER H 64 7.79 -32.99 -12.14
N VAL H 65 6.88 -32.40 -11.37
CA VAL H 65 5.45 -32.50 -11.60
C VAL H 65 4.89 -31.09 -11.70
N ARG H 66 3.96 -30.88 -12.62
CA ARG H 66 3.40 -29.56 -12.86
C ARG H 66 1.90 -29.65 -13.03
N VAL H 67 1.18 -28.73 -12.40
CA VAL H 67 -0.26 -28.64 -12.46
C VAL H 67 -0.63 -27.34 -13.16
N TYR H 68 -1.46 -27.44 -14.19
CA TYR H 68 -1.93 -26.29 -14.95
C TYR H 68 -3.44 -26.24 -14.83
N LEU H 69 -3.95 -25.11 -14.33
CA LEU H 69 -5.37 -24.94 -14.10
C LEU H 69 -6.09 -24.61 -15.41
N GLY H 70 -7.41 -24.77 -15.38
CA GLY H 70 -8.25 -24.48 -16.53
C GLY H 70 -9.33 -25.52 -16.69
N ASN H 71 -10.48 -25.09 -17.20
CA ASN H 71 -11.66 -25.94 -17.46
C ASN H 71 -12.12 -26.64 -16.19
N GLU H 72 -12.55 -25.83 -15.22
CA GLU H 72 -13.02 -26.35 -13.94
C GLU H 72 -14.33 -27.10 -14.11
N SER H 73 -14.44 -28.23 -13.43
CA SER H 73 -15.64 -29.06 -13.42
C SER H 73 -16.15 -29.19 -11.99
N THR H 74 -17.14 -30.06 -11.80
CA THR H 74 -17.64 -30.34 -10.46
C THR H 74 -16.58 -30.96 -9.57
N ARG H 75 -15.82 -31.92 -10.13
CA ARG H 75 -14.76 -32.56 -9.37
C ARG H 75 -13.54 -31.66 -9.22
N SER H 76 -13.26 -30.82 -10.22
CA SER H 76 -12.08 -29.96 -10.15
C SER H 76 -12.29 -28.79 -9.20
N LEU H 77 -13.53 -28.36 -9.01
CA LEU H 77 -13.83 -27.25 -8.12
C LEU H 77 -14.00 -27.68 -6.66
N GLY H 78 -13.89 -28.97 -6.37
CA GLY H 78 -13.99 -29.46 -5.01
C GLY H 78 -15.34 -29.22 -4.38
N LEU H 79 -16.42 -29.39 -5.14
CA LEU H 79 -17.76 -29.11 -4.68
C LEU H 79 -18.43 -30.39 -4.18
N ALA H 80 -19.01 -30.33 -2.98
CA ALA H 80 -19.81 -31.42 -2.45
C ALA H 80 -21.27 -31.29 -2.81
N TYR H 81 -21.64 -30.27 -3.59
CA TYR H 81 -23.02 -30.04 -3.96
C TYR H 81 -23.17 -29.99 -5.48
N PRO I 51 -6.67 -55.28 -7.63
CA PRO I 51 -5.84 -56.36 -7.09
C PRO I 51 -5.92 -57.62 -7.93
N TRP I 52 -5.81 -58.79 -7.28
CA TRP I 52 -6.01 -60.05 -7.99
C TRP I 52 -7.43 -60.15 -8.52
N LYS I 53 -8.41 -59.76 -7.71
CA LYS I 53 -9.79 -59.64 -8.14
C LYS I 53 -10.37 -58.40 -7.48
N GLN I 54 -10.99 -57.55 -8.29
CA GLN I 54 -11.54 -56.29 -7.79
C GLN I 54 -12.75 -56.57 -6.90
N PRO I 55 -12.75 -56.10 -5.66
CA PRO I 55 -13.93 -56.31 -4.79
C PRO I 55 -15.12 -55.50 -5.28
N GLU I 56 -16.30 -56.04 -5.01
CA GLU I 56 -17.55 -55.40 -5.39
C GLU I 56 -18.20 -54.73 -4.18
N LEU I 57 -18.84 -53.60 -4.42
CA LEU I 57 -19.46 -52.84 -3.34
C LEU I 57 -20.69 -53.58 -2.80
N ASP I 58 -20.76 -53.70 -1.48
CA ASP I 58 -21.89 -54.33 -0.81
C ASP I 58 -22.63 -53.28 0.00
N PRO I 59 -23.80 -52.81 -0.46
CA PRO I 59 -24.53 -51.80 0.32
C PRO I 59 -25.11 -52.32 1.62
N ASP I 60 -25.19 -53.64 1.81
CA ASP I 60 -25.75 -54.22 3.02
C ASP I 60 -24.76 -54.28 4.17
N THR I 61 -23.50 -53.89 3.95
CA THR I 61 -22.54 -53.86 5.04
C THR I 61 -22.92 -52.79 6.05
N PRO I 62 -22.75 -53.05 7.35
CA PRO I 62 -23.21 -52.09 8.36
C PRO I 62 -22.37 -50.82 8.39
N SER I 63 -23.03 -49.71 8.67
CA SER I 63 -22.40 -48.42 8.84
C SER I 63 -21.79 -48.31 10.24
N PRO I 64 -20.74 -47.52 10.42
CA PRO I 64 -20.19 -47.31 11.76
C PRO I 64 -21.18 -46.58 12.67
N ILE I 65 -20.98 -46.79 13.97
CA ILE I 65 -21.85 -46.19 14.99
C ILE I 65 -21.66 -44.68 14.94
N PHE I 66 -22.70 -43.96 14.52
CA PHE I 66 -22.66 -42.52 14.43
C PHE I 66 -24.08 -41.98 14.48
N GLY I 67 -24.22 -40.78 15.02
CA GLY I 67 -25.52 -40.14 15.10
C GLY I 67 -25.89 -39.44 13.81
N GLY I 68 -26.34 -38.20 13.91
CA GLY I 68 -26.70 -37.43 12.73
C GLY I 68 -25.51 -36.67 12.16
N SER I 69 -25.57 -36.41 10.86
CA SER I 69 -24.50 -35.73 10.14
C SER I 69 -25.02 -34.47 9.48
N THR I 70 -24.18 -33.45 9.45
CA THR I 70 -24.50 -32.18 8.79
C THR I 70 -23.61 -31.88 7.60
N GLY I 71 -22.35 -32.32 7.63
CA GLY I 71 -21.46 -32.16 6.49
C GLY I 71 -21.53 -33.35 5.55
N GLY I 72 -22.58 -34.15 5.69
CA GLY I 72 -22.73 -35.37 4.91
C GLY I 72 -23.25 -35.15 3.50
N LEU I 73 -24.14 -36.03 3.06
CA LEU I 73 -24.59 -36.03 1.67
C LEU I 73 -25.59 -34.91 1.41
N LEU I 74 -25.32 -34.14 0.37
CA LEU I 74 -26.21 -33.09 -0.11
C LEU I 74 -27.03 -33.65 -1.28
N ARG I 75 -27.72 -32.75 -2.00
CA ARG I 75 -28.51 -33.14 -3.16
C ARG I 75 -27.67 -33.65 -4.32
N LYS I 76 -26.35 -33.44 -4.28
CA LYS I 76 -25.47 -33.97 -5.33
C LYS I 76 -25.44 -35.49 -5.33
N ALA I 77 -25.70 -36.12 -4.17
CA ALA I 77 -25.67 -37.58 -4.09
C ALA I 77 -26.76 -38.22 -4.93
N GLN I 78 -27.96 -37.64 -4.94
CA GLN I 78 -29.07 -38.18 -5.69
C GLN I 78 -29.17 -37.65 -7.11
N VAL I 79 -28.28 -36.73 -7.50
CA VAL I 79 -28.25 -36.18 -8.85
C VAL I 79 -26.97 -36.54 -9.59
N GLU I 80 -25.83 -36.42 -8.92
CA GLU I 80 -24.54 -36.77 -9.47
C GLU I 80 -23.94 -37.90 -8.64
N GLU I 81 -22.66 -38.19 -8.89
CA GLU I 81 -21.99 -39.30 -8.21
C GLU I 81 -21.74 -38.97 -6.74
N PHE I 82 -21.65 -40.03 -5.93
CA PHE I 82 -21.26 -39.94 -4.53
C PHE I 82 -20.33 -41.12 -4.24
N TYR I 83 -19.46 -40.94 -3.26
CA TYR I 83 -18.36 -41.87 -3.03
C TYR I 83 -18.64 -42.68 -1.76
N VAL I 84 -18.23 -43.95 -1.76
CA VAL I 84 -18.52 -44.86 -0.68
C VAL I 84 -17.24 -45.58 -0.27
N THR I 85 -16.83 -45.42 0.99
CA THR I 85 -15.61 -46.02 1.51
C THR I 85 -15.94 -47.22 2.39
N THR I 86 -15.31 -48.35 2.10
CA THR I 86 -15.49 -49.57 2.88
C THR I 86 -14.15 -50.03 3.43
N TRP I 87 -14.20 -50.62 4.62
CA TRP I 87 -13.01 -51.23 5.23
C TRP I 87 -13.45 -52.36 6.16
N GLU I 88 -12.45 -53.05 6.71
CA GLU I 88 -12.67 -54.24 7.53
C GLU I 88 -11.98 -54.05 8.88
N SER I 89 -12.69 -53.49 9.85
CA SER I 89 -12.13 -53.20 11.16
C SER I 89 -11.95 -54.49 11.96
N PRO I 90 -10.75 -54.75 12.47
CA PRO I 90 -10.56 -55.96 13.30
C PRO I 90 -11.13 -55.84 14.69
N LYS I 91 -11.39 -54.63 15.18
CA LYS I 91 -11.91 -54.44 16.53
C LYS I 91 -12.73 -53.15 16.56
N GLU I 92 -13.41 -52.94 17.69
CA GLU I 92 -14.25 -51.78 17.89
C GLU I 92 -13.36 -50.60 18.30
N GLN I 93 -13.39 -49.52 17.52
CA GLN I 93 -12.56 -48.37 17.81
C GLN I 93 -13.22 -47.10 17.30
N ILE I 94 -12.81 -45.98 17.88
CA ILE I 94 -13.38 -44.66 17.59
C ILE I 94 -12.44 -43.91 16.66
N PHE I 95 -13.00 -43.36 15.58
CA PHE I 95 -12.25 -42.58 14.61
C PHE I 95 -12.97 -41.25 14.37
N GLU I 96 -12.32 -40.38 13.61
CA GLU I 96 -12.85 -39.04 13.32
C GLU I 96 -13.19 -38.97 11.84
N MET I 97 -14.45 -38.63 11.54
CA MET I 97 -14.85 -38.48 10.15
C MET I 97 -14.41 -37.12 9.62
N PRO I 98 -14.11 -37.03 8.32
CA PRO I 98 -13.77 -35.73 7.73
C PRO I 98 -14.96 -34.82 7.47
N THR I 99 -16.19 -35.30 7.68
CA THR I 99 -17.38 -34.50 7.45
C THR I 99 -18.04 -34.02 8.73
N GLY I 100 -17.36 -34.15 9.87
CA GLY I 100 -17.96 -33.75 11.13
C GLY I 100 -17.17 -34.16 12.35
N GLY I 101 -17.84 -34.75 13.32
CA GLY I 101 -17.22 -35.11 14.58
C GLY I 101 -16.55 -36.46 14.59
N ALA I 102 -16.96 -37.32 15.52
CA ALA I 102 -16.35 -38.63 15.71
C ALA I 102 -17.39 -39.72 15.58
N ALA I 103 -16.97 -40.86 15.04
CA ALA I 103 -17.82 -42.04 14.92
C ALA I 103 -17.07 -43.24 15.47
N ILE I 104 -17.80 -44.32 15.69
CA ILE I 104 -17.22 -45.57 16.18
C ILE I 104 -17.47 -46.65 15.13
N MET I 105 -16.38 -47.24 14.64
CA MET I 105 -16.50 -48.27 13.62
C MET I 105 -16.79 -49.63 14.26
N ARG I 106 -17.63 -50.42 13.60
CA ARG I 106 -17.99 -51.73 14.10
C ARG I 106 -16.90 -52.75 13.79
N LYS I 107 -16.86 -53.80 14.60
CA LYS I 107 -15.92 -54.90 14.39
C LYS I 107 -16.42 -55.74 13.21
N GLY I 108 -15.80 -55.55 12.05
CA GLY I 108 -16.21 -56.21 10.85
C GLY I 108 -16.22 -55.26 9.67
N PRO I 109 -17.08 -55.51 8.69
CA PRO I 109 -17.18 -54.58 7.55
C PRO I 109 -17.82 -53.26 7.96
N ASN I 110 -17.26 -52.18 7.44
CA ASN I 110 -17.76 -50.83 7.70
C ASN I 110 -17.87 -50.07 6.39
N LEU I 111 -19.00 -49.38 6.21
CA LEU I 111 -19.33 -48.66 4.99
C LEU I 111 -19.75 -47.25 5.34
N LEU I 112 -19.17 -46.27 4.65
CA LEU I 112 -19.47 -44.85 4.87
C LEU I 112 -19.69 -44.19 3.52
N LYS I 113 -20.48 -43.11 3.52
CA LYS I 113 -20.81 -42.38 2.31
C LYS I 113 -20.37 -40.92 2.44
N PHE I 114 -19.78 -40.40 1.36
CA PHE I 114 -19.30 -39.04 1.30
C PHE I 114 -19.67 -38.43 -0.05
N ALA I 115 -19.67 -37.11 -0.09
CA ALA I 115 -20.01 -36.38 -1.31
C ALA I 115 -18.80 -36.01 -2.15
N ARG I 116 -17.59 -36.24 -1.65
CA ARG I 116 -16.38 -35.86 -2.37
C ARG I 116 -15.33 -36.96 -2.25
N LYS I 117 -14.53 -37.11 -3.31
CA LYS I 117 -13.45 -38.09 -3.30
C LYS I 117 -12.34 -37.69 -2.35
N GLU I 118 -12.15 -36.39 -2.13
CA GLU I 118 -11.13 -35.93 -1.21
C GLU I 118 -11.45 -36.36 0.23
N GLN I 119 -12.73 -36.33 0.61
CA GLN I 119 -13.12 -36.84 1.91
C GLN I 119 -12.85 -38.33 2.04
N CYS I 120 -13.10 -39.10 0.98
CA CYS I 120 -12.83 -40.53 1.00
C CYS I 120 -11.34 -40.80 1.15
N LEU I 121 -10.49 -40.06 0.43
CA LEU I 121 -9.06 -40.30 0.56
C LEU I 121 -8.52 -39.77 1.89
N ALA I 122 -9.13 -38.73 2.44
CA ALA I 122 -8.74 -38.26 3.77
C ALA I 122 -9.06 -39.29 4.84
N LEU I 123 -10.24 -39.91 4.76
CA LEU I 123 -10.57 -41.00 5.67
C LEU I 123 -9.65 -42.20 5.45
N THR I 124 -9.33 -42.49 4.19
CA THR I 124 -8.45 -43.61 3.88
C THR I 124 -7.05 -43.42 4.47
N THR I 125 -6.48 -42.22 4.29
CA THR I 125 -5.15 -41.98 4.84
C THR I 125 -5.16 -41.83 6.36
N GLN I 126 -6.27 -41.35 6.95
CA GLN I 126 -6.38 -41.35 8.41
C GLN I 126 -6.41 -42.77 8.96
N LEU I 127 -7.18 -43.65 8.32
CA LEU I 127 -7.24 -45.05 8.77
C LEU I 127 -5.92 -45.78 8.51
N ARG I 128 -5.20 -45.42 7.44
CA ARG I 128 -3.93 -46.07 7.16
C ARG I 128 -2.83 -45.59 8.10
N THR I 129 -2.83 -44.31 8.45
CA THR I 129 -1.80 -43.80 9.34
C THR I 129 -2.07 -44.17 10.79
N LYS I 130 -3.35 -44.23 11.19
CA LYS I 130 -3.68 -44.45 12.59
C LYS I 130 -3.70 -45.94 12.95
N PHE I 131 -4.34 -46.76 12.13
CA PHE I 131 -4.51 -48.17 12.45
C PHE I 131 -4.01 -49.13 11.37
N LYS I 132 -3.48 -48.61 10.26
CA LYS I 132 -3.05 -49.41 9.11
C LYS I 132 -4.19 -50.29 8.61
N MET I 133 -5.25 -49.64 8.17
CA MET I 133 -6.53 -50.29 7.90
C MET I 133 -6.65 -50.81 6.48
N THR I 134 -6.00 -50.15 5.52
CA THR I 134 -6.11 -50.39 4.07
C THR I 134 -7.56 -50.40 3.61
N PRO I 135 -8.25 -49.25 3.57
CA PRO I 135 -9.62 -49.22 3.08
C PRO I 135 -9.69 -49.05 1.56
N CYS I 136 -10.89 -48.98 1.00
CA CYS I 136 -11.05 -48.73 -0.43
C CYS I 136 -12.41 -48.09 -0.67
N PHE I 137 -12.47 -47.14 -1.60
CA PHE I 137 -13.72 -46.46 -1.90
C PHE I 137 -14.08 -46.58 -3.36
N TYR I 138 -15.39 -46.68 -3.60
CA TYR I 138 -16.02 -46.73 -4.90
C TYR I 138 -16.70 -45.40 -5.18
N ARG I 139 -17.08 -45.20 -6.44
CA ARG I 139 -17.87 -44.05 -6.86
C ARG I 139 -19.16 -44.57 -7.48
N VAL I 140 -20.30 -44.10 -7.00
CA VAL I 140 -21.61 -44.53 -7.47
C VAL I 140 -22.29 -43.36 -8.15
N TYR I 141 -22.67 -43.54 -9.40
CA TYR I 141 -23.32 -42.48 -10.16
C TYR I 141 -24.81 -42.47 -9.85
N ALA I 142 -25.53 -41.58 -10.55
CA ALA I 142 -26.97 -41.48 -10.33
C ALA I 142 -27.72 -42.71 -10.84
N ASP I 143 -27.22 -43.33 -11.90
CA ASP I 143 -27.85 -44.52 -12.46
C ASP I 143 -27.43 -45.81 -11.76
N GLY I 144 -26.52 -45.73 -10.79
CA GLY I 144 -26.08 -46.89 -10.06
C GLY I 144 -24.79 -47.52 -10.54
N LYS I 145 -24.05 -46.87 -11.43
CA LYS I 145 -22.79 -47.43 -11.90
C LYS I 145 -21.73 -47.28 -10.83
N VAL I 146 -21.06 -48.39 -10.51
CA VAL I 146 -20.05 -48.43 -9.45
C VAL I 146 -18.68 -48.52 -10.10
N GLU I 147 -17.78 -47.61 -9.71
CA GLU I 147 -16.44 -47.53 -10.27
C GLU I 147 -15.41 -47.63 -9.15
N TYR I 148 -14.41 -48.49 -9.35
CA TYR I 148 -13.36 -48.71 -8.37
C TYR I 148 -12.27 -47.66 -8.54
N LEU I 149 -11.90 -46.97 -7.45
CA LEU I 149 -11.09 -45.77 -7.56
C LEU I 149 -9.69 -45.90 -6.97
N HIS I 150 -9.56 -46.20 -5.67
CA HIS I 150 -8.27 -45.97 -5.04
C HIS I 150 -7.25 -47.07 -5.34
N PRO I 151 -7.47 -48.35 -4.96
CA PRO I 151 -6.40 -49.33 -5.28
C PRO I 151 -6.60 -49.98 -6.65
N LYS I 152 -6.23 -49.23 -7.69
CA LYS I 152 -6.51 -49.65 -9.07
C LYS I 152 -5.82 -50.97 -9.41
N ASP I 153 -4.58 -51.15 -8.96
CA ASP I 153 -3.92 -52.44 -9.03
C ASP I 153 -3.92 -53.17 -7.68
N GLY I 154 -4.57 -52.62 -6.67
CA GLY I 154 -4.71 -53.28 -5.38
C GLY I 154 -3.49 -53.22 -4.49
N VAL I 155 -2.44 -52.50 -4.89
CA VAL I 155 -1.21 -52.40 -4.12
C VAL I 155 -0.91 -50.98 -3.65
N TYR I 156 -1.85 -50.04 -3.85
CA TYR I 156 -1.81 -48.62 -3.48
C TYR I 156 -0.82 -47.86 -4.36
N PRO I 157 -1.10 -46.59 -4.69
CA PRO I 157 -0.27 -45.87 -5.67
C PRO I 157 1.13 -45.54 -5.18
N GLU I 158 1.46 -45.78 -3.90
CA GLU I 158 2.83 -45.60 -3.45
C GLU I 158 3.76 -46.64 -4.05
N LYS I 159 3.26 -47.85 -4.30
CA LYS I 159 4.03 -48.91 -4.90
C LYS I 159 4.00 -48.77 -6.43
N VAL I 160 4.54 -49.77 -7.14
CA VAL I 160 4.65 -49.74 -8.59
C VAL I 160 3.87 -50.87 -9.24
N ASN I 161 4.07 -52.10 -8.75
CA ASN I 161 3.43 -53.35 -9.19
C ASN I 161 3.84 -53.80 -10.58
N ALA I 162 4.63 -53.00 -11.32
CA ALA I 162 5.12 -53.33 -12.66
C ALA I 162 3.99 -53.67 -13.64
N GLY I 163 2.82 -53.09 -13.43
CA GLY I 163 1.68 -53.36 -14.30
C GLY I 163 1.07 -52.11 -14.91
N ARG I 164 1.24 -50.98 -14.24
CA ARG I 164 0.65 -49.74 -14.72
C ARG I 164 1.43 -49.18 -15.90
N VAL I 165 0.75 -48.41 -16.72
CA VAL I 165 1.35 -47.74 -17.88
C VAL I 165 1.40 -46.25 -17.58
N GLY I 166 2.59 -45.66 -17.72
CA GLY I 166 2.77 -44.26 -17.42
C GLY I 166 2.14 -43.39 -18.50
N VAL I 167 1.13 -42.60 -18.12
CA VAL I 167 0.46 -41.70 -19.04
C VAL I 167 0.68 -40.26 -18.57
N ASN I 168 0.43 -39.32 -19.48
CA ASN I 168 0.58 -37.88 -19.24
C ASN I 168 1.99 -37.53 -18.77
N GLN I 169 2.99 -38.19 -19.35
CA GLN I 169 4.38 -37.97 -19.01
C GLN I 169 5.10 -37.36 -20.20
N ASN I 170 5.86 -36.30 -19.96
CA ASN I 170 6.66 -35.64 -20.98
C ASN I 170 8.09 -36.15 -20.90
N MET I 171 8.62 -36.62 -22.04
CA MET I 171 9.96 -37.17 -22.10
C MET I 171 11.03 -36.11 -22.28
N ARG I 172 10.70 -34.84 -22.08
CA ARG I 172 11.66 -33.75 -22.08
C ARG I 172 11.72 -33.12 -20.70
N SER I 173 12.81 -32.41 -20.43
CA SER I 173 12.94 -31.71 -19.17
C SER I 173 12.02 -30.50 -19.12
N ILE I 174 11.62 -30.10 -17.91
CA ILE I 174 10.82 -28.90 -17.75
C ILE I 174 11.69 -27.69 -18.05
N GLY I 175 11.12 -26.71 -18.74
CA GLY I 175 11.88 -25.59 -19.26
C GLY I 175 12.38 -25.78 -20.67
N GLU I 176 12.29 -27.00 -21.21
CA GLU I 176 12.58 -27.26 -22.61
C GLU I 176 11.33 -27.14 -23.49
N ASN I 177 10.19 -26.77 -22.91
CA ASN I 177 8.97 -26.59 -23.68
C ASN I 177 9.09 -25.37 -24.58
N VAL I 178 8.34 -25.39 -25.69
CA VAL I 178 8.39 -24.29 -26.63
C VAL I 178 7.66 -23.08 -26.06
N ASP I 179 7.97 -21.91 -26.64
CA ASP I 179 7.34 -20.68 -26.23
C ASP I 179 5.88 -20.66 -26.68
N PRO I 180 5.03 -19.86 -26.02
CA PRO I 180 3.62 -19.76 -26.45
C PRO I 180 3.44 -19.19 -27.84
N ILE I 181 4.42 -18.46 -28.37
CA ILE I 181 4.34 -17.98 -29.74
C ILE I 181 4.40 -19.16 -30.73
N LYS I 182 5.17 -20.21 -30.38
CA LYS I 182 5.28 -21.36 -31.27
C LYS I 182 3.96 -22.09 -31.42
N VAL I 183 3.19 -22.20 -30.34
CA VAL I 183 1.86 -22.79 -30.41
C VAL I 183 0.78 -21.71 -30.22
N LYS I 184 0.33 -21.16 -31.33
CA LYS I 184 -0.66 -20.09 -31.34
C LYS I 184 -1.75 -20.42 -32.35
N PHE I 185 -3.00 -20.19 -31.94
CA PHE I 185 -4.19 -20.48 -32.76
C PHE I 185 -4.24 -21.94 -33.19
N THR I 186 -3.80 -22.84 -32.30
CA THR I 186 -3.77 -24.26 -32.59
C THR I 186 -4.49 -25.11 -31.55
N GLY I 187 -4.80 -24.57 -30.38
CA GLY I 187 -5.46 -25.34 -29.34
C GLY I 187 -4.56 -26.24 -28.54
N SER I 188 -3.25 -26.22 -28.79
CA SER I 188 -2.30 -27.07 -28.10
C SER I 188 -1.42 -26.22 -27.20
N GLN I 189 -1.34 -26.59 -25.93
CA GLN I 189 -0.52 -25.90 -24.96
C GLN I 189 0.94 -26.33 -25.08
N PRO I 190 1.88 -25.49 -24.65
CA PRO I 190 3.30 -25.90 -24.70
C PRO I 190 3.62 -27.13 -23.85
N PHE I 191 2.87 -27.38 -22.79
CA PHE I 191 3.10 -28.53 -21.93
C PHE I 191 2.34 -29.77 -22.37
N THR I 192 1.42 -29.65 -23.33
CA THR I 192 0.62 -30.78 -23.78
C THR I 192 1.28 -31.57 -24.90
N ILE I 193 2.38 -31.10 -25.45
CA ILE I 193 3.05 -31.79 -26.54
C ILE I 193 4.20 -32.64 -25.99
N LYS J 43 33.25 -49.97 -17.51
CA LYS J 43 33.46 -48.73 -18.26
C LYS J 43 34.77 -48.07 -17.84
N LYS J 44 35.49 -47.54 -18.82
CA LYS J 44 36.77 -46.89 -18.54
C LYS J 44 36.55 -45.55 -17.84
N LYS J 45 37.44 -45.24 -16.90
CA LYS J 45 37.43 -44.00 -16.10
C LYS J 45 36.08 -43.89 -15.41
N GLU J 46 35.32 -42.81 -15.61
CA GLU J 46 34.00 -42.64 -15.03
C GLU J 46 33.16 -41.86 -16.02
N VAL J 47 31.83 -42.02 -15.92
CA VAL J 47 30.93 -41.30 -16.80
C VAL J 47 30.91 -39.81 -16.51
N GLY J 48 30.99 -39.41 -15.24
CA GLY J 48 30.88 -38.01 -14.88
C GLY J 48 32.15 -37.45 -14.29
N PRO J 49 32.04 -36.32 -13.60
CA PRO J 49 33.21 -35.65 -13.04
C PRO J 49 33.69 -36.37 -11.78
N LYS J 50 34.79 -35.85 -11.23
CA LYS J 50 35.37 -36.40 -10.01
C LYS J 50 34.44 -36.12 -8.83
N ARG J 51 34.24 -37.13 -7.99
CA ARG J 51 33.40 -36.98 -6.81
C ARG J 51 34.05 -36.02 -5.82
N GLY J 52 33.26 -35.08 -5.30
CA GLY J 52 33.75 -34.08 -4.38
C GLY J 52 34.31 -32.84 -5.04
N SER J 53 34.39 -32.81 -6.37
CA SER J 53 34.90 -31.65 -7.08
C SER J 53 33.81 -30.61 -7.32
N LEU J 54 34.21 -29.36 -7.39
CA LEU J 54 33.26 -28.28 -7.63
C LEU J 54 32.79 -28.29 -9.08
N VAL J 55 31.50 -28.02 -9.28
CA VAL J 55 30.90 -27.94 -10.61
C VAL J 55 30.01 -26.71 -10.67
N LYS J 56 29.82 -26.23 -11.90
CA LYS J 56 28.96 -25.09 -12.17
C LYS J 56 27.77 -25.55 -12.99
N VAL J 57 26.57 -25.20 -12.53
CA VAL J 57 25.33 -25.66 -13.15
C VAL J 57 24.96 -24.72 -14.29
N LEU J 58 24.82 -25.29 -15.49
CA LEU J 58 24.42 -24.54 -16.67
C LEU J 58 22.93 -24.65 -16.97
N ARG J 59 22.16 -25.32 -16.13
CA ARG J 59 20.74 -25.45 -16.36
C ARG J 59 20.05 -24.12 -16.10
N PRO J 60 19.38 -23.53 -17.09
CA PRO J 60 18.82 -22.19 -16.89
C PRO J 60 17.58 -22.19 -15.99
N GLU J 61 16.77 -23.23 -16.05
CA GLU J 61 15.56 -23.30 -15.24
C GLU J 61 15.82 -23.70 -13.80
N SER J 62 17.04 -24.15 -13.48
CA SER J 62 17.37 -24.52 -12.12
C SER J 62 17.57 -23.28 -11.25
N TYR J 63 17.37 -23.46 -9.95
CA TYR J 63 17.57 -22.37 -9.00
C TYR J 63 19.05 -21.99 -8.91
N TRP J 64 19.95 -22.96 -9.07
CA TRP J 64 21.38 -22.76 -8.90
C TRP J 64 22.09 -22.56 -10.24
N TYR J 65 21.44 -21.86 -11.18
CA TYR J 65 22.09 -21.51 -12.43
C TYR J 65 23.24 -20.55 -12.18
N ASN J 66 24.37 -20.83 -12.85
CA ASN J 66 25.62 -20.08 -12.68
C ASN J 66 26.07 -20.08 -11.22
N GLN J 67 25.92 -21.21 -10.54
CA GLN J 67 26.31 -21.37 -9.15
C GLN J 67 27.20 -22.60 -9.01
N VAL J 68 28.00 -22.61 -7.95
CA VAL J 68 29.00 -23.64 -7.72
C VAL J 68 28.48 -24.60 -6.65
N GLY J 69 28.54 -25.90 -6.95
CA GLY J 69 28.15 -26.92 -6.01
C GLY J 69 29.18 -28.03 -5.95
N LYS J 70 28.97 -28.96 -5.02
CA LYS J 70 29.89 -30.07 -4.81
C LYS J 70 29.26 -31.38 -5.30
N VAL J 71 30.05 -32.20 -5.98
CA VAL J 71 29.57 -33.47 -6.50
C VAL J 71 29.51 -34.49 -5.36
N VAL J 72 28.34 -35.04 -5.13
CA VAL J 72 28.16 -36.08 -4.11
C VAL J 72 28.35 -37.47 -4.72
N SER J 73 27.66 -37.76 -5.82
CA SER J 73 27.77 -39.05 -6.49
C SER J 73 27.36 -38.89 -7.94
N VAL J 74 27.94 -39.71 -8.80
CA VAL J 74 27.57 -39.79 -10.21
C VAL J 74 27.13 -41.23 -10.49
N ASP J 75 25.92 -41.38 -11.01
CA ASP J 75 25.37 -42.70 -11.28
C ASP J 75 26.02 -43.27 -12.54
N GLN J 76 26.45 -44.54 -12.45
CA GLN J 76 27.07 -45.23 -13.56
C GLN J 76 26.11 -46.09 -14.35
N SER J 77 24.82 -46.11 -13.97
CA SER J 77 23.86 -46.97 -14.64
C SER J 77 23.51 -46.43 -16.02
N GLY J 78 23.43 -45.11 -16.16
CA GLY J 78 23.08 -44.52 -17.43
C GLY J 78 21.76 -43.77 -17.40
N ILE J 79 21.41 -43.22 -16.23
CA ILE J 79 20.18 -42.47 -16.07
C ILE J 79 20.34 -41.10 -16.71
N ARG J 80 19.21 -40.38 -16.86
CA ARG J 80 19.24 -39.10 -17.57
C ARG J 80 20.06 -38.05 -16.82
N TYR J 81 19.94 -38.00 -15.50
CA TYR J 81 20.60 -37.00 -14.67
C TYR J 81 21.39 -37.71 -13.58
N PRO J 82 22.61 -38.18 -13.89
CA PRO J 82 23.35 -38.95 -12.90
C PRO J 82 24.16 -38.11 -11.92
N VAL J 83 24.48 -36.87 -12.23
CA VAL J 83 25.36 -36.07 -11.39
C VAL J 83 24.55 -35.49 -10.24
N VAL J 84 24.86 -35.91 -9.01
CA VAL J 84 24.22 -35.37 -7.82
C VAL J 84 25.07 -34.23 -7.31
N VAL J 85 24.48 -33.04 -7.23
CA VAL J 85 25.18 -31.83 -6.80
C VAL J 85 24.51 -31.30 -5.54
N ARG J 86 25.32 -31.00 -4.53
CA ARG J 86 24.87 -30.42 -3.27
C ARG J 86 25.34 -28.98 -3.19
N PHE J 87 24.45 -28.09 -2.77
CA PHE J 87 24.72 -26.67 -2.70
C PHE J 87 24.63 -26.17 -1.26
N GLU J 88 25.45 -25.18 -0.94
CA GLU J 88 25.45 -24.62 0.40
C GLU J 88 24.18 -23.81 0.66
N ASN J 89 23.67 -23.13 -0.36
CA ASN J 89 22.49 -22.29 -0.24
C ASN J 89 21.28 -23.07 -0.74
N GLN J 90 20.27 -23.21 0.11
CA GLN J 90 19.07 -23.94 -0.27
C GLN J 90 18.16 -23.08 -1.14
N ASN J 91 17.24 -23.75 -1.83
CA ASN J 91 16.30 -23.08 -2.71
C ASN J 91 15.07 -22.63 -1.91
N TYR J 92 14.02 -22.21 -2.61
CA TYR J 92 12.79 -21.80 -1.93
C TYR J 92 12.08 -22.98 -1.30
N ALA J 93 12.24 -24.18 -1.87
CA ALA J 93 11.65 -25.38 -1.30
C ALA J 93 12.44 -25.91 -0.10
N GLY J 94 13.62 -25.36 0.16
CA GLY J 94 14.43 -25.79 1.29
C GLY J 94 15.42 -26.90 1.00
N VAL J 95 15.40 -27.47 -0.21
CA VAL J 95 16.33 -28.54 -0.53
C VAL J 95 17.67 -27.95 -0.98
N SER J 96 18.70 -28.79 -0.93
CA SER J 96 20.04 -28.36 -1.31
C SER J 96 20.76 -29.33 -2.24
N THR J 97 20.10 -30.40 -2.67
CA THR J 97 20.69 -31.39 -3.56
C THR J 97 19.81 -31.54 -4.80
N ASN J 98 20.46 -31.82 -5.93
CA ASN J 98 19.73 -31.99 -7.18
C ASN J 98 20.49 -32.92 -8.10
N ASN J 99 19.79 -33.41 -9.12
CA ASN J 99 20.36 -34.28 -10.14
C ASN J 99 20.45 -33.51 -11.45
N TYR J 100 21.60 -33.59 -12.10
CA TYR J 100 21.86 -32.92 -13.36
C TYR J 100 22.52 -33.90 -14.33
N ALA J 101 22.37 -33.60 -15.62
CA ALA J 101 22.99 -34.41 -16.66
C ALA J 101 24.45 -34.02 -16.84
N LEU J 102 25.10 -34.66 -17.81
CA LEU J 102 26.53 -34.41 -18.03
C LEU J 102 26.77 -33.07 -18.71
N ASP J 103 25.85 -32.64 -19.56
CA ASP J 103 26.06 -31.45 -20.38
C ASP J 103 25.76 -30.15 -19.64
N GLU J 104 25.13 -30.22 -18.47
CA GLU J 104 24.77 -29.02 -17.73
C GLU J 104 25.68 -28.76 -16.54
N VAL J 105 26.81 -29.47 -16.45
CA VAL J 105 27.79 -29.25 -15.39
C VAL J 105 29.17 -29.03 -16.03
N THR J 106 29.87 -28.01 -15.57
CA THR J 106 31.21 -27.69 -16.04
C THR J 106 32.06 -27.28 -14.85
N ASP J 107 33.37 -27.14 -15.09
CA ASP J 107 34.26 -26.66 -14.06
C ASP J 107 33.99 -25.20 -13.75
N PRO J 108 34.08 -24.78 -12.49
CA PRO J 108 33.82 -23.37 -12.16
C PRO J 108 34.95 -22.47 -12.67
N PRO J 109 34.61 -21.36 -13.29
CA PRO J 109 35.64 -20.44 -13.77
C PRO J 109 36.35 -19.74 -12.61
N ALA J 110 37.60 -19.37 -12.84
CA ALA J 110 38.41 -18.70 -11.84
C ALA J 110 39.03 -17.42 -12.39
N ASP K 63 20.42 37.39 -3.71
CA ASP K 63 19.19 37.87 -4.32
C ASP K 63 18.76 36.97 -5.48
N VAL K 64 19.28 35.74 -5.49
CA VAL K 64 18.96 34.82 -6.59
C VAL K 64 17.58 34.21 -6.36
N ALA K 65 16.97 33.79 -7.47
CA ALA K 65 15.64 33.16 -7.50
C ALA K 65 14.55 34.04 -6.89
N GLY K 66 14.77 35.36 -6.92
CA GLY K 66 13.83 36.29 -6.31
C GLY K 66 13.69 36.14 -4.81
N LEU K 67 14.77 35.79 -4.12
CA LEU K 67 14.74 35.54 -2.69
C LEU K 67 15.61 36.56 -1.97
N THR K 68 15.03 37.22 -0.98
CA THR K 68 15.76 38.18 -0.15
C THR K 68 16.57 37.44 0.91
N PRO K 69 17.73 37.98 1.29
CA PRO K 69 18.48 37.39 2.41
C PRO K 69 17.74 37.52 3.72
N CYS K 70 18.02 36.57 4.63
CA CYS K 70 17.32 36.54 5.91
C CYS K 70 17.62 37.76 6.77
N SER K 71 18.83 38.30 6.67
CA SER K 71 19.18 39.49 7.44
C SER K 71 18.38 40.71 6.99
N GLU K 72 18.20 40.87 5.68
CA GLU K 72 17.48 42.00 5.12
C GLU K 72 16.00 41.72 4.91
N SER K 73 15.53 40.53 5.27
CA SER K 73 14.14 40.17 5.04
C SER K 73 13.22 40.90 6.01
N LYS K 74 11.92 40.88 5.69
CA LYS K 74 10.90 41.48 6.52
C LYS K 74 10.07 40.44 7.26
N ALA K 75 9.56 39.43 6.54
CA ALA K 75 8.75 38.38 7.17
C ALA K 75 9.54 37.53 8.14
N TYR K 76 10.86 37.42 7.94
CA TYR K 76 11.72 36.72 8.88
C TYR K 76 11.66 37.38 10.26
N ASN K 77 11.72 38.72 10.29
CA ASN K 77 11.59 39.44 11.55
C ASN K 77 10.20 39.28 12.16
N LYS K 78 9.15 39.23 11.33
CA LYS K 78 7.80 39.02 11.86
C LYS K 78 7.68 37.65 12.53
N LEU K 79 8.22 36.61 11.89
CA LEU K 79 8.22 35.28 12.49
C LEU K 79 9.03 35.24 13.78
N GLU K 80 10.18 35.91 13.81
CA GLU K 80 10.99 35.97 15.02
C GLU K 80 10.23 36.66 16.15
N ARG K 81 9.56 37.79 15.86
CA ARG K 81 8.83 38.48 16.91
C ARG K 81 7.65 37.66 17.38
N LYS K 82 6.98 36.95 16.47
CA LYS K 82 5.85 36.12 16.86
C LYS K 82 6.27 34.99 17.80
N GLU K 83 7.39 34.33 17.47
CA GLU K 83 7.88 33.26 18.33
C GLU K 83 8.34 33.80 19.69
N LEU K 84 9.03 34.94 19.68
CA LEU K 84 9.43 35.54 20.96
C LEU K 84 8.21 35.99 21.77
N LYS K 85 7.16 36.47 21.10
CA LYS K 85 5.96 36.92 21.79
C LYS K 85 5.22 35.77 22.43
N THR K 86 5.04 34.65 21.72
CA THR K 86 4.38 33.53 22.36
C THR K 86 5.24 32.88 23.43
N LEU K 87 6.58 32.90 23.28
CA LEU K 87 7.45 32.43 24.34
C LEU K 87 7.35 33.31 25.59
N GLU K 88 7.28 34.64 25.41
CA GLU K 88 7.12 35.53 26.55
C GLU K 88 5.76 35.39 27.19
N LYS K 89 4.71 35.15 26.39
CA LYS K 89 3.39 34.92 26.93
C LYS K 89 3.34 33.65 27.77
N ARG K 90 4.04 32.59 27.32
CA ARG K 90 4.16 31.40 28.15
C ARG K 90 5.03 31.65 29.38
N LEU K 91 6.04 32.51 29.25
CA LEU K 91 6.97 32.77 30.35
C LEU K 91 6.34 33.58 31.46
N LYS K 92 5.42 34.48 31.13
CA LYS K 92 4.82 35.37 32.12
C LYS K 92 3.91 34.66 33.11
N LYS K 93 3.55 33.39 32.85
CA LYS K 93 2.67 32.64 33.72
C LYS K 93 3.39 31.96 34.88
N TYR K 94 4.72 32.12 34.98
CA TYR K 94 5.50 31.47 36.02
C TYR K 94 6.33 32.49 36.77
N GLU K 95 6.63 32.18 38.03
CA GLU K 95 7.49 33.02 38.83
C GLU K 95 8.93 32.94 38.30
N PRO K 96 9.70 34.02 38.41
CA PRO K 96 11.08 34.00 37.88
C PRO K 96 11.99 32.97 38.53
N GLY K 97 11.78 32.65 39.80
CA GLY K 97 12.60 31.67 40.46
C GLY K 97 12.03 30.27 40.41
N SER K 98 11.74 29.77 39.21
CA SER K 98 11.16 28.46 39.04
C SER K 98 11.83 27.73 37.88
N ALA K 99 11.81 26.40 37.95
CA ALA K 99 12.35 25.59 36.87
C ALA K 99 11.63 25.75 35.53
N PRO K 100 10.28 25.82 35.45
CA PRO K 100 9.67 26.14 34.14
C PRO K 100 10.08 27.50 33.59
N TYR K 101 10.30 28.48 34.46
CA TYR K 101 10.80 29.78 34.01
C TYR K 101 12.18 29.65 33.39
N LEU K 102 13.06 28.87 34.01
CA LEU K 102 14.40 28.66 33.45
C LEU K 102 14.34 27.89 32.14
N ALA K 103 13.45 26.89 32.05
CA ALA K 103 13.30 26.13 30.81
C ALA K 103 12.78 27.02 29.68
N LEU K 104 11.79 27.86 29.96
CA LEU K 104 11.27 28.75 28.93
C LEU K 104 12.28 29.83 28.55
N GLN K 105 13.07 30.31 29.51
CA GLN K 105 14.14 31.27 29.18
C GLN K 105 15.20 30.61 28.32
N ALA K 106 15.54 29.35 28.59
CA ALA K 106 16.50 28.64 27.74
C ALA K 106 15.93 28.42 26.35
N THR K 107 14.64 28.12 26.25
CA THR K 107 14.00 27.96 24.94
C THR K 107 14.00 29.28 24.17
N LYS K 108 13.73 30.39 24.85
CA LYS K 108 13.77 31.70 24.20
C LYS K 108 15.18 32.05 23.75
N GLU K 109 16.19 31.74 24.58
CA GLU K 109 17.57 31.98 24.19
C GLU K 109 17.97 31.13 23.00
N ARG K 110 17.55 29.86 22.97
CA ARG K 110 17.84 29.00 21.84
C ARG K 110 17.16 29.49 20.56
N THR K 111 15.91 29.99 20.69
CA THR K 111 15.22 30.54 19.53
C THR K 111 15.93 31.78 19.00
N GLN K 112 16.37 32.67 19.91
CA GLN K 112 17.09 33.87 19.47
C GLN K 112 18.43 33.51 18.83
N ASN K 113 19.14 32.54 19.40
CA ASN K 113 20.42 32.12 18.83
C ASN K 113 20.23 31.46 17.47
N ARG K 114 19.18 30.65 17.32
CA ARG K 114 18.90 30.02 16.03
C ARG K 114 18.53 31.06 14.98
N PHE K 115 17.73 32.06 15.36
CA PHE K 115 17.35 33.10 14.41
C PHE K 115 18.53 33.99 14.05
N LYS K 116 19.48 34.18 14.97
CA LYS K 116 20.67 34.95 14.66
C LYS K 116 21.63 34.16 13.78
N ASN K 117 21.79 32.85 14.06
CA ASN K 117 22.73 32.04 13.32
C ASN K 117 22.22 31.69 11.92
N TYR K 118 20.90 31.66 11.73
CA TYR K 118 20.35 31.48 10.40
C TYR K 118 20.64 32.69 9.53
N ALA K 119 20.63 33.88 10.13
CA ALA K 119 21.13 35.07 9.48
C ALA K 119 22.66 35.05 9.47
N LYS K 120 23.25 36.10 8.87
CA LYS K 120 24.69 36.28 8.61
C LYS K 120 25.39 35.01 8.13
N ALA K 121 24.68 34.20 7.34
CA ALA K 121 25.23 32.97 6.80
C ALA K 121 24.86 32.77 5.33
N GLY K 122 24.34 33.80 4.67
CA GLY K 122 23.94 33.70 3.28
C GLY K 122 22.58 33.10 3.03
N LEU K 123 21.82 32.82 4.08
CA LEU K 123 20.50 32.21 3.91
C LEU K 123 19.53 33.17 3.23
N LEU K 124 18.66 32.62 2.39
CA LEU K 124 17.68 33.39 1.65
C LEU K 124 16.28 32.87 1.96
N CYS K 125 15.32 33.78 2.05
CA CYS K 125 13.93 33.43 2.27
C CYS K 125 13.05 34.26 1.35
N GLY K 126 11.96 33.66 0.88
CA GLY K 126 11.08 34.35 -0.05
C GLY K 126 9.64 34.48 0.40
N ASN K 127 9.23 35.72 0.70
CA ASN K 127 7.84 36.12 0.91
C ASN K 127 7.16 35.48 2.11
N ASP K 128 7.88 34.66 2.88
CA ASP K 128 7.31 34.05 4.08
C ASP K 128 8.26 34.04 5.27
N GLY K 129 9.50 34.47 5.10
CA GLY K 129 10.47 34.46 6.18
C GLY K 129 11.08 33.10 6.47
N LEU K 130 10.62 32.05 5.80
CA LEU K 130 11.18 30.71 5.99
C LEU K 130 12.37 30.52 5.05
N PRO K 131 13.53 30.15 5.58
CA PRO K 131 14.74 30.11 4.76
C PRO K 131 14.67 29.07 3.65
N HIS K 132 15.29 29.40 2.52
CA HIS K 132 15.34 28.54 1.35
C HIS K 132 16.77 28.12 1.09
N LEU K 133 16.94 26.92 0.53
CA LEU K 133 18.26 26.35 0.29
C LEU K 133 18.56 26.38 -1.20
N ILE K 134 19.69 26.98 -1.56
CA ILE K 134 20.12 27.03 -2.96
C ILE K 134 20.71 25.68 -3.32
N SER K 135 20.25 25.13 -4.43
CA SER K 135 20.50 23.72 -4.78
C SER K 135 21.60 23.51 -5.80
N ASP K 136 21.62 24.29 -6.87
CA ASP K 136 22.55 24.03 -7.97
C ASP K 136 23.98 24.40 -7.57
N PRO K 137 24.93 23.47 -7.64
CA PRO K 137 26.33 23.83 -7.42
C PRO K 137 26.83 24.74 -8.53
N GLY K 138 27.79 25.59 -8.19
CA GLY K 138 28.20 26.65 -9.09
C GLY K 138 27.41 27.91 -8.79
N LEU K 139 26.09 27.83 -8.90
CA LEU K 139 25.24 28.90 -8.38
C LEU K 139 25.37 28.98 -6.86
N ALA K 140 25.43 27.84 -6.19
CA ALA K 140 25.68 27.83 -4.75
C ALA K 140 27.14 28.15 -4.46
N LEU K 141 28.06 27.80 -5.36
CA LEU K 141 29.47 28.05 -5.11
C LEU K 141 29.81 29.53 -5.27
N ARG K 142 29.22 30.20 -6.25
CA ARG K 142 29.52 31.60 -6.50
C ARG K 142 28.68 32.56 -5.68
N PHE K 143 27.70 32.07 -4.92
CA PHE K 143 26.87 32.91 -4.09
C PHE K 143 26.90 32.49 -2.61
N ASN K 144 27.98 31.82 -2.20
CA ASN K 144 28.21 31.42 -0.80
C ASN K 144 27.08 30.55 -0.25
N HIS K 145 26.69 29.55 -1.04
CA HIS K 145 25.64 28.62 -0.64
C HIS K 145 26.09 27.17 -0.78
N ALA K 146 27.40 26.92 -0.90
CA ALA K 146 27.90 25.56 -1.08
C ALA K 146 27.63 24.69 0.14
N GLY K 147 27.76 25.25 1.34
CA GLY K 147 27.50 24.53 2.56
C GLY K 147 26.05 24.23 2.86
N GLU K 148 25.12 24.69 2.02
CA GLU K 148 23.71 24.38 2.22
C GLU K 148 23.40 22.94 1.85
N VAL K 149 23.69 22.55 0.61
CA VAL K 149 23.48 21.17 0.18
C VAL K 149 24.69 20.56 -0.52
N PHE K 150 25.64 21.34 -1.02
CA PHE K 150 26.75 20.76 -1.78
C PHE K 150 27.72 20.02 -0.86
N ILE K 151 28.07 20.62 0.27
CA ILE K 151 28.94 19.99 1.26
C ILE K 151 28.21 18.95 2.11
N PRO K 152 26.94 19.16 2.55
CA PRO K 152 26.25 18.07 3.26
C PRO K 152 26.11 16.77 2.47
N THR K 153 25.86 16.83 1.16
CA THR K 153 25.85 15.57 0.40
C THR K 153 27.25 14.98 0.27
N PHE K 154 28.29 15.80 0.24
CA PHE K 154 29.65 15.24 0.25
C PHE K 154 29.94 14.49 1.55
N GLY K 155 29.56 15.09 2.68
CA GLY K 155 29.72 14.41 3.96
C GLY K 155 28.86 13.16 4.06
N PHE K 156 27.62 13.23 3.57
CA PHE K 156 26.75 12.06 3.60
C PHE K 156 27.29 10.96 2.69
N LEU K 157 27.83 11.32 1.53
CA LEU K 157 28.42 10.32 0.64
C LEU K 157 29.62 9.67 1.30
N TYR K 158 30.43 10.45 2.04
CA TYR K 158 31.54 9.88 2.79
C TYR K 158 31.05 8.86 3.83
N VAL K 159 30.03 9.23 4.61
CA VAL K 159 29.56 8.33 5.67
C VAL K 159 28.86 7.11 5.06
N ALA K 160 28.08 7.30 4.00
CA ALA K 160 27.38 6.19 3.37
C ALA K 160 28.36 5.21 2.72
N GLY K 161 29.40 5.73 2.07
CA GLY K 161 30.44 4.88 1.55
C GLY K 161 31.22 4.18 2.63
N TYR K 162 31.43 4.84 3.77
CA TYR K 162 32.01 4.18 4.94
C TYR K 162 31.19 2.97 5.35
N ILE K 163 29.87 3.16 5.51
CA ILE K 163 28.99 2.08 5.93
C ILE K 163 28.98 0.95 4.90
N GLY K 164 28.88 1.31 3.62
CA GLY K 164 28.85 0.29 2.58
C GLY K 164 30.15 -0.48 2.46
N HIS K 165 31.29 0.21 2.57
CA HIS K 165 32.58 -0.46 2.49
C HIS K 165 32.81 -1.35 3.70
N VAL K 166 32.41 -0.91 4.89
CA VAL K 166 32.54 -1.75 6.09
C VAL K 166 31.67 -2.99 5.96
N GLY K 167 30.43 -2.84 5.50
CA GLY K 167 29.57 -4.00 5.29
C GLY K 167 30.10 -4.94 4.24
N ARG K 168 30.64 -4.40 3.14
CA ARG K 168 31.22 -5.23 2.09
C ARG K 168 32.42 -6.01 2.61
N GLN K 169 33.30 -5.35 3.37
CA GLN K 169 34.46 -6.01 3.95
C GLN K 169 34.04 -7.11 4.91
N TYR K 170 33.01 -6.85 5.74
CA TYR K 170 32.53 -7.87 6.65
C TYR K 170 31.93 -9.06 5.91
N ILE K 171 31.17 -8.80 4.84
CA ILE K 171 30.58 -9.88 4.06
C ILE K 171 31.67 -10.74 3.41
N ILE K 172 32.67 -10.10 2.80
CA ILE K 172 33.73 -10.82 2.12
C ILE K 172 34.56 -11.63 3.13
N LYS K 173 34.90 -11.03 4.26
CA LYS K 173 35.73 -11.73 5.24
C LYS K 173 34.95 -12.80 5.99
N SER K 174 33.62 -12.67 6.08
CA SER K 174 32.83 -13.68 6.76
C SER K 174 32.41 -14.83 5.86
N LYS K 175 32.44 -14.64 4.53
CA LYS K 175 32.12 -15.72 3.62
C LYS K 175 33.24 -16.75 3.46
N GLU K 176 34.43 -16.47 4.00
CA GLU K 176 35.55 -17.39 3.82
C GLU K 176 35.41 -18.64 4.69
N ASP K 177 34.98 -18.48 5.93
CA ASP K 177 34.94 -19.60 6.86
C ASP K 177 33.72 -20.49 6.65
N ALA K 178 33.76 -21.66 7.29
CA ALA K 178 32.63 -22.59 7.23
C ALA K 178 31.45 -22.03 8.02
N LYS K 179 30.25 -22.26 7.49
CA LYS K 179 28.99 -21.72 7.97
C LYS K 179 29.05 -20.19 8.08
N PRO K 180 29.06 -19.46 6.96
CA PRO K 180 29.09 -18.00 7.04
C PRO K 180 27.80 -17.39 7.57
N THR K 181 26.68 -18.13 7.52
CA THR K 181 25.42 -17.60 8.04
C THR K 181 25.47 -17.46 9.55
N ASP K 182 26.21 -18.33 10.24
CA ASP K 182 26.40 -18.18 11.68
C ASP K 182 27.15 -16.90 12.01
N LYS K 183 28.18 -16.57 11.22
CA LYS K 183 28.89 -15.30 11.41
C LYS K 183 28.00 -14.12 11.05
N GLU K 184 27.09 -14.30 10.09
CA GLU K 184 26.16 -13.23 9.75
C GLU K 184 25.17 -12.97 10.86
N ILE K 185 24.66 -14.02 11.51
CA ILE K 185 23.64 -13.85 12.53
C ILE K 185 24.22 -13.75 13.94
N ILE K 186 25.46 -14.17 14.13
CA ILE K 186 26.19 -13.96 15.38
C ILE K 186 27.46 -13.21 14.99
N LEU K 187 27.48 -11.90 15.25
CA LEU K 187 28.52 -11.04 14.72
C LEU K 187 29.86 -11.30 15.41
N ASP K 188 30.93 -11.22 14.64
CA ASP K 188 32.28 -11.21 15.20
C ASP K 188 32.58 -9.77 15.59
N VAL K 189 32.36 -9.46 16.87
CA VAL K 189 32.49 -8.08 17.34
C VAL K 189 33.91 -7.53 17.20
N PRO K 190 34.99 -8.25 17.55
CA PRO K 190 36.33 -7.70 17.27
C PRO K 190 36.60 -7.44 15.80
N LEU K 191 36.13 -8.32 14.90
CA LEU K 191 36.32 -8.09 13.47
C LEU K 191 35.50 -6.90 13.00
N ALA K 192 34.27 -6.78 13.49
CA ALA K 192 33.43 -5.65 13.12
C ALA K 192 34.01 -4.33 13.59
N LEU K 193 34.57 -4.30 14.81
CA LEU K 193 35.19 -3.08 15.30
C LEU K 193 36.51 -2.78 14.59
N GLN K 194 37.25 -3.82 14.21
CA GLN K 194 38.48 -3.61 13.45
C GLN K 194 38.18 -3.03 12.07
N LEU K 195 37.15 -3.55 11.40
CA LEU K 195 36.75 -3.00 10.11
C LEU K 195 36.09 -1.63 10.27
N ALA K 196 35.52 -1.35 11.44
CA ALA K 196 34.91 -0.05 11.69
C ALA K 196 35.96 1.06 11.73
N PHE K 197 37.13 0.77 12.31
CA PHE K 197 38.20 1.76 12.41
C PHE K 197 39.18 1.69 11.24
N GLN K 198 38.94 0.83 10.26
CA GLN K 198 39.79 0.73 9.09
C GLN K 198 39.13 1.27 7.82
N GLY K 199 37.95 1.85 7.93
CA GLY K 199 37.21 2.36 6.79
C GLY K 199 37.32 3.85 6.57
N TRP K 200 38.28 4.54 7.20
CA TRP K 200 38.41 5.98 7.04
C TRP K 200 38.88 6.38 5.65
N ALA K 201 39.46 5.45 4.90
CA ALA K 201 39.90 5.68 3.54
C ALA K 201 39.11 4.80 2.57
N TRP K 202 37.79 4.75 2.78
CA TRP K 202 36.94 3.94 1.91
C TRP K 202 36.96 4.31 0.42
N PRO K 203 36.99 5.58 -0.02
CA PRO K 203 36.93 5.80 -1.48
C PRO K 203 38.18 5.35 -2.21
N LEU K 204 39.36 5.53 -1.61
CA LEU K 204 40.60 5.06 -2.22
C LEU K 204 40.58 3.54 -2.42
N ALA K 205 40.22 2.81 -1.35
CA ALA K 205 40.13 1.36 -1.45
C ALA K 205 39.06 0.93 -2.44
N ALA K 206 37.91 1.60 -2.45
CA ALA K 206 36.83 1.22 -3.36
C ALA K 206 37.22 1.40 -4.82
N ILE K 207 37.81 2.55 -5.16
CA ILE K 207 38.25 2.74 -6.54
C ILE K 207 39.43 1.84 -6.90
N GLN K 208 40.26 1.43 -5.92
CA GLN K 208 41.33 0.51 -6.28
C GLN K 208 40.80 -0.90 -6.51
N GLU K 209 39.81 -1.36 -5.74
CA GLU K 209 39.16 -2.63 -6.09
C GLU K 209 38.41 -2.53 -7.41
N LEU K 210 37.87 -1.36 -7.74
CA LEU K 210 37.31 -1.16 -9.07
C LEU K 210 38.38 -1.29 -10.15
N ARG K 211 39.58 -0.76 -9.88
CA ARG K 211 40.67 -0.83 -10.84
C ARG K 211 41.16 -2.26 -11.04
N ASN K 212 41.34 -3.02 -9.97
CA ASN K 212 41.83 -4.39 -10.10
C ASN K 212 40.72 -5.39 -10.38
N GLY K 213 39.46 -4.96 -10.40
CA GLY K 213 38.36 -5.82 -10.77
C GLY K 213 37.78 -6.68 -9.67
N SER K 214 38.30 -6.59 -8.44
CA SER K 214 37.74 -7.36 -7.34
C SER K 214 36.44 -6.77 -6.81
N LEU K 215 36.14 -5.51 -7.16
CA LEU K 215 34.88 -4.92 -6.75
C LEU K 215 33.71 -5.54 -7.50
N LEU K 216 33.88 -5.83 -8.77
CA LEU K 216 32.83 -6.37 -9.62
C LEU K 216 32.95 -7.89 -9.75
N GLU K 217 31.82 -8.53 -9.94
CA GLU K 217 31.77 -9.97 -10.20
C GLU K 217 31.36 -10.20 -11.65
N LYS K 218 31.99 -11.19 -12.27
CA LYS K 218 31.66 -11.53 -13.66
C LYS K 218 30.25 -12.10 -13.74
N ASP K 219 29.55 -11.75 -14.83
CA ASP K 219 28.17 -12.18 -14.99
C ASP K 219 28.03 -13.69 -15.17
N GLU K 220 29.11 -14.38 -15.54
CA GLU K 220 29.06 -15.83 -15.65
C GLU K 220 28.94 -16.50 -14.29
N ASN K 221 29.39 -15.84 -13.22
CA ASN K 221 29.34 -16.39 -11.88
C ASN K 221 28.16 -15.88 -11.07
N ILE K 222 27.29 -15.06 -11.66
CA ILE K 222 26.16 -14.48 -10.95
C ILE K 222 24.90 -15.21 -11.38
N THR K 223 24.07 -15.57 -10.40
CA THR K 223 22.80 -16.25 -10.68
C THR K 223 21.89 -15.35 -11.51
N VAL K 224 21.33 -15.92 -12.58
CA VAL K 224 20.57 -15.17 -13.57
C VAL K 224 19.20 -15.81 -13.72
N SER K 225 18.15 -15.00 -13.63
CA SER K 225 16.80 -15.49 -13.81
C SER K 225 16.57 -15.96 -15.25
N PRO K 226 15.77 -17.01 -15.44
CA PRO K 226 15.49 -17.49 -16.80
C PRO K 226 14.73 -16.46 -17.62
N ARG K 227 14.98 -16.50 -18.92
CA ARG K 227 14.37 -15.55 -19.84
C ARG K 227 12.97 -16.00 -20.25
N MET L 37 9.41 40.57 -51.96
CA MET L 37 8.16 40.01 -52.43
C MET L 37 8.48 38.76 -53.24
N ILE L 38 9.21 38.97 -54.34
CA ILE L 38 9.58 37.97 -55.35
C ILE L 38 8.34 37.48 -56.08
N GLU L 39 8.35 37.59 -57.41
CA GLU L 39 7.23 37.11 -58.20
C GLU L 39 7.09 35.60 -58.08
N ALA L 40 5.85 35.14 -57.92
CA ALA L 40 5.58 33.71 -57.75
C ALA L 40 6.01 32.85 -58.94
N PRO L 41 5.72 33.19 -60.22
CA PRO L 41 6.08 32.25 -61.30
C PRO L 41 7.57 32.01 -61.45
N VAL L 42 8.40 33.04 -61.41
CA VAL L 42 9.84 32.85 -61.60
C VAL L 42 10.44 32.03 -60.45
N ALA L 43 10.04 32.34 -59.20
CA ALA L 43 10.57 31.61 -58.06
C ALA L 43 10.13 30.16 -58.06
N ILE L 44 8.83 29.91 -58.29
CA ILE L 44 8.32 28.55 -58.28
C ILE L 44 8.93 27.74 -59.42
N GLY L 45 8.99 28.32 -60.61
CA GLY L 45 9.55 27.61 -61.75
C GLY L 45 11.03 27.32 -61.61
N GLY L 46 11.79 28.30 -61.12
CA GLY L 46 13.21 28.06 -60.88
C GLY L 46 13.45 27.00 -59.83
N SER L 47 12.67 27.02 -58.74
CA SER L 47 12.82 26.02 -57.70
C SER L 47 12.51 24.63 -58.22
N THR L 48 11.39 24.46 -58.94
CA THR L 48 11.04 23.13 -59.41
C THR L 48 11.94 22.65 -60.54
N VAL L 49 12.44 23.56 -61.39
CA VAL L 49 13.37 23.17 -62.44
C VAL L 49 14.70 22.73 -61.85
N ALA L 50 15.20 23.48 -60.85
CA ALA L 50 16.43 23.10 -60.17
C ALA L 50 16.28 21.78 -59.44
N LEU L 51 15.13 21.57 -58.78
CA LEU L 51 14.92 20.32 -58.05
C LEU L 51 14.80 19.13 -59.00
N LEU L 52 14.14 19.31 -60.15
CA LEU L 52 14.05 18.24 -61.13
C LEU L 52 15.41 17.95 -61.76
N GLY L 53 16.22 18.99 -62.02
CA GLY L 53 17.56 18.77 -62.53
C GLY L 53 18.44 18.04 -61.54
N LEU L 54 18.33 18.38 -60.25
CA LEU L 54 19.03 17.64 -59.21
C LEU L 54 18.54 16.20 -59.12
N GLY L 55 17.24 15.98 -59.34
CA GLY L 55 16.72 14.62 -59.32
C GLY L 55 17.21 13.78 -60.48
N ARG L 56 17.29 14.37 -61.67
CA ARG L 56 17.67 13.61 -62.85
C ARG L 56 19.18 13.44 -63.00
N PHE L 57 19.93 14.54 -62.87
CA PHE L 57 21.36 14.52 -63.19
C PHE L 57 22.26 14.33 -61.98
N VAL L 58 21.76 14.56 -60.76
CA VAL L 58 22.61 14.55 -59.58
C VAL L 58 22.25 13.41 -58.66
N PHE L 59 21.01 13.39 -58.17
CA PHE L 59 20.61 12.43 -57.15
C PHE L 59 20.18 11.09 -57.73
N LEU L 60 19.95 11.01 -59.05
CA LEU L 60 19.64 9.73 -59.67
C LEU L 60 20.77 8.70 -59.59
N PRO L 61 22.06 9.06 -59.80
CA PRO L 61 23.11 8.07 -59.47
C PRO L 61 23.11 7.65 -58.01
N TYR L 62 22.80 8.56 -57.09
CA TYR L 62 22.60 8.15 -55.71
C TYR L 62 21.28 7.43 -55.50
N GLN L 63 20.31 7.65 -56.38
CA GLN L 63 19.11 6.82 -56.39
C GLN L 63 19.44 5.47 -57.01
N ARG L 64 18.53 4.50 -56.78
CA ARG L 64 18.65 3.12 -57.24
C ARG L 64 19.85 2.39 -56.65
N ARG L 65 20.59 3.06 -55.76
CA ARG L 65 21.59 2.41 -54.91
C ARG L 65 21.26 2.52 -53.44
N ARG L 66 20.40 3.46 -53.05
CA ARG L 66 19.79 3.46 -51.73
C ARG L 66 18.57 2.55 -51.67
N THR L 67 17.95 2.27 -52.80
CA THR L 67 16.89 1.27 -52.89
C THR L 67 17.43 -0.13 -53.19
N ASP L 68 18.75 -0.25 -53.39
CA ASP L 68 19.34 -1.56 -53.65
C ASP L 68 19.29 -2.45 -52.41
N MET L 69 19.62 -1.90 -51.25
CA MET L 69 19.51 -2.62 -49.99
C MET L 69 18.21 -2.31 -49.26
N GLU L 70 17.24 -1.73 -49.95
CA GLU L 70 15.95 -1.36 -49.38
C GLU L 70 14.83 -2.25 -49.86
N VAL L 71 14.73 -2.46 -51.17
CA VAL L 71 13.70 -3.30 -51.77
C VAL L 71 14.34 -4.30 -52.73
N GLY L 72 15.61 -4.63 -52.51
CA GLY L 72 16.36 -5.46 -53.42
C GLY L 72 15.89 -6.91 -53.43
N PRO L 73 16.26 -7.64 -54.50
CA PRO L 73 15.86 -9.05 -54.58
C PRO L 73 16.59 -9.94 -53.58
N GLY L 74 17.81 -9.59 -53.17
CA GLY L 74 18.54 -10.39 -52.22
C GLY L 74 17.91 -10.42 -50.85
N LYS L 75 17.31 -9.31 -50.43
CA LYS L 75 16.60 -9.21 -49.16
C LYS L 75 15.15 -9.64 -49.37
N LEU L 76 14.27 -9.31 -48.42
CA LEU L 76 12.88 -9.72 -48.49
C LEU L 76 12.17 -9.22 -49.73
N GLY L 77 12.56 -8.05 -50.24
CA GLY L 77 12.03 -7.53 -51.48
C GLY L 77 10.54 -7.24 -51.43
N PRO L 78 9.77 -8.00 -52.21
CA PRO L 78 8.31 -7.89 -52.11
C PRO L 78 7.79 -8.39 -50.77
N LYS L 79 6.68 -7.81 -50.34
CA LYS L 79 6.11 -8.10 -49.03
C LYS L 79 4.82 -8.91 -49.10
N THR L 80 4.26 -9.13 -50.29
CA THR L 80 2.97 -9.80 -50.42
C THR L 80 2.99 -10.74 -51.61
N THR L 81 2.34 -11.90 -51.45
CA THR L 81 2.26 -12.87 -52.53
C THR L 81 1.28 -12.44 -53.61
N GLY L 82 0.11 -11.92 -53.23
CA GLY L 82 -0.88 -11.48 -54.19
C GLY L 82 -1.91 -12.54 -54.53
N ASP L 83 -2.47 -13.19 -53.50
CA ASP L 83 -3.44 -14.26 -53.74
C ASP L 83 -4.84 -13.71 -53.97
N THR L 84 -5.41 -13.04 -52.97
CA THR L 84 -6.75 -12.49 -53.05
C THR L 84 -6.70 -11.03 -53.46
N PHE L 85 -7.84 -10.35 -53.40
CA PHE L 85 -7.93 -8.95 -53.85
C PHE L 85 -7.07 -8.03 -53.00
N PHE L 86 -7.10 -8.20 -51.67
CA PHE L 86 -6.31 -7.35 -50.80
C PHE L 86 -4.81 -7.62 -50.95
N ASP L 87 -4.44 -8.90 -51.13
CA ASP L 87 -3.05 -9.26 -51.29
C ASP L 87 -2.46 -8.69 -52.58
N ARG L 88 -3.21 -8.76 -53.68
CA ARG L 88 -2.74 -8.15 -54.93
C ARG L 88 -2.93 -6.64 -54.95
N LEU L 89 -3.78 -6.10 -54.07
CA LEU L 89 -3.80 -4.66 -53.86
C LEU L 89 -2.54 -4.19 -53.17
N GLN L 90 -2.01 -5.01 -52.26
CA GLN L 90 -0.69 -4.76 -51.70
C GLN L 90 0.40 -4.85 -52.75
N LYS L 91 0.20 -5.70 -53.76
CA LYS L 91 1.18 -5.86 -54.84
C LYS L 91 1.28 -4.57 -55.65
N PRO L 92 2.49 -4.17 -56.04
CA PRO L 92 2.64 -2.98 -56.89
C PRO L 92 1.94 -3.15 -58.23
N ALA L 93 1.39 -2.04 -58.74
CA ALA L 93 0.71 -2.05 -60.02
C ALA L 93 1.73 -2.09 -61.15
N SER L 94 1.22 -2.20 -62.38
CA SER L 94 2.05 -2.25 -63.58
C SER L 94 2.21 -0.89 -64.23
N PHE L 95 2.19 0.18 -63.44
CA PHE L 95 2.24 1.54 -63.98
C PHE L 95 3.51 2.29 -63.60
N VAL L 96 4.09 2.01 -62.43
CA VAL L 96 5.24 2.78 -61.94
C VAL L 96 6.58 2.19 -62.36
N GLU L 97 6.61 0.97 -62.91
CA GLU L 97 7.88 0.31 -63.19
C GLU L 97 7.89 -0.43 -64.53
N THR L 98 6.92 -0.16 -65.41
CA THR L 98 6.82 -0.89 -66.66
C THR L 98 8.02 -0.63 -67.57
N LYS L 99 8.42 0.63 -67.69
CA LYS L 99 9.53 1.01 -68.57
C LYS L 99 10.01 2.39 -68.16
N SER L 100 11.19 2.74 -68.67
CA SER L 100 11.80 4.05 -68.46
C SER L 100 12.23 4.59 -69.81
N LYS L 101 11.34 5.37 -70.45
CA LYS L 101 11.65 5.92 -71.77
C LYS L 101 12.69 7.05 -71.69
N ASP L 102 12.90 7.62 -70.50
CA ASP L 102 14.00 8.55 -70.30
C ASP L 102 15.33 7.80 -70.43
N PRO L 103 16.39 8.49 -70.87
CA PRO L 103 17.71 7.83 -70.88
C PRO L 103 18.19 7.37 -69.51
N SER L 104 17.82 8.09 -68.46
CA SER L 104 18.10 7.65 -67.09
C SER L 104 16.90 6.84 -66.59
N GLY L 105 16.88 6.56 -65.28
CA GLY L 105 15.78 5.82 -64.69
C GLY L 105 14.71 6.73 -64.12
N PHE L 106 14.69 7.99 -64.55
CA PHE L 106 13.79 8.99 -64.01
C PHE L 106 12.37 8.71 -64.49
N GLY L 107 11.60 7.98 -63.68
CA GLY L 107 10.21 7.76 -63.99
C GLY L 107 9.34 8.93 -63.58
N ILE L 108 8.05 8.83 -63.92
CA ILE L 108 7.13 9.92 -63.61
C ILE L 108 6.80 10.00 -62.13
N ILE L 109 6.97 8.90 -61.38
CA ILE L 109 6.84 8.97 -59.93
C ILE L 109 7.93 9.85 -59.32
N ASP L 110 9.17 9.67 -59.77
CA ASP L 110 10.24 10.55 -59.33
C ASP L 110 10.04 11.97 -59.82
N VAL L 111 9.45 12.13 -61.02
CA VAL L 111 9.12 13.46 -61.53
C VAL L 111 8.13 14.15 -60.60
N LEU L 112 7.09 13.43 -60.17
CA LEU L 112 6.10 13.99 -59.25
C LEU L 112 6.73 14.33 -57.90
N GLY L 113 7.57 13.43 -57.38
CA GLY L 113 8.20 13.69 -56.08
C GLY L 113 9.14 14.89 -56.11
N TRP L 114 9.99 14.97 -57.13
CA TRP L 114 10.91 16.10 -57.22
C TRP L 114 10.20 17.40 -57.56
N GLY L 115 9.11 17.33 -58.33
CA GLY L 115 8.32 18.53 -58.57
C GLY L 115 7.60 19.00 -57.32
N ALA L 116 7.13 18.07 -56.49
CA ALA L 116 6.55 18.45 -55.20
C ALA L 116 7.58 19.09 -54.29
N LEU L 117 8.79 18.55 -54.27
CA LEU L 117 9.87 19.17 -53.50
C LEU L 117 10.20 20.57 -54.02
N GLY L 118 10.22 20.73 -55.34
CA GLY L 118 10.48 22.04 -55.91
C GLY L 118 9.39 23.05 -55.61
N HIS L 119 8.12 22.63 -55.69
CA HIS L 119 7.03 23.50 -55.29
C HIS L 119 7.11 23.86 -53.82
N VAL L 120 7.51 22.92 -52.97
CA VAL L 120 7.67 23.18 -51.54
C VAL L 120 8.76 24.23 -51.30
N PHE L 121 9.91 24.07 -51.97
CA PHE L 121 11.01 25.02 -51.79
C PHE L 121 10.65 26.40 -52.33
N GLY L 122 9.97 26.44 -53.48
CA GLY L 122 9.56 27.72 -54.03
C GLY L 122 8.55 28.43 -53.16
N TYR L 123 7.59 27.70 -52.60
CA TYR L 123 6.63 28.32 -51.70
C TYR L 123 7.28 28.73 -50.38
N PHE L 124 8.30 28.00 -49.93
CA PHE L 124 9.06 28.42 -48.76
C PHE L 124 9.78 29.73 -49.01
N LEU L 125 10.42 29.87 -50.18
CA LEU L 125 11.10 31.12 -50.51
C LEU L 125 10.11 32.27 -50.66
N LEU L 126 8.96 32.02 -51.29
CA LEU L 126 7.94 33.05 -51.43
C LEU L 126 7.39 33.46 -50.08
N ALA L 127 7.19 32.50 -49.17
CA ALA L 127 6.70 32.80 -47.83
C ALA L 127 7.71 33.63 -47.04
N CYS L 128 8.99 33.28 -47.14
CA CYS L 128 10.02 34.06 -46.46
C CYS L 128 10.09 35.48 -47.00
N SER L 129 10.01 35.63 -48.33
CA SER L 129 10.01 36.97 -48.91
C SER L 129 8.77 37.76 -48.51
N SER L 130 7.61 37.09 -48.43
CA SER L 130 6.38 37.75 -48.03
C SER L 130 6.47 38.25 -46.58
N LEU L 131 7.04 37.43 -45.69
CA LEU L 131 7.27 37.91 -44.34
C LEU L 131 8.30 39.03 -44.30
N GLN L 132 9.26 39.02 -45.24
CA GLN L 132 10.29 40.06 -45.25
C GLN L 132 9.73 41.41 -45.68
N ASP L 133 8.88 41.44 -46.72
CA ASP L 133 8.40 42.72 -47.22
C ASP L 133 7.27 43.30 -46.37
N ALA L 134 6.76 42.55 -45.40
CA ALA L 134 5.70 43.04 -44.53
C ALA L 134 6.22 43.90 -43.39
N GLY L 135 7.53 44.08 -43.28
CA GLY L 135 8.11 44.86 -42.20
C GLY L 135 8.40 44.06 -40.95
N ILE L 136 8.48 42.74 -41.04
CA ILE L 136 8.73 41.87 -39.89
C ILE L 136 10.09 41.20 -40.09
N ASP L 137 10.92 41.25 -39.06
CA ASP L 137 12.27 40.69 -39.09
C ASP L 137 12.30 39.47 -38.18
N ALA L 138 12.23 38.28 -38.79
CA ALA L 138 12.25 37.04 -38.01
C ALA L 138 13.66 36.60 -37.65
N PHE L 139 14.69 37.17 -38.28
CA PHE L 139 16.05 36.78 -37.97
C PHE L 139 16.51 37.41 -36.65
N PRO L 140 17.42 36.75 -35.93
CA PRO L 140 18.00 37.36 -34.73
C PRO L 140 18.86 38.57 -35.09
N ARG L 141 18.54 39.71 -34.51
CA ARG L 141 19.23 40.96 -34.80
C ARG L 141 20.61 40.98 -34.14
N GLU M 70 -64.81 -25.28 -7.35
CA GLU M 70 -63.63 -25.78 -8.04
C GLU M 70 -63.56 -25.21 -9.46
N GLU M 71 -64.67 -24.65 -9.94
CA GLU M 71 -64.70 -24.04 -11.25
C GLU M 71 -63.84 -22.78 -11.29
N PHE M 72 -63.87 -21.99 -10.22
CA PHE M 72 -63.09 -20.76 -10.15
C PHE M 72 -61.60 -21.09 -10.02
N PHE M 73 -60.78 -20.10 -10.40
CA PHE M 73 -59.31 -20.16 -10.34
C PHE M 73 -58.72 -21.29 -11.16
N GLN M 74 -59.45 -21.77 -12.17
CA GLN M 74 -58.95 -22.78 -13.10
C GLN M 74 -58.85 -22.25 -14.52
N ARG M 75 -59.95 -21.72 -15.06
CA ARG M 75 -59.94 -21.06 -16.36
C ARG M 75 -59.56 -19.59 -16.27
N ALA M 76 -59.35 -19.07 -15.05
CA ALA M 76 -58.87 -17.70 -14.89
C ALA M 76 -57.47 -17.55 -15.46
N THR M 77 -56.62 -18.55 -15.25
CA THR M 77 -55.25 -18.54 -15.75
C THR M 77 -55.09 -19.29 -17.07
N ASP M 78 -56.20 -19.72 -17.68
CA ASP M 78 -56.13 -20.54 -18.89
C ASP M 78 -55.50 -19.79 -20.06
N ALA M 79 -55.85 -18.51 -20.24
CA ALA M 79 -55.30 -17.71 -21.31
C ALA M 79 -53.95 -17.09 -20.96
N VAL M 80 -53.46 -17.32 -19.74
CA VAL M 80 -52.18 -16.78 -19.30
C VAL M 80 -51.24 -17.86 -18.80
N SER M 81 -51.66 -19.13 -18.82
CA SER M 81 -50.82 -20.22 -18.32
C SER M 81 -49.58 -20.41 -19.18
N ARG M 82 -49.69 -20.28 -20.50
CA ARG M 82 -48.56 -20.49 -21.38
C ARG M 82 -47.51 -19.40 -21.18
N ARG M 83 -46.24 -19.77 -21.44
CA ARG M 83 -45.12 -18.89 -21.15
C ARG M 83 -45.17 -17.62 -22.01
N GLU M 84 -45.45 -17.78 -23.31
CA GLU M 84 -45.48 -16.62 -24.21
C GLU M 84 -46.59 -15.65 -23.84
N SER M 85 -47.79 -16.17 -23.53
CA SER M 85 -48.91 -15.31 -23.17
C SER M 85 -48.65 -14.59 -21.87
N LEU M 86 -48.10 -15.28 -20.86
CA LEU M 86 -47.82 -14.65 -19.58
C LEU M 86 -46.73 -13.60 -19.71
N ASN M 87 -45.68 -13.90 -20.48
CA ASN M 87 -44.61 -12.93 -20.68
C ASN M 87 -45.10 -11.70 -21.42
N GLY M 88 -45.92 -11.90 -22.46
CA GLY M 88 -46.48 -10.77 -23.18
C GLY M 88 -47.42 -9.93 -22.31
N PHE M 89 -48.23 -10.61 -21.49
CA PHE M 89 -49.15 -9.89 -20.61
C PHE M 89 -48.39 -9.08 -19.56
N VAL M 90 -47.37 -9.67 -18.93
CA VAL M 90 -46.64 -8.94 -17.89
C VAL M 90 -45.83 -7.81 -18.50
N ALA M 91 -45.26 -8.01 -19.71
CA ALA M 91 -44.54 -6.94 -20.37
C ALA M 91 -45.46 -5.79 -20.78
N LEU M 92 -46.63 -6.13 -21.33
CA LEU M 92 -47.60 -5.10 -21.73
C LEU M 92 -48.10 -4.32 -20.52
N SER M 93 -48.42 -5.03 -19.43
CA SER M 93 -48.90 -4.35 -18.23
C SER M 93 -47.83 -3.48 -17.59
N GLY M 94 -46.59 -3.96 -17.54
CA GLY M 94 -45.52 -3.15 -16.99
C GLY M 94 -45.22 -1.92 -17.83
N ILE M 95 -45.21 -2.08 -19.15
CA ILE M 95 -44.97 -0.95 -20.05
C ILE M 95 -46.11 0.05 -19.96
N ALA M 96 -47.36 -0.43 -19.90
CA ALA M 96 -48.50 0.48 -19.79
C ALA M 96 -48.51 1.22 -18.46
N ALA M 97 -48.17 0.54 -17.37
CA ALA M 97 -48.13 1.21 -16.07
C ALA M 97 -46.98 2.20 -15.99
N ILE M 98 -45.85 1.88 -16.61
CA ILE M 98 -44.70 2.78 -16.60
C ILE M 98 -44.97 4.01 -17.47
N ALA M 99 -45.63 3.82 -18.61
CA ALA M 99 -45.97 4.95 -19.46
C ALA M 99 -47.06 5.80 -18.84
N LEU M 100 -48.00 5.18 -18.12
CA LEU M 100 -49.01 5.94 -17.40
C LEU M 100 -48.39 6.73 -16.25
N PHE M 101 -47.31 6.22 -15.66
CA PHE M 101 -46.58 6.97 -14.65
C PHE M 101 -45.95 8.21 -15.27
N GLY M 102 -45.93 9.30 -14.50
CA GLY M 102 -45.46 10.57 -15.03
C GLY M 102 -46.58 11.48 -15.51
N LEU M 103 -46.87 11.47 -16.81
CA LEU M 103 -47.89 12.37 -17.36
C LEU M 103 -49.28 12.07 -16.83
N LYS M 104 -49.55 10.84 -16.40
CA LYS M 104 -50.82 10.49 -15.77
C LYS M 104 -50.67 9.95 -14.37
N GLY M 105 -49.65 9.11 -14.12
CA GLY M 105 -49.44 8.61 -12.77
C GLY M 105 -49.01 9.70 -11.80
N ALA M 106 -48.07 10.55 -12.22
CA ALA M 106 -47.68 11.70 -11.43
C ALA M 106 -48.54 12.89 -11.81
N SER M 107 -48.24 14.04 -11.20
CA SER M 107 -48.95 15.32 -11.34
C SER M 107 -50.41 15.26 -10.88
N THR M 108 -50.85 14.13 -10.33
CA THR M 108 -52.16 14.00 -9.70
C THR M 108 -52.07 13.73 -8.22
N LEU M 109 -51.02 13.04 -7.76
CA LEU M 109 -50.76 12.81 -6.34
C LEU M 109 -49.69 13.74 -5.79
N GLU M 110 -49.63 14.98 -6.32
CA GLU M 110 -48.68 16.04 -5.94
C GLU M 110 -47.24 15.53 -5.78
N LEU M 111 -46.82 14.72 -6.75
CA LEU M 111 -45.44 14.21 -6.74
C LEU M 111 -44.46 15.36 -6.99
N PRO M 112 -43.45 15.54 -6.13
CA PRO M 112 -42.52 16.67 -6.24
C PRO M 112 -41.43 16.48 -7.29
N ILE M 113 -41.84 16.16 -8.52
CA ILE M 113 -40.90 16.15 -9.65
C ILE M 113 -41.42 16.93 -10.84
N THR M 114 -42.73 17.14 -10.99
CA THR M 114 -43.29 17.91 -12.09
C THR M 114 -43.81 19.27 -11.64
N LYS M 115 -43.55 19.67 -10.40
CA LYS M 115 -44.05 20.93 -9.87
C LYS M 115 -43.10 22.09 -10.19
N GLY M 116 -41.84 21.98 -9.77
CA GLY M 116 -40.86 23.02 -10.02
C GLY M 116 -40.62 23.91 -8.83
N PHE N 74 -37.29 17.24 -33.76
CA PHE N 74 -36.84 18.55 -33.29
C PHE N 74 -36.83 18.60 -31.77
N VAL N 75 -37.50 19.59 -31.21
CA VAL N 75 -37.55 19.73 -29.74
C VAL N 75 -38.50 18.69 -29.18
N PRO N 76 -38.07 17.87 -28.22
CA PRO N 76 -38.96 16.87 -27.63
C PRO N 76 -40.05 17.54 -26.79
N PRO N 77 -41.18 16.87 -26.58
CA PRO N 77 -42.25 17.45 -25.77
C PRO N 77 -41.86 17.52 -24.31
N ALA N 78 -42.68 18.23 -23.54
CA ALA N 78 -42.41 18.43 -22.11
C ALA N 78 -42.54 17.15 -21.30
N TRP N 79 -43.32 16.17 -21.78
CA TRP N 79 -43.48 14.91 -21.08
C TRP N 79 -42.43 13.87 -21.46
N ALA N 80 -41.49 14.23 -22.32
CA ALA N 80 -40.43 13.29 -22.70
C ALA N 80 -39.54 12.88 -21.53
N PRO N 81 -39.06 13.77 -20.64
CA PRO N 81 -38.37 13.25 -19.43
C PRO N 81 -39.30 12.48 -18.52
N SER N 82 -40.59 12.79 -18.53
CA SER N 82 -41.57 12.06 -17.73
C SER N 82 -41.86 10.67 -18.26
N LEU N 83 -41.42 10.35 -19.47
CA LEU N 83 -41.71 9.05 -20.08
C LEU N 83 -40.45 8.24 -20.33
N PHE N 84 -39.42 8.84 -20.92
CA PHE N 84 -38.28 8.06 -21.41
C PHE N 84 -37.42 7.50 -20.28
N VAL N 85 -37.24 8.27 -19.20
CA VAL N 85 -36.47 7.77 -18.05
C VAL N 85 -37.12 6.56 -17.40
N PRO N 86 -38.45 6.47 -17.22
CA PRO N 86 -39.02 5.20 -16.72
C PRO N 86 -38.71 3.96 -17.55
N LEU N 87 -38.71 4.01 -18.89
CA LEU N 87 -38.37 2.79 -19.64
C LEU N 87 -36.95 2.35 -19.37
N THR N 88 -35.98 3.23 -19.64
CA THR N 88 -34.56 2.91 -19.47
C THR N 88 -34.16 2.70 -18.03
N GLY N 89 -35.02 3.06 -17.07
CA GLY N 89 -34.70 2.80 -15.67
C GLY N 89 -35.39 1.58 -15.10
N LEU N 90 -36.53 1.19 -15.66
CA LEU N 90 -37.30 0.09 -15.09
C LEU N 90 -37.48 -1.08 -16.05
N VAL N 91 -37.96 -0.84 -17.28
CA VAL N 91 -38.43 -1.94 -18.11
C VAL N 91 -37.38 -2.32 -19.14
N LEU N 92 -36.48 -1.39 -19.48
CA LEU N 92 -35.36 -1.75 -20.34
C LEU N 92 -34.31 -2.57 -19.59
N PRO N 93 -33.88 -2.21 -18.38
CA PRO N 93 -33.06 -3.18 -17.62
C PRO N 93 -33.79 -4.48 -17.30
N ALA N 94 -35.11 -4.44 -17.10
CA ALA N 94 -35.85 -5.68 -16.83
C ALA N 94 -35.85 -6.59 -18.05
N ILE N 95 -36.11 -6.03 -19.24
CA ILE N 95 -36.10 -6.82 -20.47
C ILE N 95 -34.70 -7.35 -20.75
N GLY N 96 -33.68 -6.50 -20.58
CA GLY N 96 -32.31 -6.94 -20.80
C GLY N 96 -31.89 -8.03 -19.82
N MET N 97 -32.28 -7.90 -18.55
CA MET N 97 -31.95 -8.90 -17.55
C MET N 97 -32.69 -10.21 -17.81
N ALA N 98 -33.94 -10.13 -18.26
CA ALA N 98 -34.68 -11.35 -18.61
C ALA N 98 -34.04 -12.06 -19.80
N TRP N 99 -33.66 -11.30 -20.84
CA TRP N 99 -33.01 -11.90 -22.00
C TRP N 99 -31.67 -12.51 -21.62
N ALA N 100 -30.88 -11.81 -20.79
CA ALA N 100 -29.59 -12.34 -20.39
C ALA N 100 -29.75 -13.56 -19.48
N PHE N 101 -30.76 -13.56 -18.60
CA PHE N 101 -30.99 -14.71 -17.74
C PHE N 101 -31.44 -15.93 -18.53
N THR N 102 -32.21 -15.72 -19.60
CA THR N 102 -32.51 -16.82 -20.51
C THR N 102 -31.27 -17.26 -21.27
N TYR N 103 -30.38 -16.32 -21.59
CA TYR N 103 -29.16 -16.65 -22.35
C TYR N 103 -28.19 -17.49 -21.53
N ILE N 104 -28.03 -17.18 -20.24
CA ILE N 104 -27.07 -17.90 -19.40
C ILE N 104 -27.49 -19.36 -19.24
N GLN N 105 -28.75 -19.60 -18.90
CA GLN N 105 -29.20 -20.92 -18.54
C GLN N 105 -29.66 -21.76 -19.73
N LYS N 106 -29.52 -21.24 -20.95
CA LYS N 106 -29.94 -22.01 -22.12
C LYS N 106 -28.99 -23.15 -22.40
N GLU N 107 -29.55 -24.31 -22.75
CA GLU N 107 -28.80 -25.54 -22.95
C GLU N 107 -28.99 -25.99 -24.38
N LYS N 108 -27.93 -25.90 -25.18
CA LYS N 108 -27.92 -26.23 -26.62
C LYS N 108 -29.05 -25.56 -27.40
N MET O 1 31.15 -16.91 30.65
CA MET O 1 31.47 -15.58 30.12
C MET O 1 31.49 -15.57 28.59
N LYS O 2 32.18 -16.55 28.00
CA LYS O 2 32.26 -16.61 26.54
C LYS O 2 30.91 -16.97 25.93
N ASP O 3 30.07 -17.72 26.65
CA ASP O 3 28.70 -17.92 26.22
C ASP O 3 27.92 -16.62 26.29
N PHE O 4 28.11 -15.85 27.38
CA PHE O 4 27.47 -14.55 27.49
C PHE O 4 28.02 -13.58 26.43
N THR O 5 29.32 -13.66 26.16
CA THR O 5 29.92 -12.79 25.15
C THR O 5 29.38 -13.11 23.76
N THR O 6 29.18 -14.39 23.45
CA THR O 6 28.55 -14.76 22.18
C THR O 6 27.08 -14.37 22.16
N TYR O 7 26.42 -14.35 23.32
CA TYR O 7 25.06 -13.82 23.38
C TYR O 7 25.03 -12.34 23.04
N LEU O 8 25.98 -11.56 23.58
CA LEU O 8 26.09 -10.16 23.19
C LEU O 8 26.60 -10.01 21.76
N SER O 9 27.24 -11.04 21.22
CA SER O 9 27.68 -11.02 19.83
C SER O 9 26.55 -11.27 18.85
N THR O 10 25.36 -11.61 19.33
CA THR O 10 24.22 -11.83 18.45
C THR O 10 23.76 -10.52 17.83
N ALA O 11 23.04 -10.64 16.71
CA ALA O 11 22.63 -9.48 15.92
C ALA O 11 21.74 -8.48 16.67
N PRO O 12 20.70 -8.87 17.41
CA PRO O 12 19.90 -7.84 18.10
C PRO O 12 20.66 -7.08 19.17
N VAL O 13 21.59 -7.71 19.87
CA VAL O 13 22.32 -7.01 20.93
C VAL O 13 23.27 -5.98 20.34
N VAL O 14 24.02 -6.35 19.29
CA VAL O 14 24.91 -5.38 18.66
C VAL O 14 24.10 -4.32 17.92
N GLY O 15 22.91 -4.66 17.43
CA GLY O 15 22.04 -3.64 16.85
C GLY O 15 21.57 -2.64 17.88
N LEU O 16 21.19 -3.13 19.06
CA LEU O 16 20.81 -2.23 20.16
C LEU O 16 21.98 -1.36 20.59
N GLY O 17 23.18 -1.94 20.65
CA GLY O 17 24.35 -1.15 21.00
C GLY O 17 24.66 -0.06 19.98
N TRP O 18 24.59 -0.41 18.69
CA TRP O 18 24.80 0.58 17.63
C TRP O 18 23.73 1.66 17.68
N ALA O 19 22.47 1.27 17.91
CA ALA O 19 21.38 2.26 17.96
C ALA O 19 21.56 3.20 19.13
N ILE O 20 21.95 2.67 20.30
CA ILE O 20 22.19 3.50 21.47
C ILE O 20 23.35 4.45 21.21
N PHE O 21 24.44 3.95 20.62
CA PHE O 21 25.61 4.80 20.35
C PHE O 21 25.27 5.91 19.36
N THR O 22 24.58 5.57 18.26
CA THR O 22 24.26 6.56 17.24
C THR O 22 23.25 7.58 17.76
N SER O 23 22.23 7.12 18.47
CA SER O 23 21.24 8.03 19.03
C SER O 23 21.86 8.96 20.06
N GLY O 24 22.73 8.43 20.92
CA GLY O 24 23.40 9.28 21.90
C GLY O 24 24.33 10.28 21.25
N LEU O 25 25.06 9.88 20.21
CA LEU O 25 25.93 10.79 19.50
C LEU O 25 25.15 11.92 18.85
N LEU O 26 24.06 11.57 18.15
CA LEU O 26 23.25 12.60 17.49
C LEU O 26 22.56 13.51 18.49
N ILE O 27 22.08 12.94 19.61
CA ILE O 27 21.40 13.75 20.61
C ILE O 27 22.37 14.69 21.30
N GLU O 28 23.56 14.21 21.65
CA GLU O 28 24.55 15.10 22.28
C GLU O 28 25.04 16.16 21.30
N ILE O 29 25.15 15.83 20.01
CA ILE O 29 25.52 16.82 19.01
C ILE O 29 24.44 17.89 18.90
N ASN O 30 23.17 17.48 18.84
CA ASN O 30 22.08 18.45 18.72
C ASN O 30 21.90 19.28 19.98
N ARG O 31 22.19 18.70 21.15
CA ARG O 31 22.08 19.44 22.40
C ARG O 31 23.20 20.46 22.53
N PHE O 32 24.44 20.04 22.26
CA PHE O 32 25.57 20.96 22.38
C PHE O 32 25.72 21.88 21.17
N PHE O 33 25.02 21.60 20.07
CA PHE O 33 24.93 22.50 18.94
C PHE O 33 23.44 22.67 18.64
N PRO O 34 22.78 23.60 19.33
CA PRO O 34 21.31 23.70 19.23
C PRO O 34 20.87 24.20 17.86
N ASP O 35 19.96 23.43 17.25
CA ASP O 35 19.33 23.69 15.96
C ASP O 35 20.34 23.90 14.83
N PRO O 36 21.05 22.85 14.39
CA PRO O 36 21.95 23.02 13.24
C PRO O 36 21.25 22.83 11.91
N LEU O 37 21.31 23.83 11.04
CA LEU O 37 20.74 23.75 9.70
C LEU O 37 21.73 24.13 8.61
N VAL O 38 22.58 25.11 8.85
CA VAL O 38 23.46 25.67 7.83
C VAL O 38 24.89 25.36 8.22
N PHE O 39 25.62 24.69 7.33
CA PHE O 39 27.00 24.32 7.63
C PHE O 39 27.89 25.55 7.59
N SER O 40 28.09 26.16 8.75
CA SER O 40 28.92 27.36 8.89
C SER O 40 29.69 27.23 10.20
N PHE O 41 30.99 26.93 10.08
CA PHE O 41 31.90 26.74 11.22
C PHE O 41 31.40 25.66 12.18
N GLY P 41 -22.90 -10.50 71.24
CA GLY P 41 -21.68 -10.84 71.95
C GLY P 41 -21.88 -11.00 73.44
N PHE P 42 -22.96 -10.41 73.96
CA PHE P 42 -23.29 -10.53 75.37
C PHE P 42 -23.69 -11.96 75.71
N ILE P 43 -23.30 -12.41 76.89
CA ILE P 43 -23.66 -13.74 77.35
C ILE P 43 -25.15 -13.76 77.69
N GLY P 44 -25.88 -14.69 77.10
CA GLY P 44 -27.31 -14.75 77.27
C GLY P 44 -28.11 -13.88 76.33
N SER P 45 -27.45 -13.14 75.44
CA SER P 45 -28.16 -12.33 74.46
C SER P 45 -28.88 -13.23 73.46
N PRO P 46 -30.05 -12.79 72.97
CA PRO P 46 -30.82 -13.66 72.06
C PRO P 46 -30.11 -13.97 70.74
N THR P 47 -29.34 -13.03 70.20
CA THR P 47 -28.58 -13.31 68.98
C THR P 47 -27.51 -14.38 69.22
N ASN P 48 -26.78 -14.25 70.34
CA ASN P 48 -25.80 -15.27 70.70
C ASN P 48 -26.48 -16.60 70.96
N LEU P 49 -27.66 -16.57 71.59
CA LEU P 49 -28.38 -17.81 71.89
C LEU P 49 -28.81 -18.52 70.61
N ILE P 50 -29.39 -17.79 69.66
CA ILE P 50 -29.86 -18.44 68.45
C ILE P 50 -28.70 -18.91 67.58
N MET P 51 -27.60 -18.14 67.54
CA MET P 51 -26.47 -18.59 66.72
C MET P 51 -25.73 -19.76 67.38
N VAL P 52 -25.70 -19.81 68.71
CA VAL P 52 -25.11 -20.95 69.41
C VAL P 52 -25.97 -22.19 69.22
N ALA P 53 -27.29 -22.02 69.26
CA ALA P 53 -28.19 -23.14 69.00
C ALA P 53 -28.03 -23.65 67.57
N SER P 54 -27.88 -22.75 66.60
CA SER P 54 -27.67 -23.16 65.21
C SER P 54 -26.34 -23.89 65.05
N THR P 55 -25.28 -23.39 65.67
CA THR P 55 -23.98 -24.04 65.58
C THR P 55 -24.00 -25.42 66.25
N GLY P 56 -24.66 -25.52 67.41
CA GLY P 56 -24.77 -26.81 68.07
C GLY P 56 -25.61 -27.80 67.30
N ALA P 57 -26.69 -27.32 66.67
CA ALA P 57 -27.50 -28.19 65.83
C ALA P 57 -26.71 -28.68 64.62
N CYS P 58 -25.91 -27.79 64.01
CA CYS P 58 -25.07 -28.20 62.88
C CYS P 58 -24.01 -29.20 63.32
N LEU P 59 -23.43 -29.02 64.51
CA LEU P 59 -22.43 -29.95 65.01
C LEU P 59 -23.05 -31.31 65.32
N PHE P 60 -24.21 -31.34 65.97
CA PHE P 60 -24.88 -32.59 66.31
C PHE P 60 -25.55 -33.23 65.11
N ALA P 61 -25.70 -32.50 64.00
CA ALA P 61 -26.36 -33.05 62.83
C ALA P 61 -25.54 -34.15 62.18
N SER P 62 -24.33 -33.81 61.70
CA SER P 62 -23.48 -34.77 60.99
C SER P 62 -22.97 -35.88 61.87
N ARG P 63 -23.10 -35.75 63.20
CA ARG P 63 -22.77 -36.85 64.09
C ARG P 63 -23.68 -38.05 63.82
N PHE P 64 -24.97 -37.79 63.52
CA PHE P 64 -25.93 -38.82 63.13
C PHE P 64 -26.66 -38.37 61.87
N GLY P 65 -26.06 -38.62 60.71
CA GLY P 65 -26.80 -38.45 59.46
C GLY P 65 -26.95 -37.01 59.03
N LEU P 66 -27.94 -36.78 58.15
CA LEU P 66 -28.28 -35.49 57.56
C LEU P 66 -27.08 -34.80 56.89
N ALA P 67 -26.20 -34.14 57.67
CA ALA P 67 -25.35 -33.21 56.91
C ALA P 67 -24.14 -33.92 56.33
N PRO P 68 -23.67 -33.45 55.16
CA PRO P 68 -22.51 -34.09 54.52
C PRO P 68 -21.23 -33.87 55.32
N SER P 69 -20.73 -34.95 55.92
CA SER P 69 -19.44 -34.99 56.57
C SER P 69 -18.41 -35.57 55.61
N VAL P 70 -17.21 -35.89 56.13
CA VAL P 70 -16.20 -36.53 55.31
C VAL P 70 -16.61 -37.95 54.94
N ARG P 71 -17.25 -38.65 55.86
CA ARG P 71 -17.66 -40.03 55.64
C ARG P 71 -19.07 -40.15 55.06
N LYS P 72 -19.72 -39.03 54.75
CA LYS P 72 -21.06 -39.02 54.17
C LYS P 72 -21.09 -37.96 53.09
N VAL P 73 -21.03 -38.35 51.82
CA VAL P 73 -21.04 -37.34 50.77
C VAL P 73 -22.25 -37.49 49.86
N ALA P 74 -22.29 -38.55 49.06
CA ALA P 74 -23.28 -38.82 48.01
C ALA P 74 -23.62 -37.63 47.10
N GLN P 75 -24.55 -37.81 46.17
CA GLN P 75 -25.11 -36.62 45.53
C GLN P 75 -26.28 -36.04 46.34
N PRO P 76 -27.38 -36.80 46.66
CA PRO P 76 -28.48 -36.16 47.39
C PRO P 76 -28.54 -36.44 48.89
N LEU P 77 -27.71 -37.36 49.37
CA LEU P 77 -27.94 -38.04 50.64
C LEU P 77 -26.60 -38.30 51.31
N LYS P 78 -26.57 -39.28 52.21
CA LYS P 78 -25.35 -39.70 52.90
C LYS P 78 -24.96 -41.08 52.40
N LEU P 79 -23.71 -41.22 51.96
CA LEU P 79 -23.17 -42.50 51.54
C LEU P 79 -21.83 -42.72 52.22
N ALA P 80 -21.51 -44.00 52.47
CA ALA P 80 -20.31 -44.35 53.23
C ALA P 80 -19.04 -43.94 52.50
N ASP P 81 -18.03 -43.55 53.28
CA ASP P 81 -16.79 -43.05 52.72
C ASP P 81 -15.66 -43.31 53.71
N ARG P 82 -14.44 -42.95 53.30
CA ARG P 82 -13.23 -43.19 54.05
C ARG P 82 -13.08 -42.20 55.21
N GLU P 83 -11.89 -42.22 55.83
CA GLU P 83 -11.54 -41.32 56.91
C GLU P 83 -10.39 -40.38 56.58
N VAL P 84 -9.25 -40.91 56.12
CA VAL P 84 -8.00 -40.19 55.85
C VAL P 84 -7.46 -39.50 57.09
N ILE P 85 -8.20 -38.53 57.64
CA ILE P 85 -7.72 -37.74 58.77
C ILE P 85 -8.16 -38.43 60.06
N GLN P 86 -7.22 -38.61 60.98
CA GLN P 86 -7.52 -39.23 62.26
C GLN P 86 -8.41 -38.32 63.09
N THR P 87 -9.40 -38.92 63.73
CA THR P 87 -10.40 -38.16 64.48
C THR P 87 -9.90 -37.68 65.85
N THR P 88 -8.73 -38.15 66.29
CA THR P 88 -8.08 -37.76 67.55
C THR P 88 -8.99 -38.01 68.75
N GLY P 89 -9.29 -39.29 68.97
CA GLY P 89 -10.12 -39.67 70.10
C GLY P 89 -11.60 -39.43 69.94
N ASP P 90 -12.08 -39.31 68.70
CA ASP P 90 -13.49 -39.07 68.44
C ASP P 90 -14.12 -40.29 67.80
N PRO P 91 -15.21 -40.83 68.36
CA PRO P 91 -15.90 -41.95 67.70
C PRO P 91 -16.48 -41.54 66.36
N ALA P 92 -16.56 -42.52 65.45
CA ALA P 92 -17.00 -42.36 64.06
C ALA P 92 -16.08 -41.34 63.38
N GLY P 93 -16.57 -40.66 62.34
CA GLY P 93 -15.77 -39.63 61.70
C GLY P 93 -16.16 -38.24 62.11
N PHE P 94 -15.41 -37.67 63.05
CA PHE P 94 -15.68 -36.32 63.57
C PHE P 94 -14.37 -35.58 63.77
N THR P 95 -13.48 -35.63 62.78
CA THR P 95 -12.13 -35.12 62.93
C THR P 95 -12.12 -33.59 62.95
N ALA P 96 -10.90 -33.03 63.02
CA ALA P 96 -10.73 -31.60 63.24
C ALA P 96 -11.24 -30.77 62.06
N THR P 97 -11.05 -31.26 60.84
CA THR P 97 -11.58 -30.53 59.68
C THR P 97 -13.10 -30.52 59.67
N ASP P 98 -13.73 -31.58 60.19
CA ASP P 98 -15.18 -31.62 60.28
C ASP P 98 -15.70 -30.54 61.23
N VAL P 99 -15.13 -30.46 62.44
CA VAL P 99 -15.59 -29.47 63.40
C VAL P 99 -15.24 -28.06 62.94
N LEU P 100 -14.13 -27.90 62.21
CA LEU P 100 -13.77 -26.59 61.68
C LEU P 100 -14.78 -26.14 60.62
N ALA P 101 -15.06 -27.02 59.65
CA ALA P 101 -16.01 -26.70 58.59
C ALA P 101 -17.40 -26.43 59.14
N MET P 102 -17.87 -27.27 60.06
CA MET P 102 -19.22 -27.12 60.58
C MET P 102 -19.33 -25.96 61.55
N GLY P 103 -18.26 -25.61 62.26
CA GLY P 103 -18.29 -24.39 63.06
C GLY P 103 -18.33 -23.15 62.21
N ALA P 104 -17.58 -23.14 61.09
CA ALA P 104 -17.67 -22.03 60.16
C ALA P 104 -19.07 -21.90 59.56
N ALA P 105 -19.66 -23.04 59.17
CA ALA P 105 -21.02 -23.03 58.63
C ALA P 105 -22.03 -22.59 59.67
N GLY P 106 -21.87 -23.03 60.92
CA GLY P 106 -22.78 -22.63 61.98
C GLY P 106 -22.68 -21.15 62.31
N HIS P 107 -21.46 -20.62 62.38
CA HIS P 107 -21.29 -19.19 62.61
C HIS P 107 -21.89 -18.37 61.47
N ALA P 108 -21.70 -18.82 60.23
CA ALA P 108 -22.26 -18.11 59.08
C ALA P 108 -23.79 -18.17 59.07
N ILE P 109 -24.36 -19.33 59.37
CA ILE P 109 -25.81 -19.47 59.42
C ILE P 109 -26.38 -18.61 60.54
N GLY P 110 -25.70 -18.59 61.69
CA GLY P 110 -26.15 -17.77 62.81
C GLY P 110 -26.13 -16.28 62.50
N VAL P 111 -25.03 -15.79 61.90
CA VAL P 111 -24.98 -14.36 61.61
C VAL P 111 -25.96 -14.00 60.51
N GLY P 112 -26.18 -14.89 59.53
CA GLY P 112 -27.17 -14.63 58.51
C GLY P 112 -28.59 -14.56 59.06
N ILE P 113 -28.95 -15.50 59.94
CA ILE P 113 -30.27 -15.50 60.55
C ILE P 113 -30.44 -14.28 61.46
N VAL P 114 -29.39 -13.93 62.22
CA VAL P 114 -29.47 -12.78 63.13
C VAL P 114 -29.66 -11.49 62.35
N LEU P 115 -28.90 -11.31 61.27
CA LEU P 115 -29.01 -10.07 60.51
C LEU P 115 -30.31 -10.03 59.70
N GLY P 116 -30.80 -11.19 59.24
CA GLY P 116 -32.09 -11.22 58.58
C GLY P 116 -33.23 -10.87 59.52
N LEU P 117 -33.16 -11.34 60.76
CA LEU P 117 -34.18 -10.97 61.74
C LEU P 117 -34.05 -9.51 62.15
N LYS P 118 -32.82 -8.99 62.22
CA LYS P 118 -32.63 -7.57 62.53
C LYS P 118 -33.14 -6.69 61.41
N GLY P 119 -33.04 -7.15 60.16
CA GLY P 119 -33.57 -6.38 59.05
C GLY P 119 -35.08 -6.25 59.06
N ILE P 120 -35.78 -7.27 59.56
CA ILE P 120 -37.24 -7.27 59.60
C ILE P 120 -37.79 -6.88 60.96
N GLY P 121 -36.93 -6.42 61.87
CA GLY P 121 -37.37 -5.89 63.15
C GLY P 121 -37.25 -6.82 64.33
N GLN P 122 -36.88 -8.07 64.10
CA GLN P 122 -36.72 -9.04 65.19
C GLN P 122 -35.29 -8.94 65.74
N LEU P 123 -34.89 -9.92 66.55
CA LEU P 123 -33.57 -9.93 67.17
C LEU P 123 -32.44 -10.02 66.13
N MET Q 56 -28.98 -35.49 7.48
CA MET Q 56 -28.89 -36.72 8.25
C MET Q 56 -29.16 -36.47 9.73
N LEU Q 57 -28.88 -35.26 10.18
CA LEU Q 57 -29.07 -34.88 11.58
C LEU Q 57 -30.52 -34.47 11.78
N GLU Q 58 -31.34 -35.44 12.17
CA GLU Q 58 -32.74 -35.15 12.49
C GLU Q 58 -32.82 -34.41 13.82
N THR Q 59 -33.76 -33.48 13.90
CA THR Q 59 -33.99 -32.65 15.07
C THR Q 59 -35.44 -32.75 15.47
N PRO Q 60 -35.78 -32.48 16.74
CA PRO Q 60 -37.19 -32.36 17.11
C PRO Q 60 -37.92 -31.23 16.38
N VAL Q 61 -37.20 -30.21 15.92
CA VAL Q 61 -37.83 -29.14 15.15
C VAL Q 61 -38.21 -29.65 13.77
N THR Q 62 -37.33 -30.39 13.11
CA THR Q 62 -37.56 -30.84 11.74
C THR Q 62 -38.30 -32.18 11.65
N SER Q 63 -38.51 -32.86 12.77
CA SER Q 63 -39.18 -34.16 12.76
C SER Q 63 -40.40 -34.19 13.68
N ALA Q 64 -40.89 -33.03 14.11
CA ALA Q 64 -42.10 -32.99 14.91
C ALA Q 64 -43.30 -33.35 14.05
N PRO Q 65 -44.25 -34.13 14.57
CA PRO Q 65 -45.49 -34.38 13.81
C PRO Q 65 -46.29 -33.13 13.51
N ILE Q 66 -46.29 -32.16 14.43
CA ILE Q 66 -47.04 -30.93 14.21
C ILE Q 66 -46.39 -30.10 13.10
N VAL Q 67 -45.05 -30.06 13.05
CA VAL Q 67 -44.36 -29.35 11.99
C VAL Q 67 -44.59 -30.02 10.64
N ALA Q 68 -44.57 -31.36 10.63
CA ALA Q 68 -44.82 -32.09 9.39
C ALA Q 68 -46.24 -31.88 8.88
N ASN Q 69 -47.22 -31.87 9.79
CA ASN Q 69 -48.60 -31.60 9.39
C ASN Q 69 -48.80 -30.16 8.93
N TYR Q 70 -48.11 -29.21 9.56
CA TYR Q 70 -48.21 -27.82 9.13
C TYR Q 70 -47.55 -27.61 7.77
N LEU Q 71 -46.47 -28.32 7.49
CA LEU Q 71 -45.85 -28.22 6.17
C LEU Q 71 -46.62 -29.01 5.12
N SER Q 72 -47.39 -30.02 5.53
CA SER Q 72 -48.05 -30.89 4.56
C SER Q 72 -49.24 -30.21 3.90
N ASN Q 73 -50.04 -29.46 4.67
CA ASN Q 73 -51.24 -28.86 4.12
C ASN Q 73 -50.98 -27.53 3.43
N LEU Q 74 -49.74 -27.08 3.37
CA LEU Q 74 -49.41 -25.89 2.60
C LEU Q 74 -49.59 -26.16 1.11
N PRO Q 75 -49.94 -25.13 0.32
CA PRO Q 75 -50.09 -25.33 -1.13
C PRO Q 75 -48.82 -25.78 -1.83
N ALA Q 76 -47.65 -25.43 -1.29
CA ALA Q 76 -46.40 -25.86 -1.91
C ALA Q 76 -46.18 -27.36 -1.77
N TYR Q 77 -46.55 -27.93 -0.62
CA TYR Q 77 -46.31 -29.34 -0.34
C TYR Q 77 -47.62 -30.13 -0.22
N ARG Q 78 -48.65 -29.69 -0.92
CA ARG Q 78 -49.92 -30.43 -0.91
C ARG Q 78 -49.77 -31.76 -1.62
N THR Q 79 -50.60 -32.73 -1.23
CA THR Q 79 -50.48 -34.08 -1.77
C THR Q 79 -50.89 -34.12 -3.24
N GLY Q 80 -52.16 -33.87 -3.52
CA GLY Q 80 -52.56 -33.68 -4.91
C GLY Q 80 -53.50 -32.52 -5.10
N VAL Q 81 -53.01 -31.50 -5.81
CA VAL Q 81 -53.76 -30.28 -6.14
C VAL Q 81 -53.15 -29.73 -7.42
N ALA Q 82 -54.00 -29.27 -8.34
CA ALA Q 82 -53.52 -28.73 -9.61
C ALA Q 82 -52.65 -27.49 -9.36
N PRO Q 83 -51.57 -27.32 -10.13
CA PRO Q 83 -50.62 -26.22 -9.83
C PRO Q 83 -51.20 -24.83 -9.93
N ASN Q 84 -52.25 -24.63 -10.72
CA ASN Q 84 -52.88 -23.32 -10.81
C ASN Q 84 -53.54 -22.93 -9.49
N LEU Q 85 -54.15 -23.90 -8.80
CA LEU Q 85 -54.74 -23.61 -7.48
C LEU Q 85 -53.66 -23.27 -6.46
N ARG Q 86 -52.52 -23.99 -6.49
CA ARG Q 86 -51.42 -23.67 -5.61
C ARG Q 86 -50.89 -22.26 -5.89
N GLY Q 87 -50.76 -21.91 -7.17
CA GLY Q 87 -50.35 -20.56 -7.52
C GLY Q 87 -51.34 -19.50 -7.05
N VAL Q 88 -52.63 -19.80 -7.17
CA VAL Q 88 -53.67 -18.85 -6.75
C VAL Q 88 -53.59 -18.61 -5.25
N GLU Q 89 -53.46 -19.68 -4.47
CA GLU Q 89 -53.35 -19.54 -3.02
C GLU Q 89 -52.07 -18.81 -2.63
N ILE Q 90 -50.95 -19.12 -3.29
CA ILE Q 90 -49.67 -18.49 -3.02
C ILE Q 90 -49.76 -17.00 -3.31
N GLY Q 91 -50.32 -16.63 -4.47
CA GLY Q 91 -50.45 -15.24 -4.83
C GLY Q 91 -51.37 -14.48 -3.91
N LEU Q 92 -52.48 -15.10 -3.52
CA LEU Q 92 -53.43 -14.46 -2.61
C LEU Q 92 -52.77 -14.15 -1.28
N ALA Q 93 -52.13 -15.15 -0.66
CA ALA Q 93 -51.51 -14.94 0.64
C ALA Q 93 -50.37 -13.94 0.57
N HIS Q 94 -49.49 -14.09 -0.43
CA HIS Q 94 -48.31 -13.24 -0.46
C HIS Q 94 -48.64 -11.81 -0.89
N GLY Q 95 -49.61 -11.62 -1.79
CA GLY Q 95 -50.06 -10.27 -2.09
C GLY Q 95 -50.77 -9.61 -0.92
N PHE Q 96 -51.57 -10.40 -0.18
CA PHE Q 96 -52.26 -9.85 0.98
C PHE Q 96 -51.27 -9.39 2.05
N LEU Q 97 -50.20 -10.16 2.27
CA LEU Q 97 -49.20 -9.70 3.23
C LEU Q 97 -48.32 -8.58 2.65
N LEU Q 98 -48.10 -8.57 1.33
CA LEU Q 98 -47.22 -7.57 0.74
C LEU Q 98 -47.89 -6.20 0.66
N ALA Q 99 -49.22 -6.16 0.60
CA ALA Q 99 -49.91 -4.88 0.49
C ALA Q 99 -49.74 -4.03 1.75
N GLY Q 100 -49.55 -4.66 2.90
CA GLY Q 100 -49.47 -3.97 4.18
C GLY Q 100 -48.33 -2.97 4.33
N PRO Q 101 -47.08 -3.42 4.18
CA PRO Q 101 -45.94 -2.48 4.27
C PRO Q 101 -45.96 -1.39 3.22
N PHE Q 102 -46.59 -1.62 2.07
CA PHE Q 102 -46.66 -0.58 1.05
C PHE Q 102 -47.65 0.52 1.42
N ILE Q 103 -48.75 0.19 2.09
CA ILE Q 103 -49.69 1.22 2.54
C ILE Q 103 -49.30 1.80 3.88
N LYS Q 104 -48.41 1.13 4.63
CA LYS Q 104 -48.02 1.61 5.95
C LYS Q 104 -47.09 2.82 5.87
N LEU Q 105 -45.92 2.63 5.26
CA LEU Q 105 -44.86 3.64 5.27
C LEU Q 105 -44.38 3.93 3.85
N GLY Q 106 -45.33 4.15 2.94
CA GLY Q 106 -44.99 4.52 1.58
C GLY Q 106 -44.59 5.97 1.48
N PRO Q 107 -44.25 6.38 0.25
CA PRO Q 107 -43.86 7.79 0.03
C PRO Q 107 -44.97 8.79 0.32
N LEU Q 108 -46.23 8.39 0.20
CA LEU Q 108 -47.37 9.25 0.44
C LEU Q 108 -48.20 8.74 1.61
N ARG Q 109 -47.54 8.29 2.67
CA ARG Q 109 -48.23 7.74 3.82
C ARG Q 109 -49.05 8.80 4.57
N ASN Q 110 -48.56 10.04 4.62
CA ASN Q 110 -49.26 11.09 5.34
C ASN Q 110 -50.47 11.61 4.58
N VAL Q 111 -50.56 11.37 3.28
CA VAL Q 111 -51.70 11.81 2.49
C VAL Q 111 -52.86 10.85 2.70
N PRO Q 112 -54.01 11.31 3.19
CA PRO Q 112 -55.15 10.41 3.35
C PRO Q 112 -55.75 10.03 2.00
N GLY Q 113 -56.14 8.77 1.89
CA GLY Q 113 -56.69 8.26 0.64
C GLY Q 113 -55.67 7.87 -0.41
N ALA Q 114 -54.69 8.72 -0.67
CA ALA Q 114 -53.66 8.42 -1.66
C ALA Q 114 -52.73 7.32 -1.19
N ALA Q 115 -52.55 7.19 0.13
CA ALA Q 115 -51.62 6.19 0.66
C ALA Q 115 -52.08 4.77 0.31
N GLU Q 116 -53.37 4.49 0.47
CA GLU Q 116 -53.88 3.15 0.24
C GLU Q 116 -53.76 2.75 -1.23
N VAL Q 117 -54.17 3.65 -2.13
CA VAL Q 117 -54.14 3.31 -3.55
C VAL Q 117 -52.71 3.24 -4.07
N VAL Q 118 -51.84 4.14 -3.60
CA VAL Q 118 -50.44 4.12 -4.01
C VAL Q 118 -49.76 2.83 -3.54
N GLY Q 119 -49.99 2.46 -2.28
CA GLY Q 119 -49.42 1.22 -1.77
C GLY Q 119 -49.98 -0.01 -2.45
N CYS Q 120 -51.27 0.01 -2.80
CA CYS Q 120 -51.87 -1.14 -3.46
C CYS Q 120 -51.33 -1.32 -4.88
N MET Q 121 -51.17 -0.22 -5.63
CA MET Q 121 -50.58 -0.36 -6.95
C MET Q 121 -49.10 -0.71 -6.88
N SER Q 122 -48.40 -0.24 -5.84
CA SER Q 122 -47.01 -0.65 -5.65
C SER Q 122 -46.92 -2.15 -5.37
N ALA Q 123 -47.81 -2.67 -4.53
CA ALA Q 123 -47.84 -4.10 -4.25
C ALA Q 123 -48.20 -4.90 -5.50
N ALA Q 124 -49.15 -4.40 -6.31
CA ALA Q 124 -49.51 -5.09 -7.54
C ALA Q 124 -48.36 -5.09 -8.53
N GLY Q 125 -47.62 -3.98 -8.64
CA GLY Q 125 -46.45 -3.95 -9.50
C GLY Q 125 -45.37 -4.90 -9.03
N LEU Q 126 -45.14 -4.97 -7.71
CA LEU Q 126 -44.18 -5.91 -7.16
C LEU Q 126 -44.61 -7.36 -7.42
N VAL Q 127 -45.92 -7.61 -7.34
CA VAL Q 127 -46.45 -8.94 -7.67
C VAL Q 127 -46.19 -9.26 -9.15
N LEU Q 128 -46.32 -8.25 -10.02
CA LEU Q 128 -46.02 -8.45 -11.43
C LEU Q 128 -44.55 -8.79 -11.68
N ILE Q 129 -43.65 -8.09 -10.99
CA ILE Q 129 -42.22 -8.40 -11.12
C ILE Q 129 -41.92 -9.79 -10.56
N LEU Q 130 -42.59 -10.15 -9.46
CA LEU Q 130 -42.39 -11.49 -8.89
C LEU Q 130 -42.88 -12.57 -9.84
N ALA Q 131 -44.00 -12.32 -10.54
CA ALA Q 131 -44.50 -13.28 -11.52
C ALA Q 131 -43.56 -13.37 -12.71
N LEU Q 132 -43.00 -12.24 -13.15
CA LEU Q 132 -42.03 -12.25 -14.25
C LEU Q 132 -40.78 -13.04 -13.87
N CYS Q 133 -40.28 -12.84 -12.65
CA CYS Q 133 -39.12 -13.61 -12.20
C CYS Q 133 -39.44 -15.08 -11.99
N LEU Q 134 -40.68 -15.40 -11.58
CA LEU Q 134 -41.11 -16.78 -11.48
C LEU Q 134 -41.12 -17.45 -12.85
N SER Q 135 -41.63 -16.76 -13.86
CA SER Q 135 -41.62 -17.31 -15.21
C SER Q 135 -40.20 -17.43 -15.75
N LEU Q 136 -39.33 -16.49 -15.39
CA LEU Q 136 -37.92 -16.58 -15.79
C LEU Q 136 -37.26 -17.80 -15.18
N TYR Q 137 -37.53 -18.07 -13.89
CA TYR Q 137 -37.00 -19.26 -13.26
C TYR Q 137 -37.56 -20.53 -13.91
N GLY Q 138 -38.85 -20.52 -14.26
CA GLY Q 138 -39.44 -21.68 -14.90
C GLY Q 138 -38.85 -21.96 -16.27
N ASN Q 139 -38.57 -20.91 -17.04
CA ASN Q 139 -37.96 -21.09 -18.34
C ASN Q 139 -36.49 -21.45 -18.25
N ALA Q 140 -35.80 -20.98 -17.22
CA ALA Q 140 -34.37 -21.24 -17.10
C ALA Q 140 -34.07 -22.61 -16.52
N ALA Q 141 -34.88 -23.05 -15.54
CA ALA Q 141 -34.57 -24.29 -14.83
C ALA Q 141 -35.22 -25.52 -15.45
N PHE Q 142 -36.42 -25.39 -15.99
CA PHE Q 142 -37.18 -26.52 -16.50
C PHE Q 142 -37.30 -26.51 -18.03
N GLN Q 143 -36.26 -26.00 -18.70
CA GLN Q 143 -36.26 -26.03 -20.17
C GLN Q 143 -36.10 -27.46 -20.68
N SER Q 144 -35.29 -28.26 -20.01
CA SER Q 144 -35.10 -29.65 -20.38
C SER Q 144 -36.14 -30.52 -19.65
N THR Q 145 -36.01 -31.84 -19.78
CA THR Q 145 -36.93 -32.76 -19.14
C THR Q 145 -36.66 -32.86 -17.63
N SER Q 147 -41.61 -36.76 -10.20
CA SER Q 147 -42.76 -37.01 -11.07
C SER Q 147 -43.84 -36.02 -10.69
N ASP Q 161 -43.42 -35.00 -9.95
CA ASP Q 161 -44.32 -33.99 -9.44
C ASP Q 161 -44.58 -33.02 -10.59
N PRO Q 162 -45.84 -32.79 -10.97
CA PRO Q 162 -46.12 -31.94 -12.15
C PRO Q 162 -45.78 -30.47 -11.94
N LEU Q 163 -45.71 -29.97 -10.71
CA LEU Q 163 -45.42 -28.56 -10.48
C LEU Q 163 -44.00 -28.23 -10.92
N MET Q 164 -43.05 -29.13 -10.67
CA MET Q 164 -41.67 -28.93 -11.09
C MET Q 164 -41.47 -29.06 -12.59
N SER Q 165 -42.47 -29.51 -13.33
CA SER Q 165 -42.39 -29.56 -14.78
C SER Q 165 -42.47 -28.16 -15.37
N SER Q 166 -42.24 -28.07 -16.68
CA SER Q 166 -42.18 -26.77 -17.34
C SER Q 166 -43.57 -26.12 -17.42
N GLU Q 167 -44.53 -26.81 -18.03
CA GLU Q 167 -45.87 -26.25 -18.13
C GLU Q 167 -46.57 -26.19 -16.78
N GLY Q 168 -46.21 -27.09 -15.86
CA GLY Q 168 -46.74 -27.00 -14.52
C GLY Q 168 -46.26 -25.75 -13.79
N TRP Q 169 -44.97 -25.43 -13.92
CA TRP Q 169 -44.46 -24.19 -13.33
C TRP Q 169 -45.00 -22.95 -14.03
N ALA Q 170 -45.26 -23.04 -15.34
CA ALA Q 170 -45.87 -21.92 -16.04
C ALA Q 170 -47.31 -21.68 -15.56
N LYS Q 171 -48.08 -22.75 -15.37
CA LYS Q 171 -49.42 -22.63 -14.80
C LYS Q 171 -49.35 -22.11 -13.37
N PHE Q 172 -48.32 -22.52 -12.62
CA PHE Q 172 -48.11 -22.01 -11.27
C PHE Q 172 -47.85 -20.51 -11.30
N ALA Q 173 -47.06 -20.02 -12.26
CA ALA Q 173 -46.79 -18.60 -12.37
C ALA Q 173 -48.04 -17.81 -12.76
N GLY Q 174 -48.84 -18.36 -13.67
CA GLY Q 174 -50.10 -17.71 -14.03
C GLY Q 174 -51.07 -17.64 -12.86
N GLY Q 175 -51.21 -18.75 -12.13
CA GLY Q 175 -51.99 -18.72 -10.90
C GLY Q 175 -51.42 -17.76 -9.88
N PHE Q 176 -50.10 -17.63 -9.83
CA PHE Q 176 -49.47 -16.72 -8.87
C PHE Q 176 -49.80 -15.27 -9.17
N THR Q 177 -49.73 -14.86 -10.44
CA THR Q 177 -50.05 -13.46 -10.74
C THR Q 177 -51.55 -13.20 -10.61
N VAL Q 178 -52.39 -14.19 -10.95
CA VAL Q 178 -53.83 -14.03 -10.77
C VAL Q 178 -54.17 -13.87 -9.28
N GLY Q 179 -53.59 -14.74 -8.45
CA GLY Q 179 -53.82 -14.65 -7.02
C GLY Q 179 -53.23 -13.40 -6.39
N GLY Q 180 -52.10 -12.93 -6.90
CA GLY Q 180 -51.53 -11.69 -6.39
C GLY Q 180 -52.39 -10.49 -6.69
N LEU Q 181 -52.92 -10.40 -7.92
CA LEU Q 181 -53.85 -9.32 -8.24
C LEU Q 181 -55.12 -9.42 -7.41
N SER Q 182 -55.62 -10.64 -7.22
CA SER Q 182 -56.82 -10.84 -6.39
C SER Q 182 -56.56 -10.44 -4.94
N GLY Q 183 -55.39 -10.78 -4.41
CA GLY Q 183 -55.07 -10.40 -3.05
C GLY Q 183 -54.89 -8.90 -2.87
N VAL Q 184 -54.30 -8.24 -3.86
CA VAL Q 184 -54.17 -6.79 -3.82
C VAL Q 184 -55.55 -6.14 -3.84
N ALA Q 185 -56.45 -6.63 -4.70
CA ALA Q 185 -57.81 -6.10 -4.75
C ALA Q 185 -58.55 -6.36 -3.44
N TRP Q 186 -58.35 -7.54 -2.84
CA TRP Q 186 -58.99 -7.85 -1.57
C TRP Q 186 -58.46 -6.96 -0.45
N ALA Q 187 -57.16 -6.68 -0.44
CA ALA Q 187 -56.60 -5.76 0.54
C ALA Q 187 -57.15 -4.35 0.35
N TYR Q 188 -57.33 -3.93 -0.91
CA TYR Q 188 -57.94 -2.63 -1.18
C TYR Q 188 -59.36 -2.55 -0.65
N VAL Q 189 -60.20 -3.54 -0.99
CA VAL Q 189 -61.59 -3.51 -0.56
C VAL Q 189 -61.76 -3.80 0.93
N LEU Q 190 -60.73 -4.33 1.58
CA LEU Q 190 -60.78 -4.51 3.03
C LEU Q 190 -60.31 -3.27 3.78
N THR Q 191 -59.31 -2.56 3.26
CA THR Q 191 -58.88 -1.32 3.89
C THR Q 191 -59.77 -0.14 3.52
N GLN Q 192 -60.62 -0.27 2.50
CA GLN Q 192 -61.55 0.80 2.18
C GLN Q 192 -62.73 0.84 3.14
N VAL Q 193 -63.15 -0.31 3.65
CA VAL Q 193 -64.26 -0.38 4.59
C VAL Q 193 -63.75 -0.24 6.02
N ALA R 39 -43.92 -17.02 -48.26
CA ALA R 39 -44.82 -15.97 -47.82
C ALA R 39 -45.37 -15.19 -49.00
N ALA R 40 -45.95 -15.94 -49.96
CA ALA R 40 -46.61 -15.43 -51.16
C ALA R 40 -45.65 -14.75 -52.14
N ARG R 41 -46.00 -14.77 -53.43
CA ARG R 41 -45.18 -14.11 -54.43
C ARG R 41 -45.23 -12.60 -54.29
N GLU R 42 -46.40 -12.06 -53.95
CA GLU R 42 -46.53 -10.63 -53.68
C GLU R 42 -46.09 -10.37 -52.25
N MET R 43 -45.05 -9.55 -52.09
CA MET R 43 -44.46 -9.27 -50.78
C MET R 43 -44.63 -7.79 -50.46
N TRP R 44 -44.01 -7.37 -49.35
CA TRP R 44 -44.18 -5.99 -48.89
C TRP R 44 -43.45 -5.00 -49.79
N TYR R 45 -42.29 -5.38 -50.31
CA TYR R 45 -41.64 -4.60 -51.35
C TYR R 45 -41.22 -5.54 -52.48
N PRO R 46 -41.23 -5.06 -53.73
CA PRO R 46 -40.92 -5.95 -54.85
C PRO R 46 -39.50 -6.48 -54.81
N GLY R 47 -39.33 -7.75 -55.18
CA GLY R 47 -38.06 -8.40 -55.13
C GLY R 47 -37.66 -8.94 -53.77
N ALA R 48 -38.57 -8.93 -52.81
CA ALA R 48 -38.26 -9.41 -51.47
C ALA R 48 -38.16 -10.94 -51.44
N THR R 49 -37.48 -11.44 -50.42
CA THR R 49 -37.41 -12.86 -50.15
C THR R 49 -38.21 -13.21 -48.90
N PRO R 50 -39.01 -14.28 -48.93
CA PRO R 50 -39.81 -14.62 -47.77
C PRO R 50 -38.95 -15.13 -46.63
N PRO R 51 -39.38 -14.92 -45.39
CA PRO R 51 -38.64 -15.49 -44.25
C PRO R 51 -38.75 -17.01 -44.21
N ALA R 52 -37.80 -17.63 -43.50
CA ALA R 52 -37.77 -19.08 -43.41
C ALA R 52 -38.99 -19.63 -42.68
N HIS R 53 -39.42 -18.96 -41.61
CA HIS R 53 -40.59 -19.41 -40.85
C HIS R 53 -41.90 -19.02 -41.51
N LEU R 54 -41.87 -18.13 -42.49
CA LEU R 54 -43.08 -17.70 -43.21
C LEU R 54 -43.14 -18.47 -44.52
N ASP R 55 -43.79 -19.63 -44.50
CA ASP R 55 -43.90 -20.49 -45.66
C ASP R 55 -45.08 -20.15 -46.56
N GLY R 56 -45.91 -19.17 -46.17
CA GLY R 56 -47.07 -18.81 -46.96
C GLY R 56 -48.29 -19.67 -46.71
N SER R 57 -48.25 -20.58 -45.74
CA SER R 57 -49.41 -21.39 -45.42
C SER R 57 -50.56 -20.55 -44.89
N MET R 58 -50.24 -19.56 -44.06
CA MET R 58 -51.26 -18.69 -43.50
C MET R 58 -51.71 -17.66 -44.52
N LEU R 59 -53.02 -17.43 -44.60
CA LEU R 59 -53.60 -16.49 -45.55
C LEU R 59 -53.30 -15.05 -45.13
N GLY R 60 -53.32 -14.17 -46.12
CA GLY R 60 -53.01 -12.77 -45.88
C GLY R 60 -51.54 -12.48 -45.67
N ASP R 61 -50.66 -13.44 -45.94
CA ASP R 61 -49.24 -13.26 -45.73
C ASP R 61 -48.66 -12.33 -46.78
N TYR R 62 -47.88 -11.33 -46.34
CA TYR R 62 -47.08 -10.57 -47.29
C TYR R 62 -45.60 -10.56 -46.93
N GLY R 63 -45.17 -11.40 -46.00
CA GLY R 63 -43.76 -11.51 -45.66
C GLY R 63 -43.18 -10.29 -44.96
N PHE R 64 -44.02 -9.37 -44.48
CA PHE R 64 -43.54 -8.17 -43.82
C PHE R 64 -43.29 -8.49 -42.34
N ASP R 65 -42.18 -9.21 -42.12
CA ASP R 65 -41.76 -9.60 -40.78
C ASP R 65 -40.31 -9.20 -40.57
N PRO R 66 -40.05 -7.91 -40.31
CA PRO R 66 -38.66 -7.48 -40.12
C PRO R 66 -38.07 -7.91 -38.79
N LEU R 67 -38.87 -7.98 -37.74
CA LEU R 67 -38.37 -8.31 -36.42
C LEU R 67 -38.59 -9.77 -36.03
N ARG R 68 -39.45 -10.49 -36.76
CA ARG R 68 -39.72 -11.91 -36.57
C ARG R 68 -40.24 -12.19 -35.15
N LEU R 69 -41.37 -11.59 -34.83
CA LEU R 69 -42.04 -11.83 -33.56
C LEU R 69 -42.97 -13.04 -33.61
N GLY R 70 -43.12 -13.66 -34.77
CA GLY R 70 -44.03 -14.78 -34.91
C GLY R 70 -43.35 -16.09 -35.26
N THR R 71 -42.21 -16.38 -34.62
CA THR R 71 -41.50 -17.62 -34.87
C THR R 71 -42.01 -18.76 -33.99
N ASN R 72 -43.33 -18.98 -34.02
CA ASN R 72 -44.00 -20.01 -33.25
C ASN R 72 -45.41 -20.19 -33.82
N PRO R 73 -45.89 -21.43 -33.98
CA PRO R 73 -47.23 -21.62 -34.56
C PRO R 73 -48.36 -21.12 -33.68
N ASP R 74 -48.33 -21.43 -32.39
CA ASP R 74 -49.35 -20.92 -31.46
C ASP R 74 -49.30 -19.40 -31.34
N ARG R 75 -48.08 -18.84 -31.28
CA ARG R 75 -47.95 -17.40 -31.18
C ARG R 75 -48.49 -16.69 -32.41
N MET R 76 -48.22 -17.23 -33.60
CA MET R 76 -48.82 -16.64 -34.80
C MET R 76 -50.31 -16.89 -34.97
N LYS R 77 -50.86 -18.01 -34.52
CA LYS R 77 -52.31 -18.13 -34.61
C LYS R 77 -53.01 -17.19 -33.62
N TRP R 78 -52.42 -17.00 -32.43
CA TRP R 78 -52.95 -16.02 -31.50
C TRP R 78 -52.79 -14.60 -32.03
N PHE R 79 -51.66 -14.31 -32.68
CA PHE R 79 -51.45 -12.98 -33.26
C PHE R 79 -52.37 -12.74 -34.45
N ARG R 80 -52.66 -13.78 -35.23
CA ARG R 80 -53.62 -13.64 -36.33
C ARG R 80 -55.00 -13.34 -35.80
N GLU R 81 -55.42 -14.04 -34.73
CA GLU R 81 -56.71 -13.73 -34.11
C GLU R 81 -56.74 -12.32 -33.55
N ALA R 82 -55.63 -11.88 -32.93
CA ALA R 82 -55.56 -10.54 -32.36
C ALA R 82 -55.62 -9.46 -33.45
N GLU R 83 -54.90 -9.67 -34.55
CA GLU R 83 -54.94 -8.76 -35.69
C GLU R 83 -56.33 -8.71 -36.29
N LEU R 84 -56.99 -9.87 -36.39
CA LEU R 84 -58.36 -9.90 -36.90
C LEU R 84 -59.31 -9.13 -36.01
N THR R 85 -59.14 -9.22 -34.68
CA THR R 85 -60.00 -8.46 -33.78
C THR R 85 -59.74 -6.95 -33.88
N ASN R 86 -58.46 -6.54 -33.81
CA ASN R 86 -58.13 -5.12 -33.90
C ASN R 86 -58.44 -4.55 -35.28
N GLY R 87 -58.66 -5.39 -36.29
CA GLY R 87 -59.10 -4.94 -37.59
C GLY R 87 -60.61 -4.95 -37.80
N ARG R 88 -61.31 -5.93 -37.23
CA ARG R 88 -62.76 -5.97 -37.32
C ARG R 88 -63.40 -4.82 -36.55
N TRP R 89 -62.92 -4.60 -35.32
CA TRP R 89 -63.36 -3.40 -34.61
C TRP R 89 -62.93 -2.13 -35.31
N ALA R 90 -61.84 -2.18 -36.08
CA ALA R 90 -61.44 -1.02 -36.88
C ALA R 90 -62.42 -0.75 -38.01
N MET R 91 -62.91 -1.80 -38.69
CA MET R 91 -63.96 -1.61 -39.68
C MET R 91 -65.20 -1.00 -39.04
N ALA R 92 -65.60 -1.52 -37.88
CA ALA R 92 -66.76 -0.98 -37.19
C ALA R 92 -66.57 0.49 -36.81
N ALA R 93 -65.41 0.83 -36.26
CA ALA R 93 -65.13 2.21 -35.88
C ALA R 93 -65.08 3.14 -37.08
N VAL R 94 -64.47 2.68 -38.17
CA VAL R 94 -64.34 3.53 -39.36
C VAL R 94 -65.70 3.80 -39.98
N VAL R 95 -66.54 2.76 -40.11
CA VAL R 95 -67.86 2.98 -40.69
C VAL R 95 -68.74 3.80 -39.74
N GLY R 96 -68.60 3.63 -38.42
CA GLY R 96 -69.36 4.47 -37.50
C GLY R 96 -68.96 5.93 -37.56
N ILE R 97 -67.66 6.20 -37.61
CA ILE R 97 -67.17 7.58 -37.66
C ILE R 97 -67.55 8.22 -38.99
N LEU R 98 -67.48 7.47 -40.07
CA LEU R 98 -67.92 7.98 -41.38
C LEU R 98 -69.40 8.30 -41.38
N PHE R 99 -70.22 7.43 -40.76
CA PHE R 99 -71.65 7.70 -40.68
C PHE R 99 -71.94 8.93 -39.82
N THR R 100 -71.24 9.09 -38.70
CA THR R 100 -71.46 10.26 -37.84
C THR R 100 -71.04 11.55 -38.54
N ASP R 101 -69.95 11.50 -39.31
CA ASP R 101 -69.55 12.68 -40.08
C ASP R 101 -70.52 12.96 -41.22
N LEU R 102 -71.12 11.92 -41.79
CA LEU R 102 -72.06 12.12 -42.88
C LEU R 102 -73.37 12.73 -42.40
N VAL R 103 -73.90 12.23 -41.27
CA VAL R 103 -75.20 12.68 -40.79
C VAL R 103 -75.13 13.98 -39.98
N GLY R 104 -73.93 14.50 -39.75
CA GLY R 104 -73.79 15.76 -39.05
C GLY R 104 -73.53 15.68 -37.56
N LEU R 105 -73.23 14.49 -37.03
CA LEU R 105 -72.91 14.35 -35.62
C LEU R 105 -71.57 15.02 -35.31
N PRO R 106 -71.36 15.48 -34.05
CA PRO R 106 -70.12 16.21 -33.73
C PRO R 106 -68.87 15.34 -33.76
N LYS R 107 -67.74 15.95 -33.41
CA LYS R 107 -66.44 15.31 -33.56
C LYS R 107 -66.31 14.10 -32.62
N TRP R 108 -65.68 13.04 -33.11
CA TRP R 108 -65.68 11.76 -32.41
C TRP R 108 -64.79 11.79 -31.18
N TRP R 109 -63.60 12.39 -31.27
CA TRP R 109 -62.69 12.38 -30.13
C TRP R 109 -63.15 13.34 -29.03
N GLU R 110 -64.03 14.27 -29.33
CA GLU R 110 -64.64 15.13 -28.33
C GLU R 110 -66.05 14.69 -27.96
N ALA R 111 -66.54 13.58 -28.51
CA ALA R 111 -67.91 13.14 -28.26
C ALA R 111 -68.09 12.49 -26.90
N GLY R 112 -67.01 12.18 -26.18
CA GLY R 112 -67.14 11.55 -24.89
C GLY R 112 -67.55 12.47 -23.75
N ALA R 113 -67.48 13.78 -23.96
CA ALA R 113 -67.81 14.74 -22.92
C ALA R 113 -69.26 15.22 -22.97
N GLN R 114 -70.02 14.84 -23.99
CA GLN R 114 -71.40 15.28 -24.10
C GLN R 114 -72.29 14.51 -23.11
N THR R 115 -73.40 15.13 -22.75
CA THR R 115 -74.35 14.52 -21.82
C THR R 115 -75.17 13.47 -22.56
N TYR R 116 -75.02 12.21 -22.16
CA TYR R 116 -75.69 11.09 -22.78
C TYR R 116 -76.65 10.42 -21.81
N PRO R 117 -77.69 9.76 -22.29
CA PRO R 117 -78.51 8.93 -21.40
C PRO R 117 -77.70 7.79 -20.80
N ILE R 118 -78.10 7.39 -19.59
CA ILE R 118 -77.45 6.40 -18.73
C ILE R 118 -76.09 6.91 -18.26
N ASP R 119 -75.84 6.81 -16.95
CA ASP R 119 -74.61 7.30 -16.37
C ASP R 119 -73.41 6.53 -16.92
N ASN R 120 -72.26 7.22 -17.03
CA ASN R 120 -71.09 6.61 -17.64
C ASN R 120 -70.48 5.52 -16.77
N GLN R 121 -70.64 5.61 -15.44
CA GLN R 121 -70.08 4.60 -14.56
C GLN R 121 -70.82 3.27 -14.70
N THR R 122 -72.16 3.31 -14.66
CA THR R 122 -72.92 2.08 -14.87
C THR R 122 -72.86 1.60 -16.31
N LEU R 123 -72.68 2.52 -17.27
CA LEU R 123 -72.41 2.09 -18.65
C LEU R 123 -71.10 1.33 -18.75
N ALA R 124 -70.06 1.80 -18.07
CA ALA R 124 -68.79 1.09 -18.04
C ALA R 124 -68.92 -0.27 -17.37
N ILE R 125 -69.66 -0.34 -16.25
CA ILE R 125 -69.77 -1.62 -15.56
C ILE R 125 -70.63 -2.62 -16.33
N ILE R 126 -71.65 -2.18 -17.07
CA ILE R 126 -72.39 -3.12 -17.91
C ILE R 126 -71.63 -3.49 -19.18
N GLU R 127 -70.78 -2.60 -19.69
CA GLU R 127 -69.86 -2.97 -20.77
C GLU R 127 -68.90 -4.05 -20.31
N ILE R 128 -68.35 -3.90 -19.10
CA ILE R 128 -67.47 -4.92 -18.53
C ILE R 128 -68.23 -6.22 -18.31
N ALA R 129 -69.47 -6.14 -17.83
CA ALA R 129 -70.27 -7.33 -17.58
C ALA R 129 -70.58 -8.09 -18.85
N VAL R 130 -70.96 -7.39 -19.93
CA VAL R 130 -71.24 -8.08 -21.18
C VAL R 130 -69.97 -8.58 -21.86
N PHE R 131 -68.85 -7.86 -21.75
CA PHE R 131 -67.61 -8.31 -22.36
C PHE R 131 -66.96 -9.47 -21.62
N ALA R 132 -67.17 -9.57 -20.29
CA ALA R 132 -66.65 -10.71 -19.54
C ALA R 132 -67.33 -12.01 -19.94
N PHE R 133 -68.48 -11.95 -20.60
CA PHE R 133 -69.10 -13.12 -21.21
C PHE R 133 -68.74 -13.26 -22.69
N LEU R 134 -68.73 -12.15 -23.43
CA LEU R 134 -68.47 -12.21 -24.87
C LEU R 134 -67.04 -12.67 -25.16
N GLU R 135 -66.05 -12.05 -24.52
CA GLU R 135 -64.66 -12.45 -24.75
C GLU R 135 -64.35 -13.80 -24.15
N ALA R 136 -65.03 -14.19 -23.07
CA ALA R 136 -64.86 -15.54 -22.53
C ALA R 136 -65.34 -16.59 -23.53
N LYS R 137 -66.53 -16.38 -24.11
CA LYS R 137 -67.02 -17.30 -25.13
C LYS R 137 -66.14 -17.29 -26.36
N ARG R 138 -65.62 -16.12 -26.74
CA ARG R 138 -64.71 -16.03 -27.88
C ARG R 138 -63.43 -16.83 -27.64
N TYR R 139 -62.86 -16.72 -26.44
CA TYR R 139 -61.63 -17.44 -26.13
C TYR R 139 -61.87 -18.94 -26.05
N GLU R 140 -62.98 -19.36 -25.44
CA GLU R 140 -63.28 -20.79 -25.38
C GLU R 140 -63.53 -21.36 -26.78
N GLY R 141 -64.24 -20.61 -27.62
CA GLY R 141 -64.47 -21.07 -28.99
C GLY R 141 -63.20 -21.12 -29.81
N TYR R 142 -62.30 -20.15 -29.61
CA TYR R 142 -61.00 -20.19 -30.29
C TYR R 142 -60.16 -21.37 -29.81
N LYS R 143 -60.29 -21.72 -28.53
CA LYS R 143 -59.59 -22.90 -28.02
C LYS R 143 -60.17 -24.19 -28.59
N LYS R 144 -61.50 -24.25 -28.80
CA LYS R 144 -62.11 -25.49 -29.28
C LYS R 144 -62.31 -25.53 -30.78
N THR R 145 -62.47 -24.38 -31.45
CA THR R 145 -62.66 -24.36 -32.89
C THR R 145 -61.57 -23.56 -33.60
N GLY R 146 -61.24 -22.37 -33.10
CA GLY R 146 -60.26 -21.51 -33.75
C GLY R 146 -60.87 -20.35 -34.51
N GLY R 147 -62.17 -20.35 -34.75
CA GLY R 147 -62.80 -19.27 -35.48
C GLY R 147 -63.14 -18.08 -34.61
N THR R 148 -63.54 -17.00 -35.28
CA THR R 148 -63.92 -15.75 -34.61
C THR R 148 -65.44 -15.67 -34.40
N GLY R 149 -65.96 -16.69 -33.74
CA GLY R 149 -67.39 -16.80 -33.52
C GLY R 149 -67.93 -15.80 -32.52
N PHE R 150 -69.25 -15.85 -32.34
CA PHE R 150 -69.95 -14.90 -31.50
C PHE R 150 -71.10 -15.61 -30.79
N ALA R 151 -71.30 -15.24 -29.52
CA ALA R 151 -72.40 -15.72 -28.68
C ALA R 151 -72.27 -17.24 -28.51
N PHE R 152 -73.21 -18.04 -28.98
CA PHE R 152 -73.16 -19.49 -28.81
C PHE R 152 -72.91 -20.25 -30.11
N PHE R 153 -73.02 -19.58 -31.26
CA PHE R 153 -72.79 -20.21 -32.56
C PHE R 153 -71.35 -19.93 -32.98
N PHE R 154 -70.50 -20.95 -32.90
CA PHE R 154 -69.09 -20.84 -33.26
C PHE R 154 -68.78 -21.81 -34.39
N PRO R 155 -68.57 -21.34 -35.63
CA PRO R 155 -68.59 -19.94 -36.08
C PRO R 155 -70.01 -19.42 -36.33
N PHE R 156 -70.22 -18.12 -36.18
CA PHE R 156 -71.52 -17.51 -36.42
C PHE R 156 -71.63 -17.20 -37.92
N ASP R 157 -72.02 -18.24 -38.67
CA ASP R 157 -72.18 -18.16 -40.12
C ASP R 157 -73.53 -18.73 -40.50
N PRO R 158 -74.60 -17.95 -40.34
CA PRO R 158 -75.94 -18.48 -40.66
C PRO R 158 -76.19 -18.64 -42.15
N MET R 159 -75.80 -17.65 -42.97
CA MET R 159 -76.04 -17.75 -44.39
C MET R 159 -75.00 -18.59 -45.11
N GLY R 160 -73.81 -18.73 -44.53
CA GLY R 160 -72.78 -19.57 -45.12
C GLY R 160 -72.05 -18.95 -46.30
N MET R 161 -71.35 -17.84 -46.06
CA MET R 161 -70.54 -17.20 -47.07
C MET R 161 -69.05 -17.51 -46.92
N ARG R 162 -68.71 -18.50 -46.10
CA ARG R 162 -67.32 -18.74 -45.72
C ARG R 162 -66.52 -19.28 -46.89
N SER R 163 -65.41 -18.60 -47.20
CA SER R 163 -64.46 -19.02 -48.21
C SER R 163 -63.12 -18.37 -47.89
N PRO R 164 -61.99 -18.97 -48.29
CA PRO R 164 -60.69 -18.34 -47.99
C PRO R 164 -60.51 -16.96 -48.60
N GLU R 165 -61.06 -16.71 -49.78
CA GLU R 165 -60.95 -15.39 -50.40
C GLU R 165 -61.76 -14.34 -49.65
N LYS R 166 -62.90 -14.71 -49.07
CA LYS R 166 -63.69 -13.76 -48.28
C LYS R 166 -62.93 -13.30 -47.05
N GLU R 167 -62.29 -14.21 -46.33
CA GLU R 167 -61.50 -13.80 -45.17
C GLU R 167 -60.18 -13.16 -45.55
N LEU R 168 -59.63 -13.46 -46.73
CA LEU R 168 -58.49 -12.71 -47.23
C LEU R 168 -58.85 -11.24 -47.47
N LYS R 169 -60.00 -11.01 -48.12
CA LYS R 169 -60.50 -9.65 -48.31
C LYS R 169 -60.84 -9.00 -46.97
N GLU R 170 -61.35 -9.78 -46.02
CA GLU R 170 -61.62 -9.26 -44.68
C GLU R 170 -60.34 -8.80 -44.00
N LEU R 171 -59.27 -9.59 -44.09
CA LEU R 171 -58.00 -9.20 -43.50
C LEU R 171 -57.43 -7.95 -44.16
N LYS R 172 -57.51 -7.89 -45.49
CA LYS R 172 -56.99 -6.72 -46.21
C LYS R 172 -57.78 -5.46 -45.87
N ASN R 173 -59.11 -5.54 -45.89
CA ASN R 173 -59.93 -4.38 -45.56
C ASN R 173 -59.80 -3.98 -44.09
N GLY R 174 -59.60 -4.95 -43.20
CA GLY R 174 -59.37 -4.63 -41.80
C GLY R 174 -58.06 -3.91 -41.57
N ARG R 175 -56.98 -4.37 -42.23
CA ARG R 175 -55.70 -3.68 -42.15
C ARG R 175 -55.80 -2.26 -42.71
N LEU R 176 -56.48 -2.11 -43.85
CA LEU R 176 -56.69 -0.78 -44.42
C LEU R 176 -57.51 0.10 -43.49
N ALA R 177 -58.54 -0.46 -42.85
CA ALA R 177 -59.39 0.32 -41.96
C ALA R 177 -58.65 0.75 -40.70
N MET R 178 -57.77 -0.10 -40.18
CA MET R 178 -57.02 0.30 -38.98
C MET R 178 -55.87 1.26 -39.30
N LEU R 179 -55.26 1.16 -40.48
CA LEU R 179 -54.38 2.23 -40.92
C LEU R 179 -55.15 3.53 -41.12
N ALA R 180 -56.39 3.45 -41.63
CA ALA R 180 -57.23 4.63 -41.75
C ALA R 180 -57.61 5.20 -40.39
N PHE R 181 -57.80 4.34 -39.38
CA PHE R 181 -58.10 4.83 -38.04
C PHE R 181 -56.89 5.53 -37.43
N LEU R 182 -55.68 5.01 -37.70
CA LEU R 182 -54.47 5.73 -37.29
C LEU R 182 -54.37 7.08 -37.97
N GLY R 183 -54.71 7.14 -39.26
CA GLY R 183 -54.75 8.42 -39.96
C GLY R 183 -55.82 9.36 -39.41
N PHE R 184 -56.96 8.81 -38.99
CA PHE R 184 -58.02 9.62 -38.39
C PHE R 184 -57.56 10.21 -37.06
N ALA R 185 -56.89 9.41 -36.24
CA ALA R 185 -56.37 9.90 -34.96
C ALA R 185 -55.27 10.93 -35.18
N SER R 186 -54.46 10.75 -36.22
CA SER R 186 -53.38 11.70 -36.51
C SER R 186 -53.93 13.02 -37.03
N THR R 187 -54.93 12.97 -37.91
CA THR R 187 -55.52 14.18 -38.47
C THR R 187 -56.46 14.89 -37.50
N ALA R 188 -56.82 14.26 -36.39
CA ALA R 188 -57.64 14.89 -35.37
C ALA R 188 -56.81 15.51 -34.25
N ALA R 189 -55.49 15.41 -34.32
CA ALA R 189 -54.59 15.94 -33.29
C ALA R 189 -53.81 17.17 -33.73
N VAL R 190 -53.32 17.19 -34.97
CA VAL R 190 -52.57 18.34 -35.47
C VAL R 190 -53.38 19.17 -36.45
N ASN R 191 -54.50 18.67 -36.97
CA ASN R 191 -55.37 19.43 -37.85
C ASN R 191 -56.72 19.75 -37.24
N GLY R 192 -57.18 18.96 -36.27
CA GLY R 192 -58.44 19.25 -35.59
C GLY R 192 -59.67 19.03 -36.44
N GLN R 193 -59.60 18.17 -37.45
CA GLN R 193 -60.70 17.95 -38.37
C GLN R 193 -60.94 16.46 -38.54
N GLY R 194 -62.16 16.12 -38.97
CA GLY R 194 -62.55 14.75 -39.18
C GLY R 194 -62.14 14.23 -40.54
N PRO R 195 -62.65 13.04 -40.92
CA PRO R 195 -62.28 12.45 -42.21
C PRO R 195 -62.74 13.25 -43.42
N ILE R 196 -64.02 13.65 -43.41
CA ILE R 196 -64.58 14.38 -44.55
C ILE R 196 -63.93 15.75 -44.68
N GLU R 197 -63.69 16.43 -43.56
CA GLU R 197 -62.99 17.71 -43.61
C GLU R 197 -61.54 17.56 -44.04
N SER R 198 -60.89 16.46 -43.65
CA SER R 198 -59.54 16.19 -44.12
C SER R 198 -59.51 15.97 -45.64
N LEU R 199 -60.50 15.24 -46.16
CA LEU R 199 -60.60 15.04 -47.60
C LEU R 199 -60.87 16.36 -48.32
N GLN R 200 -61.72 17.21 -47.73
CA GLN R 200 -62.01 18.51 -48.32
C GLN R 200 -60.76 19.40 -48.34
N THR R 201 -59.96 19.37 -47.27
CA THR R 201 -58.72 20.14 -47.25
C THR R 201 -57.69 19.59 -48.23
N HIS R 202 -57.65 18.27 -48.42
CA HIS R 202 -56.77 17.70 -49.43
C HIS R 202 -57.21 18.10 -50.84
N LEU R 203 -58.51 18.12 -51.09
CA LEU R 203 -59.02 18.50 -52.40
C LEU R 203 -58.94 20.00 -52.66
N ALA R 204 -58.89 20.82 -51.61
CA ALA R 204 -58.83 22.27 -51.79
C ALA R 204 -57.48 22.71 -52.36
N ASP R 205 -56.39 22.21 -51.79
CA ASP R 205 -55.05 22.54 -52.25
C ASP R 205 -54.09 21.42 -51.89
N PRO R 206 -54.03 20.36 -52.71
CA PRO R 206 -53.22 19.18 -52.34
C PRO R 206 -51.72 19.45 -52.32
N ALA R 207 -51.24 20.50 -52.98
CA ALA R 207 -49.81 20.76 -53.02
C ALA R 207 -49.26 21.17 -51.66
N HIS R 208 -50.01 22.00 -50.92
CA HIS R 208 -49.55 22.53 -49.65
C HIS R 208 -50.35 22.04 -48.45
N ASN R 209 -51.38 21.24 -48.66
CA ASN R 209 -52.18 20.66 -47.59
C ASN R 209 -52.05 19.15 -47.66
N ASN R 210 -51.11 18.60 -46.91
CA ASN R 210 -50.89 17.15 -46.86
C ASN R 210 -50.19 16.82 -45.54
N ILE R 211 -49.80 15.56 -45.39
CA ILE R 211 -49.11 15.11 -44.18
C ILE R 211 -47.67 15.61 -44.11
N PHE R 212 -47.12 16.10 -45.22
CA PHE R 212 -45.74 16.55 -45.27
C PHE R 212 -45.60 18.06 -45.14
N THR R 213 -46.70 18.78 -44.93
CA THR R 213 -46.66 20.22 -44.75
C THR R 213 -47.20 20.68 -43.41
N SER R 214 -47.58 19.75 -42.53
CA SER R 214 -48.12 20.08 -41.22
C SER R 214 -46.97 20.21 -40.22
N SER R 215 -47.31 20.26 -38.93
CA SER R 215 -46.29 20.34 -37.90
C SER R 215 -45.44 19.07 -37.83
N VAL R 216 -45.99 17.94 -38.25
CA VAL R 216 -45.25 16.68 -38.29
C VAL R 216 -44.77 16.43 -39.71
N GLY R 217 -44.73 17.49 -40.52
CA GLY R 217 -44.37 17.33 -41.92
C GLY R 217 -42.94 16.92 -42.14
N LYS R 218 -42.00 17.56 -41.43
CA LYS R 218 -40.59 17.20 -41.54
C LYS R 218 -40.33 15.82 -40.96
N GLU R 219 -40.99 15.49 -39.85
CA GLU R 219 -40.91 14.14 -39.30
C GLU R 219 -41.48 13.11 -40.25
N SER R 220 -42.57 13.43 -40.94
CA SER R 220 -43.10 12.53 -41.96
C SER R 220 -42.15 12.36 -43.13
N CYS R 221 -41.47 13.44 -43.54
CA CYS R 221 -40.47 13.33 -44.60
C CYS R 221 -39.31 12.42 -44.21
N VAL R 222 -38.81 12.59 -42.98
CA VAL R 222 -37.73 11.73 -42.49
C VAL R 222 -38.19 10.28 -42.39
N PHE R 223 -39.42 10.07 -41.91
CA PHE R 223 -39.96 8.72 -41.75
C PHE R 223 -40.14 8.03 -43.09
N VAL R 224 -40.63 8.75 -44.09
CA VAL R 224 -40.82 8.14 -45.40
C VAL R 224 -39.51 7.98 -46.15
N ALA R 225 -38.51 8.83 -45.87
CA ALA R 225 -37.18 8.59 -46.42
C ALA R 225 -36.56 7.33 -45.83
N VAL R 226 -36.77 7.12 -44.52
CA VAL R 226 -36.33 5.89 -43.88
C VAL R 226 -37.06 4.69 -44.48
N LEU R 227 -38.37 4.81 -44.72
CA LEU R 227 -39.13 3.71 -45.31
C LEU R 227 -38.70 3.41 -46.74
N SER R 228 -38.31 4.42 -47.50
CA SER R 228 -37.75 4.19 -48.82
C SER R 228 -36.33 3.64 -48.78
N VAL R 229 -35.59 3.90 -47.70
CA VAL R 229 -34.22 3.41 -47.58
C VAL R 229 -34.15 2.01 -46.98
N LEU R 230 -35.22 1.53 -46.33
CA LEU R 230 -35.23 0.14 -45.85
C LEU R 230 -35.04 -0.90 -46.96
N PRO R 231 -35.75 -0.87 -48.10
CA PRO R 231 -35.49 -1.88 -49.14
C PRO R 231 -34.12 -1.79 -49.78
N ILE R 232 -33.42 -0.66 -49.63
CA ILE R 232 -32.05 -0.58 -50.15
C ILE R 232 -31.03 -1.09 -49.13
N ILE R 233 -31.39 -1.18 -47.86
CA ILE R 233 -30.54 -1.82 -46.86
C ILE R 233 -30.75 -3.32 -46.84
N ILE R 234 -32.01 -3.77 -46.78
CA ILE R 234 -32.27 -5.20 -46.59
C ILE R 234 -31.86 -6.00 -47.82
N GLU R 235 -32.03 -5.43 -49.02
CA GLU R 235 -31.54 -6.09 -50.22
C GLU R 235 -30.02 -6.18 -50.23
N ALA R 236 -29.34 -5.14 -49.72
CA ALA R 236 -27.88 -5.16 -49.64
C ALA R 236 -27.39 -6.24 -48.68
N THR R 237 -28.04 -6.38 -47.53
CA THR R 237 -27.65 -7.45 -46.60
C THR R 237 -28.01 -8.83 -47.14
N LYS R 238 -29.12 -8.96 -47.85
CA LYS R 238 -29.49 -10.26 -48.42
C LYS R 238 -28.51 -10.68 -49.51
N THR R 239 -28.08 -9.74 -50.36
CA THR R 239 -27.05 -10.04 -51.34
C THR R 239 -25.72 -10.32 -50.68
N LEU R 240 -25.39 -9.56 -49.63
CA LEU R 240 -24.15 -9.80 -48.89
C LEU R 240 -24.21 -11.10 -48.12
N GLY R 241 -25.33 -11.38 -47.46
CA GLY R 241 -25.48 -12.60 -46.71
C GLY R 241 -25.88 -13.78 -47.58
N LYS R 242 -24.93 -14.30 -48.36
CA LYS R 242 -25.23 -15.45 -49.21
C LYS R 242 -25.45 -16.71 -48.39
N GLY R 243 -24.76 -16.84 -47.25
CA GLY R 243 -24.93 -18.00 -46.40
C GLY R 243 -25.28 -17.64 -44.98
N LYS R 244 -24.96 -18.52 -44.04
CA LYS R 244 -25.21 -18.37 -42.59
C LYS R 244 -26.72 -18.21 -42.36
N GLU R 245 -27.09 -17.46 -41.33
CA GLU R 245 -28.49 -17.20 -41.02
C GLU R 245 -28.85 -15.73 -41.11
N SER R 246 -28.08 -14.86 -40.44
CA SER R 246 -28.28 -13.41 -40.44
C SER R 246 -29.67 -13.02 -39.94
N VAL R 247 -30.21 -13.79 -39.01
CA VAL R 247 -31.52 -13.48 -38.43
C VAL R 247 -31.35 -12.37 -37.40
N PRO R 248 -32.33 -11.49 -37.23
CA PRO R 248 -32.23 -10.47 -36.18
C PRO R 248 -32.38 -11.08 -34.80
N LEU R 249 -31.60 -10.57 -33.86
CA LEU R 249 -31.59 -11.05 -32.49
C LEU R 249 -32.39 -10.09 -31.61
N PHE R 250 -33.48 -10.58 -31.04
CA PHE R 250 -34.36 -9.78 -30.20
C PHE R 250 -34.74 -10.54 -28.95
N PRO R 251 -34.94 -9.85 -27.82
CA PRO R 251 -35.27 -10.55 -26.57
C PRO R 251 -36.60 -11.28 -26.60
N TRP R 252 -37.56 -10.85 -27.43
CA TRP R 252 -38.88 -11.47 -27.40
C TRP R 252 -38.87 -12.86 -28.02
N ASN R 253 -38.20 -13.02 -29.16
CA ASN R 253 -38.17 -14.29 -29.85
C ASN R 253 -36.96 -15.13 -29.43
N GLU R 254 -37.04 -16.43 -29.70
CA GLU R 254 -35.97 -17.37 -29.40
C GLU R 254 -35.12 -17.68 -30.63
N GLU R 255 -35.02 -16.73 -31.56
CA GLU R 255 -34.23 -16.95 -32.77
C GLU R 255 -32.74 -16.89 -32.50
N TRP R 256 -32.31 -16.27 -31.41
CA TRP R 256 -30.91 -16.24 -31.04
C TRP R 256 -30.44 -17.54 -30.41
N GLU R 257 -31.36 -18.46 -30.10
CA GLU R 257 -30.99 -19.75 -29.55
C GLU R 257 -30.18 -20.57 -30.55
N LYS R 258 -30.58 -20.53 -31.82
CA LYS R 258 -29.85 -21.24 -32.87
C LYS R 258 -28.62 -20.48 -33.35
N VAL R 259 -28.49 -19.20 -33.02
CA VAL R 259 -27.32 -18.43 -33.42
C VAL R 259 -26.09 -18.91 -32.66
N ALA R 260 -26.21 -19.08 -31.35
CA ALA R 260 -25.10 -19.53 -30.52
C ALA R 260 -25.13 -21.05 -30.35
#